data_6V22
#
_entry.id   6V22
#
_cell.length_a   1.00
_cell.length_b   1.00
_cell.length_c   1.00
_cell.angle_alpha   90.00
_cell.angle_beta   90.00
_cell.angle_gamma   90.00
#
_symmetry.space_group_name_H-M   'P 1'
#
loop_
_entity.id
_entity.type
_entity.pdbx_description
1 polymer 'Calcium-activated potassium channel subunit alpha-1'
2 polymer 'Calcium-activated potassium channel subunit beta-4'
3 non-polymer 'MAGNESIUM ION'
4 non-polymer 'CALCIUM ION'
5 non-polymer '(2S)-3-(hexadecanoyloxy)-2-[(9Z)-octadec-9-enoyloxy]propyl 2-(trimethylammonio)ethyl phosphate'
6 non-polymer CHOLESTEROL
7 non-polymer 'POTASSIUM ION'
8 non-polymer 2-acetamido-2-deoxy-beta-D-glucopyranose
#
loop_
_entity_poly.entity_id
_entity_poly.type
_entity_poly.pdbx_seq_one_letter_code
_entity_poly.pdbx_strand_id
1 'polypeptide(L)'
;MDALIIPVTMEVPCDSRGQRMWWAFLASSMVTFFGGLFIILLWRTLKYLWTVCCHCGGKTKEAQKINNGSSQADGTLKPV
DEKEEAVAAEVGWMTSVKDWAGVMISAQTLTGRVLVVLVFALSIGALVIYFIDSSNPIESCQNFYKDFTLQIDMAFNVFF
LLYFGLRFIAANDKLWFWLEVNSVVDFFTVPPVFVSVYLNRSWLGLRFLRALRLIQFSEILQFLNILKTSNSIKLVNLLS
IFISTWLTAAGFIHLVENSGDPWENFQNNQALTYWECVYLLMVTMSTVGYGDVYAKTTLGRLFMVFFILGGLAMFASYVP
EIIELIGNRKKYGGSYSAVSGRKHIVVCGHITLESVSNFLKDFLHKDRDDVNVEIVFLHNISPNLELEALFKRHFTQVEF
YQGSVLNPHDLARVKIESADACLILANKYCADPDAEDASNIMRVISIKNYHPKIRIITQMLQYHNKAHLLNIPSWNWKEG
DDAICLAELKLGFIAQSCLAQGLSTMLANLFSMRSFIKIEEDTWQKYYLEGVSNEMYTEYLSSAFVGLSFPTVCELCFVK
LKLLMIAIEYKSANRESRILINPGNHLKIQEGTLGFFIASDAKEVKRAFFYCKACHDDITDPKRIKKCGCKRLEDEQPST
LSPKKKQRNGGMRNSPNTSPKLMRHDPLLIPGNDQIDNMDSNVKKYDSTGMFHWCAPKEIEKVILTRSEAAMTVLSGHVV
VCIFGDVSSALIGLRNLVMPLRASNFHYHELKHIVFVGSIEYLKREWETLHNFPKVSILPGTPLSRADLRAVNINLCDMC
VILSANQNNIDDTSLQDKECILASLNIKSMQFDDSIGVLQANSQGFTPPGMDRSSPDNSPVHGMLRQPSITTGVNIPIIT
ELVNDTNVQFLDQDDDDDPDTELYLTQPFACGTAFAVSVLDSLMSATYFNDNILTLIRTLVTGGATPELEALIAEENALR
GGYSTPQTLANRDRCRVAQLALLDGPFADLGDGGCYGDLFCKALKTYNMLCFGIYRLRDAHLSTPSQCTKRYVITNPPYE
FELVPTDLIFCLMQFDSNSLEVLFQ
;
A,B,C,D
2 'polypeptide(L)'
;MAKLRVAYEYTEAEDKSIRLGLFLIISGVVSLFIFGFCWLSPALQDLQATEANCTVLSVQQIGEVFECTFTCGADCRGTS
QYPCVQVYVNNSESNSRALLHSDEHQLLTNPKCSYIPPCKRENQKNLESVMNWQQYWKDEIGSQPFTCYFNQHQRPDDVL
LHRTHDEIVLLHCFLWPLVTFVVGVLIVVLTICAKSLAVKAEAMKKRKFSSNSLEVLFQ
;
E,F,G,H
#
loop_
_chem_comp.id
_chem_comp.type
_chem_comp.name
_chem_comp.formula
CA non-polymer 'CALCIUM ION' 'Ca 2'
CLR non-polymer CHOLESTEROL 'C27 H46 O'
K non-polymer 'POTASSIUM ION' 'K 1'
MG non-polymer 'MAGNESIUM ION' 'Mg 2'
NAG D-saccharide, beta linking 2-acetamido-2-deoxy-beta-D-glucopyranose 'C8 H15 N O6'
POV non-polymer '(2S)-3-(hexadecanoyloxy)-2-[(9Z)-octadec-9-enoyloxy]propyl 2-(trimethylammonio)ethyl phosphate' 'C42 H82 N O8 P'
#
# COMPACT_ATOMS: atom_id res chain seq x y z
N SER A 16 -65.72 8.89 -15.39
CA SER A 16 -66.11 9.01 -13.99
C SER A 16 -65.00 9.66 -13.19
N ARG A 17 -64.64 10.87 -13.58
CA ARG A 17 -63.46 11.56 -13.06
C ARG A 17 -63.85 12.45 -11.89
N GLY A 18 -62.83 12.93 -11.18
CA GLY A 18 -63.03 13.81 -10.06
C GLY A 18 -62.61 13.21 -8.74
N GLN A 19 -62.89 11.93 -8.52
CA GLN A 19 -62.57 11.25 -7.27
C GLN A 19 -61.19 10.63 -7.38
N ARG A 20 -60.24 11.19 -6.64
CA ARG A 20 -58.86 10.68 -6.63
C ARG A 20 -58.80 9.51 -5.67
N MET A 21 -58.74 8.29 -6.21
CA MET A 21 -58.67 7.08 -5.41
C MET A 21 -57.27 6.50 -5.41
N TRP A 22 -56.27 7.38 -5.36
CA TRP A 22 -54.87 6.94 -5.33
C TRP A 22 -54.54 6.21 -4.03
N TRP A 23 -55.24 6.55 -2.95
CA TRP A 23 -54.93 6.00 -1.64
C TRP A 23 -55.23 4.51 -1.54
N ALA A 24 -56.12 4.00 -2.39
CA ALA A 24 -56.51 2.59 -2.31
C ALA A 24 -55.38 1.68 -2.74
N PHE A 25 -54.59 2.12 -3.72
CA PHE A 25 -53.45 1.34 -4.18
C PHE A 25 -52.38 1.24 -3.11
N LEU A 26 -52.00 2.37 -2.53
CA LEU A 26 -51.01 2.40 -1.47
C LEU A 26 -51.50 1.69 -0.22
N ALA A 27 -52.81 1.73 0.04
CA ALA A 27 -53.36 1.00 1.18
C ALA A 27 -53.28 -0.49 0.96
N SER A 28 -53.49 -0.95 -0.28
CA SER A 28 -53.42 -2.38 -0.55
C SER A 28 -51.99 -2.90 -0.39
N SER A 29 -51.01 -2.09 -0.75
CA SER A 29 -49.62 -2.50 -0.56
C SER A 29 -49.26 -2.53 0.92
N MET A 30 -49.68 -1.53 1.69
CA MET A 30 -49.31 -1.47 3.10
C MET A 30 -50.04 -2.54 3.91
N VAL A 31 -51.30 -2.80 3.57
CA VAL A 31 -52.05 -3.84 4.27
C VAL A 31 -51.48 -5.22 3.98
N THR A 32 -51.04 -5.45 2.74
CA THR A 32 -50.44 -6.73 2.40
C THR A 32 -49.13 -6.95 3.13
N PHE A 33 -48.26 -5.94 3.15
CA PHE A 33 -46.96 -6.07 3.80
C PHE A 33 -47.09 -6.19 5.30
N PHE A 34 -47.74 -5.21 5.93
CA PHE A 34 -47.79 -5.20 7.39
C PHE A 34 -48.79 -6.19 7.96
N GLY A 35 -49.87 -6.48 7.23
CA GLY A 35 -50.83 -7.45 7.72
C GLY A 35 -50.27 -8.86 7.71
N GLY A 36 -49.55 -9.22 6.66
CA GLY A 36 -48.88 -10.50 6.67
C GLY A 36 -47.76 -10.57 7.68
N LEU A 37 -47.10 -9.44 7.93
CA LEU A 37 -46.06 -9.38 8.95
C LEU A 37 -46.65 -9.61 10.34
N PHE A 38 -47.80 -9.02 10.62
CA PHE A 38 -48.42 -9.20 11.92
C PHE A 38 -49.00 -10.60 12.07
N ILE A 39 -49.46 -11.20 10.98
CA ILE A 39 -49.95 -12.57 11.03
C ILE A 39 -48.82 -13.53 11.35
N ILE A 40 -47.64 -13.29 10.78
CA ILE A 40 -46.48 -14.13 11.05
C ILE A 40 -46.03 -13.99 12.50
N LEU A 41 -45.97 -12.75 13.00
CA LEU A 41 -45.54 -12.52 14.37
C LEU A 41 -46.54 -13.05 15.38
N LEU A 42 -47.84 -12.96 15.06
CA LEU A 42 -48.85 -13.50 15.97
C LEU A 42 -48.84 -15.02 15.97
N TRP A 43 -48.51 -15.63 14.84
CA TRP A 43 -48.31 -17.08 14.81
C TRP A 43 -47.16 -17.49 15.71
N ARG A 44 -46.07 -16.72 15.69
CA ARG A 44 -44.93 -17.05 16.52
C ARG A 44 -45.12 -16.67 17.98
N THR A 45 -46.17 -15.93 18.32
CA THR A 45 -46.49 -15.78 19.74
C THR A 45 -47.50 -16.83 20.21
N LEU A 46 -48.47 -17.17 19.37
CA LEU A 46 -49.48 -18.13 19.78
C LEU A 46 -48.92 -19.55 19.86
N LYS A 47 -47.96 -19.89 18.99
CA LYS A 47 -47.39 -21.23 19.06
C LYS A 47 -46.30 -21.36 20.12
N TYR A 48 -45.90 -20.26 20.76
CA TYR A 48 -45.03 -20.33 21.92
C TYR A 48 -45.73 -19.82 23.17
N LEU A 49 -47.04 -19.60 23.09
CA LEU A 49 -47.90 -19.50 24.25
C LEU A 49 -48.58 -20.83 24.55
N TRP A 50 -48.69 -21.69 23.54
CA TRP A 50 -49.45 -22.94 23.64
C TRP A 50 -48.81 -23.95 24.58
N THR A 51 -47.53 -23.79 24.90
CA THR A 51 -46.88 -24.65 25.88
C THR A 51 -46.61 -23.94 27.18
N VAL A 52 -46.38 -22.63 27.15
CA VAL A 52 -46.05 -21.90 28.37
C VAL A 52 -47.30 -21.63 29.21
N CYS A 53 -48.27 -20.93 28.63
CA CYS A 53 -49.52 -20.68 29.33
C CYS A 53 -50.37 -21.95 29.43
N CYS A 54 -50.78 -22.49 28.28
CA CYS A 54 -51.59 -23.69 28.26
C CYS A 54 -50.75 -24.91 27.91
N VAL A 91 -39.77 -38.65 7.18
CA VAL A 91 -39.80 -37.32 6.57
C VAL A 91 -41.25 -36.93 6.30
N GLY A 92 -41.58 -35.66 6.57
CA GLY A 92 -42.94 -35.20 6.42
C GLY A 92 -43.34 -34.99 4.98
N TRP A 93 -44.54 -34.43 4.81
CA TRP A 93 -45.04 -34.10 3.47
C TRP A 93 -44.93 -32.63 3.15
N MET A 94 -45.06 -31.75 4.15
CA MET A 94 -44.86 -30.33 3.93
C MET A 94 -43.40 -30.02 3.65
N THR A 95 -42.49 -30.81 4.22
CA THR A 95 -41.10 -30.68 3.83
C THR A 95 -40.86 -31.19 2.42
N SER A 96 -41.67 -32.14 1.96
CA SER A 96 -41.52 -32.64 0.60
C SER A 96 -41.95 -31.60 -0.42
N VAL A 97 -43.04 -30.90 -0.15
CA VAL A 97 -43.42 -29.79 -1.03
C VAL A 97 -42.48 -28.61 -0.85
N LYS A 98 -41.80 -28.51 0.30
CA LYS A 98 -40.79 -27.48 0.47
C LYS A 98 -39.55 -27.76 -0.38
N ASP A 99 -39.12 -29.03 -0.44
CA ASP A 99 -37.98 -29.36 -1.27
C ASP A 99 -38.31 -29.28 -2.76
N TRP A 100 -39.56 -29.56 -3.13
CA TRP A 100 -39.93 -29.40 -4.53
C TRP A 100 -39.93 -27.94 -4.94
N ALA A 101 -40.44 -27.06 -4.08
CA ALA A 101 -40.40 -25.64 -4.37
C ALA A 101 -38.97 -25.11 -4.36
N GLY A 102 -38.13 -25.63 -3.47
CA GLY A 102 -36.74 -25.21 -3.44
C GLY A 102 -35.97 -25.67 -4.66
N VAL A 103 -36.39 -26.76 -5.27
CA VAL A 103 -35.79 -27.19 -6.53
C VAL A 103 -36.30 -26.32 -7.67
N MET A 104 -37.59 -25.97 -7.64
CA MET A 104 -38.17 -25.16 -8.71
C MET A 104 -37.65 -23.73 -8.70
N ILE A 105 -37.33 -23.17 -7.54
CA ILE A 105 -36.78 -21.83 -7.46
C ILE A 105 -35.38 -21.80 -8.04
N SER A 106 -34.59 -22.82 -7.77
CA SER A 106 -33.32 -22.98 -8.45
C SER A 106 -33.55 -23.50 -9.85
N ALA A 107 -32.48 -23.66 -10.61
CA ALA A 107 -32.57 -24.15 -11.97
C ALA A 107 -32.14 -25.59 -12.08
N GLN A 108 -32.47 -26.41 -11.08
CA GLN A 108 -31.95 -27.76 -11.04
C GLN A 108 -32.65 -28.72 -12.00
N THR A 109 -33.82 -28.34 -12.51
CA THR A 109 -34.53 -29.14 -13.49
C THR A 109 -34.69 -28.37 -14.80
N LEU A 110 -35.49 -28.92 -15.70
CA LEU A 110 -35.83 -28.22 -16.92
C LEU A 110 -36.93 -27.21 -16.68
N THR A 111 -37.97 -27.60 -15.95
CA THR A 111 -39.07 -26.68 -15.70
C THR A 111 -38.66 -25.56 -14.75
N GLY A 112 -37.69 -25.80 -13.88
CA GLY A 112 -37.14 -24.72 -13.10
C GLY A 112 -36.34 -23.74 -13.94
N ARG A 113 -35.65 -24.25 -14.95
CA ARG A 113 -34.92 -23.38 -15.86
C ARG A 113 -35.87 -22.52 -16.68
N VAL A 114 -36.99 -23.10 -17.11
CA VAL A 114 -37.98 -22.36 -17.87
C VAL A 114 -38.62 -21.28 -17.00
N LEU A 115 -38.88 -21.60 -15.74
CA LEU A 115 -39.45 -20.63 -14.82
C LEU A 115 -38.49 -19.46 -14.58
N VAL A 116 -37.20 -19.76 -14.43
CA VAL A 116 -36.21 -18.73 -14.14
C VAL A 116 -36.01 -17.79 -15.32
N VAL A 117 -35.95 -18.35 -16.54
CA VAL A 117 -35.86 -17.52 -17.73
C VAL A 117 -37.10 -16.68 -17.92
N LEU A 118 -38.26 -17.20 -17.52
CA LEU A 118 -39.47 -16.39 -17.55
C LEU A 118 -39.42 -15.25 -16.54
N VAL A 119 -38.80 -15.46 -15.37
CA VAL A 119 -38.67 -14.39 -14.39
C VAL A 119 -37.79 -13.27 -14.94
N PHE A 120 -36.70 -13.64 -15.62
CA PHE A 120 -35.81 -12.67 -16.27
C PHE A 120 -36.56 -11.84 -17.31
N ALA A 121 -37.24 -12.51 -18.23
CA ALA A 121 -37.85 -11.83 -19.36
C ALA A 121 -39.05 -10.99 -18.93
N LEU A 122 -39.88 -11.52 -18.04
CA LEU A 122 -41.06 -10.76 -17.66
C LEU A 122 -40.74 -9.64 -16.68
N SER A 123 -39.58 -9.69 -16.00
CA SER A 123 -39.16 -8.55 -15.21
C SER A 123 -38.80 -7.37 -16.10
N ILE A 124 -38.09 -7.63 -17.19
CA ILE A 124 -37.80 -6.57 -18.14
C ILE A 124 -39.09 -6.10 -18.82
N GLY A 125 -40.04 -7.00 -19.04
CA GLY A 125 -41.29 -6.62 -19.66
C GLY A 125 -42.13 -5.72 -18.77
N ALA A 126 -42.18 -6.02 -17.47
CA ALA A 126 -42.92 -5.16 -16.55
C ALA A 126 -42.26 -3.81 -16.38
N LEU A 127 -40.94 -3.76 -16.48
CA LEU A 127 -40.23 -2.48 -16.42
C LEU A 127 -40.54 -1.63 -17.65
N VAL A 128 -40.63 -2.25 -18.82
CA VAL A 128 -40.95 -1.52 -20.04
C VAL A 128 -42.37 -0.97 -19.99
N ILE A 129 -43.28 -1.74 -19.37
CA ILE A 129 -44.65 -1.26 -19.19
C ILE A 129 -44.70 -0.06 -18.26
N TYR A 130 -43.82 -0.01 -17.26
CA TYR A 130 -43.72 1.19 -16.44
C TYR A 130 -43.21 2.38 -17.24
N PHE A 131 -42.23 2.14 -18.12
CA PHE A 131 -41.71 3.22 -18.96
C PHE A 131 -42.77 3.76 -19.89
N ILE A 132 -43.66 2.89 -20.36
CA ILE A 132 -44.77 3.33 -21.20
C ILE A 132 -45.76 4.15 -20.37
N ASP A 133 -46.11 3.65 -19.19
CA ASP A 133 -47.12 4.30 -18.37
C ASP A 133 -46.64 5.56 -17.69
N SER A 134 -45.34 5.83 -17.70
CA SER A 134 -44.82 6.99 -17.00
C SER A 134 -45.16 8.29 -17.70
N SER A 135 -45.39 8.26 -19.01
CA SER A 135 -45.76 9.47 -19.71
C SER A 135 -47.24 9.81 -19.54
N ASN A 136 -48.02 8.88 -19.02
CA ASN A 136 -49.44 9.10 -18.79
C ASN A 136 -49.63 10.07 -17.64
N PRO A 137 -50.83 10.66 -17.51
CA PRO A 137 -51.14 11.44 -16.31
C PRO A 137 -51.14 10.58 -15.05
N ILE A 138 -51.17 11.26 -13.91
CA ILE A 138 -50.98 10.59 -12.63
C ILE A 138 -52.19 9.75 -12.26
N GLU A 139 -53.39 10.34 -12.35
CA GLU A 139 -54.62 9.65 -12.00
C GLU A 139 -55.52 9.62 -13.22
N SER A 140 -55.82 8.41 -13.70
CA SER A 140 -56.58 8.28 -14.93
C SER A 140 -57.32 6.96 -14.94
N CYS A 141 -58.34 6.88 -15.79
CA CYS A 141 -59.19 5.71 -15.92
C CYS A 141 -58.76 4.89 -17.13
N GLN A 142 -59.03 3.59 -17.07
CA GLN A 142 -58.81 2.72 -18.21
C GLN A 142 -59.72 1.51 -18.12
N ASN A 143 -60.46 1.24 -19.18
CA ASN A 143 -61.29 0.04 -19.25
C ASN A 143 -60.39 -1.16 -19.53
N PHE A 144 -60.59 -2.22 -18.75
CA PHE A 144 -59.71 -3.38 -18.81
C PHE A 144 -59.85 -4.13 -20.13
N TYR A 145 -61.06 -4.20 -20.68
CA TYR A 145 -61.28 -4.95 -21.90
C TYR A 145 -60.78 -4.22 -23.14
N LYS A 146 -60.58 -2.91 -23.06
CA LYS A 146 -60.06 -2.14 -24.18
C LYS A 146 -58.56 -1.85 -24.05
N ASP A 147 -58.07 -1.63 -22.84
CA ASP A 147 -56.66 -1.35 -22.65
C ASP A 147 -55.85 -2.62 -22.80
N PHE A 148 -54.97 -2.65 -23.79
CA PHE A 148 -54.18 -3.84 -24.06
C PHE A 148 -53.05 -3.99 -23.05
N THR A 149 -52.36 -2.89 -22.74
CA THR A 149 -51.21 -2.95 -21.85
C THR A 149 -51.61 -3.32 -20.43
N LEU A 150 -52.82 -2.98 -20.03
CA LEU A 150 -53.33 -3.44 -18.75
C LEU A 150 -53.52 -4.95 -18.73
N GLN A 151 -53.85 -5.54 -19.88
CA GLN A 151 -54.00 -6.99 -19.95
C GLN A 151 -52.65 -7.69 -19.90
N ILE A 152 -51.64 -7.11 -20.56
CA ILE A 152 -50.30 -7.70 -20.51
C ILE A 152 -49.69 -7.53 -19.13
N ASP A 153 -49.96 -6.40 -18.48
CA ASP A 153 -49.52 -6.20 -17.10
C ASP A 153 -50.21 -7.16 -16.15
N MET A 154 -51.47 -7.50 -16.43
CA MET A 154 -52.18 -8.51 -15.65
C MET A 154 -51.51 -9.87 -15.76
N ALA A 155 -51.08 -10.24 -16.97
CA ALA A 155 -50.43 -11.53 -17.18
C ALA A 155 -49.09 -11.57 -16.47
N PHE A 156 -48.36 -10.45 -16.48
CA PHE A 156 -47.05 -10.42 -15.83
C PHE A 156 -47.18 -10.52 -14.31
N ASN A 157 -48.16 -9.82 -13.74
CA ASN A 157 -48.27 -9.81 -12.29
C ASN A 157 -48.94 -11.06 -11.73
N VAL A 158 -49.77 -11.76 -12.51
CA VAL A 158 -50.25 -13.03 -11.99
C VAL A 158 -49.14 -14.06 -12.04
N PHE A 159 -48.21 -13.94 -12.98
CA PHE A 159 -47.03 -14.80 -12.96
C PHE A 159 -46.15 -14.50 -11.75
N PHE A 160 -45.98 -13.21 -11.43
CA PHE A 160 -45.19 -12.85 -10.27
C PHE A 160 -45.84 -13.28 -8.98
N LEU A 161 -47.17 -13.35 -8.96
CA LEU A 161 -47.87 -13.86 -7.78
C LEU A 161 -47.60 -15.35 -7.56
N LEU A 162 -47.61 -16.13 -8.64
CA LEU A 162 -47.31 -17.55 -8.51
C LEU A 162 -45.85 -17.78 -8.14
N TYR A 163 -44.94 -16.99 -8.69
CA TYR A 163 -43.53 -17.12 -8.35
C TYR A 163 -43.26 -16.69 -6.92
N PHE A 164 -44.01 -15.70 -6.44
CA PHE A 164 -43.90 -15.31 -5.04
C PHE A 164 -44.39 -16.43 -4.13
N GLY A 165 -45.42 -17.16 -4.55
CA GLY A 165 -45.90 -18.27 -3.76
C GLY A 165 -44.91 -19.41 -3.70
N LEU A 166 -44.20 -19.65 -4.80
CA LEU A 166 -43.16 -20.68 -4.79
C LEU A 166 -42.00 -20.29 -3.90
N ARG A 167 -41.61 -19.01 -3.91
CA ARG A 167 -40.55 -18.55 -3.03
C ARG A 167 -40.98 -18.55 -1.58
N PHE A 168 -42.28 -18.40 -1.31
CA PHE A 168 -42.76 -18.46 0.07
C PHE A 168 -42.73 -19.89 0.59
N ILE A 169 -43.12 -20.85 -0.23
CA ILE A 169 -43.10 -22.25 0.20
C ILE A 169 -41.67 -22.72 0.39
N ALA A 170 -40.76 -22.34 -0.51
CA ALA A 170 -39.41 -22.85 -0.50
C ALA A 170 -38.55 -22.31 0.63
N ALA A 171 -38.99 -21.26 1.32
CA ALA A 171 -38.14 -20.62 2.31
C ALA A 171 -38.07 -21.42 3.59
N ASN A 172 -36.95 -21.27 4.32
CA ASN A 172 -36.82 -21.90 5.62
C ASN A 172 -37.51 -21.08 6.70
N ASP A 173 -37.33 -19.77 6.66
CA ASP A 173 -37.81 -18.84 7.68
C ASP A 173 -38.83 -17.91 7.06
N LYS A 174 -40.08 -17.99 7.53
CA LYS A 174 -41.13 -17.17 6.95
C LYS A 174 -40.94 -15.70 7.27
N LEU A 175 -40.34 -15.38 8.41
CA LEU A 175 -40.10 -13.98 8.75
C LEU A 175 -38.98 -13.40 7.91
N TRP A 176 -37.89 -14.15 7.75
CA TRP A 176 -36.77 -13.72 6.92
C TRP A 176 -37.16 -13.60 5.46
N PHE A 177 -38.10 -14.43 5.01
CA PHE A 177 -38.62 -14.26 3.66
C PHE A 177 -39.48 -13.02 3.55
N TRP A 178 -40.30 -12.74 4.56
CA TRP A 178 -41.21 -11.61 4.48
C TRP A 178 -40.50 -10.27 4.57
N LEU A 179 -39.28 -10.24 5.09
CA LEU A 179 -38.48 -9.02 5.11
C LEU A 179 -37.44 -8.98 4.01
N GLU A 180 -37.36 -10.02 3.20
CA GLU A 180 -36.42 -10.05 2.08
C GLU A 180 -36.84 -9.03 1.03
N VAL A 181 -35.85 -8.35 0.45
CA VAL A 181 -36.12 -7.17 -0.37
C VAL A 181 -36.84 -7.51 -1.66
N ASN A 182 -36.64 -8.72 -2.18
CA ASN A 182 -37.36 -9.14 -3.37
C ASN A 182 -38.81 -9.46 -3.09
N SER A 183 -39.18 -9.63 -1.83
CA SER A 183 -40.58 -9.77 -1.46
C SER A 183 -41.26 -8.43 -1.31
N VAL A 184 -40.55 -7.43 -0.79
CA VAL A 184 -41.11 -6.10 -0.60
C VAL A 184 -41.44 -5.46 -1.95
N VAL A 185 -40.63 -5.76 -2.98
CA VAL A 185 -40.94 -5.31 -4.33
C VAL A 185 -42.27 -5.91 -4.79
N ASP A 186 -42.51 -7.17 -4.46
CA ASP A 186 -43.76 -7.81 -4.83
C ASP A 186 -44.94 -7.27 -4.03
N PHE A 187 -44.70 -6.85 -2.79
CA PHE A 187 -45.79 -6.28 -2.02
C PHE A 187 -46.19 -4.90 -2.49
N PHE A 188 -45.28 -4.17 -3.13
CA PHE A 188 -45.60 -2.83 -3.58
C PHE A 188 -45.85 -2.74 -5.07
N THR A 189 -45.83 -3.86 -5.79
CA THR A 189 -46.16 -3.84 -7.21
C THR A 189 -47.31 -4.76 -7.58
N VAL A 190 -47.39 -5.94 -7.00
CA VAL A 190 -48.37 -6.95 -7.38
C VAL A 190 -49.78 -6.66 -6.84
N PRO A 191 -50.01 -6.19 -5.60
CA PRO A 191 -51.38 -5.82 -5.21
C PRO A 191 -52.00 -4.67 -6.00
N PRO A 192 -51.35 -3.50 -6.17
CA PRO A 192 -52.12 -2.36 -6.71
C PRO A 192 -52.48 -2.47 -8.18
N VAL A 193 -51.90 -3.43 -8.93
CA VAL A 193 -52.40 -3.62 -10.29
C VAL A 193 -53.71 -4.42 -10.25
N PHE A 194 -53.90 -5.29 -9.25
CA PHE A 194 -55.19 -5.93 -9.06
C PHE A 194 -56.23 -4.92 -8.59
N VAL A 195 -55.80 -3.94 -7.82
CA VAL A 195 -56.73 -2.87 -7.45
C VAL A 195 -57.04 -2.01 -8.67
N SER A 196 -56.09 -1.88 -9.59
CA SER A 196 -56.33 -1.13 -10.81
C SER A 196 -57.30 -1.85 -11.73
N VAL A 197 -57.29 -3.18 -11.73
CA VAL A 197 -58.25 -3.87 -12.59
C VAL A 197 -59.61 -3.91 -11.92
N TYR A 198 -59.67 -3.79 -10.60
CA TYR A 198 -60.95 -3.84 -9.92
C TYR A 198 -61.65 -2.50 -10.01
N LEU A 199 -60.89 -1.41 -9.99
CA LEU A 199 -61.44 -0.07 -10.06
C LEU A 199 -61.61 0.43 -11.48
N ASN A 200 -61.02 -0.27 -12.46
CA ASN A 200 -60.90 0.19 -13.85
C ASN A 200 -60.25 1.57 -13.93
N ARG A 201 -59.26 1.78 -13.09
CA ARG A 201 -58.62 3.08 -12.93
C ARG A 201 -57.17 2.86 -12.55
N SER A 202 -56.28 3.61 -13.18
CA SER A 202 -54.86 3.47 -12.96
C SER A 202 -54.32 4.62 -12.15
N TRP A 203 -53.18 4.38 -11.51
CA TRP A 203 -52.43 5.43 -10.82
C TRP A 203 -50.97 5.04 -10.88
N LEU A 204 -50.15 5.90 -11.49
CA LEU A 204 -48.71 5.68 -11.56
C LEU A 204 -48.15 5.94 -10.17
N GLY A 205 -48.24 4.95 -9.31
CA GLY A 205 -47.83 5.13 -7.95
C GLY A 205 -46.41 4.67 -7.74
N LEU A 206 -46.23 3.63 -6.94
CA LEU A 206 -44.92 3.05 -6.74
C LEU A 206 -44.65 1.95 -7.74
N ARG A 207 -44.89 2.24 -9.02
CA ARG A 207 -44.56 1.31 -10.08
C ARG A 207 -43.09 1.39 -10.46
N PHE A 208 -42.37 2.39 -9.96
CA PHE A 208 -40.95 2.50 -10.24
C PHE A 208 -40.15 1.43 -9.51
N LEU A 209 -40.73 0.79 -8.51
CA LEU A 209 -40.07 -0.29 -7.82
C LEU A 209 -39.97 -1.56 -8.66
N ARG A 210 -40.59 -1.58 -9.84
CA ARG A 210 -40.36 -2.68 -10.77
C ARG A 210 -38.93 -2.72 -11.29
N ALA A 211 -38.22 -1.59 -11.23
CA ALA A 211 -36.83 -1.56 -11.63
C ALA A 211 -35.92 -2.24 -10.60
N LEU A 212 -36.41 -2.48 -9.39
CA LEU A 212 -35.61 -3.18 -8.40
C LEU A 212 -35.53 -4.68 -8.67
N ARG A 213 -36.29 -5.19 -9.63
CA ARG A 213 -36.23 -6.61 -9.94
C ARG A 213 -34.96 -6.99 -10.68
N LEU A 214 -34.18 -6.04 -11.17
CA LEU A 214 -32.93 -6.35 -11.84
C LEU A 214 -31.84 -6.78 -10.88
N ILE A 215 -32.06 -6.66 -9.57
CA ILE A 215 -31.14 -7.17 -8.57
C ILE A 215 -31.02 -8.68 -8.66
N GLN A 216 -32.09 -9.37 -9.05
CA GLN A 216 -32.14 -10.81 -9.13
C GLN A 216 -31.31 -11.39 -10.27
N PHE A 217 -30.79 -10.56 -11.17
CA PHE A 217 -30.30 -11.07 -12.44
C PHE A 217 -29.01 -11.85 -12.30
N SER A 218 -28.10 -11.39 -11.43
CA SER A 218 -26.87 -12.12 -11.22
C SER A 218 -27.11 -13.44 -10.51
N GLU A 219 -28.10 -13.50 -9.62
CA GLU A 219 -28.40 -14.74 -8.93
C GLU A 219 -29.05 -15.74 -9.88
N ILE A 220 -30.04 -15.29 -10.66
CA ILE A 220 -30.70 -16.21 -11.57
C ILE A 220 -29.89 -16.49 -12.82
N LEU A 221 -28.74 -15.85 -12.98
CA LEU A 221 -27.76 -16.31 -13.96
C LEU A 221 -26.73 -17.22 -13.33
N GLN A 222 -26.53 -17.13 -12.01
CA GLN A 222 -25.70 -18.11 -11.32
C GLN A 222 -26.40 -19.44 -11.21
N PHE A 223 -27.73 -19.43 -11.19
CA PHE A 223 -28.48 -20.68 -11.18
C PHE A 223 -28.39 -21.40 -12.52
N LEU A 224 -28.33 -20.65 -13.61
CA LEU A 224 -28.40 -21.21 -14.95
C LEU A 224 -27.05 -21.58 -15.52
N ASN A 225 -26.00 -21.64 -14.68
CA ASN A 225 -24.62 -21.95 -15.08
C ASN A 225 -24.07 -21.00 -16.13
N ILE A 226 -24.55 -19.76 -16.16
CA ILE A 226 -24.02 -18.80 -17.12
C ILE A 226 -22.86 -18.02 -16.52
N LEU A 227 -22.95 -17.66 -15.26
CA LEU A 227 -21.89 -16.95 -14.56
C LEU A 227 -21.16 -17.92 -13.65
N LYS A 228 -19.89 -18.15 -13.91
CA LYS A 228 -19.11 -19.06 -13.10
C LYS A 228 -17.92 -18.41 -12.41
N THR A 229 -17.11 -17.67 -13.14
CA THR A 229 -15.90 -17.11 -12.56
C THR A 229 -16.22 -15.83 -11.79
N SER A 230 -15.27 -15.41 -10.97
CA SER A 230 -15.56 -14.40 -9.96
C SER A 230 -15.61 -13.00 -10.54
N ASN A 231 -14.90 -12.75 -11.63
CA ASN A 231 -14.84 -11.39 -12.16
C ASN A 231 -16.16 -11.00 -12.81
N SER A 232 -16.73 -11.87 -13.63
CA SER A 232 -17.97 -11.51 -14.29
C SER A 232 -19.19 -11.77 -13.42
N ILE A 233 -19.08 -12.57 -12.36
CA ILE A 233 -20.09 -12.54 -11.32
C ILE A 233 -20.13 -11.18 -10.66
N LYS A 234 -18.94 -10.64 -10.33
CA LYS A 234 -18.85 -9.33 -9.72
C LYS A 234 -19.28 -8.22 -10.68
N LEU A 235 -19.04 -8.39 -11.98
CA LEU A 235 -19.38 -7.36 -12.94
C LEU A 235 -20.89 -7.26 -13.12
N VAL A 236 -21.59 -8.40 -13.21
CA VAL A 236 -23.04 -8.35 -13.34
C VAL A 236 -23.67 -7.89 -12.03
N ASN A 237 -23.04 -8.17 -10.89
CA ASN A 237 -23.53 -7.67 -9.62
C ASN A 237 -23.45 -6.14 -9.55
N LEU A 238 -22.32 -5.58 -9.98
CA LEU A 238 -22.16 -4.13 -9.95
C LEU A 238 -23.09 -3.46 -10.94
N LEU A 239 -23.26 -4.04 -12.13
CA LEU A 239 -24.11 -3.45 -13.15
C LEU A 239 -25.58 -3.49 -12.74
N SER A 240 -26.00 -4.58 -12.10
CA SER A 240 -27.40 -4.71 -11.69
C SER A 240 -27.73 -3.71 -10.60
N ILE A 241 -26.86 -3.57 -9.60
CA ILE A 241 -27.13 -2.67 -8.49
C ILE A 241 -27.08 -1.22 -8.97
N PHE A 242 -26.17 -0.89 -9.88
CA PHE A 242 -26.03 0.47 -10.36
C PHE A 242 -27.24 0.90 -11.18
N ILE A 243 -27.66 0.07 -12.13
CA ILE A 243 -28.75 0.46 -13.01
C ILE A 243 -30.08 0.45 -12.28
N SER A 244 -30.27 -0.51 -11.37
CA SER A 244 -31.54 -0.56 -10.65
C SER A 244 -31.69 0.60 -9.67
N THR A 245 -30.60 1.00 -9.02
CA THR A 245 -30.66 2.15 -8.11
C THR A 245 -30.89 3.44 -8.89
N TRP A 246 -30.27 3.56 -10.05
CA TRP A 246 -30.43 4.73 -10.90
C TRP A 246 -31.87 4.86 -11.40
N LEU A 247 -32.44 3.76 -11.89
CA LEU A 247 -33.78 3.83 -12.45
C LEU A 247 -34.84 3.96 -11.37
N THR A 248 -34.63 3.36 -10.20
CA THR A 248 -35.62 3.44 -9.13
C THR A 248 -35.66 4.84 -8.54
N ALA A 249 -34.50 5.40 -8.23
CA ALA A 249 -34.46 6.74 -7.65
C ALA A 249 -34.93 7.78 -8.65
N ALA A 250 -34.72 7.54 -9.94
CA ALA A 250 -35.30 8.43 -10.94
C ALA A 250 -36.81 8.34 -10.97
N GLY A 251 -37.36 7.16 -10.72
CA GLY A 251 -38.80 7.03 -10.69
C GLY A 251 -39.41 7.70 -9.47
N PHE A 252 -38.72 7.66 -8.33
CA PHE A 252 -39.23 8.31 -7.14
C PHE A 252 -39.20 9.81 -7.27
N ILE A 253 -38.13 10.36 -7.83
CA ILE A 253 -38.08 11.80 -8.01
C ILE A 253 -39.03 12.23 -9.13
N HIS A 254 -39.40 11.33 -10.04
CA HIS A 254 -40.39 11.66 -11.05
C HIS A 254 -41.79 11.75 -10.44
N LEU A 255 -42.12 10.83 -9.56
CA LEU A 255 -43.40 10.85 -8.86
C LEU A 255 -43.52 12.08 -7.97
N VAL A 256 -42.45 12.42 -7.25
CA VAL A 256 -42.49 13.53 -6.32
C VAL A 256 -42.55 14.86 -7.05
N GLU A 257 -41.80 14.98 -8.15
CA GLU A 257 -41.77 16.26 -8.85
C GLU A 257 -43.03 16.51 -9.66
N ASN A 258 -43.71 15.46 -10.10
CA ASN A 258 -44.93 15.69 -10.88
C ASN A 258 -46.10 15.97 -9.96
N SER A 259 -46.47 15.02 -9.13
CA SER A 259 -47.48 15.26 -8.11
C SER A 259 -46.80 16.07 -7.02
N GLY A 260 -47.01 17.38 -7.03
CA GLY A 260 -46.23 18.31 -6.24
C GLY A 260 -46.44 18.25 -4.74
N ASP A 261 -46.01 19.30 -4.07
CA ASP A 261 -46.05 19.31 -2.61
C ASP A 261 -47.48 19.43 -2.11
N PRO A 262 -47.88 18.60 -1.14
CA PRO A 262 -49.25 18.72 -0.58
C PRO A 262 -49.46 19.94 0.29
N TRP A 263 -48.44 20.73 0.56
CA TRP A 263 -48.56 21.86 1.47
C TRP A 263 -49.00 23.12 0.75
N GLU A 264 -48.77 23.19 -0.55
CA GLU A 264 -49.22 24.29 -1.37
C GLU A 264 -50.49 23.97 -2.12
N ASN A 265 -51.18 22.88 -1.73
CA ASN A 265 -52.30 22.29 -2.49
C ASN A 265 -51.88 21.96 -3.91
N PHE A 266 -50.68 21.39 -4.05
CA PHE A 266 -50.18 20.78 -5.29
C PHE A 266 -50.04 21.81 -6.42
N GLN A 267 -49.51 22.97 -6.10
CA GLN A 267 -49.16 23.96 -7.10
C GLN A 267 -47.68 23.93 -7.44
N ASN A 268 -46.96 22.87 -7.06
CA ASN A 268 -45.55 22.73 -7.33
C ASN A 268 -45.27 21.68 -8.40
N ASN A 269 -46.21 21.48 -9.32
CA ASN A 269 -46.04 20.43 -10.31
C ASN A 269 -45.03 20.84 -11.37
N GLN A 270 -43.74 20.62 -11.09
CA GLN A 270 -42.74 20.72 -12.15
C GLN A 270 -42.90 19.53 -13.06
N ALA A 271 -43.46 19.76 -14.25
CA ALA A 271 -43.82 18.67 -15.16
C ALA A 271 -42.56 18.15 -15.83
N LEU A 272 -41.93 17.17 -15.20
CA LEU A 272 -40.80 16.47 -15.76
C LEU A 272 -41.25 15.14 -16.34
N THR A 273 -40.59 14.72 -17.41
CA THR A 273 -40.80 13.38 -17.92
C THR A 273 -39.99 12.41 -17.08
N TYR A 274 -40.10 11.11 -17.38
CA TYR A 274 -39.30 10.15 -16.66
C TYR A 274 -37.83 10.24 -17.05
N TRP A 275 -37.57 10.41 -18.34
CA TRP A 275 -36.20 10.41 -18.83
C TRP A 275 -35.47 11.68 -18.44
N GLU A 276 -36.18 12.78 -18.20
CA GLU A 276 -35.53 13.96 -17.65
C GLU A 276 -35.04 13.72 -16.24
N CYS A 277 -35.75 12.89 -15.46
CA CYS A 277 -35.27 12.56 -14.14
C CYS A 277 -34.12 11.57 -14.17
N VAL A 278 -34.09 10.67 -15.16
CA VAL A 278 -32.92 9.80 -15.34
C VAL A 278 -31.71 10.63 -15.72
N TYR A 279 -31.90 11.63 -16.57
CA TYR A 279 -30.80 12.51 -16.95
C TYR A 279 -30.41 13.41 -15.79
N LEU A 280 -31.37 13.81 -14.96
CA LEU A 280 -31.07 14.59 -13.77
C LEU A 280 -30.20 13.81 -12.80
N LEU A 281 -30.49 12.53 -12.61
CA LEU A 281 -29.73 11.80 -11.62
C LEU A 281 -28.36 11.40 -12.15
N MET A 282 -28.20 11.24 -13.46
CA MET A 282 -26.87 10.95 -13.96
C MET A 282 -26.01 12.20 -13.96
N VAL A 283 -26.61 13.36 -14.18
CA VAL A 283 -25.86 14.61 -14.05
C VAL A 283 -25.51 14.87 -12.58
N THR A 284 -26.37 14.44 -11.67
CA THR A 284 -26.14 14.70 -10.25
C THR A 284 -25.14 13.72 -9.65
N MET A 285 -25.31 12.41 -9.92
CA MET A 285 -24.41 11.38 -9.41
C MET A 285 -22.98 11.59 -9.86
N SER A 286 -22.80 12.08 -11.08
CA SER A 286 -21.48 12.35 -11.63
C SER A 286 -20.87 13.63 -11.09
N THR A 287 -21.60 14.35 -10.23
CA THR A 287 -21.23 15.66 -9.67
C THR A 287 -20.95 16.69 -10.75
N VAL A 288 -21.60 16.58 -11.91
CA VAL A 288 -21.53 17.66 -12.88
C VAL A 288 -22.47 18.78 -12.46
N GLY A 289 -23.76 18.50 -12.42
CA GLY A 289 -24.72 19.45 -11.92
C GLY A 289 -24.88 20.69 -12.78
N TYR A 290 -25.47 20.53 -13.97
CA TYR A 290 -25.59 21.67 -14.88
C TYR A 290 -26.52 22.73 -14.32
N GLY A 291 -27.67 22.33 -13.82
CA GLY A 291 -28.65 23.28 -13.36
C GLY A 291 -29.70 23.62 -14.37
N ASP A 292 -29.69 22.98 -15.54
CA ASP A 292 -30.77 23.15 -16.48
C ASP A 292 -32.02 22.42 -16.01
N VAL A 293 -31.84 21.32 -15.28
CA VAL A 293 -32.92 20.53 -14.73
C VAL A 293 -32.58 20.27 -13.27
N TYR A 294 -33.48 20.63 -12.38
CA TYR A 294 -33.29 20.37 -10.97
C TYR A 294 -34.64 20.20 -10.30
N ALA A 295 -34.62 19.63 -9.10
CA ALA A 295 -35.85 19.45 -8.34
C ALA A 295 -36.25 20.77 -7.71
N LYS A 296 -37.53 21.13 -7.85
CA LYS A 296 -38.01 22.40 -7.34
C LYS A 296 -38.93 22.29 -6.13
N THR A 297 -39.49 21.12 -5.87
CA THR A 297 -40.37 20.97 -4.74
C THR A 297 -39.58 20.75 -3.46
N THR A 298 -40.28 20.80 -2.32
CA THR A 298 -39.64 20.59 -1.04
C THR A 298 -39.30 19.12 -0.84
N LEU A 299 -40.22 18.22 -1.16
CA LEU A 299 -39.93 16.80 -1.07
C LEU A 299 -38.89 16.37 -2.09
N GLY A 300 -38.86 17.05 -3.24
CA GLY A 300 -37.86 16.72 -4.24
C GLY A 300 -36.46 17.07 -3.79
N ARG A 301 -36.28 18.27 -3.24
CA ARG A 301 -34.98 18.67 -2.71
C ARG A 301 -34.58 17.82 -1.52
N LEU A 302 -35.54 17.39 -0.72
CA LEU A 302 -35.24 16.57 0.43
C LEU A 302 -34.75 15.18 0.01
N PHE A 303 -35.38 14.60 -1.01
CA PHE A 303 -34.87 13.33 -1.51
C PHE A 303 -33.52 13.52 -2.19
N MET A 304 -33.30 14.65 -2.86
CA MET A 304 -32.02 14.86 -3.52
C MET A 304 -30.89 15.02 -2.52
N VAL A 305 -31.17 15.55 -1.34
CA VAL A 305 -30.16 15.64 -0.29
C VAL A 305 -29.77 14.23 0.18
N PHE A 306 -30.77 13.38 0.41
CA PHE A 306 -30.46 12.00 0.81
C PHE A 306 -29.84 11.22 -0.34
N PHE A 307 -30.22 11.53 -1.57
CA PHE A 307 -29.68 10.79 -2.70
C PHE A 307 -28.24 11.15 -2.97
N ILE A 308 -27.83 12.40 -2.75
CA ILE A 308 -26.42 12.68 -3.01
C ILE A 308 -25.56 12.13 -1.90
N LEU A 309 -26.10 12.04 -0.67
CA LEU A 309 -25.37 11.40 0.42
C LEU A 309 -25.12 9.92 0.15
N GLY A 310 -26.02 9.25 -0.56
CA GLY A 310 -25.78 7.87 -0.88
C GLY A 310 -25.19 7.65 -2.26
N GLY A 311 -25.79 8.29 -3.26
CA GLY A 311 -25.48 8.00 -4.64
C GLY A 311 -24.14 8.51 -5.13
N LEU A 312 -23.57 9.53 -4.48
CA LEU A 312 -22.26 9.97 -4.91
C LEU A 312 -21.19 8.95 -4.60
N ALA A 313 -21.25 8.35 -3.40
CA ALA A 313 -20.32 7.29 -3.07
C ALA A 313 -20.59 6.05 -3.90
N MET A 314 -21.84 5.82 -4.29
CA MET A 314 -22.14 4.66 -5.12
C MET A 314 -21.56 4.83 -6.52
N PHE A 315 -21.66 6.03 -7.10
CA PHE A 315 -21.10 6.27 -8.42
C PHE A 315 -19.59 6.18 -8.40
N ALA A 316 -18.96 6.86 -7.44
CA ALA A 316 -17.50 6.92 -7.39
C ALA A 316 -16.87 5.59 -7.05
N SER A 317 -17.59 4.71 -6.37
CA SER A 317 -17.04 3.38 -6.11
C SER A 317 -17.30 2.42 -7.25
N TYR A 318 -18.48 2.45 -7.85
CA TYR A 318 -18.86 1.38 -8.77
C TYR A 318 -18.36 1.61 -10.18
N VAL A 319 -18.33 2.86 -10.65
CA VAL A 319 -18.00 3.12 -12.05
C VAL A 319 -16.55 2.80 -12.41
N PRO A 320 -15.52 3.22 -11.64
CA PRO A 320 -14.16 2.79 -12.01
C PRO A 320 -13.94 1.30 -11.83
N GLU A 321 -14.68 0.65 -10.94
CA GLU A 321 -14.53 -0.79 -10.79
C GLU A 321 -15.14 -1.53 -11.96
N ILE A 322 -16.27 -1.03 -12.49
CA ILE A 322 -16.86 -1.63 -13.69
C ILE A 322 -15.94 -1.47 -14.88
N ILE A 323 -15.36 -0.29 -15.05
CA ILE A 323 -14.42 -0.04 -16.13
C ILE A 323 -13.13 -0.83 -15.94
N GLU A 324 -12.79 -1.22 -14.70
CA GLU A 324 -11.69 -2.16 -14.50
C GLU A 324 -12.05 -3.55 -14.99
N LEU A 325 -13.27 -4.01 -14.71
CA LEU A 325 -13.62 -5.39 -15.03
C LEU A 325 -13.91 -5.60 -16.51
N ILE A 326 -14.37 -4.59 -17.20
CA ILE A 326 -14.35 -4.61 -18.67
C ILE A 326 -12.95 -4.17 -19.07
N GLY A 327 -12.58 -4.39 -20.32
CA GLY A 327 -11.31 -3.90 -20.81
C GLY A 327 -10.10 -4.72 -20.45
N ASN A 328 -10.24 -5.69 -19.53
CA ASN A 328 -9.16 -6.63 -19.24
C ASN A 328 -9.11 -7.64 -20.38
N ARG A 329 -8.42 -7.25 -21.44
CA ARG A 329 -8.22 -8.10 -22.61
C ARG A 329 -6.76 -8.49 -22.70
N LYS A 330 -6.51 -9.76 -22.99
CA LYS A 330 -5.15 -10.23 -23.17
C LYS A 330 -4.61 -9.71 -24.49
N LYS A 331 -3.48 -9.00 -24.44
CA LYS A 331 -2.98 -8.33 -25.63
C LYS A 331 -2.34 -9.30 -26.60
N TYR A 332 -1.30 -10.01 -26.16
CA TYR A 332 -0.53 -10.86 -27.07
C TYR A 332 -1.01 -12.30 -27.05
N GLY A 333 -2.28 -12.49 -27.36
CA GLY A 333 -2.84 -13.81 -27.56
C GLY A 333 -2.64 -14.25 -28.99
N GLY A 334 -3.45 -15.21 -29.41
CA GLY A 334 -3.38 -15.67 -30.77
C GLY A 334 -2.22 -16.62 -30.99
N SER A 335 -1.99 -16.92 -32.27
CA SER A 335 -1.02 -17.94 -32.63
C SER A 335 -0.20 -17.46 -33.82
N TYR A 336 0.98 -18.05 -33.95
CA TYR A 336 1.84 -17.78 -35.09
C TYR A 336 1.31 -18.51 -36.31
N SER A 337 1.34 -17.83 -37.45
CA SER A 337 0.93 -18.41 -38.71
C SER A 337 2.16 -18.63 -39.57
N ALA A 338 2.48 -19.88 -39.85
CA ALA A 338 3.66 -20.19 -40.64
C ALA A 338 3.43 -19.82 -42.10
N VAL A 339 4.52 -19.47 -42.77
CA VAL A 339 4.48 -19.17 -44.20
C VAL A 339 5.32 -20.20 -44.93
N SER A 340 5.03 -20.37 -46.21
CA SER A 340 5.71 -21.38 -47.00
C SER A 340 7.07 -20.87 -47.47
N GLY A 341 8.06 -21.75 -47.42
CA GLY A 341 9.38 -21.39 -47.91
C GLY A 341 10.17 -20.48 -47.01
N ARG A 342 9.76 -20.34 -45.76
CA ARG A 342 10.51 -19.53 -44.81
C ARG A 342 10.29 -20.13 -43.43
N LYS A 343 11.38 -20.49 -42.77
CA LYS A 343 11.32 -21.14 -41.48
C LYS A 343 11.35 -20.09 -40.37
N HIS A 344 11.09 -20.54 -39.14
CA HIS A 344 11.04 -19.62 -38.02
C HIS A 344 11.72 -20.24 -36.81
N ILE A 345 11.88 -19.42 -35.79
CA ILE A 345 12.69 -19.74 -34.61
C ILE A 345 11.89 -19.33 -33.38
N VAL A 346 11.77 -20.24 -32.41
CA VAL A 346 11.07 -19.96 -31.17
C VAL A 346 12.11 -19.71 -30.09
N VAL A 347 11.99 -18.58 -29.39
CA VAL A 347 12.93 -18.20 -28.36
C VAL A 347 12.18 -18.12 -27.04
N CYS A 348 12.65 -18.86 -26.04
CA CYS A 348 12.01 -18.81 -24.74
C CYS A 348 13.05 -18.59 -23.64
N GLY A 349 12.65 -18.72 -22.40
CA GLY A 349 13.59 -18.57 -21.31
C GLY A 349 13.57 -17.19 -20.69
N HIS A 350 14.75 -16.68 -20.35
CA HIS A 350 14.87 -15.38 -19.70
C HIS A 350 14.81 -14.30 -20.75
N ILE A 351 13.63 -13.71 -20.93
CA ILE A 351 13.40 -12.72 -21.97
C ILE A 351 13.19 -11.39 -21.27
N THR A 352 14.16 -10.48 -21.42
CA THR A 352 14.04 -9.12 -20.91
C THR A 352 14.34 -8.16 -22.04
N LEU A 353 14.47 -6.87 -21.74
CA LEU A 353 14.76 -5.91 -22.79
C LEU A 353 16.20 -6.03 -23.27
N GLU A 354 17.14 -6.13 -22.34
CA GLU A 354 18.54 -6.14 -22.73
C GLU A 354 18.95 -7.47 -23.34
N SER A 355 18.34 -8.58 -22.92
CA SER A 355 18.69 -9.87 -23.49
C SER A 355 18.17 -9.99 -24.91
N VAL A 356 16.97 -9.48 -25.17
CA VAL A 356 16.43 -9.49 -26.52
C VAL A 356 17.19 -8.53 -27.41
N SER A 357 17.63 -7.39 -26.85
CA SER A 357 18.40 -6.42 -27.63
C SER A 357 19.75 -6.99 -28.04
N ASN A 358 20.46 -7.65 -27.11
CA ASN A 358 21.73 -8.26 -27.46
C ASN A 358 21.55 -9.43 -28.41
N PHE A 359 20.43 -10.16 -28.27
CA PHE A 359 20.18 -11.26 -29.18
C PHE A 359 19.90 -10.75 -30.59
N LEU A 360 19.05 -9.73 -30.72
CA LEU A 360 18.71 -9.21 -32.03
C LEU A 360 19.86 -8.46 -32.69
N LYS A 361 20.83 -7.99 -31.90
CA LYS A 361 22.03 -7.43 -32.50
C LYS A 361 22.88 -8.53 -33.11
N ASP A 362 23.12 -9.61 -32.39
CA ASP A 362 24.01 -10.64 -32.89
C ASP A 362 23.36 -11.56 -33.89
N PHE A 363 22.03 -11.61 -33.94
CA PHE A 363 21.31 -12.51 -34.84
C PHE A 363 21.03 -11.86 -36.18
N LEU A 364 20.48 -10.66 -36.16
CA LEU A 364 20.11 -9.95 -37.39
C LEU A 364 21.21 -9.05 -37.89
N HIS A 365 22.47 -9.38 -37.62
CA HIS A 365 23.58 -8.57 -38.07
C HIS A 365 23.74 -8.67 -39.57
N LYS A 366 24.19 -7.57 -40.18
CA LYS A 366 24.35 -7.53 -41.62
C LYS A 366 25.56 -8.30 -42.11
N ASP A 367 26.46 -8.72 -41.22
CA ASP A 367 27.63 -9.47 -41.63
C ASP A 367 27.32 -10.92 -41.97
N ARG A 368 26.12 -11.40 -41.65
CA ARG A 368 25.67 -12.69 -42.15
C ARG A 368 25.24 -12.56 -43.60
N ASP A 369 24.80 -13.67 -44.18
CA ASP A 369 24.15 -13.63 -45.48
C ASP A 369 22.74 -13.08 -45.34
N ASP A 370 21.99 -13.11 -46.44
CA ASP A 370 20.61 -12.65 -46.42
C ASP A 370 19.77 -13.69 -45.70
N VAL A 371 19.74 -13.60 -44.37
CA VAL A 371 18.96 -14.51 -43.57
C VAL A 371 17.47 -14.18 -43.71
N ASN A 372 16.64 -15.17 -43.49
CA ASN A 372 15.21 -14.96 -43.65
C ASN A 372 14.38 -15.69 -42.61
N VAL A 373 14.99 -16.14 -41.52
CA VAL A 373 14.21 -16.81 -40.51
C VAL A 373 13.46 -15.76 -39.70
N GLU A 374 12.29 -16.14 -39.21
CA GLU A 374 11.55 -15.26 -38.32
C GLU A 374 11.79 -15.69 -36.88
N ILE A 375 11.69 -14.73 -35.99
CA ILE A 375 11.98 -14.96 -34.58
C ILE A 375 10.69 -14.81 -33.80
N VAL A 376 10.24 -15.91 -33.20
CA VAL A 376 9.03 -15.92 -32.40
C VAL A 376 9.46 -16.01 -30.95
N PHE A 377 8.91 -15.13 -30.11
CA PHE A 377 9.23 -15.15 -28.70
C PHE A 377 8.06 -15.74 -27.92
N LEU A 378 8.35 -16.17 -26.71
CA LEU A 378 7.33 -16.84 -25.88
C LEU A 378 7.70 -16.62 -24.42
N HIS A 379 6.95 -15.76 -23.75
CA HIS A 379 7.22 -15.45 -22.36
C HIS A 379 5.90 -15.20 -21.66
N ASN A 380 5.78 -15.67 -20.43
CA ASN A 380 4.52 -15.53 -19.72
C ASN A 380 4.28 -14.10 -19.24
N ILE A 381 5.35 -13.37 -18.91
CA ILE A 381 5.21 -11.99 -18.51
C ILE A 381 4.95 -11.14 -19.74
N SER A 382 4.00 -10.21 -19.62
CA SER A 382 3.73 -9.29 -20.71
C SER A 382 4.87 -8.28 -20.83
N PRO A 383 5.23 -7.87 -22.04
CA PRO A 383 6.35 -6.95 -22.20
C PRO A 383 5.97 -5.54 -21.80
N ASN A 384 6.97 -4.78 -21.36
CA ASN A 384 6.77 -3.38 -21.02
C ASN A 384 6.79 -2.55 -22.29
N LEU A 385 6.76 -1.24 -22.16
CA LEU A 385 6.62 -0.38 -23.32
C LEU A 385 7.91 -0.29 -24.12
N GLU A 386 9.06 -0.54 -23.48
CA GLU A 386 10.31 -0.50 -24.21
C GLU A 386 10.50 -1.73 -25.07
N LEU A 387 10.06 -2.90 -24.59
CA LEU A 387 10.10 -4.09 -25.42
C LEU A 387 9.12 -3.99 -26.58
N GLU A 388 7.96 -3.36 -26.36
CA GLU A 388 7.01 -3.19 -27.45
C GLU A 388 7.55 -2.24 -28.51
N ALA A 389 8.31 -1.22 -28.09
CA ALA A 389 8.95 -0.37 -29.08
C ALA A 389 10.06 -1.11 -29.81
N LEU A 390 10.74 -2.02 -29.13
CA LEU A 390 11.75 -2.82 -29.80
C LEU A 390 11.14 -3.78 -30.80
N PHE A 391 9.98 -4.35 -30.48
CA PHE A 391 9.33 -5.24 -31.42
C PHE A 391 8.72 -4.48 -32.58
N LYS A 392 8.38 -3.21 -32.38
CA LYS A 392 7.96 -2.39 -33.51
C LYS A 392 9.13 -1.95 -34.37
N ARG A 393 10.34 -1.91 -33.81
CA ARG A 393 11.51 -1.63 -34.63
C ARG A 393 11.87 -2.78 -35.54
N HIS A 394 11.38 -3.98 -35.25
CA HIS A 394 11.66 -5.20 -36.00
C HIS A 394 10.36 -5.84 -36.44
N PHE A 395 9.51 -5.03 -37.06
CA PHE A 395 8.10 -5.38 -37.28
C PHE A 395 7.93 -6.57 -38.21
N THR A 396 8.88 -6.80 -39.12
CA THR A 396 8.77 -7.91 -40.05
C THR A 396 9.54 -9.14 -39.64
N GLN A 397 10.49 -9.02 -38.71
CA GLN A 397 11.34 -10.15 -38.37
C GLN A 397 11.00 -10.79 -37.04
N VAL A 398 10.26 -10.11 -36.17
CA VAL A 398 10.08 -10.54 -34.79
C VAL A 398 8.60 -10.50 -34.45
N GLU A 399 8.07 -11.61 -33.97
CA GLU A 399 6.72 -11.67 -33.44
C GLU A 399 6.77 -12.15 -31.99
N PHE A 400 5.90 -11.60 -31.15
CA PHE A 400 5.81 -11.99 -29.76
C PHE A 400 4.49 -12.68 -29.50
N TYR A 401 4.50 -13.66 -28.60
CA TYR A 401 3.30 -14.36 -28.19
C TYR A 401 3.43 -14.70 -26.72
N GLN A 402 2.48 -14.25 -25.91
CA GLN A 402 2.56 -14.46 -24.46
C GLN A 402 2.04 -15.84 -24.12
N GLY A 403 2.87 -16.63 -23.45
CA GLY A 403 2.45 -17.96 -23.02
C GLY A 403 3.55 -18.58 -22.19
N SER A 404 3.28 -19.80 -21.74
CA SER A 404 4.24 -20.54 -20.93
C SER A 404 4.72 -21.75 -21.71
N VAL A 405 6.03 -21.99 -21.67
CA VAL A 405 6.62 -23.07 -22.45
C VAL A 405 6.27 -24.43 -21.86
N LEU A 406 5.92 -24.48 -20.58
CA LEU A 406 5.49 -25.74 -19.98
C LEU A 406 4.11 -26.15 -20.45
N ASN A 407 3.22 -25.20 -20.69
CA ASN A 407 1.87 -25.51 -21.13
C ASN A 407 1.89 -25.88 -22.61
N PRO A 408 1.48 -27.09 -22.99
CA PRO A 408 1.62 -27.52 -24.39
C PRO A 408 0.64 -26.85 -25.34
N HIS A 409 -0.39 -26.17 -24.86
CA HIS A 409 -1.22 -25.39 -25.75
C HIS A 409 -0.46 -24.18 -26.27
N ASP A 410 0.37 -23.58 -25.42
CA ASP A 410 1.18 -22.46 -25.86
C ASP A 410 2.29 -22.90 -26.80
N LEU A 411 2.79 -24.12 -26.63
CA LEU A 411 3.72 -24.65 -27.61
C LEU A 411 3.03 -24.91 -28.94
N ALA A 412 1.75 -25.27 -28.91
CA ALA A 412 1.01 -25.41 -30.15
C ALA A 412 0.71 -24.07 -30.80
N ARG A 413 0.70 -22.99 -30.02
CA ARG A 413 0.39 -21.69 -30.57
C ARG A 413 1.54 -21.11 -31.37
N VAL A 414 2.78 -21.42 -31.00
CA VAL A 414 3.93 -20.81 -31.65
C VAL A 414 4.45 -21.71 -32.75
N LYS A 415 3.70 -22.77 -33.07
CA LYS A 415 4.03 -23.76 -34.10
C LYS A 415 5.40 -24.37 -33.86
N ILE A 416 5.59 -24.91 -32.65
CA ILE A 416 6.86 -25.52 -32.27
C ILE A 416 7.12 -26.81 -33.03
N GLU A 417 6.10 -27.40 -33.65
CA GLU A 417 6.30 -28.60 -34.44
C GLU A 417 6.96 -28.31 -35.78
N SER A 418 6.85 -27.08 -36.28
CA SER A 418 7.44 -26.71 -37.56
C SER A 418 8.54 -25.68 -37.39
N ALA A 419 8.93 -25.36 -36.16
CA ALA A 419 10.03 -24.45 -35.93
C ALA A 419 11.34 -25.12 -36.29
N ASP A 420 12.30 -24.31 -36.71
CA ASP A 420 13.59 -24.87 -37.09
C ASP A 420 14.43 -25.22 -35.88
N ALA A 421 14.39 -24.38 -34.86
CA ALA A 421 15.09 -24.65 -33.61
C ALA A 421 14.41 -23.88 -32.49
N CYS A 422 14.73 -24.25 -31.26
CA CYS A 422 14.20 -23.55 -30.10
C CYS A 422 15.37 -23.15 -29.21
N LEU A 423 15.37 -21.89 -28.77
CA LEU A 423 16.48 -21.32 -28.02
C LEU A 423 16.00 -20.94 -26.63
N ILE A 424 16.78 -21.29 -25.62
CA ILE A 424 16.41 -21.09 -24.22
C ILE A 424 17.48 -20.21 -23.58
N LEU A 425 17.21 -18.92 -23.48
CA LEU A 425 18.12 -18.02 -22.81
C LEU A 425 18.01 -18.19 -21.30
N ALA A 426 19.12 -17.99 -20.60
CA ALA A 426 19.16 -18.14 -19.16
C ALA A 426 19.47 -16.81 -18.50
N ASN A 427 19.03 -16.66 -17.25
CA ASN A 427 19.30 -15.45 -16.47
C ASN A 427 20.62 -15.65 -15.76
N LYS A 428 21.72 -15.29 -16.43
CA LYS A 428 23.07 -15.63 -15.99
C LYS A 428 23.47 -14.99 -14.66
N TYR A 429 22.72 -14.00 -14.19
CA TYR A 429 22.97 -13.36 -12.91
C TYR A 429 21.87 -13.68 -11.90
N CYS A 430 21.37 -14.91 -11.94
CA CYS A 430 20.34 -15.32 -11.00
C CYS A 430 20.92 -15.54 -9.62
N ALA A 431 20.04 -15.53 -8.62
CA ALA A 431 20.49 -15.63 -7.24
C ALA A 431 20.84 -17.05 -6.84
N ASP A 432 20.18 -18.04 -7.42
CA ASP A 432 20.44 -19.45 -7.12
C ASP A 432 20.65 -20.16 -8.44
N PRO A 433 21.89 -20.56 -8.76
CA PRO A 433 22.15 -21.13 -10.09
C PRO A 433 21.56 -22.52 -10.27
N ASP A 434 21.47 -23.31 -9.21
CA ASP A 434 20.85 -24.62 -9.33
C ASP A 434 19.35 -24.51 -9.55
N ALA A 435 18.74 -23.44 -9.06
CA ALA A 435 17.31 -23.25 -9.25
C ALA A 435 16.97 -22.96 -10.70
N GLU A 436 17.73 -22.09 -11.36
CA GLU A 436 17.41 -21.80 -12.75
C GLU A 436 17.91 -22.91 -13.67
N ASP A 437 18.96 -23.63 -13.28
CA ASP A 437 19.33 -24.82 -14.03
C ASP A 437 18.24 -25.86 -13.95
N ALA A 438 17.57 -25.97 -12.81
CA ALA A 438 16.42 -26.84 -12.69
C ALA A 438 15.27 -26.38 -13.56
N SER A 439 15.03 -25.07 -13.61
CA SER A 439 13.91 -24.54 -14.38
C SER A 439 14.15 -24.72 -15.88
N ASN A 440 15.38 -24.47 -16.34
CA ASN A 440 15.64 -24.62 -17.76
C ASN A 440 15.69 -26.08 -18.17
N ILE A 441 16.09 -26.98 -17.25
CA ILE A 441 15.97 -28.41 -17.52
C ILE A 441 14.52 -28.81 -17.67
N MET A 442 13.64 -28.22 -16.85
CA MET A 442 12.21 -28.46 -16.97
C MET A 442 11.65 -27.94 -18.29
N ARG A 443 12.22 -26.84 -18.81
CA ARG A 443 11.79 -26.34 -20.10
C ARG A 443 12.19 -27.28 -21.23
N VAL A 444 13.39 -27.87 -21.15
CA VAL A 444 13.82 -28.84 -22.16
C VAL A 444 12.93 -30.08 -22.11
N ILE A 445 12.56 -30.51 -20.90
CA ILE A 445 11.67 -31.66 -20.75
C ILE A 445 10.32 -31.38 -21.38
N SER A 446 9.82 -30.15 -21.22
CA SER A 446 8.50 -29.81 -21.76
C SER A 446 8.49 -29.76 -23.28
N ILE A 447 9.53 -29.17 -23.88
CA ILE A 447 9.57 -29.07 -25.34
C ILE A 447 9.81 -30.44 -25.96
N LYS A 448 10.64 -31.26 -25.32
CA LYS A 448 10.84 -32.61 -25.82
C LYS A 448 9.63 -33.49 -25.55
N ASN A 449 8.80 -33.13 -24.58
CA ASN A 449 7.56 -33.87 -24.35
C ASN A 449 6.57 -33.62 -25.47
N TYR A 450 6.46 -32.38 -25.93
CA TYR A 450 5.60 -32.08 -27.06
C TYR A 450 6.16 -32.68 -28.33
N HIS A 451 7.33 -32.24 -28.76
CA HIS A 451 7.91 -32.65 -30.03
C HIS A 451 9.33 -33.09 -29.77
N PRO A 452 9.65 -34.38 -29.93
CA PRO A 452 11.01 -34.84 -29.65
C PRO A 452 12.01 -34.55 -30.74
N LYS A 453 11.56 -34.28 -31.97
CA LYS A 453 12.45 -34.13 -33.11
C LYS A 453 12.81 -32.67 -33.37
N ILE A 454 12.91 -31.86 -32.32
CA ILE A 454 13.26 -30.46 -32.46
C ILE A 454 14.70 -30.27 -31.99
N ARG A 455 15.32 -29.21 -32.47
CA ARG A 455 16.68 -28.86 -32.09
C ARG A 455 16.61 -27.81 -30.98
N ILE A 456 17.06 -28.16 -29.79
CA ILE A 456 17.02 -27.27 -28.65
C ILE A 456 18.42 -26.77 -28.37
N ILE A 457 18.58 -25.46 -28.31
CA ILE A 457 19.82 -24.82 -27.87
C ILE A 457 19.53 -24.14 -26.55
N THR A 458 20.37 -24.39 -25.55
CA THR A 458 20.11 -23.88 -24.21
C THR A 458 21.40 -23.44 -23.56
N GLN A 459 21.27 -22.84 -22.38
CA GLN A 459 22.40 -22.36 -21.61
C GLN A 459 22.32 -22.93 -20.21
N MET A 460 23.40 -23.55 -19.76
CA MET A 460 23.47 -24.09 -18.41
C MET A 460 24.51 -23.30 -17.62
N LEU A 461 24.33 -23.27 -16.30
CA LEU A 461 25.23 -22.48 -15.48
C LEU A 461 26.26 -23.31 -14.71
N GLN A 462 26.02 -24.61 -14.53
CA GLN A 462 27.05 -25.53 -14.05
C GLN A 462 27.20 -26.69 -15.03
N TYR A 463 28.13 -27.58 -14.71
CA TYR A 463 28.43 -28.71 -15.58
C TYR A 463 27.65 -29.96 -15.22
N HIS A 464 27.32 -30.14 -13.94
CA HIS A 464 26.53 -31.31 -13.57
C HIS A 464 25.09 -31.18 -14.04
N ASN A 465 24.56 -29.96 -14.06
CA ASN A 465 23.23 -29.77 -14.62
C ASN A 465 23.24 -29.94 -16.13
N LYS A 466 24.39 -29.71 -16.77
CA LYS A 466 24.53 -30.09 -18.17
C LYS A 466 24.56 -31.61 -18.32
N ALA A 467 25.12 -32.30 -17.33
CA ALA A 467 25.17 -33.75 -17.39
C ALA A 467 23.80 -34.39 -17.24
N HIS A 468 22.88 -33.72 -16.52
CA HIS A 468 21.52 -34.23 -16.40
C HIS A 468 20.75 -34.15 -17.71
N LEU A 469 21.16 -33.30 -18.64
CA LEU A 469 20.42 -33.16 -19.88
C LEU A 469 20.61 -34.33 -20.81
N LEU A 470 21.73 -35.05 -20.72
CA LEU A 470 21.93 -36.19 -21.58
C LEU A 470 21.08 -37.38 -21.18
N ASN A 471 20.63 -37.42 -19.93
CA ASN A 471 19.76 -38.48 -19.45
C ASN A 471 18.35 -38.39 -20.00
N ILE A 472 17.98 -37.27 -20.60
CA ILE A 472 16.65 -37.11 -21.20
C ILE A 472 16.55 -37.99 -22.43
N PRO A 473 15.49 -38.78 -22.59
CA PRO A 473 15.45 -39.80 -23.65
C PRO A 473 15.33 -39.25 -25.07
N SER A 474 15.16 -37.95 -25.25
CA SER A 474 15.09 -37.40 -26.59
C SER A 474 16.18 -36.40 -26.88
N TRP A 475 17.07 -36.14 -25.93
CA TRP A 475 18.15 -35.18 -26.09
C TRP A 475 19.22 -35.79 -26.99
N ASN A 476 19.14 -35.50 -28.28
CA ASN A 476 20.03 -36.11 -29.26
C ASN A 476 20.99 -35.03 -29.78
N TRP A 477 22.21 -35.03 -29.26
CA TRP A 477 23.19 -34.02 -29.67
C TRP A 477 23.70 -34.25 -31.07
N LYS A 478 23.51 -35.44 -31.63
CA LYS A 478 23.95 -35.72 -32.99
C LYS A 478 23.22 -34.86 -33.99
N GLU A 479 21.96 -34.55 -33.74
CA GLU A 479 21.21 -33.68 -34.63
C GLU A 479 21.31 -32.21 -34.25
N GLY A 480 21.87 -31.89 -33.09
CA GLY A 480 22.15 -30.50 -32.79
C GLY A 480 21.59 -29.97 -31.48
N ASP A 481 21.24 -30.84 -30.55
CA ASP A 481 20.85 -30.36 -29.23
C ASP A 481 22.11 -29.98 -28.48
N ASP A 482 22.47 -28.72 -28.55
CA ASP A 482 23.67 -28.23 -27.88
C ASP A 482 23.31 -27.57 -26.57
N ALA A 483 24.14 -27.80 -25.56
CA ALA A 483 24.01 -27.15 -24.26
C ALA A 483 25.23 -26.28 -24.06
N ILE A 484 25.04 -24.96 -24.13
CA ILE A 484 26.14 -24.02 -23.97
C ILE A 484 26.36 -23.81 -22.47
N CYS A 485 27.27 -24.57 -21.89
CA CYS A 485 27.53 -24.46 -20.46
C CYS A 485 28.46 -23.29 -20.22
N LEU A 486 28.02 -22.34 -19.40
CA LEU A 486 28.80 -21.13 -19.20
C LEU A 486 29.93 -21.35 -18.22
N ALA A 487 29.80 -22.30 -17.29
CA ALA A 487 30.89 -22.58 -16.38
C ALA A 487 32.06 -23.25 -17.09
N GLU A 488 31.75 -24.27 -17.90
CA GLU A 488 32.78 -24.97 -18.66
C GLU A 488 33.44 -24.03 -19.67
N LEU A 489 32.66 -23.18 -20.31
CA LEU A 489 33.24 -22.32 -21.33
C LEU A 489 34.04 -21.17 -20.72
N LYS A 490 33.60 -20.60 -19.60
CA LYS A 490 34.38 -19.50 -19.05
C LYS A 490 35.68 -20.00 -18.41
N LEU A 491 35.68 -21.20 -17.82
CA LEU A 491 36.92 -21.69 -17.23
C LEU A 491 37.84 -22.23 -18.28
N GLY A 492 37.30 -22.75 -19.37
CA GLY A 492 38.15 -23.21 -20.44
C GLY A 492 38.78 -22.07 -21.21
N PHE A 493 38.05 -20.97 -21.39
CA PHE A 493 38.62 -19.78 -22.02
C PHE A 493 39.74 -19.21 -21.17
N ILE A 494 39.58 -19.26 -19.85
CA ILE A 494 40.62 -18.79 -18.95
C ILE A 494 41.85 -19.70 -19.01
N ALA A 495 41.64 -21.02 -19.07
CA ALA A 495 42.76 -21.94 -19.08
C ALA A 495 43.52 -21.89 -20.40
N GLN A 496 42.80 -21.73 -21.52
CA GLN A 496 43.50 -21.54 -22.78
C GLN A 496 44.24 -20.22 -22.81
N SER A 497 43.77 -19.23 -22.06
CA SER A 497 44.57 -18.02 -21.92
C SER A 497 45.64 -18.16 -20.85
N CYS A 498 45.60 -19.21 -20.04
CA CYS A 498 46.72 -19.47 -19.15
C CYS A 498 47.92 -19.97 -19.93
N LEU A 499 47.68 -20.62 -21.07
CA LEU A 499 48.79 -21.01 -21.94
C LEU A 499 49.31 -19.82 -22.72
N ALA A 500 48.47 -19.23 -23.56
CA ALA A 500 48.84 -18.07 -24.35
C ALA A 500 47.96 -16.91 -23.90
N GLN A 501 48.58 -15.92 -23.25
CA GLN A 501 47.84 -14.89 -22.56
C GLN A 501 47.14 -13.97 -23.54
N GLY A 502 45.84 -13.77 -23.33
CA GLY A 502 45.04 -12.95 -24.20
C GLY A 502 44.27 -13.71 -25.24
N LEU A 503 44.25 -15.03 -25.17
CA LEU A 503 43.49 -15.81 -26.13
C LEU A 503 41.99 -15.67 -25.90
N SER A 504 41.58 -15.57 -24.64
CA SER A 504 40.16 -15.51 -24.29
C SER A 504 39.49 -14.28 -24.86
N THR A 505 40.22 -13.17 -24.96
CA THR A 505 39.71 -11.99 -25.63
C THR A 505 39.52 -12.25 -27.12
N MET A 506 40.50 -12.92 -27.74
CA MET A 506 40.43 -13.20 -29.17
C MET A 506 39.29 -14.14 -29.50
N LEU A 507 39.11 -15.18 -28.69
CA LEU A 507 38.03 -16.13 -28.92
C LEU A 507 36.67 -15.48 -28.69
N ALA A 508 36.54 -14.67 -27.64
CA ALA A 508 35.27 -14.02 -27.38
C ALA A 508 34.93 -12.97 -28.44
N ASN A 509 35.95 -12.38 -29.05
CA ASN A 509 35.69 -11.45 -30.15
C ASN A 509 35.39 -12.16 -31.45
N LEU A 510 35.70 -13.46 -31.54
CA LEU A 510 35.44 -14.20 -32.77
C LEU A 510 33.98 -14.54 -32.98
N PHE A 511 33.11 -14.30 -32.00
CA PHE A 511 31.71 -14.66 -32.14
C PHE A 511 30.76 -13.48 -32.03
N SER A 512 31.18 -12.36 -31.46
CA SER A 512 30.39 -11.15 -31.53
C SER A 512 30.47 -10.59 -32.93
N MET A 513 29.32 -10.46 -33.59
CA MET A 513 29.29 -9.94 -34.94
C MET A 513 29.56 -8.44 -34.91
N ARG A 514 30.74 -8.04 -35.36
CA ARG A 514 31.13 -6.64 -35.35
C ARG A 514 31.48 -6.20 -36.76
N SER A 515 30.92 -5.07 -37.18
CA SER A 515 31.35 -4.51 -38.45
C SER A 515 32.70 -3.81 -38.27
N PHE A 516 33.29 -3.42 -39.39
CA PHE A 516 34.55 -2.71 -39.34
C PHE A 516 34.32 -1.29 -38.87
N ILE A 517 35.15 -0.87 -37.91
CA ILE A 517 35.14 0.51 -37.43
C ILE A 517 36.51 1.10 -37.76
N LYS A 518 36.51 2.15 -38.58
CA LYS A 518 37.75 2.78 -39.00
C LYS A 518 38.13 3.88 -38.03
N ILE A 519 39.33 3.76 -37.46
CA ILE A 519 39.88 4.75 -36.55
C ILE A 519 40.96 5.52 -37.28
N GLU A 520 40.83 6.85 -37.31
CA GLU A 520 41.76 7.67 -38.08
C GLU A 520 43.07 7.92 -37.34
N GLU A 521 43.06 7.88 -36.01
CA GLU A 521 44.25 8.17 -35.24
C GLU A 521 45.19 6.97 -35.21
N ASP A 522 46.26 7.10 -34.46
CA ASP A 522 47.19 5.99 -34.24
C ASP A 522 47.15 5.66 -32.74
N THR A 523 46.18 4.84 -32.37
CA THR A 523 46.01 4.34 -31.02
C THR A 523 46.15 2.82 -31.04
N TRP A 524 46.11 2.22 -29.86
CA TRP A 524 46.04 0.77 -29.81
C TRP A 524 44.70 0.25 -30.28
N GLN A 525 43.66 1.08 -30.16
CA GLN A 525 42.33 0.67 -30.60
C GLN A 525 42.22 0.57 -32.10
N LYS A 526 43.08 1.30 -32.82
CA LYS A 526 43.01 1.33 -34.29
C LYS A 526 43.35 -0.02 -34.89
N TYR A 527 44.31 -0.72 -34.30
CA TYR A 527 44.64 -2.05 -34.77
C TYR A 527 43.85 -3.13 -34.03
N TYR A 528 43.42 -2.83 -32.81
CA TYR A 528 42.59 -3.78 -32.08
C TYR A 528 41.23 -3.95 -32.75
N LEU A 529 40.63 -2.85 -33.22
CA LEU A 529 39.32 -2.93 -33.85
C LEU A 529 39.38 -3.65 -35.19
N GLU A 530 40.52 -3.57 -35.88
CA GLU A 530 40.69 -4.38 -37.08
C GLU A 530 40.78 -5.85 -36.74
N GLY A 531 41.29 -6.18 -35.56
CA GLY A 531 41.20 -7.56 -35.10
C GLY A 531 39.80 -7.94 -34.67
N VAL A 532 39.02 -6.97 -34.21
CA VAL A 532 37.68 -7.25 -33.71
C VAL A 532 36.74 -7.62 -34.84
N SER A 533 36.89 -6.99 -36.01
CA SER A 533 35.93 -7.13 -37.09
C SER A 533 35.94 -8.51 -37.76
N ASN A 534 36.82 -9.42 -37.37
CA ASN A 534 36.82 -10.77 -37.93
C ASN A 534 35.92 -11.67 -37.10
N GLU A 535 35.23 -12.58 -37.77
CA GLU A 535 34.36 -13.54 -37.11
C GLU A 535 34.65 -14.94 -37.65
N MET A 536 34.27 -15.94 -36.87
CA MET A 536 34.43 -17.32 -37.30
C MET A 536 33.29 -17.73 -38.21
N TYR A 537 33.62 -18.37 -39.33
CA TYR A 537 32.63 -18.79 -40.30
C TYR A 537 32.87 -20.23 -40.69
N THR A 538 31.94 -20.76 -41.48
CA THR A 538 31.96 -22.17 -41.88
C THR A 538 31.58 -22.26 -43.35
N GLU A 539 32.33 -23.05 -44.11
CA GLU A 539 32.07 -23.14 -45.54
C GLU A 539 32.65 -24.45 -46.06
N TYR A 540 32.04 -24.98 -47.12
CA TYR A 540 32.62 -26.09 -47.85
C TYR A 540 33.71 -25.57 -48.78
N LEU A 541 34.49 -26.51 -49.30
CA LEU A 541 35.65 -26.16 -50.11
C LEU A 541 35.37 -26.44 -51.59
N SER A 542 36.22 -25.87 -52.44
CA SER A 542 36.16 -26.12 -53.87
C SER A 542 36.52 -27.57 -54.18
N SER A 543 36.13 -28.01 -55.37
CA SER A 543 36.63 -29.27 -55.88
C SER A 543 38.09 -29.17 -56.29
N ALA A 544 38.56 -27.95 -56.57
CA ALA A 544 39.95 -27.76 -56.97
C ALA A 544 40.92 -27.94 -55.81
N PHE A 545 40.44 -27.90 -54.57
CA PHE A 545 41.32 -28.09 -53.42
C PHE A 545 41.46 -29.55 -53.02
N VAL A 546 40.61 -30.43 -53.57
CA VAL A 546 40.63 -31.84 -53.19
C VAL A 546 41.92 -32.49 -53.67
N GLY A 547 42.51 -33.32 -52.81
CA GLY A 547 43.77 -33.95 -53.12
C GLY A 547 44.99 -33.17 -52.67
N LEU A 548 44.84 -31.89 -52.36
CA LEU A 548 45.95 -31.11 -51.87
C LEU A 548 46.16 -31.36 -50.39
N SER A 549 47.24 -30.81 -49.86
CA SER A 549 47.51 -30.94 -48.43
C SER A 549 46.92 -29.77 -47.67
N PHE A 550 46.71 -29.98 -46.37
CA PHE A 550 46.17 -28.93 -45.51
C PHE A 550 47.06 -27.69 -45.42
N PRO A 551 48.39 -27.76 -45.22
CA PRO A 551 49.16 -26.51 -45.25
C PRO A 551 49.18 -25.84 -46.61
N THR A 552 48.98 -26.60 -47.68
CA THR A 552 48.92 -26.02 -49.01
C THR A 552 47.68 -25.15 -49.17
N VAL A 553 46.52 -25.67 -48.79
CA VAL A 553 45.28 -24.93 -49.01
C VAL A 553 45.17 -23.74 -48.07
N CYS A 554 45.71 -23.86 -46.85
CA CYS A 554 45.73 -22.69 -45.96
C CYS A 554 46.65 -21.61 -46.49
N GLU A 555 47.79 -21.98 -47.07
CA GLU A 555 48.69 -20.99 -47.62
C GLU A 555 48.08 -20.27 -48.82
N LEU A 556 47.46 -21.03 -49.73
CA LEU A 556 46.96 -20.41 -50.94
C LEU A 556 45.67 -19.62 -50.71
N CYS A 557 44.83 -20.03 -49.76
CA CYS A 557 43.65 -19.21 -49.47
C CYS A 557 44.05 -17.94 -48.76
N PHE A 558 45.14 -17.98 -47.98
CA PHE A 558 45.65 -16.78 -47.34
C PHE A 558 46.19 -15.79 -48.37
N VAL A 559 46.93 -16.27 -49.37
CA VAL A 559 47.61 -15.34 -50.26
C VAL A 559 46.74 -14.92 -51.44
N LYS A 560 45.78 -15.75 -51.85
CA LYS A 560 44.93 -15.43 -52.98
C LYS A 560 43.55 -14.94 -52.54
N LEU A 561 42.93 -15.63 -51.60
CA LEU A 561 41.57 -15.30 -51.20
C LEU A 561 41.52 -14.44 -49.94
N LYS A 562 42.66 -14.27 -49.27
CA LYS A 562 42.78 -13.48 -48.04
C LYS A 562 41.84 -13.97 -46.94
N LEU A 563 41.76 -15.29 -46.78
CA LEU A 563 41.00 -15.89 -45.70
C LEU A 563 41.92 -16.78 -44.87
N LEU A 564 41.66 -16.86 -43.59
CA LEU A 564 42.45 -17.66 -42.67
C LEU A 564 41.65 -18.90 -42.29
N MET A 565 42.07 -20.05 -42.81
CA MET A 565 41.45 -21.31 -42.45
C MET A 565 42.07 -21.84 -41.16
N ILE A 566 41.25 -22.45 -40.30
CA ILE A 566 41.73 -22.90 -39.00
C ILE A 566 41.62 -24.41 -38.91
N ALA A 567 40.41 -24.93 -39.03
CA ALA A 567 40.21 -26.37 -38.87
C ALA A 567 39.45 -26.94 -40.06
N ILE A 568 39.02 -28.19 -39.95
CA ILE A 568 38.53 -28.94 -41.11
C ILE A 568 37.48 -29.92 -40.63
N GLU A 569 36.67 -30.41 -41.57
CA GLU A 569 35.78 -31.54 -41.29
C GLU A 569 35.63 -32.41 -42.52
N SER A 577 38.02 -36.51 -41.75
CA SER A 577 36.78 -35.76 -41.96
C SER A 577 36.07 -35.49 -40.65
N ARG A 578 36.81 -35.56 -39.55
CA ARG A 578 36.29 -35.21 -38.24
C ARG A 578 36.65 -33.75 -37.94
N ILE A 579 36.44 -33.29 -36.71
CA ILE A 579 36.47 -31.87 -36.42
C ILE A 579 37.84 -31.48 -35.85
N LEU A 580 38.84 -32.28 -36.15
CA LEU A 580 40.20 -32.03 -35.66
C LEU A 580 40.78 -30.76 -36.24
N ILE A 581 41.51 -30.01 -35.41
CA ILE A 581 42.07 -28.72 -35.76
C ILE A 581 43.49 -28.90 -36.25
N ASN A 582 43.82 -28.23 -37.35
CA ASN A 582 45.16 -28.11 -37.93
C ASN A 582 45.84 -29.45 -38.18
N PRO A 583 45.42 -30.23 -39.16
CA PRO A 583 46.15 -31.47 -39.45
C PRO A 583 47.47 -31.17 -40.14
N GLY A 584 48.33 -32.18 -40.15
CA GLY A 584 49.64 -32.03 -40.75
C GLY A 584 49.59 -32.03 -42.27
N ASN A 585 50.78 -32.10 -42.86
CA ASN A 585 50.89 -32.21 -44.31
C ASN A 585 50.58 -33.61 -44.80
N HIS A 586 50.52 -34.59 -43.91
CA HIS A 586 50.26 -35.96 -44.33
C HIS A 586 48.78 -36.19 -44.66
N LEU A 587 47.88 -35.41 -44.09
CA LEU A 587 46.46 -35.57 -44.36
C LEU A 587 46.07 -34.71 -45.54
N LYS A 588 45.38 -35.31 -46.50
CA LYS A 588 44.99 -34.63 -47.73
C LYS A 588 43.52 -34.24 -47.68
N ILE A 589 43.14 -33.37 -48.60
CA ILE A 589 41.79 -32.83 -48.65
C ILE A 589 40.85 -33.88 -49.24
N GLN A 590 39.91 -34.35 -48.44
CA GLN A 590 38.83 -35.19 -48.93
C GLN A 590 37.83 -34.32 -49.70
N GLU A 591 37.08 -34.94 -50.59
CA GLU A 591 36.03 -34.21 -51.28
C GLU A 591 34.82 -34.07 -50.35
N GLY A 592 34.34 -32.84 -50.19
CA GLY A 592 33.21 -32.58 -49.33
C GLY A 592 33.60 -32.37 -47.89
N THR A 593 34.49 -31.42 -47.64
CA THR A 593 34.90 -31.07 -46.30
C THR A 593 34.44 -29.67 -45.94
N LEU A 594 34.25 -29.47 -44.64
CA LEU A 594 33.86 -28.18 -44.09
C LEU A 594 35.11 -27.44 -43.64
N GLY A 595 35.23 -26.19 -44.08
CA GLY A 595 36.34 -25.36 -43.66
C GLY A 595 35.91 -24.32 -42.64
N PHE A 596 36.50 -24.36 -41.45
CA PHE A 596 36.27 -23.31 -40.47
C PHE A 596 37.21 -22.15 -40.78
N PHE A 597 36.66 -20.99 -41.06
CA PHE A 597 37.46 -19.85 -41.48
C PHE A 597 37.33 -18.70 -40.50
N ILE A 598 38.18 -17.70 -40.69
CA ILE A 598 38.13 -16.45 -39.95
C ILE A 598 38.20 -15.33 -40.98
N ALA A 599 37.13 -14.59 -41.13
CA ALA A 599 37.11 -13.50 -42.10
C ALA A 599 36.22 -12.40 -41.57
N SER A 600 36.22 -11.27 -42.26
CA SER A 600 35.47 -10.11 -41.81
C SER A 600 34.00 -10.17 -42.15
N ASP A 601 33.59 -11.12 -42.99
CA ASP A 601 32.25 -11.08 -43.56
C ASP A 601 31.89 -12.49 -44.02
N ALA A 602 30.68 -12.64 -44.56
CA ALA A 602 30.22 -13.92 -45.06
C ALA A 602 30.37 -14.05 -46.57
N LYS A 603 30.19 -12.98 -47.32
CA LYS A 603 30.41 -13.07 -48.76
C LYS A 603 31.88 -13.15 -49.11
N GLU A 604 32.78 -12.84 -48.15
CA GLU A 604 34.19 -13.13 -48.36
C GLU A 604 34.46 -14.61 -48.32
N VAL A 605 33.85 -15.34 -47.38
CA VAL A 605 34.09 -16.77 -47.29
C VAL A 605 33.26 -17.55 -48.30
N LYS A 606 32.39 -16.85 -49.06
CA LYS A 606 31.77 -17.49 -50.21
C LYS A 606 32.77 -17.85 -51.31
N ARG A 607 33.95 -17.25 -51.32
CA ARG A 607 35.01 -17.61 -52.25
C ARG A 607 35.83 -18.81 -51.80
N ALA A 608 35.40 -19.50 -50.75
CA ALA A 608 36.12 -20.68 -50.30
C ALA A 608 35.77 -21.91 -51.11
N PHE A 609 34.62 -21.93 -51.77
CA PHE A 609 34.29 -22.99 -52.70
C PHE A 609 34.00 -22.46 -54.10
N PHE A 610 34.06 -21.15 -54.30
CA PHE A 610 33.93 -20.54 -55.62
C PHE A 610 35.30 -20.37 -56.28
N TYR A 611 36.10 -21.43 -56.33
CA TYR A 611 37.45 -21.33 -56.87
C TYR A 611 37.72 -22.46 -57.84
N CYS A 612 38.05 -22.11 -59.08
CA CYS A 612 38.52 -23.06 -60.07
C CYS A 612 39.72 -22.54 -60.84
N LYS A 613 39.95 -21.22 -60.86
CA LYS A 613 40.86 -20.51 -61.78
C LYS A 613 40.53 -20.80 -63.24
N ALA A 614 39.26 -21.07 -63.52
CA ALA A 614 38.68 -21.37 -64.82
C ALA A 614 37.17 -21.39 -64.60
N CYS A 615 36.43 -21.65 -65.68
CA CYS A 615 34.96 -21.70 -65.72
C CYS A 615 34.29 -20.45 -65.17
N SER A 681 55.62 -50.39 -17.61
CA SER A 681 54.78 -49.88 -18.69
C SER A 681 53.30 -50.13 -18.38
N ASN A 682 53.03 -50.63 -17.18
CA ASN A 682 51.68 -50.90 -16.74
C ASN A 682 51.04 -49.73 -16.00
N VAL A 683 51.80 -48.66 -15.76
CA VAL A 683 51.32 -47.55 -14.95
C VAL A 683 50.33 -46.70 -15.75
N LYS A 684 49.40 -46.09 -15.03
CA LYS A 684 48.32 -45.31 -15.64
C LYS A 684 48.78 -43.87 -15.78
N LYS A 685 49.30 -43.54 -16.97
CA LYS A 685 49.77 -42.19 -17.25
C LYS A 685 48.72 -41.30 -17.90
N TYR A 686 47.58 -41.86 -18.30
CA TYR A 686 46.53 -41.10 -18.95
C TYR A 686 45.20 -41.59 -18.42
N ASP A 687 44.12 -41.08 -19.00
CA ASP A 687 42.78 -41.47 -18.60
C ASP A 687 42.37 -42.72 -19.38
N SER A 688 41.09 -43.10 -19.24
CA SER A 688 40.57 -44.25 -19.98
C SER A 688 40.42 -43.99 -21.47
N THR A 689 40.44 -42.72 -21.90
CA THR A 689 40.26 -42.39 -23.29
C THR A 689 41.55 -41.96 -23.98
N GLY A 690 42.56 -41.56 -23.22
CA GLY A 690 43.79 -41.09 -23.80
C GLY A 690 43.83 -39.62 -24.11
N MET A 691 42.93 -38.83 -23.54
CA MET A 691 42.85 -37.40 -23.86
C MET A 691 43.52 -36.52 -22.83
N PHE A 692 43.56 -36.93 -21.56
CA PHE A 692 44.14 -36.14 -20.50
C PHE A 692 45.23 -36.93 -19.80
N HIS A 693 45.93 -36.25 -18.89
CA HIS A 693 46.81 -36.95 -17.97
C HIS A 693 46.01 -37.38 -16.75
N TRP A 694 46.53 -38.37 -16.03
CA TRP A 694 45.80 -38.92 -14.90
C TRP A 694 46.80 -39.52 -13.94
N CYS A 695 46.52 -39.42 -12.65
CA CYS A 695 47.37 -39.99 -11.62
C CYS A 695 46.49 -40.69 -10.60
N ALA A 696 47.13 -41.30 -9.61
CA ALA A 696 46.43 -42.05 -8.59
C ALA A 696 45.59 -41.11 -7.72
N PRO A 697 44.43 -41.57 -7.27
CA PRO A 697 43.54 -40.72 -6.45
C PRO A 697 44.13 -40.39 -5.09
N LYS A 698 44.58 -39.16 -4.93
CA LYS A 698 45.32 -38.78 -3.73
C LYS A 698 44.37 -38.48 -2.58
N GLU A 699 44.95 -38.31 -1.41
CA GLU A 699 44.27 -37.81 -0.23
C GLU A 699 44.58 -36.32 -0.12
N ILE A 700 43.66 -35.55 0.48
CA ILE A 700 43.74 -34.11 0.44
C ILE A 700 44.90 -33.56 1.27
N GLU A 701 45.44 -34.34 2.20
CA GLU A 701 46.61 -33.89 2.93
C GLU A 701 47.88 -33.97 2.11
N LYS A 702 47.89 -34.81 1.08
CA LYS A 702 49.08 -34.96 0.24
C LYS A 702 49.35 -33.75 -0.64
N VAL A 703 48.38 -32.85 -0.80
CA VAL A 703 48.56 -31.68 -1.62
C VAL A 703 48.42 -30.38 -0.84
N ILE A 704 47.87 -30.42 0.37
CA ILE A 704 47.80 -29.22 1.20
C ILE A 704 49.20 -28.85 1.65
N LEU A 705 49.59 -27.62 1.38
CA LEU A 705 50.86 -27.08 1.84
C LEU A 705 50.59 -25.99 2.85
N THR A 706 51.44 -25.90 3.87
CA THR A 706 51.41 -24.73 4.72
C THR A 706 52.27 -23.65 4.08
N ARG A 707 52.34 -22.48 4.73
CA ARG A 707 53.03 -21.35 4.13
C ARG A 707 54.53 -21.55 4.09
N SER A 708 55.08 -22.23 5.09
CA SER A 708 56.51 -22.55 5.07
C SER A 708 56.82 -23.61 4.02
N GLU A 709 55.90 -24.59 3.86
CA GLU A 709 56.10 -25.62 2.87
C GLU A 709 56.01 -25.06 1.46
N ALA A 710 55.12 -24.11 1.25
CA ALA A 710 55.05 -23.45 -0.05
C ALA A 710 56.23 -22.52 -0.27
N ALA A 711 56.80 -21.98 0.81
CA ALA A 711 57.98 -21.16 0.69
C ALA A 711 59.20 -21.98 0.29
N MET A 712 59.26 -23.23 0.74
CA MET A 712 60.39 -24.09 0.40
C MET A 712 60.35 -24.52 -1.06
N THR A 713 59.18 -24.92 -1.54
CA THR A 713 59.06 -25.43 -2.90
C THR A 713 59.11 -24.27 -3.89
N VAL A 714 60.15 -24.24 -4.70
CA VAL A 714 60.25 -23.23 -5.74
C VAL A 714 59.26 -23.55 -6.86
N LEU A 715 58.43 -22.58 -7.21
CA LEU A 715 57.44 -22.73 -8.26
C LEU A 715 57.64 -21.62 -9.27
N SER A 716 58.04 -21.99 -10.48
CA SER A 716 58.18 -21.03 -11.57
C SER A 716 57.38 -21.53 -12.75
N GLY A 717 56.83 -20.60 -13.53
CA GLY A 717 56.03 -20.95 -14.70
C GLY A 717 54.76 -21.68 -14.34
N HIS A 718 54.22 -21.40 -13.15
CA HIS A 718 53.08 -22.11 -12.62
C HIS A 718 51.84 -21.23 -12.68
N VAL A 719 50.71 -21.79 -12.24
CA VAL A 719 49.43 -21.08 -12.28
C VAL A 719 48.87 -20.98 -10.87
N VAL A 720 48.58 -19.76 -10.44
CA VAL A 720 48.04 -19.53 -9.11
C VAL A 720 46.57 -19.16 -9.22
N VAL A 721 45.70 -19.98 -8.65
CA VAL A 721 44.26 -19.79 -8.74
C VAL A 721 43.77 -19.29 -7.39
N CYS A 722 43.52 -18.00 -7.29
CA CYS A 722 42.96 -17.40 -6.09
C CYS A 722 41.45 -17.55 -6.11
N ILE A 723 40.88 -17.95 -4.98
CA ILE A 723 39.47 -18.29 -4.90
C ILE A 723 38.88 -17.65 -3.65
N PHE A 724 37.82 -16.85 -3.83
CA PHE A 724 37.08 -16.28 -2.71
C PHE A 724 35.84 -17.14 -2.48
N GLY A 725 36.03 -18.24 -1.75
CA GLY A 725 34.98 -19.19 -1.51
C GLY A 725 34.52 -19.21 -0.06
N ASP A 726 33.58 -20.11 0.20
CA ASP A 726 32.98 -20.28 1.52
C ASP A 726 32.34 -21.65 1.58
N VAL A 727 31.74 -21.94 2.74
CA VAL A 727 30.97 -23.17 2.87
C VAL A 727 29.66 -23.06 2.09
N SER A 728 29.08 -21.87 2.03
CA SER A 728 27.72 -21.70 1.52
C SER A 728 27.68 -21.36 0.04
N SER A 729 28.79 -20.93 -0.54
CA SER A 729 28.79 -20.49 -1.92
C SER A 729 28.66 -21.67 -2.88
N ALA A 730 28.16 -21.38 -4.07
CA ALA A 730 27.94 -22.41 -5.06
C ALA A 730 29.27 -22.89 -5.64
N LEU A 731 29.28 -24.12 -6.14
CA LEU A 731 30.50 -24.70 -6.66
C LEU A 731 30.85 -24.09 -8.01
N ILE A 732 32.12 -23.71 -8.17
CA ILE A 732 32.57 -23.14 -9.43
C ILE A 732 32.67 -24.23 -10.50
N GLY A 733 33.21 -25.38 -10.14
CA GLY A 733 33.41 -26.42 -11.14
C GLY A 733 34.81 -26.37 -11.68
N LEU A 734 35.80 -26.39 -10.79
CA LEU A 734 37.20 -26.17 -11.14
C LEU A 734 37.81 -27.26 -12.00
N ARG A 735 37.12 -28.40 -12.17
CA ARG A 735 37.60 -29.42 -13.10
C ARG A 735 37.65 -28.89 -14.51
N ASN A 736 36.73 -28.00 -14.88
CA ASN A 736 36.75 -27.42 -16.21
C ASN A 736 37.86 -26.40 -16.40
N LEU A 737 38.51 -25.97 -15.31
CA LEU A 737 39.70 -25.15 -15.40
C LEU A 737 40.97 -25.99 -15.43
N VAL A 738 40.99 -27.08 -14.67
CA VAL A 738 42.19 -27.89 -14.55
C VAL A 738 42.37 -28.79 -15.76
N MET A 739 41.27 -29.35 -16.27
CA MET A 739 41.33 -30.29 -17.39
C MET A 739 41.96 -29.76 -18.69
N PRO A 740 41.79 -28.50 -19.12
CA PRO A 740 42.55 -28.06 -20.29
C PRO A 740 44.02 -27.85 -20.01
N LEU A 741 44.42 -27.76 -18.75
CA LEU A 741 45.82 -27.67 -18.40
C LEU A 741 46.44 -29.02 -18.13
N ARG A 742 45.72 -30.10 -18.40
CA ARG A 742 46.24 -31.46 -18.23
C ARG A 742 46.01 -32.27 -19.49
N ALA A 743 45.93 -31.61 -20.64
CA ALA A 743 45.71 -32.30 -21.89
C ALA A 743 46.96 -33.05 -22.33
N SER A 744 46.77 -34.14 -23.06
CA SER A 744 47.89 -35.01 -23.37
C SER A 744 48.73 -34.53 -24.54
N ASN A 745 48.43 -33.38 -25.14
CA ASN A 745 49.38 -32.84 -26.11
C ASN A 745 50.45 -31.98 -25.45
N PHE A 746 50.57 -32.06 -24.13
CA PHE A 746 51.70 -31.54 -23.40
C PHE A 746 52.50 -32.70 -22.83
N HIS A 747 53.82 -32.57 -22.82
CA HIS A 747 54.62 -33.52 -22.09
C HIS A 747 54.49 -33.29 -20.60
N TYR A 748 54.87 -34.29 -19.81
CA TYR A 748 54.74 -34.22 -18.37
C TYR A 748 55.66 -33.16 -17.76
N HIS A 749 56.78 -32.87 -18.42
CA HIS A 749 57.59 -31.76 -17.96
C HIS A 749 57.04 -30.42 -18.43
N GLU A 750 56.23 -30.41 -19.49
CA GLU A 750 55.65 -29.17 -20.00
C GLU A 750 54.36 -28.78 -19.30
N LEU A 751 53.91 -29.56 -18.32
CA LEU A 751 52.73 -29.19 -17.57
C LEU A 751 53.04 -28.01 -16.66
N LYS A 752 51.98 -27.35 -16.21
CA LYS A 752 52.10 -26.21 -15.31
C LYS A 752 51.53 -26.58 -13.96
N HIS A 753 52.28 -26.27 -12.91
CA HIS A 753 51.81 -26.54 -11.56
C HIS A 753 50.68 -25.59 -11.19
N ILE A 754 49.69 -26.11 -10.47
CA ILE A 754 48.51 -25.36 -10.11
C ILE A 754 48.38 -25.36 -8.60
N VAL A 755 48.35 -24.18 -8.01
CA VAL A 755 48.18 -24.02 -6.57
C VAL A 755 46.94 -23.17 -6.32
N PHE A 756 46.06 -23.67 -5.46
CA PHE A 756 44.82 -22.99 -5.12
C PHE A 756 45.02 -22.25 -3.81
N VAL A 757 44.86 -20.94 -3.83
CA VAL A 757 44.96 -20.11 -2.64
C VAL A 757 43.55 -19.67 -2.26
N GLY A 758 43.06 -20.16 -1.13
CA GLY A 758 41.73 -19.81 -0.71
C GLY A 758 41.37 -20.51 0.58
N SER A 759 40.08 -20.51 0.90
CA SER A 759 39.62 -21.19 2.10
C SER A 759 39.61 -22.69 1.88
N ILE A 760 40.03 -23.43 2.90
CA ILE A 760 40.12 -24.88 2.78
C ILE A 760 38.74 -25.54 2.82
N GLU A 761 37.72 -24.83 3.31
CA GLU A 761 36.38 -25.41 3.38
C GLU A 761 35.80 -25.56 1.98
N TYR A 762 35.89 -24.50 1.18
CA TYR A 762 35.37 -24.53 -0.18
C TYR A 762 36.13 -25.53 -1.04
N LEU A 763 37.45 -25.58 -0.87
CA LEU A 763 38.26 -26.55 -1.60
C LEU A 763 37.97 -27.97 -1.13
N LYS A 764 37.58 -28.14 0.13
CA LYS A 764 37.15 -29.46 0.61
C LYS A 764 35.87 -29.89 -0.09
N ARG A 765 34.97 -28.94 -0.37
CA ARG A 765 33.75 -29.27 -1.08
C ARG A 765 34.01 -29.65 -2.52
N GLU A 766 35.13 -29.19 -3.10
CA GLU A 766 35.34 -29.37 -4.52
C GLU A 766 36.43 -30.37 -4.87
N TRP A 767 37.23 -30.84 -3.90
CA TRP A 767 38.43 -31.57 -4.25
C TRP A 767 38.18 -32.97 -4.80
N GLU A 768 36.99 -33.53 -4.57
CA GLU A 768 36.72 -34.89 -5.04
C GLU A 768 36.55 -34.99 -6.55
N THR A 769 36.60 -33.88 -7.29
CA THR A 769 36.66 -33.91 -8.74
C THR A 769 38.05 -33.64 -9.27
N LEU A 770 38.91 -33.01 -8.48
CA LEU A 770 40.25 -32.64 -8.89
C LEU A 770 41.30 -33.66 -8.49
N HIS A 771 40.93 -34.67 -7.73
CA HIS A 771 41.89 -35.48 -7.01
C HIS A 771 42.56 -36.55 -7.86
N ASN A 772 42.49 -36.46 -9.18
CA ASN A 772 43.15 -37.41 -10.06
C ASN A 772 44.02 -36.68 -11.07
N PHE A 773 44.64 -35.58 -10.64
CA PHE A 773 45.47 -34.79 -11.52
C PHE A 773 46.86 -34.63 -10.91
N PRO A 774 47.91 -34.61 -11.75
CA PRO A 774 49.29 -34.75 -11.23
C PRO A 774 49.83 -33.62 -10.38
N LYS A 775 49.77 -32.38 -10.87
CA LYS A 775 50.57 -31.29 -10.32
C LYS A 775 49.72 -30.22 -9.66
N VAL A 776 48.76 -30.63 -8.86
CA VAL A 776 47.84 -29.72 -8.19
C VAL A 776 48.29 -29.58 -6.74
N SER A 777 48.37 -28.34 -6.25
CA SER A 777 48.66 -28.06 -4.85
C SER A 777 47.58 -27.16 -4.29
N ILE A 778 47.55 -27.04 -2.96
CA ILE A 778 46.55 -26.24 -2.26
C ILE A 778 47.24 -25.52 -1.10
N LEU A 779 47.13 -24.20 -1.08
CA LEU A 779 47.55 -23.43 0.09
C LEU A 779 46.32 -22.85 0.76
N PRO A 780 45.92 -23.36 1.91
CA PRO A 780 44.72 -22.85 2.59
C PRO A 780 44.93 -21.50 3.28
N GLY A 781 44.80 -20.44 2.49
CA GLY A 781 44.94 -19.10 3.03
C GLY A 781 43.90 -18.13 2.54
N THR A 782 44.34 -16.95 2.10
CA THR A 782 43.50 -15.87 1.64
C THR A 782 44.20 -15.21 0.47
N PRO A 783 43.47 -14.88 -0.60
CA PRO A 783 44.10 -14.17 -1.72
C PRO A 783 44.50 -12.75 -1.40
N LEU A 784 43.86 -12.12 -0.42
CA LEU A 784 44.22 -10.76 -0.07
C LEU A 784 45.44 -10.70 0.83
N SER A 785 45.80 -11.81 1.46
CA SER A 785 46.97 -11.82 2.33
C SER A 785 48.23 -11.82 1.48
N ARG A 786 49.05 -10.79 1.63
CA ARG A 786 50.23 -10.62 0.81
C ARG A 786 51.32 -11.65 1.15
N ALA A 787 51.29 -12.19 2.37
CA ALA A 787 52.28 -13.19 2.77
C ALA A 787 52.13 -14.48 1.98
N ASP A 788 50.89 -14.94 1.78
CA ASP A 788 50.67 -16.17 1.04
C ASP A 788 51.01 -16.00 -0.44
N LEU A 789 50.80 -14.82 -0.99
CA LEU A 789 51.16 -14.61 -2.39
C LEU A 789 52.67 -14.52 -2.56
N ARG A 790 53.38 -14.04 -1.54
CA ARG A 790 54.83 -14.09 -1.61
C ARG A 790 55.35 -15.50 -1.45
N ALA A 791 54.61 -16.34 -0.73
CA ALA A 791 55.06 -17.72 -0.50
C ALA A 791 54.95 -18.57 -1.76
N VAL A 792 54.01 -18.26 -2.64
CA VAL A 792 53.77 -19.09 -3.80
C VAL A 792 54.51 -18.53 -5.01
N ASN A 793 55.34 -17.51 -4.77
CA ASN A 793 56.17 -16.86 -5.78
C ASN A 793 55.34 -16.31 -6.93
N ILE A 794 54.47 -15.34 -6.58
CA ILE A 794 53.51 -14.80 -7.53
C ILE A 794 54.19 -13.99 -8.63
N ASN A 795 55.43 -13.56 -8.42
CA ASN A 795 56.16 -12.86 -9.46
C ASN A 795 56.64 -13.79 -10.56
N LEU A 796 56.70 -15.10 -10.30
CA LEU A 796 57.26 -16.04 -11.24
C LEU A 796 56.21 -16.90 -11.92
N CYS A 797 54.93 -16.68 -11.61
CA CYS A 797 53.85 -17.50 -12.16
C CYS A 797 53.63 -17.14 -13.61
N ASP A 798 52.99 -18.05 -14.35
CA ASP A 798 52.68 -17.78 -15.75
C ASP A 798 51.32 -17.09 -15.89
N MET A 799 50.44 -17.32 -14.92
CA MET A 799 49.14 -16.67 -14.87
C MET A 799 48.61 -16.73 -13.45
N CYS A 800 47.97 -15.65 -13.01
CA CYS A 800 47.24 -15.62 -11.75
C CYS A 800 45.77 -15.42 -12.06
N VAL A 801 44.95 -16.36 -11.65
CA VAL A 801 43.53 -16.38 -11.99
C VAL A 801 42.73 -16.09 -10.74
N ILE A 802 41.90 -15.06 -10.80
CA ILE A 802 41.11 -14.62 -9.66
C ILE A 802 39.64 -14.88 -9.96
N LEU A 803 39.08 -15.86 -9.28
CA LEU A 803 37.67 -16.19 -9.41
C LEU A 803 36.98 -15.96 -8.08
N SER A 804 35.65 -15.97 -8.11
CA SER A 804 34.86 -15.83 -6.90
C SER A 804 33.60 -16.67 -7.04
N ALA A 805 33.35 -17.48 -6.02
CA ALA A 805 32.13 -18.28 -5.96
C ALA A 805 30.96 -17.51 -5.37
N ASN A 806 31.21 -16.30 -4.86
CA ASN A 806 30.18 -15.45 -4.28
C ASN A 806 29.61 -14.50 -5.33
N GLN A 807 29.59 -14.96 -6.58
CA GLN A 807 29.17 -14.15 -7.72
C GLN A 807 27.67 -14.22 -7.95
N ASN A 808 26.93 -14.88 -7.06
CA ASN A 808 25.51 -15.10 -7.30
C ASN A 808 24.66 -14.84 -6.07
N ASN A 809 25.23 -14.84 -4.88
CA ASN A 809 24.43 -14.75 -3.66
C ASN A 809 24.50 -13.40 -2.98
N ILE A 810 25.41 -12.50 -3.36
CA ILE A 810 25.46 -11.16 -2.82
C ILE A 810 24.37 -10.31 -3.46
N ASP A 811 23.59 -9.61 -2.64
CA ASP A 811 22.60 -8.66 -3.12
C ASP A 811 23.00 -7.29 -2.61
N ASP A 812 23.94 -6.65 -3.31
CA ASP A 812 24.25 -5.26 -3.03
C ASP A 812 24.30 -4.53 -4.37
N THR A 813 24.69 -5.27 -5.42
CA THR A 813 24.94 -4.78 -6.79
C THR A 813 25.86 -3.55 -6.82
N SER A 814 26.78 -3.50 -5.86
CA SER A 814 27.76 -2.42 -5.82
C SER A 814 29.15 -2.98 -5.55
N LEU A 815 29.21 -4.11 -4.85
CA LEU A 815 30.48 -4.68 -4.40
C LEU A 815 30.46 -6.19 -4.59
N GLN A 816 29.84 -6.64 -5.68
CA GLN A 816 29.91 -8.03 -6.07
C GLN A 816 31.34 -8.38 -6.46
N ASP A 817 31.98 -7.49 -7.20
CA ASP A 817 33.35 -7.69 -7.63
C ASP A 817 34.32 -6.95 -6.73
N LYS A 818 34.00 -6.85 -5.45
CA LYS A 818 34.84 -6.10 -4.53
C LYS A 818 36.13 -6.87 -4.24
N GLU A 819 35.99 -8.17 -3.99
CA GLU A 819 37.14 -8.98 -3.61
C GLU A 819 38.10 -9.14 -4.77
N CYS A 820 37.57 -9.34 -5.97
CA CYS A 820 38.42 -9.57 -7.14
C CYS A 820 39.17 -8.30 -7.52
N ILE A 821 38.55 -7.15 -7.37
CA ILE A 821 39.21 -5.90 -7.68
C ILE A 821 40.27 -5.59 -6.65
N LEU A 822 39.98 -5.87 -5.37
CA LEU A 822 40.97 -5.64 -4.32
C LEU A 822 42.16 -6.58 -4.46
N ALA A 823 41.92 -7.83 -4.85
CA ALA A 823 43.01 -8.77 -5.02
C ALA A 823 43.86 -8.40 -6.23
N SER A 824 43.22 -7.91 -7.29
CA SER A 824 43.96 -7.48 -8.47
C SER A 824 44.87 -6.30 -8.16
N LEU A 825 44.35 -5.31 -7.43
CA LEU A 825 45.17 -4.17 -7.07
C LEU A 825 46.22 -4.52 -6.04
N ASN A 826 45.95 -5.53 -5.21
CA ASN A 826 46.94 -5.97 -4.23
C ASN A 826 48.14 -6.59 -4.90
N ILE A 827 47.91 -7.39 -5.95
CA ILE A 827 49.04 -7.94 -6.69
C ILE A 827 49.70 -6.87 -7.53
N LYS A 828 48.91 -5.90 -8.02
CA LYS A 828 49.47 -4.83 -8.84
C LYS A 828 50.31 -3.84 -8.05
N SER A 829 50.32 -3.91 -6.73
CA SER A 829 51.11 -2.97 -5.94
C SER A 829 52.22 -3.63 -5.14
N MET A 830 52.43 -4.93 -5.27
CA MET A 830 53.49 -5.58 -4.52
C MET A 830 54.85 -5.27 -5.16
N GLN A 831 55.90 -5.54 -4.39
CA GLN A 831 57.26 -5.32 -4.87
C GLN A 831 58.16 -6.44 -4.40
N PHE A 832 59.15 -6.76 -5.22
CA PHE A 832 60.04 -7.88 -4.98
C PHE A 832 61.47 -7.44 -5.17
N ASP A 833 62.40 -8.34 -4.89
CA ASP A 833 63.82 -8.05 -5.06
C ASP A 833 64.45 -8.98 -6.08
N THR A 871 61.47 -6.68 -8.33
CA THR A 871 60.75 -5.76 -9.22
C THR A 871 59.36 -5.49 -8.68
N THR A 872 58.63 -4.64 -9.39
CA THR A 872 57.26 -4.31 -9.04
C THR A 872 56.30 -5.35 -9.61
N GLY A 873 55.11 -5.41 -9.02
CA GLY A 873 54.15 -6.41 -9.40
C GLY A 873 53.10 -5.91 -10.37
N VAL A 874 53.44 -4.87 -11.13
CA VAL A 874 52.52 -4.40 -12.16
C VAL A 874 52.63 -5.22 -13.43
N ASN A 875 53.68 -6.04 -13.55
CA ASN A 875 53.91 -6.84 -14.74
C ASN A 875 53.48 -8.29 -14.59
N ILE A 876 52.92 -8.66 -13.44
CA ILE A 876 52.43 -10.02 -13.25
C ILE A 876 51.17 -10.22 -14.08
N PRO A 877 51.09 -11.26 -14.91
CA PRO A 877 49.88 -11.46 -15.72
C PRO A 877 48.72 -11.99 -14.90
N ILE A 878 47.66 -11.18 -14.77
CA ILE A 878 46.50 -11.51 -13.96
C ILE A 878 45.29 -11.60 -14.89
N ILE A 879 44.43 -12.60 -14.65
CA ILE A 879 43.12 -12.66 -15.25
C ILE A 879 42.12 -12.68 -14.11
N THR A 880 41.19 -11.74 -14.11
CA THR A 880 40.15 -11.68 -13.12
C THR A 880 38.78 -11.78 -13.78
N GLU A 881 37.92 -12.61 -13.20
CA GLU A 881 36.58 -12.76 -13.72
C GLU A 881 35.64 -11.78 -13.03
N LEU A 882 34.82 -11.11 -13.84
CA LEU A 882 33.92 -10.08 -13.33
C LEU A 882 32.49 -10.55 -13.45
N VAL A 883 31.61 -9.88 -12.73
CA VAL A 883 30.18 -10.13 -12.81
C VAL A 883 29.46 -8.96 -13.47
N ASN A 884 29.51 -7.79 -12.85
CA ASN A 884 29.00 -6.58 -13.48
C ASN A 884 30.12 -5.99 -14.33
N ASP A 885 29.84 -5.79 -15.62
CA ASP A 885 30.87 -5.36 -16.56
C ASP A 885 31.29 -3.91 -16.33
N THR A 886 30.50 -3.15 -15.58
CA THR A 886 30.87 -1.77 -15.28
C THR A 886 32.03 -1.68 -14.30
N ASN A 887 32.38 -2.77 -13.62
CA ASN A 887 33.53 -2.77 -12.73
C ASN A 887 34.84 -2.94 -13.46
N VAL A 888 34.82 -3.01 -14.79
CA VAL A 888 36.06 -3.26 -15.52
C VAL A 888 36.95 -2.03 -15.52
N GLN A 889 36.40 -0.87 -15.18
CA GLN A 889 37.18 0.35 -15.16
C GLN A 889 38.13 0.43 -13.98
N PHE A 890 37.85 -0.31 -12.91
CA PHE A 890 38.67 -0.23 -11.71
C PHE A 890 39.91 -1.10 -11.79
N LEU A 891 40.02 -1.95 -12.81
CA LEU A 891 41.13 -2.88 -12.87
C LEU A 891 42.42 -2.21 -13.31
N ASP A 892 42.34 -1.13 -14.07
CA ASP A 892 43.51 -0.43 -14.55
C ASP A 892 43.48 1.01 -14.09
N GLN A 893 44.65 1.64 -14.11
CA GLN A 893 44.80 3.02 -13.64
C GLN A 893 44.98 4.01 -14.77
N ASP A 894 45.76 3.66 -15.80
CA ASP A 894 46.14 4.61 -16.82
C ASP A 894 45.14 4.72 -17.95
N ASP A 895 44.17 3.81 -18.04
CA ASP A 895 43.18 3.89 -19.10
C ASP A 895 42.20 5.02 -18.84
N ASP A 896 41.53 5.45 -19.90
CA ASP A 896 40.50 6.48 -19.79
C ASP A 896 39.16 5.75 -19.66
N ASP A 897 38.65 5.70 -18.45
CA ASP A 897 37.42 4.96 -18.19
C ASP A 897 36.21 5.74 -18.66
N ASP A 898 35.14 5.01 -18.96
CA ASP A 898 33.87 5.56 -19.38
C ASP A 898 32.79 4.51 -19.16
N PRO A 899 31.64 4.87 -18.58
CA PRO A 899 30.63 3.86 -18.27
C PRO A 899 29.84 3.41 -19.49
N ASP A 900 29.89 4.16 -20.58
CA ASP A 900 29.09 3.85 -21.76
C ASP A 900 29.86 3.07 -22.80
N THR A 901 31.16 2.92 -22.64
CA THR A 901 31.92 2.06 -23.53
C THR A 901 31.57 0.61 -23.24
N GLU A 902 31.47 -0.20 -24.29
CA GLU A 902 31.17 -1.60 -24.11
C GLU A 902 32.38 -2.33 -23.56
N LEU A 903 32.15 -3.58 -23.13
CA LEU A 903 33.21 -4.34 -22.47
C LEU A 903 34.31 -4.72 -23.42
N TYR A 904 33.97 -4.97 -24.68
CA TYR A 904 34.97 -5.41 -25.64
C TYR A 904 35.93 -4.29 -26.03
N LEU A 905 35.56 -3.04 -25.83
CA LEU A 905 36.38 -1.92 -26.23
C LEU A 905 37.20 -1.35 -25.08
N THR A 906 36.98 -1.84 -23.87
CA THR A 906 37.76 -1.37 -22.74
C THR A 906 39.17 -1.92 -22.81
N GLN A 907 40.08 -1.23 -22.13
CA GLN A 907 41.48 -1.64 -22.14
C GLN A 907 41.75 -2.98 -21.44
N PRO A 908 41.33 -3.25 -20.20
CA PRO A 908 41.78 -4.50 -19.58
C PRO A 908 41.08 -5.74 -20.11
N PHE A 909 40.02 -5.58 -20.90
CA PHE A 909 39.53 -6.71 -21.67
C PHE A 909 40.35 -6.95 -22.91
N ALA A 910 40.70 -5.88 -23.62
CA ALA A 910 41.43 -6.02 -24.87
C ALA A 910 42.84 -6.53 -24.64
N CYS A 911 43.40 -6.25 -23.47
CA CYS A 911 44.69 -6.84 -23.12
C CYS A 911 44.56 -8.23 -22.52
N GLY A 912 43.35 -8.75 -22.38
CA GLY A 912 43.17 -10.10 -21.89
C GLY A 912 43.44 -10.27 -20.41
N THR A 913 43.07 -9.29 -19.60
CA THR A 913 43.21 -9.38 -18.15
C THR A 913 41.87 -9.47 -17.45
N ALA A 914 40.77 -9.28 -18.16
CA ALA A 914 39.44 -9.42 -17.60
C ALA A 914 38.60 -10.30 -18.49
N PHE A 915 37.63 -10.98 -17.91
CA PHE A 915 36.75 -11.83 -18.69
C PHE A 915 35.44 -11.97 -17.94
N ALA A 916 34.39 -11.35 -18.45
CA ALA A 916 33.05 -11.54 -17.91
C ALA A 916 32.28 -12.51 -18.78
N VAL A 917 31.28 -13.17 -18.18
CA VAL A 917 30.53 -14.19 -18.89
C VAL A 917 29.52 -13.59 -19.86
N SER A 918 29.33 -12.27 -19.82
CA SER A 918 28.37 -11.62 -20.71
C SER A 918 28.82 -11.63 -22.16
N VAL A 919 30.11 -11.84 -22.44
CA VAL A 919 30.57 -11.88 -23.82
C VAL A 919 30.25 -13.20 -24.51
N LEU A 920 29.78 -14.20 -23.77
CA LEU A 920 29.39 -15.47 -24.37
C LEU A 920 27.92 -15.51 -24.73
N ASP A 921 27.22 -14.37 -24.65
CA ASP A 921 25.83 -14.31 -25.05
C ASP A 921 25.64 -14.46 -26.54
N SER A 922 26.67 -14.14 -27.33
CA SER A 922 26.61 -14.28 -28.78
C SER A 922 26.72 -15.72 -29.23
N LEU A 923 27.03 -16.64 -28.33
CA LEU A 923 27.24 -18.03 -28.71
C LEU A 923 25.96 -18.73 -29.09
N MET A 924 24.80 -18.23 -28.65
CA MET A 924 23.54 -18.85 -29.03
C MET A 924 23.26 -18.71 -30.51
N SER A 925 23.36 -17.49 -31.04
CA SER A 925 23.19 -17.28 -32.46
C SER A 925 24.33 -17.87 -33.26
N ALA A 926 25.53 -17.90 -32.70
CA ALA A 926 26.65 -18.55 -33.37
C ALA A 926 26.44 -20.05 -33.47
N THR A 927 25.85 -20.66 -32.45
CA THR A 927 25.61 -22.10 -32.47
C THR A 927 24.45 -22.44 -33.40
N TYR A 928 23.45 -21.55 -33.51
CA TYR A 928 22.32 -21.84 -34.36
C TYR A 928 22.72 -21.83 -35.82
N PHE A 929 23.46 -20.81 -36.24
CA PHE A 929 23.72 -20.63 -37.67
C PHE A 929 24.70 -21.67 -38.20
N ASN A 930 25.62 -22.13 -37.36
CA ASN A 930 26.53 -23.21 -37.72
C ASN A 930 26.72 -24.08 -36.49
N ASP A 931 26.12 -25.27 -36.51
CA ASP A 931 26.12 -26.12 -35.34
C ASP A 931 27.46 -26.78 -35.04
N ASN A 932 28.40 -26.71 -35.98
CA ASN A 932 29.72 -27.26 -35.74
C ASN A 932 30.66 -26.30 -35.02
N ILE A 933 30.24 -25.04 -34.84
CA ILE A 933 31.10 -24.05 -34.21
C ILE A 933 31.30 -24.37 -32.74
N LEU A 934 30.24 -24.74 -32.03
CA LEU A 934 30.36 -25.02 -30.61
C LEU A 934 31.23 -26.25 -30.35
N THR A 935 31.12 -27.25 -31.20
CA THR A 935 31.99 -28.41 -31.08
C THR A 935 33.44 -28.06 -31.43
N LEU A 936 33.64 -27.16 -32.39
CA LEU A 936 34.98 -26.66 -32.69
C LEU A 936 35.57 -25.95 -31.49
N ILE A 937 34.76 -25.15 -30.80
CA ILE A 937 35.20 -24.44 -29.60
C ILE A 937 35.58 -25.44 -28.53
N ARG A 938 34.70 -26.38 -28.22
CA ARG A 938 34.92 -27.30 -27.11
C ARG A 938 36.10 -28.24 -27.34
N THR A 939 36.46 -28.52 -28.60
CA THR A 939 37.74 -29.16 -28.83
C THR A 939 38.90 -28.20 -28.61
N LEU A 940 38.75 -26.96 -29.06
CA LEU A 940 39.84 -25.99 -28.96
C LEU A 940 40.09 -25.56 -27.54
N VAL A 941 39.08 -25.61 -26.70
CA VAL A 941 39.05 -24.90 -25.43
C VAL A 941 39.19 -25.83 -24.25
N THR A 942 38.42 -26.92 -24.22
CA THR A 942 38.53 -27.89 -23.16
C THR A 942 39.57 -28.96 -23.44
N GLY A 943 40.44 -28.74 -24.42
CA GLY A 943 41.49 -29.69 -24.72
C GLY A 943 41.01 -30.95 -25.40
N GLY A 944 40.13 -30.82 -26.39
CA GLY A 944 39.66 -31.96 -27.14
C GLY A 944 38.76 -32.88 -26.34
N ALA A 945 37.62 -32.38 -25.90
CA ALA A 945 36.66 -33.22 -25.17
C ALA A 945 35.74 -33.85 -26.20
N THR A 946 36.11 -35.06 -26.63
CA THR A 946 35.28 -35.84 -27.52
C THR A 946 34.09 -36.38 -26.75
N PRO A 947 32.99 -36.76 -27.43
CA PRO A 947 31.81 -37.27 -26.69
C PRO A 947 32.01 -38.62 -26.04
N GLU A 948 33.14 -39.28 -26.24
CA GLU A 948 33.44 -40.49 -25.49
C GLU A 948 33.64 -40.19 -24.01
N LEU A 949 34.32 -39.08 -23.70
CA LEU A 949 34.40 -38.67 -22.30
C LEU A 949 33.07 -38.18 -21.79
N GLU A 950 32.21 -37.66 -22.68
CA GLU A 950 30.86 -37.29 -22.27
C GLU A 950 30.05 -38.53 -21.90
N ALA A 951 30.26 -39.63 -22.62
CA ALA A 951 29.65 -40.90 -22.22
C ALA A 951 30.21 -41.40 -20.90
N LEU A 952 31.51 -41.22 -20.69
CA LEU A 952 32.14 -41.70 -19.45
C LEU A 952 31.66 -40.90 -18.25
N ILE A 953 31.53 -39.59 -18.38
CA ILE A 953 31.03 -38.80 -17.27
C ILE A 953 29.52 -38.89 -17.13
N ALA A 954 28.81 -39.35 -18.17
CA ALA A 954 27.41 -39.66 -17.99
C ALA A 954 27.23 -40.90 -17.15
N GLU A 955 28.09 -41.90 -17.34
CA GLU A 955 27.99 -43.12 -16.56
C GLU A 955 28.56 -42.95 -15.17
N GLU A 956 29.85 -42.66 -15.07
CA GLU A 956 30.55 -42.74 -13.79
C GLU A 956 30.75 -41.40 -13.11
N ASN A 957 30.69 -40.30 -13.89
CA ASN A 957 30.93 -38.93 -13.42
C ASN A 957 32.30 -38.81 -12.75
N ALA A 958 33.29 -39.47 -13.33
CA ALA A 958 34.63 -39.52 -12.76
C ALA A 958 35.60 -39.89 -13.87
N LEU A 959 36.65 -39.08 -14.02
CA LEU A 959 37.70 -39.40 -14.98
C LEU A 959 38.50 -40.58 -14.43
N ARG A 960 38.43 -41.71 -15.11
CA ARG A 960 39.15 -42.91 -14.69
C ARG A 960 40.36 -43.13 -15.58
N GLY A 961 41.46 -43.55 -14.97
CA GLY A 961 42.66 -43.82 -15.73
C GLY A 961 42.56 -45.09 -16.55
N GLY A 962 43.41 -45.17 -17.57
CA GLY A 962 43.44 -46.32 -18.44
C GLY A 962 44.85 -46.84 -18.63
N TYR A 963 44.94 -47.97 -19.30
CA TYR A 963 46.23 -48.57 -19.62
C TYR A 963 46.63 -48.19 -21.04
N SER A 964 47.93 -48.02 -21.23
CA SER A 964 48.44 -47.39 -22.44
C SER A 964 48.37 -48.35 -23.62
N THR A 965 47.60 -47.98 -24.63
CA THR A 965 47.49 -48.64 -25.91
C THR A 965 48.07 -47.73 -26.99
N PRO A 966 48.40 -48.26 -28.18
CA PRO A 966 48.92 -47.37 -29.24
C PRO A 966 47.88 -46.40 -29.79
N GLN A 967 46.60 -46.74 -29.77
CA GLN A 967 45.59 -45.79 -30.20
C GLN A 967 45.34 -44.72 -29.16
N THR A 968 45.57 -45.06 -27.88
CA THR A 968 45.61 -44.04 -26.82
C THR A 968 46.72 -43.03 -27.09
N LEU A 969 47.88 -43.51 -27.55
CA LEU A 969 48.94 -42.60 -27.94
C LEU A 969 48.63 -41.89 -29.25
N ALA A 970 47.74 -42.45 -30.08
CA ALA A 970 47.30 -41.74 -31.26
C ALA A 970 46.37 -40.58 -30.91
N ASN A 971 45.71 -40.65 -29.76
CA ASN A 971 44.86 -39.54 -29.31
C ASN A 971 45.68 -38.30 -28.97
N ARG A 972 46.97 -38.45 -28.67
CA ARG A 972 47.79 -37.35 -28.21
C ARG A 972 48.21 -36.40 -29.30
N ASP A 973 47.84 -36.65 -30.55
CA ASP A 973 48.32 -35.85 -31.67
C ASP A 973 47.49 -34.58 -31.89
N ARG A 974 46.77 -34.12 -30.87
CA ARG A 974 46.11 -32.83 -30.94
C ARG A 974 47.15 -31.72 -30.99
N CYS A 975 46.78 -30.62 -31.64
CA CYS A 975 47.67 -29.48 -31.63
C CYS A 975 47.57 -28.73 -30.31
N ARG A 976 48.42 -27.73 -30.16
CA ARG A 976 48.51 -26.96 -28.93
C ARG A 976 48.58 -25.49 -29.30
N VAL A 977 47.81 -24.66 -28.61
CA VAL A 977 47.92 -23.24 -28.78
C VAL A 977 49.05 -22.73 -27.89
N ALA A 978 49.91 -21.88 -28.43
CA ALA A 978 51.02 -21.32 -27.67
C ALA A 978 51.37 -19.96 -28.25
N GLN A 979 52.27 -19.27 -27.57
CA GLN A 979 52.80 -17.99 -28.00
C GLN A 979 54.26 -18.12 -28.36
N LEU A 980 54.75 -17.18 -29.16
CA LEU A 980 56.10 -17.23 -29.70
C LEU A 980 56.76 -15.87 -29.54
N ALA A 981 57.97 -15.87 -28.99
CA ALA A 981 58.73 -14.65 -28.83
C ALA A 981 59.44 -14.31 -30.14
N LEU A 982 59.31 -13.07 -30.57
CA LEU A 982 59.92 -12.63 -31.82
C LEU A 982 61.28 -11.98 -31.59
N LEU A 983 62.16 -12.65 -30.84
CA LEU A 983 63.47 -12.07 -30.60
C LEU A 983 64.63 -13.05 -30.68
N ASP A 984 64.41 -14.36 -30.62
CA ASP A 984 65.51 -15.29 -30.63
C ASP A 984 65.30 -16.52 -31.49
N GLY A 985 64.08 -16.80 -31.94
CA GLY A 985 63.79 -18.04 -32.61
C GLY A 985 64.28 -18.10 -34.03
N PRO A 986 63.78 -19.10 -34.78
CA PRO A 986 64.25 -19.28 -36.17
C PRO A 986 63.83 -18.18 -37.11
N PHE A 987 62.77 -17.43 -36.77
CA PHE A 987 62.31 -16.31 -37.58
C PHE A 987 62.48 -14.99 -36.86
N ALA A 988 63.43 -14.91 -35.92
CA ALA A 988 63.70 -13.69 -35.17
C ALA A 988 64.19 -12.55 -36.05
N ASP A 989 64.81 -12.88 -37.19
CA ASP A 989 65.29 -11.87 -38.12
C ASP A 989 64.15 -11.12 -38.80
N LEU A 990 62.97 -11.70 -38.86
CA LEU A 990 61.87 -11.13 -39.64
C LEU A 990 61.23 -9.93 -38.97
N GLY A 991 61.51 -9.67 -37.69
CA GLY A 991 60.89 -8.57 -37.00
C GLY A 991 61.51 -7.21 -37.27
N ASP A 992 62.16 -7.01 -38.41
CA ASP A 992 62.77 -5.73 -38.72
C ASP A 992 61.81 -4.82 -39.48
N GLY A 993 60.59 -4.69 -38.97
CA GLY A 993 59.55 -4.01 -39.72
C GLY A 993 59.09 -4.77 -40.94
N GLY A 994 59.18 -6.10 -40.91
CA GLY A 994 58.81 -6.92 -42.04
C GLY A 994 57.30 -7.04 -42.20
N CYS A 995 56.91 -8.06 -42.95
CA CYS A 995 55.50 -8.33 -43.19
C CYS A 995 55.07 -9.59 -42.46
N TYR A 996 53.86 -9.55 -41.89
CA TYR A 996 53.37 -10.65 -41.07
C TYR A 996 53.09 -11.88 -41.92
N GLY A 997 52.62 -11.68 -43.15
CA GLY A 997 52.26 -12.80 -43.99
C GLY A 997 53.46 -13.63 -44.43
N ASP A 998 54.64 -13.02 -44.48
CA ASP A 998 55.87 -13.78 -44.72
C ASP A 998 56.13 -14.74 -43.57
N LEU A 999 55.87 -14.31 -42.34
CA LEU A 999 55.97 -15.18 -41.19
C LEU A 999 54.94 -16.28 -41.24
N PHE A 1000 53.74 -15.97 -41.74
CA PHE A 1000 52.68 -16.95 -41.82
C PHE A 1000 53.03 -18.08 -42.78
N CYS A 1001 53.47 -17.71 -43.99
CA CYS A 1001 53.84 -18.74 -44.96
C CYS A 1001 55.08 -19.50 -44.55
N LYS A 1002 56.05 -18.82 -43.92
CA LYS A 1002 57.28 -19.51 -43.55
C LYS A 1002 57.06 -20.48 -42.40
N ALA A 1003 56.30 -20.08 -41.39
CA ALA A 1003 56.05 -20.97 -40.26
C ALA A 1003 55.14 -22.13 -40.64
N LEU A 1004 54.19 -21.89 -41.55
CA LEU A 1004 53.32 -22.98 -41.97
C LEU A 1004 54.03 -23.94 -42.91
N LYS A 1005 54.96 -23.46 -43.72
CA LYS A 1005 55.72 -24.36 -44.59
C LYS A 1005 56.72 -25.18 -43.78
N THR A 1006 57.46 -24.52 -42.89
CA THR A 1006 58.51 -25.19 -42.15
C THR A 1006 57.93 -26.07 -41.05
N TYR A 1007 57.19 -25.47 -40.13
CA TYR A 1007 56.80 -26.15 -38.89
C TYR A 1007 55.35 -26.60 -38.86
N ASN A 1008 54.57 -26.30 -39.91
CA ASN A 1008 53.13 -26.62 -39.99
C ASN A 1008 52.36 -26.03 -38.82
N MET A 1009 52.50 -24.73 -38.62
CA MET A 1009 51.93 -24.05 -37.47
C MET A 1009 51.12 -22.86 -37.94
N LEU A 1010 49.83 -22.85 -37.60
CA LEU A 1010 48.97 -21.73 -37.93
C LEU A 1010 49.31 -20.53 -37.05
N CYS A 1011 48.77 -19.38 -37.42
CA CYS A 1011 49.02 -18.14 -36.69
C CYS A 1011 47.76 -17.31 -36.73
N PHE A 1012 47.08 -17.20 -35.58
CA PHE A 1012 45.89 -16.36 -35.50
C PHE A 1012 46.26 -14.89 -35.66
N GLY A 1013 47.07 -14.39 -34.76
CA GLY A 1013 47.38 -12.97 -34.79
C GLY A 1013 48.47 -12.55 -33.84
N ILE A 1014 48.40 -11.31 -33.41
CA ILE A 1014 49.53 -10.59 -32.85
C ILE A 1014 49.16 -10.10 -31.45
N TYR A 1015 50.01 -10.39 -30.48
CA TYR A 1015 49.85 -9.86 -29.13
C TYR A 1015 50.70 -8.60 -28.98
N ARG A 1016 50.26 -7.56 -29.70
CA ARG A 1016 51.03 -6.34 -29.84
C ARG A 1016 51.07 -5.55 -28.55
N LEU A 1017 52.24 -5.03 -28.21
CA LEU A 1017 52.38 -4.11 -27.08
C LEU A 1017 51.56 -2.85 -27.30
N ARG A 1018 51.08 -2.28 -26.20
CA ARG A 1018 50.15 -1.15 -26.30
C ARG A 1018 50.85 0.11 -26.78
N ASP A 1019 52.10 0.29 -26.38
CA ASP A 1019 52.85 1.48 -26.75
C ASP A 1019 53.95 1.19 -27.76
N ALA A 1020 53.84 0.10 -28.50
CA ALA A 1020 54.83 -0.21 -29.51
C ALA A 1020 54.69 0.67 -30.75
N HIS A 1021 53.54 1.31 -30.91
CA HIS A 1021 53.32 2.24 -32.03
C HIS A 1021 53.55 3.68 -31.63
N LEU A 1022 53.97 3.94 -30.40
CA LEU A 1022 54.14 5.29 -29.92
C LEU A 1022 55.57 5.78 -30.13
N SER A 1023 55.75 7.09 -30.05
CA SER A 1023 57.05 7.69 -30.34
C SER A 1023 58.03 7.47 -29.20
N THR A 1024 57.68 7.95 -28.01
CA THR A 1024 58.55 7.79 -26.86
C THR A 1024 58.52 6.34 -26.37
N PRO A 1025 59.66 5.78 -25.96
CA PRO A 1025 59.66 4.43 -25.37
C PRO A 1025 59.18 4.50 -23.92
N SER A 1026 58.12 3.76 -23.62
CA SER A 1026 57.57 3.69 -22.28
C SER A 1026 57.98 2.37 -21.62
N GLN A 1027 57.43 2.12 -20.45
CA GLN A 1027 57.67 0.87 -19.73
C GLN A 1027 56.40 0.07 -19.55
N CYS A 1028 55.34 0.41 -20.27
CA CYS A 1028 54.07 -0.31 -20.18
C CYS A 1028 54.20 -1.65 -20.87
N THR A 1029 54.21 -2.73 -20.08
CA THR A 1029 54.30 -4.07 -20.63
C THR A 1029 52.93 -4.67 -20.95
N LYS A 1030 51.89 -3.85 -21.01
CA LYS A 1030 50.57 -4.34 -21.36
C LYS A 1030 50.48 -4.53 -22.87
N ARG A 1031 50.00 -5.70 -23.28
CA ARG A 1031 49.88 -6.05 -24.68
C ARG A 1031 48.43 -6.33 -25.02
N TYR A 1032 47.96 -5.78 -26.14
CA TYR A 1032 46.62 -6.03 -26.62
C TYR A 1032 46.63 -7.05 -27.74
N VAL A 1033 45.46 -7.37 -28.27
CA VAL A 1033 45.27 -8.51 -29.16
C VAL A 1033 44.85 -8.00 -30.53
N ILE A 1034 45.59 -8.39 -31.57
CA ILE A 1034 45.19 -8.22 -32.96
C ILE A 1034 44.89 -9.59 -33.53
N THR A 1035 43.69 -9.75 -34.10
CA THR A 1035 43.25 -11.03 -34.63
C THR A 1035 43.19 -10.96 -36.15
N ASN A 1036 43.88 -11.90 -36.81
CA ASN A 1036 44.02 -12.02 -38.25
C ASN A 1036 44.48 -10.72 -38.90
N PRO A 1037 45.75 -10.35 -38.77
CA PRO A 1037 46.25 -9.19 -39.46
C PRO A 1037 46.41 -9.48 -40.94
N PRO A 1038 46.42 -8.45 -41.80
CA PRO A 1038 46.57 -8.71 -43.24
C PRO A 1038 47.96 -9.19 -43.64
N TYR A 1039 48.16 -9.41 -44.95
CA TYR A 1039 49.43 -9.93 -45.44
C TYR A 1039 50.54 -8.91 -45.31
N GLU A 1040 50.22 -7.63 -45.44
CA GLU A 1040 51.19 -6.55 -45.46
C GLU A 1040 51.31 -5.85 -44.11
N PHE A 1041 50.94 -6.53 -43.03
CA PHE A 1041 50.98 -5.90 -41.72
C PHE A 1041 52.42 -5.81 -41.23
N GLU A 1042 52.78 -4.64 -40.72
CA GLU A 1042 54.14 -4.41 -40.24
C GLU A 1042 54.39 -5.17 -38.95
N LEU A 1043 55.64 -5.55 -38.73
CA LEU A 1043 56.01 -6.45 -37.64
C LEU A 1043 57.05 -5.79 -36.76
N VAL A 1044 56.61 -5.26 -35.63
CA VAL A 1044 57.50 -4.71 -34.59
C VAL A 1044 58.34 -5.85 -34.02
N PRO A 1045 59.63 -5.63 -33.70
CA PRO A 1045 60.44 -6.75 -33.18
C PRO A 1045 60.01 -7.24 -31.80
N THR A 1046 59.68 -6.33 -30.89
CA THR A 1046 59.18 -6.74 -29.59
C THR A 1046 57.70 -7.10 -29.71
N ASP A 1047 57.44 -8.39 -29.92
CA ASP A 1047 56.12 -8.80 -30.33
C ASP A 1047 55.92 -10.28 -30.02
N LEU A 1048 54.66 -10.66 -29.83
CA LEU A 1048 54.29 -12.04 -29.57
C LEU A 1048 53.26 -12.49 -30.58
N ILE A 1049 53.31 -13.78 -30.91
CA ILE A 1049 52.53 -14.34 -32.00
C ILE A 1049 51.67 -15.47 -31.46
N PHE A 1050 50.35 -15.33 -31.62
CA PHE A 1050 49.45 -16.43 -31.29
C PHE A 1050 49.57 -17.50 -32.36
N CYS A 1051 49.76 -18.75 -31.94
CA CYS A 1051 50.03 -19.79 -32.91
C CYS A 1051 49.54 -21.14 -32.40
N LEU A 1052 49.26 -22.03 -33.34
CA LEU A 1052 48.87 -23.41 -33.06
C LEU A 1052 50.05 -24.31 -33.36
N MET A 1053 50.62 -24.91 -32.33
CA MET A 1053 51.79 -25.75 -32.46
C MET A 1053 51.39 -27.21 -32.50
N GLN A 1054 52.05 -27.96 -33.37
CA GLN A 1054 51.85 -29.40 -33.42
C GLN A 1054 52.54 -30.06 -32.25
N PHE A 1055 52.18 -31.31 -32.01
CA PHE A 1055 52.82 -32.15 -31.02
C PHE A 1055 53.70 -33.13 -31.78
N ASP A 1056 55.01 -32.86 -31.82
CA ASP A 1056 55.82 -33.82 -32.55
C ASP A 1056 56.23 -34.98 -31.65
N ALA B 7 -29.55 -22.18 22.59
CA ALA B 7 -29.46 -20.93 21.84
C ALA B 7 -30.56 -19.97 22.26
N TYR B 8 -30.22 -19.06 23.17
CA TYR B 8 -31.14 -18.04 23.67
C TYR B 8 -30.66 -16.69 23.14
N GLU B 9 -31.04 -16.39 21.91
CA GLU B 9 -30.54 -15.24 21.19
C GLU B 9 -31.42 -15.01 19.98
N TYR B 10 -31.43 -13.77 19.51
CA TYR B 10 -32.19 -13.42 18.31
C TYR B 10 -31.62 -14.10 17.08
N THR B 11 -32.49 -14.49 16.16
CA THR B 11 -32.07 -14.99 14.86
C THR B 11 -31.82 -13.80 13.94
N GLU B 12 -31.56 -14.08 12.67
CA GLU B 12 -31.37 -12.99 11.71
C GLU B 12 -32.69 -12.33 11.35
N ALA B 13 -33.77 -13.09 11.31
CA ALA B 13 -35.07 -12.53 10.96
C ALA B 13 -35.60 -11.65 12.08
N GLU B 14 -35.39 -12.06 13.34
CA GLU B 14 -35.85 -11.25 14.45
C GLU B 14 -35.01 -9.99 14.60
N ASP B 15 -33.72 -10.07 14.29
CA ASP B 15 -32.88 -8.88 14.34
C ASP B 15 -33.29 -7.90 13.25
N LYS B 16 -33.60 -8.41 12.06
CA LYS B 16 -34.07 -7.55 10.99
C LYS B 16 -35.44 -6.98 11.29
N SER B 17 -36.27 -7.72 12.00
CA SER B 17 -37.60 -7.21 12.35
C SER B 17 -37.52 -6.12 13.41
N ILE B 18 -36.62 -6.28 14.38
CA ILE B 18 -36.39 -5.23 15.36
C ILE B 18 -35.81 -4.00 14.69
N ARG B 19 -34.95 -4.19 13.69
CA ARG B 19 -34.42 -3.06 12.92
C ARG B 19 -35.51 -2.36 12.13
N LEU B 20 -36.49 -3.13 11.62
CA LEU B 20 -37.59 -2.52 10.89
C LEU B 20 -38.49 -1.72 11.83
N GLY B 21 -38.77 -2.28 13.01
CA GLY B 21 -39.61 -1.56 13.97
C GLY B 21 -38.94 -0.31 14.49
N LEU B 22 -37.63 -0.36 14.73
CA LEU B 22 -36.90 0.84 15.09
C LEU B 22 -36.86 1.85 13.96
N PHE B 23 -36.82 1.37 12.71
CA PHE B 23 -36.83 2.29 11.57
C PHE B 23 -38.18 2.98 11.45
N LEU B 24 -39.27 2.28 11.75
CA LEU B 24 -40.58 2.91 11.69
C LEU B 24 -40.78 3.89 12.83
N ILE B 25 -40.17 3.63 13.99
CA ILE B 25 -40.23 4.59 15.09
C ILE B 25 -39.50 5.87 14.71
N ILE B 26 -38.30 5.73 14.14
CA ILE B 26 -37.53 6.88 13.69
C ILE B 26 -38.24 7.61 12.55
N SER B 27 -38.88 6.84 11.65
CA SER B 27 -39.58 7.45 10.52
C SER B 27 -40.80 8.22 10.97
N GLY B 28 -41.50 7.72 12.00
CA GLY B 28 -42.66 8.45 12.51
C GLY B 28 -42.27 9.73 13.20
N VAL B 29 -41.18 9.69 13.96
CA VAL B 29 -40.71 10.90 14.65
C VAL B 29 -40.18 11.93 13.66
N VAL B 30 -39.43 11.47 12.65
CA VAL B 30 -38.85 12.38 11.67
C VAL B 30 -39.94 12.98 10.79
N SER B 31 -40.93 12.19 10.40
CA SER B 31 -42.02 12.73 9.58
C SER B 31 -42.89 13.69 10.37
N LEU B 32 -43.05 13.46 11.68
CA LEU B 32 -43.73 14.45 12.51
C LEU B 32 -42.90 15.73 12.61
N PHE B 33 -41.57 15.58 12.69
CA PHE B 33 -40.67 16.72 12.74
C PHE B 33 -40.68 17.49 11.42
N ILE B 34 -40.85 16.78 10.30
CA ILE B 34 -40.93 17.44 9.00
C ILE B 34 -42.28 18.15 8.86
N PHE B 35 -43.36 17.49 9.24
CA PHE B 35 -44.69 18.07 9.09
C PHE B 35 -44.93 19.23 10.04
N GLY B 36 -44.14 19.35 11.11
CA GLY B 36 -44.21 20.53 11.94
C GLY B 36 -43.84 21.81 11.23
N PHE B 37 -42.85 21.75 10.34
CA PHE B 37 -42.47 22.93 9.60
C PHE B 37 -43.18 23.05 8.26
N CYS B 38 -43.56 21.93 7.65
CA CYS B 38 -44.27 22.00 6.38
C CYS B 38 -45.78 22.13 6.55
N TRP B 39 -46.39 21.18 7.26
CA TRP B 39 -47.85 21.20 7.38
C TRP B 39 -48.29 22.24 8.40
N LEU B 40 -47.78 22.13 9.63
CA LEU B 40 -48.44 22.73 10.78
C LEU B 40 -48.31 24.24 10.81
N SER B 41 -47.11 24.76 10.59
CA SER B 41 -46.84 26.19 10.76
C SER B 41 -47.60 27.11 9.79
N PRO B 42 -47.72 26.84 8.47
CA PRO B 42 -48.63 27.70 7.68
C PRO B 42 -50.08 27.43 7.98
N ALA B 43 -50.44 26.24 8.45
CA ALA B 43 -51.81 25.98 8.84
C ALA B 43 -52.18 26.74 10.11
N LEU B 44 -51.24 26.86 11.04
CA LEU B 44 -51.50 27.67 12.21
C LEU B 44 -51.50 29.15 11.88
N GLN B 45 -50.76 29.56 10.84
CA GLN B 45 -50.91 30.93 10.36
C GLN B 45 -52.26 31.15 9.70
N ASP B 46 -52.82 30.09 9.10
CA ASP B 46 -54.17 30.19 8.55
C ASP B 46 -55.21 30.31 9.65
N LEU B 47 -55.08 29.50 10.70
CA LEU B 47 -56.02 29.57 11.81
C LEU B 47 -55.83 30.83 12.65
N GLN B 48 -54.68 31.48 12.52
CA GLN B 48 -54.47 32.78 13.16
C GLN B 48 -55.41 33.84 12.59
N ALA B 49 -55.77 33.72 11.31
CA ALA B 49 -56.79 34.58 10.74
C ALA B 49 -58.15 34.29 11.35
N THR B 50 -58.89 35.33 11.68
CA THR B 50 -60.12 35.22 12.44
C THR B 50 -61.32 35.18 11.52
N GLU B 51 -62.22 34.23 11.75
CA GLU B 51 -63.48 34.18 11.03
C GLU B 51 -64.38 35.28 11.56
N ALA B 52 -64.72 36.24 10.70
CA ALA B 52 -65.42 37.44 11.13
C ALA B 52 -66.58 37.72 10.18
N ASN B 53 -67.23 38.86 10.40
CA ASN B 53 -68.28 39.36 9.55
C ASN B 53 -67.76 40.49 8.68
N CYS B 54 -68.44 40.74 7.57
CA CYS B 54 -68.06 41.83 6.68
C CYS B 54 -69.24 42.20 5.79
N THR B 55 -69.51 43.49 5.68
CA THR B 55 -70.50 44.02 4.76
C THR B 55 -69.80 44.60 3.55
N VAL B 56 -70.39 44.41 2.38
CA VAL B 56 -69.78 44.88 1.14
C VAL B 56 -69.92 46.40 1.05
N LEU B 57 -68.79 47.08 0.82
CA LEU B 57 -68.82 48.52 0.68
C LEU B 57 -69.21 48.94 -0.73
N SER B 58 -68.42 48.54 -1.73
CA SER B 58 -68.64 48.96 -3.10
C SER B 58 -67.93 47.97 -4.02
N VAL B 59 -68.19 48.12 -5.32
CA VAL B 59 -67.59 47.29 -6.36
C VAL B 59 -67.09 48.21 -7.45
N GLN B 60 -65.81 48.14 -7.76
CA GLN B 60 -65.19 49.01 -8.74
C GLN B 60 -64.47 48.21 -9.81
N GLN B 61 -64.37 48.82 -10.99
CA GLN B 61 -63.47 48.36 -12.04
C GLN B 61 -62.39 49.42 -12.23
N ILE B 62 -61.24 48.99 -12.76
CA ILE B 62 -60.10 49.87 -12.94
C ILE B 62 -59.77 50.09 -14.41
N GLY B 63 -59.99 49.08 -15.25
CA GLY B 63 -59.62 49.14 -16.65
C GLY B 63 -58.26 48.58 -16.95
N GLU B 64 -57.39 48.48 -15.95
CA GLU B 64 -56.07 47.89 -16.14
C GLU B 64 -56.21 46.38 -16.20
N VAL B 65 -56.10 45.82 -17.40
CA VAL B 65 -56.28 44.39 -17.57
C VAL B 65 -54.99 43.66 -17.27
N PHE B 66 -55.11 42.38 -16.93
CA PHE B 66 -53.98 41.54 -16.58
C PHE B 66 -54.01 40.28 -17.42
N GLU B 67 -52.99 39.44 -17.26
CA GLU B 67 -52.76 38.31 -18.13
C GLU B 67 -53.08 37.01 -17.41
N CYS B 68 -53.91 36.18 -18.02
CA CYS B 68 -54.10 34.81 -17.60
C CYS B 68 -53.35 33.90 -18.56
N THR B 69 -53.53 32.58 -18.42
CA THR B 69 -52.84 31.62 -19.27
C THR B 69 -53.76 30.44 -19.55
N PHE B 70 -54.37 30.42 -20.73
CA PHE B 70 -55.23 29.31 -21.09
C PHE B 70 -54.43 28.22 -21.78
N THR B 71 -54.83 26.98 -21.53
CA THR B 71 -54.09 25.81 -21.98
C THR B 71 -55.01 24.91 -22.79
N CYS B 72 -54.50 24.45 -23.93
CA CYS B 72 -55.19 23.45 -24.73
C CYS B 72 -54.72 22.07 -24.29
N GLY B 73 -55.05 21.04 -25.06
CA GLY B 73 -54.69 19.68 -24.72
C GLY B 73 -53.21 19.38 -24.80
N ALA B 74 -52.61 19.63 -25.96
CA ALA B 74 -51.23 19.24 -26.22
C ALA B 74 -50.26 20.37 -25.88
N ASP B 75 -50.38 20.88 -24.64
CA ASP B 75 -49.49 21.86 -24.03
C ASP B 75 -49.46 23.18 -24.82
N CYS B 76 -50.61 23.84 -24.87
CA CYS B 76 -50.67 25.21 -25.34
C CYS B 76 -50.39 26.17 -24.19
N ARG B 77 -49.77 27.29 -24.52
CA ARG B 77 -49.47 28.30 -23.51
C ARG B 77 -50.03 29.64 -23.97
N GLY B 78 -51.29 29.63 -24.41
CA GLY B 78 -51.92 30.86 -24.83
C GLY B 78 -52.19 31.76 -23.64
N THR B 79 -51.87 33.05 -23.79
CA THR B 79 -51.97 34.02 -22.71
C THR B 79 -53.05 35.03 -23.10
N SER B 80 -54.29 34.72 -22.77
CA SER B 80 -55.37 35.68 -22.94
C SER B 80 -55.32 36.72 -21.83
N GLN B 81 -56.15 37.75 -21.94
CA GLN B 81 -56.19 38.80 -20.94
C GLN B 81 -57.61 38.94 -20.40
N TYR B 82 -57.70 39.54 -19.20
CA TYR B 82 -58.94 39.62 -18.47
C TYR B 82 -59.01 40.94 -17.73
N PRO B 83 -60.19 41.54 -17.61
CA PRO B 83 -60.30 42.79 -16.87
C PRO B 83 -60.31 42.54 -15.38
N CYS B 84 -60.19 43.63 -14.62
CA CYS B 84 -60.03 43.56 -13.17
C CYS B 84 -61.22 44.21 -12.47
N VAL B 85 -61.72 43.56 -11.43
CA VAL B 85 -62.74 44.10 -10.56
C VAL B 85 -62.19 44.13 -9.15
N GLN B 86 -62.23 45.30 -8.52
CA GLN B 86 -61.92 45.43 -7.10
C GLN B 86 -63.23 45.52 -6.33
N VAL B 87 -63.38 44.65 -5.33
CA VAL B 87 -64.55 44.64 -4.47
C VAL B 87 -64.07 45.03 -3.07
N TYR B 88 -64.52 46.17 -2.59
CA TYR B 88 -64.16 46.65 -1.27
C TYR B 88 -65.28 46.35 -0.30
N VAL B 89 -64.92 45.95 0.92
CA VAL B 89 -65.89 45.59 1.93
C VAL B 89 -65.68 46.45 3.16
N ASN B 90 -66.63 46.36 4.07
CA ASN B 90 -66.55 46.98 5.39
C ASN B 90 -66.47 45.86 6.42
N ASN B 91 -65.37 45.82 7.16
CA ASN B 91 -65.15 44.76 8.13
C ASN B 91 -66.05 44.91 9.34
N SER B 92 -66.14 43.84 10.14
CA SER B 92 -66.75 43.93 11.45
C SER B 92 -65.73 44.17 12.56
N GLU B 93 -64.50 43.68 12.40
CA GLU B 93 -63.49 43.87 13.43
C GLU B 93 -62.85 45.25 13.34
N SER B 94 -62.18 45.53 12.23
CA SER B 94 -61.52 46.81 12.06
C SER B 94 -62.46 47.88 11.53
N ASN B 95 -63.47 47.47 10.76
CA ASN B 95 -64.47 48.35 10.13
C ASN B 95 -63.81 49.41 9.25
N SER B 96 -62.83 48.98 8.47
CA SER B 96 -62.09 49.84 7.57
C SER B 96 -62.30 49.37 6.14
N ARG B 97 -61.71 50.11 5.20
CA ARG B 97 -61.80 49.79 3.79
C ARG B 97 -60.89 48.60 3.51
N ALA B 98 -61.49 47.42 3.38
CA ALA B 98 -60.75 46.20 3.11
C ALA B 98 -61.19 45.60 1.78
N LEU B 99 -60.26 44.91 1.14
CA LEU B 99 -60.51 44.29 -0.15
C LEU B 99 -61.04 42.88 0.04
N LEU B 100 -61.69 42.38 -1.02
CA LEU B 100 -62.19 41.02 -1.03
C LEU B 100 -61.31 40.14 -1.90
N HIS B 101 -61.13 38.90 -1.47
CA HIS B 101 -60.35 37.93 -2.23
C HIS B 101 -60.98 36.56 -2.05
N SER B 102 -60.78 35.69 -3.04
CA SER B 102 -61.31 34.34 -2.94
C SER B 102 -60.42 33.46 -2.06
N ASP B 103 -59.10 33.53 -2.23
CA ASP B 103 -58.18 32.79 -1.38
C ASP B 103 -56.85 33.52 -1.37
N GLU B 104 -55.88 32.93 -0.68
CA GLU B 104 -54.50 33.42 -0.76
C GLU B 104 -53.89 33.19 -2.13
N HIS B 105 -54.39 32.21 -2.88
CA HIS B 105 -53.87 31.93 -4.21
C HIS B 105 -54.16 33.07 -5.17
N GLN B 106 -55.43 33.51 -5.24
CA GLN B 106 -55.79 34.65 -6.06
C GLN B 106 -55.13 35.92 -5.57
N LEU B 107 -54.95 36.06 -4.25
CA LEU B 107 -54.32 37.24 -3.70
C LEU B 107 -52.85 37.32 -4.07
N LEU B 108 -52.17 36.19 -4.12
CA LEU B 108 -50.74 36.23 -4.40
C LEU B 108 -50.44 36.31 -5.88
N THR B 109 -51.29 35.73 -6.75
CA THR B 109 -51.05 35.90 -8.17
C THR B 109 -51.40 37.30 -8.65
N ASN B 110 -52.41 37.93 -8.05
CA ASN B 110 -52.75 39.32 -8.37
C ASN B 110 -53.41 39.94 -7.15
N PRO B 111 -52.69 40.80 -6.42
CA PRO B 111 -53.30 41.45 -5.25
C PRO B 111 -54.26 42.56 -5.60
N LYS B 112 -54.23 43.08 -6.83
CA LYS B 112 -54.99 44.27 -7.17
C LYS B 112 -56.39 43.97 -7.68
N CYS B 113 -56.83 42.72 -7.65
CA CYS B 113 -58.18 42.36 -8.08
C CYS B 113 -58.86 41.54 -6.99
N SER B 114 -60.15 41.33 -7.18
CA SER B 114 -60.94 40.56 -6.23
C SER B 114 -61.33 39.18 -6.76
N TYR B 115 -61.13 38.92 -8.05
CA TYR B 115 -61.52 37.65 -8.65
C TYR B 115 -60.77 37.48 -9.95
N ILE B 116 -60.19 36.30 -10.15
CA ILE B 116 -59.51 35.94 -11.38
C ILE B 116 -60.26 34.79 -12.01
N PRO B 117 -60.70 34.90 -13.26
CA PRO B 117 -61.48 33.84 -13.88
C PRO B 117 -60.60 32.68 -14.28
N PRO B 118 -61.18 31.52 -14.56
CA PRO B 118 -60.43 30.49 -15.30
C PRO B 118 -60.16 30.99 -16.72
N CYS B 119 -58.88 30.96 -17.10
CA CYS B 119 -58.47 31.56 -18.36
C CYS B 119 -58.96 30.73 -19.54
N LYS B 120 -59.67 31.38 -20.45
CA LYS B 120 -60.15 30.75 -21.67
C LYS B 120 -59.43 31.35 -22.86
N ARG B 121 -59.75 30.84 -24.05
CA ARG B 121 -59.11 31.31 -25.27
C ARG B 121 -59.58 32.72 -25.62
N GLU B 122 -60.89 32.92 -25.62
CA GLU B 122 -61.46 34.19 -26.02
C GLU B 122 -61.38 35.19 -24.88
N ASN B 123 -60.89 36.39 -25.19
CA ASN B 123 -60.93 37.48 -24.23
C ASN B 123 -62.37 37.94 -23.96
N GLN B 124 -63.28 37.66 -24.88
CA GLN B 124 -64.69 37.96 -24.65
C GLN B 124 -65.27 37.03 -23.58
N LYS B 125 -64.83 35.78 -23.55
CA LYS B 125 -65.35 34.84 -22.56
C LYS B 125 -64.82 35.13 -21.17
N ASN B 126 -63.56 35.57 -21.07
CA ASN B 126 -63.03 35.99 -19.79
C ASN B 126 -63.75 37.22 -19.27
N LEU B 127 -64.04 38.17 -20.17
CA LEU B 127 -64.76 39.37 -19.80
C LEU B 127 -66.18 39.06 -19.35
N GLU B 128 -66.80 38.05 -19.96
CA GLU B 128 -68.15 37.67 -19.55
C GLU B 128 -68.15 36.98 -18.20
N SER B 129 -67.10 36.20 -17.89
CA SER B 129 -66.98 35.61 -16.56
C SER B 129 -66.79 36.69 -15.51
N VAL B 130 -66.03 37.73 -15.82
CA VAL B 130 -65.89 38.88 -14.94
C VAL B 130 -67.22 39.58 -14.73
N MET B 131 -67.99 39.77 -15.81
CA MET B 131 -69.23 40.52 -15.70
C MET B 131 -70.30 39.74 -14.94
N ASN B 132 -70.31 38.41 -15.06
CA ASN B 132 -71.28 37.62 -14.31
C ASN B 132 -70.97 37.62 -12.82
N TRP B 133 -69.69 37.45 -12.46
CA TRP B 133 -69.30 37.50 -11.06
C TRP B 133 -69.48 38.90 -10.48
N GLN B 134 -69.25 39.93 -11.28
CA GLN B 134 -69.45 41.30 -10.81
C GLN B 134 -70.93 41.61 -10.64
N GLN B 135 -71.78 41.07 -11.51
CA GLN B 135 -73.22 41.33 -11.39
C GLN B 135 -73.80 40.65 -10.16
N TYR B 136 -73.29 39.46 -9.82
CA TYR B 136 -73.71 38.81 -8.58
C TYR B 136 -73.26 39.62 -7.37
N TRP B 137 -72.07 40.20 -7.42
CA TRP B 137 -71.60 41.04 -6.33
C TRP B 137 -72.06 42.48 -6.45
N LYS B 138 -72.85 42.80 -7.48
CA LYS B 138 -73.53 44.08 -7.54
C LYS B 138 -74.97 44.00 -7.08
N ASP B 139 -75.57 42.80 -7.11
CA ASP B 139 -76.93 42.64 -6.60
C ASP B 139 -76.96 42.75 -5.09
N GLU B 140 -76.27 41.85 -4.40
CA GLU B 140 -76.34 41.75 -2.94
C GLU B 140 -75.39 42.78 -2.34
N ILE B 141 -75.88 44.01 -2.21
CA ILE B 141 -75.11 45.12 -1.67
C ILE B 141 -75.76 45.56 -0.36
N GLY B 142 -74.95 45.74 0.68
CA GLY B 142 -75.45 46.15 1.99
C GLY B 142 -76.00 45.05 2.86
N SER B 143 -76.84 44.19 2.31
CA SER B 143 -77.46 43.11 3.06
C SER B 143 -76.47 41.96 3.26
N GLN B 144 -76.91 40.98 4.09
CA GLN B 144 -76.33 39.67 4.41
C GLN B 144 -74.81 39.72 4.62
N PRO B 145 -74.34 40.18 5.79
CA PRO B 145 -72.91 40.23 6.05
C PRO B 145 -72.27 38.84 6.01
N PHE B 146 -71.11 38.76 5.38
CA PHE B 146 -70.53 37.48 4.98
C PHE B 146 -69.65 36.90 6.07
N THR B 147 -69.65 35.58 6.15
CA THR B 147 -68.80 34.84 7.08
C THR B 147 -67.40 34.75 6.47
N CYS B 148 -66.68 35.86 6.55
CA CYS B 148 -65.39 35.99 5.91
C CYS B 148 -64.28 35.87 6.94
N TYR B 149 -63.04 36.00 6.47
CA TYR B 149 -61.86 35.78 7.30
C TYR B 149 -60.92 36.97 7.15
N PHE B 150 -60.09 37.18 8.18
CA PHE B 150 -59.33 38.40 8.31
C PHE B 150 -58.18 38.20 9.29
N ASN B 151 -57.04 38.82 8.99
CA ASN B 151 -55.85 38.72 9.84
C ASN B 151 -55.20 40.10 9.87
N GLN B 152 -55.51 40.88 10.89
CA GLN B 152 -55.03 42.27 10.94
C GLN B 152 -53.56 42.37 11.26
N HIS B 153 -52.94 41.32 11.78
CA HIS B 153 -51.54 41.41 12.16
C HIS B 153 -50.60 41.22 10.98
N GLN B 154 -51.05 40.57 9.90
CA GLN B 154 -50.21 40.34 8.74
C GLN B 154 -50.71 41.07 7.51
N ARG B 155 -51.96 40.84 7.10
CA ARG B 155 -52.54 41.49 5.93
C ARG B 155 -53.83 42.16 6.39
N PRO B 156 -53.74 43.38 6.92
CA PRO B 156 -54.93 44.04 7.49
C PRO B 156 -55.81 44.73 6.47
N ASP B 157 -55.46 44.67 5.18
CA ASP B 157 -56.18 45.39 4.15
C ASP B 157 -56.99 44.48 3.23
N ASP B 158 -56.86 43.17 3.40
CA ASP B 158 -57.51 42.21 2.51
C ASP B 158 -58.30 41.22 3.33
N VAL B 159 -59.45 40.82 2.80
CA VAL B 159 -60.38 39.95 3.50
C VAL B 159 -60.73 38.79 2.58
N LEU B 160 -60.52 37.57 3.06
CA LEU B 160 -60.68 36.37 2.25
C LEU B 160 -62.07 35.78 2.39
N LEU B 161 -62.41 34.90 1.45
CA LEU B 161 -63.69 34.21 1.45
C LEU B 161 -63.60 32.76 1.89
N HIS B 162 -62.45 32.12 1.71
CA HIS B 162 -62.26 30.74 2.11
C HIS B 162 -60.87 30.58 2.69
N ARG B 163 -60.77 29.82 3.78
CA ARG B 163 -59.46 29.47 4.30
C ARG B 163 -58.79 28.47 3.37
N THR B 164 -57.46 28.52 3.34
CA THR B 164 -56.72 27.64 2.44
C THR B 164 -56.69 26.21 2.96
N HIS B 165 -56.49 26.04 4.26
CA HIS B 165 -56.35 24.72 4.85
C HIS B 165 -57.55 24.37 5.70
N ASP B 166 -58.00 23.12 5.58
CA ASP B 166 -59.10 22.64 6.39
C ASP B 166 -58.62 22.37 7.82
N GLU B 167 -59.58 22.21 8.73
CA GLU B 167 -59.24 21.78 10.08
C GLU B 167 -58.78 20.34 10.13
N ILE B 168 -59.16 19.52 9.14
CA ILE B 168 -58.72 18.12 9.09
C ILE B 168 -57.26 17.98 8.71
N VAL B 169 -56.64 19.07 8.22
CA VAL B 169 -55.20 19.13 8.05
C VAL B 169 -54.50 18.89 9.38
N LEU B 170 -55.02 19.49 10.45
CA LEU B 170 -54.48 19.29 11.78
C LEU B 170 -54.64 17.86 12.25
N LEU B 171 -55.63 17.13 11.72
CA LEU B 171 -55.78 15.73 12.06
C LEU B 171 -54.73 14.89 11.34
N HIS B 172 -54.61 15.06 10.02
CA HIS B 172 -53.70 14.24 9.25
C HIS B 172 -52.24 14.60 9.46
N CYS B 173 -51.95 15.79 10.00
CA CYS B 173 -50.58 16.12 10.33
C CYS B 173 -50.08 15.35 11.55
N PHE B 174 -50.99 14.99 12.45
CA PHE B 174 -50.63 14.24 13.64
C PHE B 174 -51.01 12.78 13.58
N LEU B 175 -51.81 12.36 12.60
CA LEU B 175 -52.32 11.00 12.60
C LEU B 175 -51.28 10.01 12.12
N TRP B 176 -50.85 10.15 10.88
CA TRP B 176 -50.02 9.13 10.24
C TRP B 176 -48.60 9.00 10.76
N PRO B 177 -47.95 10.06 11.27
CA PRO B 177 -46.77 9.81 12.12
C PRO B 177 -47.09 9.01 13.38
N LEU B 178 -48.26 9.22 13.99
CA LEU B 178 -48.60 8.43 15.16
C LEU B 178 -48.92 6.99 14.79
N VAL B 179 -49.57 6.77 13.64
CA VAL B 179 -49.81 5.41 13.17
C VAL B 179 -48.50 4.71 12.85
N THR B 180 -47.55 5.44 12.27
CA THR B 180 -46.23 4.88 11.98
C THR B 180 -45.50 4.52 13.26
N PHE B 181 -45.60 5.38 14.28
CA PHE B 181 -44.99 5.12 15.58
C PHE B 181 -45.61 3.90 16.25
N VAL B 182 -46.94 3.75 16.18
CA VAL B 182 -47.61 2.65 16.86
C VAL B 182 -47.29 1.32 16.19
N VAL B 183 -47.26 1.29 14.86
CA VAL B 183 -46.96 0.05 14.15
C VAL B 183 -45.51 -0.36 14.38
N GLY B 184 -44.60 0.60 14.44
CA GLY B 184 -43.21 0.28 14.73
C GLY B 184 -43.01 -0.25 16.14
N VAL B 185 -43.70 0.34 17.12
CA VAL B 185 -43.65 -0.14 18.49
C VAL B 185 -44.24 -1.54 18.60
N LEU B 186 -45.32 -1.80 17.87
CA LEU B 186 -45.95 -3.11 17.89
C LEU B 186 -45.05 -4.19 17.31
N ILE B 187 -44.22 -3.83 16.33
CA ILE B 187 -43.31 -4.80 15.72
C ILE B 187 -42.20 -5.19 16.71
N VAL B 188 -41.62 -4.19 17.38
CA VAL B 188 -40.56 -4.48 18.36
C VAL B 188 -41.11 -5.26 19.55
N VAL B 189 -42.32 -4.93 19.99
CA VAL B 189 -42.92 -5.61 21.14
C VAL B 189 -43.27 -7.05 20.79
N LEU B 190 -43.86 -7.28 19.62
CA LEU B 190 -44.27 -8.63 19.24
C LEU B 190 -43.07 -9.53 18.99
N THR B 191 -41.98 -8.99 18.45
CA THR B 191 -40.81 -9.81 18.20
C THR B 191 -40.13 -10.20 19.51
N ILE B 192 -40.00 -9.23 20.43
CA ILE B 192 -39.38 -9.51 21.73
C ILE B 192 -40.24 -10.47 22.54
N CYS B 193 -41.57 -10.33 22.46
CA CYS B 193 -42.47 -11.22 23.18
C CYS B 193 -42.41 -12.63 22.61
N ALA B 194 -42.32 -12.77 21.28
CA ALA B 194 -42.22 -14.09 20.69
C ALA B 194 -40.91 -14.77 21.02
N LYS B 195 -39.82 -14.00 21.12
CA LYS B 195 -38.53 -14.57 21.48
C LYS B 195 -38.51 -15.04 22.93
N SER B 196 -39.04 -14.22 23.84
CA SER B 196 -39.01 -14.58 25.26
C SER B 196 -39.92 -15.76 25.56
N LEU B 197 -41.05 -15.84 24.88
CA LEU B 197 -41.91 -17.02 25.03
C LEU B 197 -41.28 -18.27 24.43
N ALA B 198 -40.51 -18.14 23.34
CA ALA B 198 -39.82 -19.31 22.80
C ALA B 198 -38.68 -19.75 23.70
N VAL B 199 -38.01 -18.80 24.38
CA VAL B 199 -36.98 -19.14 25.36
C VAL B 199 -37.57 -19.92 26.52
N LYS B 200 -38.70 -19.45 27.06
CA LYS B 200 -39.36 -20.17 28.15
C LYS B 200 -39.92 -21.51 27.70
N ALA B 201 -40.40 -21.61 26.46
CA ALA B 201 -40.95 -22.86 25.97
C ALA B 201 -39.87 -23.89 25.68
N GLU B 202 -38.64 -23.45 25.40
CA GLU B 202 -37.57 -24.42 25.19
C GLU B 202 -36.91 -24.80 26.51
N ALA B 203 -36.87 -23.87 27.48
CA ALA B 203 -36.30 -24.15 28.78
C ALA B 203 -37.29 -24.81 29.74
N MET B 204 -38.53 -25.02 29.31
CA MET B 204 -39.51 -25.68 30.17
C MET B 204 -39.31 -27.19 30.25
N LYS B 205 -38.49 -27.78 29.39
CA LYS B 205 -38.32 -29.22 29.38
C LYS B 205 -37.27 -29.66 30.39
N SER C 16 -43.15 48.71 19.99
CA SER C 16 -42.08 49.68 20.22
C SER C 16 -40.95 49.46 19.23
N ARG C 17 -41.28 49.55 17.95
CA ARG C 17 -40.37 49.17 16.88
C ARG C 17 -39.58 50.37 16.39
N GLY C 18 -38.55 50.09 15.59
CA GLY C 18 -37.73 51.14 15.03
C GLY C 18 -36.29 51.11 15.52
N GLN C 19 -36.09 50.83 16.81
CA GLN C 19 -34.77 50.83 17.41
C GLN C 19 -34.20 49.41 17.32
N ARG C 20 -33.18 49.24 16.48
CA ARG C 20 -32.53 47.94 16.32
C ARG C 20 -31.51 47.78 17.43
N MET C 21 -31.85 46.95 18.41
CA MET C 21 -30.97 46.69 19.55
C MET C 21 -30.30 45.33 19.43
N TRP C 22 -29.91 44.96 18.21
CA TRP C 22 -29.24 43.70 17.99
C TRP C 22 -27.87 43.66 18.62
N TRP C 23 -27.22 44.82 18.76
CA TRP C 23 -25.86 44.89 19.26
C TRP C 23 -25.75 44.50 20.72
N ALA C 24 -26.84 44.60 21.49
CA ALA C 24 -26.78 44.30 22.90
C ALA C 24 -26.59 42.82 23.16
N PHE C 25 -27.16 41.98 22.30
CA PHE C 25 -27.01 40.53 22.43
C PHE C 25 -25.57 40.12 22.16
N LEU C 26 -25.01 40.58 21.05
CA LEU C 26 -23.63 40.27 20.70
C LEU C 26 -22.66 40.88 21.69
N ALA C 27 -23.00 42.03 22.27
CA ALA C 27 -22.14 42.62 23.30
C ALA C 27 -22.14 41.79 24.56
N SER C 28 -23.30 41.22 24.92
CA SER C 28 -23.36 40.39 26.12
C SER C 28 -22.55 39.12 25.97
N SER C 29 -22.53 38.56 24.76
CA SER C 29 -21.71 37.38 24.51
C SER C 29 -20.23 37.70 24.55
N MET C 30 -19.82 38.82 23.94
CA MET C 30 -18.41 39.16 23.88
C MET C 30 -17.88 39.60 25.24
N VAL C 31 -18.70 40.32 26.02
CA VAL C 31 -18.30 40.75 27.35
C VAL C 31 -18.17 39.54 28.28
N THR C 32 -19.06 38.55 28.14
CA THR C 32 -18.97 37.36 28.97
C THR C 32 -17.73 36.55 28.66
N PHE C 33 -17.45 36.35 27.38
CA PHE C 33 -16.28 35.54 26.98
C PHE C 33 -14.98 36.24 27.31
N PHE C 34 -14.80 37.46 26.82
CA PHE C 34 -13.52 38.14 26.99
C PHE C 34 -13.34 38.71 28.38
N GLY C 35 -14.43 39.12 29.04
CA GLY C 35 -14.31 39.64 30.39
C GLY C 35 -13.93 38.56 31.38
N GLY C 36 -14.51 37.37 31.26
CA GLY C 36 -14.08 36.27 32.09
C GLY C 36 -12.68 35.80 31.76
N LEU C 37 -12.29 35.92 30.49
CA LEU C 37 -10.93 35.57 30.10
C LEU C 37 -9.92 36.51 30.71
N PHE C 38 -10.23 37.80 30.74
CA PHE C 38 -9.31 38.77 31.34
C PHE C 38 -9.28 38.65 32.85
N ILE C 39 -10.40 38.26 33.46
CA ILE C 39 -10.42 38.06 34.91
C ILE C 39 -9.55 36.86 35.28
N ILE C 40 -9.57 35.81 34.47
CA ILE C 40 -8.74 34.64 34.72
C ILE C 40 -7.26 34.98 34.56
N LEU C 41 -6.92 35.71 33.50
CA LEU C 41 -5.53 36.06 33.25
C LEU C 41 -5.01 37.05 34.30
N LEU C 42 -5.86 37.96 34.76
CA LEU C 42 -5.43 38.90 35.79
C LEU C 42 -5.27 38.20 37.13
N TRP C 43 -6.06 37.17 37.40
CA TRP C 43 -5.87 36.36 38.59
C TRP C 43 -4.51 35.65 38.54
N ARG C 44 -4.14 35.16 37.36
CA ARG C 44 -2.87 34.46 37.23
C ARG C 44 -1.67 35.41 37.15
N THR C 45 -1.90 36.71 37.02
CA THR C 45 -0.79 37.64 37.19
C THR C 45 -0.71 38.16 38.62
N LEU C 46 -1.84 38.40 39.26
CA LEU C 46 -1.80 38.93 40.63
C LEU C 46 -1.34 37.88 41.62
N LYS C 47 -1.66 36.61 41.41
CA LYS C 47 -1.22 35.59 42.34
C LYS C 47 0.21 35.14 42.08
N TYR C 48 0.84 35.60 41.01
CA TYR C 48 2.26 35.39 40.81
C TYR C 48 3.02 36.70 40.81
N LEU C 49 2.36 37.78 41.21
CA LEU C 49 3.03 39.00 41.64
C LEU C 49 3.14 39.06 43.15
N TRP C 50 2.28 38.31 43.85
CA TRP C 50 2.17 38.39 45.30
C TRP C 50 3.39 37.84 46.02
N THR C 51 4.21 37.05 45.34
CA THR C 51 5.46 36.57 45.91
C THR C 51 6.68 37.25 45.32
N VAL C 52 6.61 37.65 44.05
CA VAL C 52 7.77 38.24 43.39
C VAL C 52 7.94 39.70 43.81
N CYS C 53 6.93 40.52 43.58
CA CYS C 53 7.00 41.93 43.99
C CYS C 53 6.85 42.05 45.50
N CYS C 54 5.70 41.62 46.03
CA CYS C 54 5.45 41.71 47.46
C CYS C 54 5.64 40.36 48.13
N VAL C 91 -6.74 16.64 52.96
CA VAL C 91 -7.43 16.99 51.74
C VAL C 91 -8.35 18.19 52.01
N GLY C 92 -8.38 19.14 51.08
CA GLY C 92 -9.15 20.35 51.26
C GLY C 92 -10.64 20.13 51.08
N TRP C 93 -11.37 21.25 51.11
CA TRP C 93 -12.81 21.21 50.89
C TRP C 93 -13.21 21.66 49.49
N MET C 94 -12.46 22.58 48.90
CA MET C 94 -12.72 22.97 47.52
C MET C 94 -12.37 21.85 46.56
N THR C 95 -11.38 21.03 46.91
CA THR C 95 -11.14 19.83 46.12
C THR C 95 -12.26 18.82 46.31
N SER C 96 -12.91 18.82 47.46
CA SER C 96 -14.01 17.89 47.68
C SER C 96 -15.22 18.26 46.85
N VAL C 97 -15.53 19.55 46.74
CA VAL C 97 -16.59 19.96 45.83
C VAL C 97 -16.15 19.84 44.38
N LYS C 98 -14.84 19.85 44.12
CA LYS C 98 -14.35 19.60 42.77
C LYS C 98 -14.55 18.14 42.38
N ASP C 99 -14.28 17.21 43.29
CA ASP C 99 -14.50 15.81 42.96
C ASP C 99 -15.97 15.47 42.87
N TRP C 100 -16.82 16.16 43.64
CA TRP C 100 -18.26 15.90 43.51
C TRP C 100 -18.78 16.40 42.17
N ALA C 101 -18.32 17.56 41.73
CA ALA C 101 -18.71 18.04 40.41
C ALA C 101 -18.15 17.18 39.31
N GLY C 102 -16.92 16.67 39.48
CA GLY C 102 -16.35 15.79 38.48
C GLY C 102 -17.04 14.45 38.40
N VAL C 103 -17.66 14.02 39.50
CA VAL C 103 -18.48 12.82 39.46
C VAL C 103 -19.82 13.12 38.79
N MET C 104 -20.39 14.30 39.06
CA MET C 104 -21.68 14.66 38.48
C MET C 104 -21.60 14.90 36.98
N ILE C 105 -20.47 15.40 36.48
CA ILE C 105 -20.32 15.62 35.05
C ILE C 105 -20.23 14.29 34.32
N SER C 106 -19.54 13.33 34.91
CA SER C 106 -19.57 11.98 34.39
C SER C 106 -20.87 11.30 34.81
N ALA C 107 -21.07 10.08 34.37
CA ALA C 107 -22.29 9.34 34.69
C ALA C 107 -22.04 8.29 35.76
N GLN C 108 -21.21 8.61 36.75
CA GLN C 108 -20.80 7.61 37.72
C GLN C 108 -21.86 7.32 38.77
N THR C 109 -22.87 8.18 38.91
CA THR C 109 -23.97 7.95 39.82
C THR C 109 -25.29 7.86 39.06
N LEU C 110 -26.38 7.86 39.81
CA LEU C 110 -27.70 7.90 39.21
C LEU C 110 -28.07 9.32 38.82
N THR C 111 -27.82 10.28 39.72
CA THR C 111 -28.18 11.66 39.43
C THR C 111 -27.27 12.27 38.37
N GLY C 112 -26.04 11.76 38.25
CA GLY C 112 -25.20 12.17 37.13
C GLY C 112 -25.73 11.62 35.81
N ARG C 113 -26.27 10.41 35.82
CA ARG C 113 -26.87 9.84 34.63
C ARG C 113 -28.10 10.62 34.20
N VAL C 114 -28.91 11.05 35.17
CA VAL C 114 -30.10 11.84 34.87
C VAL C 114 -29.71 13.20 34.31
N LEU C 115 -28.65 13.80 34.85
CA LEU C 115 -28.18 15.08 34.35
C LEU C 115 -27.67 14.95 32.91
N VAL C 116 -26.95 13.88 32.61
CA VAL C 116 -26.36 13.70 31.29
C VAL C 116 -27.43 13.45 30.23
N VAL C 117 -28.44 12.64 30.56
CA VAL C 117 -29.56 12.42 29.64
C VAL C 117 -30.35 13.70 29.44
N LEU C 118 -30.44 14.54 30.47
CA LEU C 118 -31.07 15.84 30.29
C LEU C 118 -30.27 16.75 29.38
N VAL C 119 -28.93 16.67 29.42
CA VAL C 119 -28.11 17.48 28.52
C VAL C 119 -28.34 17.06 27.07
N PHE C 120 -28.43 15.75 26.83
CA PHE C 120 -28.73 15.22 25.50
C PHE C 120 -30.07 15.73 24.98
N ALA C 121 -31.13 15.56 25.78
CA ALA C 121 -32.47 15.87 25.32
C ALA C 121 -32.70 17.36 25.17
N LEU C 122 -32.21 18.16 26.11
CA LEU C 122 -32.44 19.59 26.01
C LEU C 122 -31.55 20.26 24.99
N SER C 123 -30.44 19.63 24.59
CA SER C 123 -29.66 20.16 23.48
C SER C 123 -30.42 20.02 22.17
N ILE C 124 -31.07 18.88 21.96
CA ILE C 124 -31.92 18.73 20.78
C ILE C 124 -33.13 19.65 20.86
N GLY C 125 -33.64 19.89 22.07
CA GLY C 125 -34.77 20.78 22.21
C GLY C 125 -34.43 22.22 21.90
N ALA C 126 -33.26 22.68 22.34
CA ALA C 126 -32.85 24.04 22.03
C ALA C 126 -32.56 24.22 20.55
N LEU C 127 -32.08 23.16 19.90
CA LEU C 127 -31.85 23.22 18.45
C LEU C 127 -33.17 23.32 17.69
N VAL C 128 -34.19 22.59 18.16
CA VAL C 128 -35.50 22.65 17.51
C VAL C 128 -36.13 24.03 17.68
N ILE C 129 -35.89 24.66 18.83
CA ILE C 129 -36.37 26.02 19.05
C ILE C 129 -35.69 27.01 18.11
N TYR C 130 -34.42 26.78 17.78
CA TYR C 130 -33.77 27.60 16.77
C TYR C 130 -34.38 27.39 15.40
N PHE C 131 -34.72 26.14 15.07
CA PHE C 131 -35.35 25.86 13.78
C PHE C 131 -36.71 26.53 13.68
N ILE C 132 -37.43 26.64 14.79
CA ILE C 132 -38.69 27.35 14.80
C ILE C 132 -38.48 28.84 14.62
N ASP C 133 -37.52 29.40 15.35
CA ASP C 133 -37.29 30.84 15.33
C ASP C 133 -36.60 31.32 14.08
N SER C 134 -36.07 30.42 13.25
CA SER C 134 -35.34 30.84 12.07
C SER C 134 -36.25 31.40 10.99
N SER C 135 -37.52 30.99 10.97
CA SER C 135 -38.44 31.54 9.99
C SER C 135 -38.96 32.91 10.37
N ASN C 136 -38.73 33.32 11.61
CA ASN C 136 -39.17 34.63 12.08
C ASN C 136 -38.31 35.72 11.43
N PRO C 137 -38.78 36.98 11.47
CA PRO C 137 -37.92 38.10 11.05
C PRO C 137 -36.71 38.24 11.96
N ILE C 138 -35.78 39.07 11.51
CA ILE C 138 -34.48 39.16 12.16
C ILE C 138 -34.58 39.88 13.49
N GLU C 139 -35.24 41.05 13.50
CA GLU C 139 -35.38 41.86 14.69
C GLU C 139 -36.86 42.01 14.99
N SER C 140 -37.30 41.49 16.14
CA SER C 140 -38.73 41.50 16.46
C SER C 140 -38.92 41.48 17.96
N CYS C 141 -40.11 41.88 18.39
CA CYS C 141 -40.46 41.94 19.80
C CYS C 141 -41.28 40.72 20.20
N GLN C 142 -41.20 40.37 21.48
CA GLN C 142 -42.05 39.31 22.01
C GLN C 142 -42.22 39.50 23.51
N ASN C 143 -43.47 39.52 23.96
CA ASN C 143 -43.76 39.59 25.37
C ASN C 143 -43.50 38.23 26.01
N PHE C 144 -42.78 38.23 27.13
CA PHE C 144 -42.33 36.99 27.75
C PHE C 144 -43.49 36.19 28.33
N TYR C 145 -44.50 36.87 28.87
CA TYR C 145 -45.61 36.17 29.50
C TYR C 145 -46.57 35.59 28.48
N LYS C 146 -46.56 36.06 27.24
CA LYS C 146 -47.41 35.51 26.20
C LYS C 146 -46.69 34.53 25.29
N ASP C 147 -45.41 34.77 25.01
CA ASP C 147 -44.65 33.88 24.14
C ASP C 147 -44.30 32.60 24.89
N PHE C 148 -44.81 31.47 24.40
CA PHE C 148 -44.58 30.21 25.07
C PHE C 148 -43.18 29.68 24.81
N THR C 149 -42.72 29.79 23.56
CA THR C 149 -41.41 29.24 23.19
C THR C 149 -40.27 29.99 23.86
N LEU C 150 -40.48 31.27 24.15
CA LEU C 150 -39.50 32.01 24.94
C LEU C 150 -39.42 31.48 26.36
N GLN C 151 -40.52 30.98 26.90
CA GLN C 151 -40.49 30.41 28.24
C GLN C 151 -39.79 29.06 28.25
N ILE C 152 -40.00 28.24 27.22
CA ILE C 152 -39.33 26.96 27.14
C ILE C 152 -37.84 27.15 26.88
N ASP C 153 -37.49 28.15 26.08
CA ASP C 153 -36.09 28.49 25.85
C ASP C 153 -35.44 29.01 27.13
N MET C 154 -36.20 29.72 27.96
CA MET C 154 -35.70 30.15 29.26
C MET C 154 -35.37 28.96 30.15
N ALA C 155 -36.23 27.95 30.15
CA ALA C 155 -35.99 26.75 30.97
C ALA C 155 -34.77 25.99 30.49
N PHE C 156 -34.58 25.94 29.16
CA PHE C 156 -33.44 25.21 28.62
C PHE C 156 -32.13 25.91 28.94
N ASN C 157 -32.11 27.24 28.83
CA ASN C 157 -30.86 27.95 29.04
C ASN C 157 -30.52 28.15 30.51
N VAL C 158 -31.50 28.14 31.41
CA VAL C 158 -31.12 28.17 32.82
C VAL C 158 -30.57 26.81 33.23
N PHE C 159 -31.02 25.73 32.58
CA PHE C 159 -30.40 24.44 32.82
C PHE C 159 -28.98 24.41 32.29
N PHE C 160 -28.74 25.00 31.12
CA PHE C 160 -27.40 25.04 30.57
C PHE C 160 -26.48 25.92 31.39
N LEU C 161 -27.03 26.92 32.06
CA LEU C 161 -26.23 27.75 32.97
C LEU C 161 -25.76 26.95 34.18
N LEU C 162 -26.65 26.14 34.75
CA LEU C 162 -26.25 25.32 35.89
C LEU C 162 -25.25 24.24 35.48
N TYR C 163 -25.45 23.65 34.30
CA TYR C 163 -24.52 22.64 33.82
C TYR C 163 -23.17 23.24 33.48
N PHE C 164 -23.16 24.47 33.00
CA PHE C 164 -21.90 25.17 32.77
C PHE C 164 -21.18 25.44 34.08
N GLY C 165 -21.94 25.73 35.14
CA GLY C 165 -21.32 25.94 36.44
C GLY C 165 -20.71 24.68 37.01
N LEU C 166 -21.36 23.54 36.77
CA LEU C 166 -20.81 22.27 37.21
C LEU C 166 -19.54 21.92 36.45
N ARG C 167 -19.53 22.19 35.14
CA ARG C 167 -18.32 21.95 34.35
C ARG C 167 -17.20 22.92 34.72
N PHE C 168 -17.55 24.12 35.20
CA PHE C 168 -16.52 25.05 35.62
C PHE C 168 -15.88 24.61 36.93
N ILE C 169 -16.68 24.11 37.87
CA ILE C 169 -16.15 23.66 39.14
C ILE C 169 -15.30 22.41 38.94
N ALA C 170 -15.76 21.48 38.11
CA ALA C 170 -15.11 20.19 37.94
C ALA C 170 -13.78 20.26 37.20
N ALA C 171 -13.46 21.37 36.55
CA ALA C 171 -12.27 21.43 35.71
C ALA C 171 -11.01 21.56 36.54
N ASN C 172 -9.90 21.08 35.98
CA ASN C 172 -8.60 21.24 36.63
C ASN C 172 -8.03 22.62 36.33
N ASP C 173 -8.13 23.06 35.08
CA ASP C 173 -7.51 24.28 34.60
C ASP C 173 -8.60 25.24 34.18
N LYS C 174 -8.71 26.38 34.86
CA LYS C 174 -9.77 27.32 34.54
C LYS C 174 -9.56 27.99 33.19
N LEU C 175 -8.32 28.15 32.77
CA LEU C 175 -8.05 28.74 31.45
C LEU C 175 -8.38 27.76 30.34
N TRP C 176 -7.98 26.51 30.50
CA TRP C 176 -8.28 25.47 29.51
C TRP C 176 -9.77 25.21 29.42
N PHE C 177 -10.49 25.36 30.52
CA PHE C 177 -11.94 25.27 30.46
C PHE C 177 -12.54 26.45 29.72
N TRP C 178 -12.02 27.65 29.97
CA TRP C 178 -12.60 28.84 29.37
C TRP C 178 -12.36 28.93 27.87
N LEU C 179 -11.37 28.22 27.35
CA LEU C 179 -11.13 28.17 25.92
C LEU C 179 -11.67 26.89 25.28
N GLU C 180 -12.25 26.00 26.08
CA GLU C 180 -12.85 24.78 25.55
C GLU C 180 -14.06 25.12 24.71
N VAL C 181 -14.24 24.40 23.60
CA VAL C 181 -15.21 24.80 22.58
C VAL C 181 -16.64 24.65 23.08
N ASN C 182 -16.90 23.71 23.99
CA ASN C 182 -18.23 23.59 24.54
C ASN C 182 -18.57 24.69 25.53
N SER C 183 -17.58 25.45 25.97
CA SER C 183 -17.84 26.62 26.78
C SER C 183 -18.15 27.84 25.91
N VAL C 184 -17.47 27.95 24.77
CA VAL C 184 -17.69 29.07 23.86
C VAL C 184 -19.10 29.04 23.29
N VAL C 185 -19.63 27.84 23.07
CA VAL C 185 -21.03 27.70 22.67
C VAL C 185 -21.96 28.26 23.74
N ASP C 186 -21.63 28.02 25.01
CA ASP C 186 -22.44 28.55 26.09
C ASP C 186 -22.28 30.06 26.23
N PHE C 187 -21.13 30.60 25.89
CA PHE C 187 -20.95 32.05 25.97
C PHE C 187 -21.71 32.78 24.87
N PHE C 188 -21.96 32.11 23.75
CA PHE C 188 -22.64 32.78 22.65
C PHE C 188 -24.09 32.37 22.52
N THR C 189 -24.60 31.55 23.42
CA THR C 189 -26.02 31.21 23.38
C THR C 189 -26.76 31.52 24.67
N VAL C 190 -26.15 31.30 25.83
CA VAL C 190 -26.81 31.45 27.12
C VAL C 190 -26.97 32.90 27.55
N PRO C 191 -26.00 33.83 27.39
CA PRO C 191 -26.29 35.24 27.72
C PRO C 191 -27.38 35.90 26.88
N PRO C 192 -27.37 35.85 25.54
CA PRO C 192 -28.31 36.73 24.82
C PRO C 192 -29.77 36.32 24.91
N VAL C 193 -30.09 35.13 25.40
CA VAL C 193 -31.50 34.85 25.64
C VAL C 193 -31.95 35.52 26.95
N PHE C 194 -31.05 35.70 27.92
CA PHE C 194 -31.37 36.50 29.09
C PHE C 194 -31.51 37.97 28.72
N VAL C 195 -30.73 38.42 27.74
CA VAL C 195 -30.92 39.79 27.25
C VAL C 195 -32.23 39.89 26.50
N SER C 196 -32.65 38.81 25.84
CA SER C 196 -33.94 38.81 25.15
C SER C 196 -35.10 38.86 26.12
N VAL C 197 -34.96 38.24 27.30
CA VAL C 197 -36.07 38.30 28.24
C VAL C 197 -36.06 39.63 28.97
N TYR C 198 -34.91 40.30 29.04
CA TYR C 198 -34.86 41.58 29.73
C TYR C 198 -35.38 42.69 28.85
N LEU C 199 -35.14 42.60 27.55
CA LEU C 199 -35.59 43.60 26.61
C LEU C 199 -36.99 43.35 26.07
N ASN C 200 -37.53 42.15 26.31
CA ASN C 200 -38.78 41.67 25.70
C ASN C 200 -38.71 41.75 24.18
N ARG C 201 -37.54 41.43 23.64
CA ARG C 201 -37.27 41.60 22.21
C ARG C 201 -36.27 40.54 21.80
N SER C 202 -36.54 39.91 20.66
CA SER C 202 -35.70 38.82 20.17
C SER C 202 -34.86 39.28 18.99
N TRP C 203 -33.78 38.55 18.77
CA TRP C 203 -32.94 38.74 17.60
C TRP C 203 -32.33 37.40 17.26
N LEU C 204 -32.60 36.89 16.06
CA LEU C 204 -32.02 35.64 15.61
C LEU C 204 -30.56 35.90 15.28
N GLY C 205 -29.73 35.89 16.30
CA GLY C 205 -28.35 36.24 16.11
C GLY C 205 -27.50 35.02 15.91
N LEU C 206 -26.60 34.76 16.84
CA LEU C 206 -25.79 33.55 16.78
C LEU C 206 -26.46 32.41 17.52
N ARG C 207 -27.73 32.18 17.21
CA ARG C 207 -28.45 31.05 17.77
C ARG C 207 -28.15 29.78 17.00
N PHE C 208 -27.50 29.88 15.84
CA PHE C 208 -27.15 28.69 15.07
C PHE C 208 -26.04 27.90 15.74
N LEU C 209 -25.31 28.50 16.68
CA LEU C 209 -24.30 27.79 17.43
C LEU C 209 -24.88 26.78 18.41
N ARG C 210 -26.21 26.73 18.57
CA ARG C 210 -26.83 25.66 19.33
C ARG C 210 -26.67 24.32 18.66
N ALA C 211 -26.43 24.28 17.35
CA ALA C 211 -26.17 23.04 16.65
C ALA C 211 -24.80 22.48 16.96
N LEU C 212 -23.90 23.26 17.54
CA LEU C 212 -22.59 22.74 17.92
C LEU C 212 -22.65 21.89 19.17
N ARG C 213 -23.78 21.83 19.85
CA ARG C 213 -23.89 21.01 21.05
C ARG C 213 -23.96 19.52 20.73
N LEU C 214 -24.15 19.15 19.47
CA LEU C 214 -24.19 17.73 19.12
C LEU C 214 -22.80 17.11 19.11
N ILE C 215 -21.74 17.90 19.25
CA ILE C 215 -20.39 17.37 19.41
C ILE C 215 -20.26 16.56 20.68
N GLN C 216 -21.00 16.92 21.72
CA GLN C 216 -20.95 16.26 23.02
C GLN C 216 -21.55 14.86 23.03
N PHE C 217 -22.21 14.44 21.96
CA PHE C 217 -23.10 13.29 22.03
C PHE C 217 -22.31 11.99 22.16
N SER C 218 -21.20 11.87 21.45
CA SER C 218 -20.40 10.65 21.56
C SER C 218 -19.73 10.56 22.92
N GLU C 219 -19.35 11.69 23.52
CA GLU C 219 -18.74 11.65 24.83
C GLU C 219 -19.77 11.30 25.90
N ILE C 220 -20.93 11.94 25.86
CA ILE C 220 -21.94 11.65 26.87
C ILE C 220 -22.68 10.35 26.61
N LEU C 221 -22.41 9.68 25.50
CA LEU C 221 -22.80 8.29 25.36
C LEU C 221 -21.69 7.33 25.77
N GLN C 222 -20.44 7.79 25.75
CA GLN C 222 -19.36 6.99 26.32
C GLN C 222 -19.42 6.98 27.84
N PHE C 223 -19.99 8.03 28.43
CA PHE C 223 -20.17 8.05 29.87
C PHE C 223 -21.25 7.08 30.31
N LEU C 224 -22.28 6.90 29.50
CA LEU C 224 -23.46 6.13 29.87
C LEU C 224 -23.33 4.66 29.53
N ASN C 225 -22.13 4.18 29.20
CA ASN C 225 -21.85 2.79 28.80
C ASN C 225 -22.66 2.34 27.60
N ILE C 226 -23.03 3.26 26.72
CA ILE C 226 -23.75 2.88 25.51
C ILE C 226 -22.80 2.57 24.37
N LEU C 227 -21.74 3.36 24.24
CA LEU C 227 -20.73 3.15 23.21
C LEU C 227 -19.50 2.53 23.85
N LYS C 228 -19.16 1.32 23.45
CA LYS C 228 -18.00 0.65 24.00
C LYS C 228 -16.95 0.31 22.96
N THR C 229 -17.32 -0.31 21.86
CA THR C 229 -16.32 -0.74 20.88
C THR C 229 -15.92 0.43 19.99
N SER C 230 -14.81 0.22 19.28
CA SER C 230 -14.14 1.34 18.63
C SER C 230 -14.82 1.76 17.34
N ASN C 231 -15.52 0.86 16.67
CA ASN C 231 -16.12 1.20 15.38
C ASN C 231 -17.31 2.12 15.56
N SER C 232 -18.19 1.81 16.49
CA SER C 232 -19.35 2.67 16.66
C SER C 232 -19.09 3.87 17.54
N ILE C 233 -18.00 3.88 18.31
CA ILE C 233 -17.51 5.13 18.87
C ILE C 233 -17.07 6.07 17.75
N LYS C 234 -16.33 5.52 16.78
CA LYS C 234 -15.88 6.31 15.65
C LYS C 234 -17.04 6.73 14.75
N LEU C 235 -18.08 5.90 14.65
CA LEU C 235 -19.20 6.23 13.79
C LEU C 235 -20.02 7.37 14.35
N VAL C 236 -20.27 7.37 15.65
CA VAL C 236 -21.02 8.47 16.26
C VAL C 236 -20.19 9.74 16.27
N ASN C 237 -18.87 9.60 16.38
CA ASN C 237 -17.99 10.77 16.29
C ASN C 237 -18.05 11.41 14.92
N LEU C 238 -18.00 10.61 13.86
CA LEU C 238 -18.06 11.15 12.51
C LEU C 238 -19.42 11.76 12.21
N LEU C 239 -20.49 11.11 12.68
CA LEU C 239 -21.84 11.61 12.42
C LEU C 239 -22.10 12.91 13.17
N SER C 240 -21.61 13.01 14.40
CA SER C 240 -21.82 14.22 15.19
C SER C 240 -21.10 15.41 14.58
N ILE C 241 -19.84 15.22 14.17
CA ILE C 241 -19.06 16.31 13.62
C ILE C 241 -19.61 16.74 12.26
N PHE C 242 -20.07 15.77 11.46
CA PHE C 242 -20.59 16.08 10.13
C PHE C 242 -21.88 16.86 10.20
N ILE C 243 -22.83 16.41 11.02
CA ILE C 243 -24.14 17.05 11.06
C ILE C 243 -24.05 18.40 11.76
N SER C 244 -23.22 18.52 12.80
CA SER C 244 -23.12 19.79 13.49
C SER C 244 -22.44 20.84 12.65
N THR C 245 -21.41 20.46 11.87
CA THR C 245 -20.76 21.42 10.99
C THR C 245 -21.68 21.86 9.87
N TRP C 246 -22.47 20.92 9.35
CA TRP C 246 -23.42 21.22 8.29
C TRP C 246 -24.50 22.19 8.77
N LEU C 247 -25.08 21.92 9.93
CA LEU C 247 -26.16 22.76 10.41
C LEU C 247 -25.66 24.11 10.90
N THR C 248 -24.46 24.17 11.48
CA THR C 248 -23.95 25.44 11.97
C THR C 248 -23.58 26.36 10.82
N ALA C 249 -22.86 25.83 9.83
CA ALA C 249 -22.47 26.66 8.70
C ALA C 249 -23.67 27.08 7.86
N ALA C 250 -24.71 26.25 7.84
CA ALA C 250 -25.95 26.68 7.19
C ALA C 250 -26.62 27.80 7.95
N GLY C 251 -26.51 27.79 9.27
CA GLY C 251 -27.09 28.88 10.05
C GLY C 251 -26.33 30.18 9.86
N PHE C 252 -25.01 30.11 9.72
CA PHE C 252 -24.23 31.32 9.52
C PHE C 252 -24.49 31.92 8.15
N ILE C 253 -24.58 31.09 7.11
CA ILE C 253 -24.89 31.62 5.80
C ILE C 253 -26.34 32.09 5.72
N HIS C 254 -27.22 31.57 6.58
CA HIS C 254 -28.59 32.07 6.62
C HIS C 254 -28.65 33.46 7.23
N LEU C 255 -27.90 33.68 8.31
CA LEU C 255 -27.84 34.99 8.94
C LEU C 255 -27.23 36.01 8.01
N VAL C 256 -26.16 35.64 7.32
CA VAL C 256 -25.45 36.59 6.45
C VAL C 256 -26.28 36.91 5.22
N GLU C 257 -26.95 35.91 4.64
CA GLU C 257 -27.69 36.17 3.42
C GLU C 257 -28.98 36.92 3.68
N ASN C 258 -29.57 36.78 4.86
CA ASN C 258 -30.81 37.50 5.11
C ASN C 258 -30.54 38.95 5.50
N SER C 259 -29.85 39.15 6.61
CA SER C 259 -29.40 40.50 6.96
C SER C 259 -28.22 40.79 6.06
N GLY C 260 -28.46 41.55 5.00
CA GLY C 260 -27.51 41.70 3.92
C GLY C 260 -26.25 42.48 4.23
N ASP C 261 -25.56 42.92 3.19
CA ASP C 261 -24.28 43.58 3.36
C ASP C 261 -24.46 44.97 3.97
N PRO C 262 -23.68 45.33 4.99
CA PRO C 262 -23.79 46.67 5.56
C PRO C 262 -23.23 47.77 4.68
N TRP C 263 -22.61 47.45 3.55
CA TRP C 263 -21.99 48.45 2.71
C TRP C 263 -22.95 49.05 1.70
N GLU C 264 -24.02 48.35 1.39
CA GLU C 264 -25.07 48.85 0.52
C GLU C 264 -26.26 49.37 1.30
N ASN C 265 -26.10 49.58 2.61
CA ASN C 265 -27.18 49.86 3.55
C ASN C 265 -28.25 48.78 3.49
N PHE C 266 -27.79 47.51 3.45
CA PHE C 266 -28.62 46.32 3.61
C PHE C 266 -29.68 46.18 2.52
N GLN C 267 -29.28 46.44 1.28
CA GLN C 267 -30.13 46.17 0.13
C GLN C 267 -29.79 44.86 -0.55
N ASN C 268 -29.02 43.99 0.12
CA ASN C 268 -28.65 42.70 -0.44
C ASN C 268 -29.37 41.55 0.25
N ASN C 269 -30.58 41.80 0.75
CA ASN C 269 -31.29 40.77 1.48
C ASN C 269 -31.84 39.70 0.54
N GLN C 270 -31.02 38.72 0.19
CA GLN C 270 -31.53 37.53 -0.47
C GLN C 270 -32.31 36.72 0.55
N ALA C 271 -33.63 36.74 0.46
CA ALA C 271 -34.48 36.15 1.48
C ALA C 271 -34.49 34.63 1.31
N LEU C 272 -33.54 33.98 1.96
CA LEU C 272 -33.48 32.53 2.00
C LEU C 272 -34.06 32.03 3.32
N THR C 273 -34.69 30.86 3.28
CA THR C 273 -35.09 30.21 4.50
C THR C 273 -33.90 29.49 5.10
N TYR C 274 -34.08 28.86 6.25
CA TYR C 274 -32.97 28.11 6.82
C TYR C 274 -32.71 26.84 6.03
N TRP C 275 -33.77 26.15 5.63
CA TRP C 275 -33.61 24.88 4.94
C TRP C 275 -33.07 25.05 3.54
N GLU C 276 -33.28 26.21 2.92
CA GLU C 276 -32.64 26.46 1.64
C GLU C 276 -31.14 26.58 1.80
N CYS C 277 -30.66 27.09 2.93
CA CYS C 277 -29.22 27.14 3.16
C CYS C 277 -28.66 25.78 3.51
N VAL C 278 -29.43 24.93 4.18
CA VAL C 278 -29.00 23.55 4.40
C VAL C 278 -28.89 22.80 3.08
N TYR C 279 -29.85 23.04 2.19
CA TYR C 279 -29.82 22.43 0.88
C TYR C 279 -28.70 23.02 0.03
N LEU C 280 -28.41 24.31 0.20
CA LEU C 280 -27.29 24.94 -0.49
C LEU C 280 -25.97 24.33 -0.08
N LEU C 281 -25.79 24.07 1.21
CA LEU C 281 -24.50 23.54 1.63
C LEU C 281 -24.33 22.08 1.30
N MET C 282 -25.42 21.32 1.23
CA MET C 282 -25.27 19.93 0.82
C MET C 282 -25.03 19.82 -0.67
N VAL C 283 -25.60 20.73 -1.46
CA VAL C 283 -25.29 20.77 -2.89
C VAL C 283 -23.87 21.24 -3.10
N THR C 284 -23.37 22.11 -2.23
CA THR C 284 -22.03 22.64 -2.40
C THR C 284 -20.94 21.69 -1.92
N MET C 285 -21.13 21.12 -0.72
CA MET C 285 -20.16 20.16 -0.15
C MET C 285 -19.98 18.95 -1.04
N SER C 286 -21.04 18.50 -1.68
CA SER C 286 -20.99 17.37 -2.57
C SER C 286 -20.38 17.70 -3.93
N THR C 287 -20.00 18.96 -4.14
CA THR C 287 -19.48 19.51 -5.40
C THR C 287 -20.44 19.29 -6.56
N VAL C 288 -21.73 19.25 -6.30
CA VAL C 288 -22.68 19.27 -7.41
C VAL C 288 -22.84 20.69 -7.92
N GLY C 289 -23.33 21.59 -7.08
CA GLY C 289 -23.40 22.99 -7.44
C GLY C 289 -24.37 23.30 -8.56
N TYR C 290 -25.67 23.17 -8.30
CA TYR C 290 -26.65 23.39 -9.35
C TYR C 290 -26.66 24.84 -9.81
N GLY C 291 -26.67 25.77 -8.89
CA GLY C 291 -26.78 27.16 -9.23
C GLY C 291 -28.19 27.71 -9.16
N ASP C 292 -29.16 26.90 -8.74
CA ASP C 292 -30.49 27.41 -8.50
C ASP C 292 -30.53 28.26 -7.24
N VAL C 293 -29.68 27.94 -6.28
CA VAL C 293 -29.57 28.66 -5.02
C VAL C 293 -28.10 28.92 -4.78
N TYR C 294 -27.72 30.17 -4.58
CA TYR C 294 -26.34 30.50 -4.28
C TYR C 294 -26.31 31.76 -3.45
N ALA C 295 -25.17 32.01 -2.81
CA ALA C 295 -25.01 33.21 -2.02
C ALA C 295 -24.75 34.39 -2.93
N LYS C 296 -25.47 35.49 -2.70
CA LYS C 296 -25.35 36.66 -3.55
C LYS C 296 -24.66 37.85 -2.89
N THR C 297 -24.55 37.87 -1.57
CA THR C 297 -23.91 38.97 -0.91
C THR C 297 -22.39 38.81 -0.93
N THR C 298 -21.69 39.87 -0.52
CA THR C 298 -20.24 39.82 -0.48
C THR C 298 -19.75 38.98 0.68
N LEU C 299 -20.35 39.17 1.86
CA LEU C 299 -19.99 38.33 3.00
C LEU C 299 -20.42 36.89 2.80
N GLY C 300 -21.49 36.67 2.05
CA GLY C 300 -21.92 35.31 1.78
C GLY C 300 -20.95 34.57 0.89
N ARG C 301 -20.51 35.21 -0.20
CA ARG C 301 -19.52 34.60 -1.07
C ARG C 301 -18.19 34.42 -0.37
N LEU C 302 -17.84 35.32 0.54
CA LEU C 302 -16.58 35.21 1.27
C LEU C 302 -16.61 34.02 2.22
N PHE C 303 -17.73 33.81 2.91
CA PHE C 303 -17.83 32.61 3.73
C PHE C 303 -17.88 31.35 2.89
N MET C 304 -18.49 31.40 1.71
CA MET C 304 -18.55 30.21 0.87
C MET C 304 -17.19 29.83 0.33
N VAL C 305 -16.31 30.80 0.14
CA VAL C 305 -14.94 30.50 -0.27
C VAL C 305 -14.21 29.77 0.84
N PHE C 306 -14.33 30.26 2.08
CA PHE C 306 -13.72 29.57 3.19
C PHE C 306 -14.39 28.23 3.47
N PHE C 307 -15.69 28.14 3.23
CA PHE C 307 -16.38 26.90 3.52
C PHE C 307 -16.04 25.81 2.52
N ILE C 308 -15.80 26.15 1.25
CA ILE C 308 -15.46 25.07 0.35
C ILE C 308 -14.02 24.64 0.56
N LEU C 309 -13.15 25.55 1.03
CA LEU C 309 -11.80 25.16 1.40
C LEU C 309 -11.78 24.17 2.55
N GLY C 310 -12.72 24.28 3.48
CA GLY C 310 -12.77 23.31 4.56
C GLY C 310 -13.71 22.16 4.32
N GLY C 311 -14.94 22.48 3.92
CA GLY C 311 -16.02 21.52 3.87
C GLY C 311 -15.93 20.50 2.77
N LEU C 312 -15.20 20.79 1.68
CA LEU C 312 -15.07 19.78 0.64
C LEU C 312 -14.22 18.61 1.11
N ALA C 313 -13.11 18.91 1.79
CA ALA C 313 -12.29 17.85 2.37
C ALA C 313 -13.02 17.14 3.48
N MET C 314 -13.89 17.85 4.21
CA MET C 314 -14.65 17.20 5.27
C MET C 314 -15.67 16.22 4.71
N PHE C 315 -16.35 16.59 3.62
CA PHE C 315 -17.33 15.69 3.01
C PHE C 315 -16.63 14.47 2.40
N ALA C 316 -15.58 14.70 1.62
CA ALA C 316 -14.91 13.62 0.92
C ALA C 316 -14.19 12.67 1.86
N SER C 317 -13.79 13.13 3.04
CA SER C 317 -13.19 12.21 3.99
C SER C 317 -14.23 11.48 4.83
N TYR C 318 -15.28 12.17 5.26
CA TYR C 318 -16.15 11.58 6.27
C TYR C 318 -17.22 10.68 5.69
N VAL C 319 -17.75 11.02 4.51
CA VAL C 319 -18.90 10.28 3.98
C VAL C 319 -18.56 8.85 3.56
N PRO C 320 -17.47 8.57 2.81
CA PRO C 320 -17.17 7.15 2.54
C PRO C 320 -16.75 6.38 3.78
N GLU C 321 -16.20 7.05 4.79
CA GLU C 321 -15.85 6.35 6.02
C GLU C 321 -17.10 5.98 6.82
N ILE C 322 -18.11 6.85 6.82
CA ILE C 322 -19.37 6.54 7.49
C ILE C 322 -20.06 5.37 6.79
N ILE C 323 -20.08 5.39 5.46
CA ILE C 323 -20.67 4.30 4.69
C ILE C 323 -19.85 3.01 4.83
N GLU C 324 -18.56 3.11 5.16
CA GLU C 324 -17.81 1.91 5.52
C GLU C 324 -18.25 1.35 6.87
N LEU C 325 -18.49 2.21 7.85
CA LEU C 325 -18.78 1.72 9.19
C LEU C 325 -20.21 1.22 9.34
N ILE C 326 -21.14 1.73 8.58
CA ILE C 326 -22.43 1.09 8.42
C ILE C 326 -22.23 0.02 7.35
N GLY C 327 -23.17 -0.91 7.24
CA GLY C 327 -23.11 -1.89 6.17
C GLY C 327 -22.17 -3.05 6.40
N ASN C 328 -21.32 -2.99 7.42
CA ASN C 328 -20.50 -4.12 7.80
C ASN C 328 -21.39 -5.11 8.55
N ARG C 329 -22.09 -5.93 7.76
CA ARG C 329 -22.95 -6.97 8.29
C ARG C 329 -22.35 -8.33 7.97
N LYS C 330 -22.36 -9.23 8.95
CA LYS C 330 -21.90 -10.59 8.74
C LYS C 330 -22.90 -11.34 7.88
N LYS C 331 -22.43 -11.88 6.75
CA LYS C 331 -23.35 -12.47 5.78
C LYS C 331 -23.85 -13.84 6.25
N TYR C 332 -22.93 -14.78 6.46
CA TYR C 332 -23.32 -16.15 6.76
C TYR C 332 -23.36 -16.43 8.26
N GLY C 333 -24.17 -15.65 8.97
CA GLY C 333 -24.45 -15.90 10.36
C GLY C 333 -25.60 -16.88 10.50
N GLY C 334 -26.22 -16.85 11.66
CA GLY C 334 -27.36 -17.70 11.88
C GLY C 334 -26.97 -19.13 12.17
N SER C 335 -27.97 -20.00 12.18
CA SER C 335 -27.77 -21.38 12.61
C SER C 335 -28.53 -22.31 11.68
N TYR C 336 -28.07 -23.55 11.66
CA TYR C 336 -28.76 -24.59 10.90
C TYR C 336 -29.99 -25.04 11.65
N SER C 337 -31.07 -25.24 10.90
CA SER C 337 -32.32 -25.72 11.47
C SER C 337 -32.54 -27.15 10.99
N ALA C 338 -32.51 -28.09 11.93
CA ALA C 338 -32.69 -29.49 11.58
C ALA C 338 -34.12 -29.78 11.19
N VAL C 339 -34.29 -30.76 10.31
CA VAL C 339 -35.62 -31.21 9.90
C VAL C 339 -35.80 -32.64 10.36
N SER C 340 -37.05 -33.05 10.48
CA SER C 340 -37.37 -34.37 10.97
C SER C 340 -37.25 -35.40 9.87
N GLY C 341 -36.68 -36.56 10.20
CA GLY C 341 -36.59 -37.63 9.24
C GLY C 341 -35.54 -37.45 8.18
N ARG C 342 -34.61 -36.53 8.38
CA ARG C 342 -33.51 -36.33 7.43
C ARG C 342 -32.32 -35.85 8.23
N LYS C 343 -31.22 -36.58 8.12
CA LYS C 343 -30.01 -36.26 8.86
C LYS C 343 -29.13 -35.32 8.06
N HIS C 344 -28.08 -34.82 8.70
CA HIS C 344 -27.20 -33.87 8.06
C HIS C 344 -25.76 -34.17 8.43
N ILE C 345 -24.86 -33.48 7.75
CA ILE C 345 -23.42 -33.74 7.81
C ILE C 345 -22.71 -32.41 7.95
N VAL C 346 -21.80 -32.31 8.91
CA VAL C 346 -21.02 -31.10 9.11
C VAL C 346 -19.62 -31.33 8.55
N VAL C 347 -19.17 -30.43 7.69
CA VAL C 347 -17.88 -30.54 7.05
C VAL C 347 -17.04 -29.35 7.46
N CYS C 348 -15.85 -29.62 8.02
CA CYS C 348 -14.96 -28.54 8.41
C CYS C 348 -13.56 -28.79 7.88
N GLY C 349 -12.61 -27.99 8.31
CA GLY C 349 -11.24 -28.20 7.88
C GLY C 349 -10.84 -27.29 6.75
N HIS C 350 -10.08 -27.83 5.80
CA HIS C 350 -9.58 -27.06 4.67
C HIS C 350 -10.67 -26.97 3.62
N ILE C 351 -11.40 -25.86 3.61
CA ILE C 351 -12.53 -25.68 2.71
C ILE C 351 -12.14 -24.60 1.71
N THR C 352 -11.94 -25.02 0.46
CA THR C 352 -11.69 -24.09 -0.63
C THR C 352 -12.67 -24.38 -1.76
N LEU C 353 -12.47 -23.77 -2.92
CA LEU C 353 -13.39 -24.01 -4.02
C LEU C 353 -13.19 -25.39 -4.62
N GLU C 354 -11.93 -25.77 -4.85
CA GLU C 354 -11.67 -27.04 -5.51
C GLU C 354 -11.90 -28.23 -4.59
N SER C 355 -11.67 -28.07 -3.29
CA SER C 355 -11.90 -29.17 -2.36
C SER C 355 -13.38 -29.43 -2.19
N VAL C 356 -14.19 -28.38 -2.13
CA VAL C 356 -15.63 -28.54 -2.03
C VAL C 356 -16.19 -29.07 -3.33
N SER C 357 -15.63 -28.67 -4.47
CA SER C 357 -16.08 -29.16 -5.76
C SER C 357 -15.81 -30.65 -5.92
N ASN C 358 -14.61 -31.10 -5.54
CA ASN C 358 -14.31 -32.52 -5.61
C ASN C 358 -15.11 -33.32 -4.61
N PHE C 359 -15.39 -32.73 -3.45
CA PHE C 359 -16.21 -33.42 -2.45
C PHE C 359 -17.64 -33.58 -2.95
N LEU C 360 -18.23 -32.51 -3.48
CA LEU C 360 -19.61 -32.57 -3.94
C LEU C 360 -19.77 -33.40 -5.20
N LYS C 361 -18.70 -33.61 -5.95
CA LYS C 361 -18.78 -34.56 -7.06
C LYS C 361 -18.84 -35.99 -6.55
N ASP C 362 -17.97 -36.34 -5.61
CA ASP C 362 -17.93 -37.72 -5.16
C ASP C 362 -19.02 -38.06 -4.16
N PHE C 363 -19.63 -37.06 -3.53
CA PHE C 363 -20.64 -37.29 -2.51
C PHE C 363 -22.03 -37.36 -3.12
N LEU C 364 -22.39 -36.38 -3.92
CA LEU C 364 -23.72 -36.30 -4.52
C LEU C 364 -23.78 -36.97 -5.89
N HIS C 365 -22.97 -37.98 -6.11
CA HIS C 365 -22.97 -38.67 -7.40
C HIS C 365 -24.24 -39.50 -7.54
N LYS C 366 -24.70 -39.61 -8.79
CA LYS C 366 -25.93 -40.34 -9.06
C LYS C 366 -25.76 -41.84 -8.98
N ASP C 367 -24.53 -42.35 -8.93
CA ASP C 367 -24.31 -43.78 -8.83
C ASP C 367 -24.61 -44.34 -7.44
N ARG C 368 -24.78 -43.48 -6.44
CA ARG C 368 -25.29 -43.93 -5.15
C ARG C 368 -26.79 -44.17 -5.24
N ASP C 369 -27.37 -44.56 -4.12
CA ASP C 369 -28.82 -44.61 -4.02
C ASP C 369 -29.38 -43.19 -3.85
N ASP C 370 -30.69 -43.10 -3.61
CA ASP C 370 -31.31 -41.79 -3.40
C ASP C 370 -30.92 -41.30 -2.01
N VAL C 371 -29.75 -40.67 -1.94
CA VAL C 371 -29.28 -40.12 -0.67
C VAL C 371 -30.07 -38.87 -0.33
N ASN C 372 -30.14 -38.58 0.97
CA ASN C 372 -30.92 -37.44 1.40
C ASN C 372 -30.26 -36.67 2.53
N VAL C 373 -29.00 -36.88 2.79
CA VAL C 373 -28.35 -36.14 3.85
C VAL C 373 -28.06 -34.73 3.36
N GLU C 374 -28.09 -33.78 4.27
CA GLU C 374 -27.70 -32.42 3.93
C GLU C 374 -26.27 -32.18 4.37
N ILE C 375 -25.60 -31.28 3.66
CA ILE C 375 -24.20 -31.01 3.89
C ILE C 375 -24.07 -29.61 4.44
N VAL C 376 -23.62 -29.50 5.67
CA VAL C 376 -23.42 -28.21 6.33
C VAL C 376 -21.93 -27.96 6.37
N PHE C 377 -21.51 -26.77 5.95
CA PHE C 377 -20.11 -26.42 5.98
C PHE C 377 -19.86 -25.44 7.10
N LEU C 378 -18.59 -25.34 7.51
CA LEU C 378 -18.23 -24.49 8.65
C LEU C 378 -16.79 -24.05 8.45
N HIS C 379 -16.60 -22.79 8.11
CA HIS C 379 -15.27 -22.26 7.87
C HIS C 379 -15.24 -20.81 8.33
N ASN C 380 -14.14 -20.40 8.94
CA ASN C 380 -14.07 -19.05 9.46
C ASN C 380 -13.88 -18.01 8.36
N ILE C 381 -13.20 -18.37 7.27
CA ILE C 381 -13.05 -17.46 6.15
C ILE C 381 -14.35 -17.40 5.38
N SER C 382 -14.76 -16.19 5.00
CA SER C 382 -15.94 -16.04 4.18
C SER C 382 -15.66 -16.51 2.76
N PRO C 383 -16.64 -17.14 2.10
CA PRO C 383 -16.39 -17.66 0.75
C PRO C 383 -16.34 -16.55 -0.27
N ASN C 384 -15.59 -16.80 -1.35
CA ASN C 384 -15.52 -15.86 -2.45
C ASN C 384 -16.74 -16.05 -3.35
N LEU C 385 -16.77 -15.37 -4.48
CA LEU C 385 -17.97 -15.38 -5.31
C LEU C 385 -18.13 -16.69 -6.06
N GLU C 386 -17.03 -17.42 -6.28
CA GLU C 386 -17.15 -18.70 -6.97
C GLU C 386 -17.71 -19.77 -6.06
N LEU C 387 -17.35 -19.75 -4.78
CA LEU C 387 -17.95 -20.68 -3.84
C LEU C 387 -19.43 -20.37 -3.61
N GLU C 388 -19.80 -19.08 -3.62
CA GLU C 388 -21.20 -18.73 -3.47
C GLU C 388 -22.01 -19.18 -4.68
N ALA C 389 -21.42 -19.13 -5.87
CA ALA C 389 -22.10 -19.67 -7.03
C ALA C 389 -22.20 -21.18 -6.96
N LEU C 390 -21.21 -21.84 -6.37
CA LEU C 390 -21.29 -23.28 -6.20
C LEU C 390 -22.35 -23.66 -5.19
N PHE C 391 -22.50 -22.88 -4.13
CA PHE C 391 -23.54 -23.18 -3.16
C PHE C 391 -24.92 -22.86 -3.69
N LYS C 392 -25.02 -21.94 -4.64
CA LYS C 392 -26.29 -21.72 -5.30
C LYS C 392 -26.60 -22.80 -6.32
N ARG C 393 -25.58 -23.49 -6.83
CA ARG C 393 -25.84 -24.62 -7.70
C ARG C 393 -26.38 -25.82 -6.94
N HIS C 394 -26.21 -25.86 -5.63
CA HIS C 394 -26.64 -26.95 -4.78
C HIS C 394 -27.52 -26.42 -3.66
N PHE C 395 -28.53 -25.65 -4.07
CA PHE C 395 -29.30 -24.82 -3.16
C PHE C 395 -30.09 -25.62 -2.13
N THR C 396 -30.45 -26.85 -2.46
CA THR C 396 -31.23 -27.66 -1.53
C THR C 396 -30.40 -28.65 -0.74
N GLN C 397 -29.16 -28.94 -1.17
CA GLN C 397 -28.37 -29.96 -0.51
C GLN C 397 -27.26 -29.42 0.36
N VAL C 398 -26.87 -28.16 0.19
CA VAL C 398 -25.68 -27.62 0.81
C VAL C 398 -26.02 -26.30 1.48
N GLU C 399 -25.70 -26.18 2.76
CA GLU C 399 -25.80 -24.92 3.48
C GLU C 399 -24.44 -24.56 4.06
N PHE C 400 -24.12 -23.27 4.05
CA PHE C 400 -22.86 -22.77 4.59
C PHE C 400 -23.14 -21.94 5.83
N TYR C 401 -22.22 -22.01 6.80
CA TYR C 401 -22.29 -21.21 8.01
C TYR C 401 -20.89 -20.83 8.42
N GLN C 402 -20.62 -19.55 8.54
CA GLN C 402 -19.27 -19.08 8.85
C GLN C 402 -19.04 -19.15 10.35
N GLY C 403 -18.00 -19.87 10.75
CA GLY C 403 -17.66 -19.96 12.17
C GLY C 403 -16.38 -20.74 12.32
N SER C 404 -15.97 -20.89 13.57
CA SER C 404 -14.74 -21.62 13.89
C SER C 404 -15.10 -22.88 14.65
N VAL C 405 -14.48 -23.99 14.27
CA VAL C 405 -14.81 -25.28 14.88
C VAL C 405 -14.29 -25.37 16.31
N LEU C 406 -13.29 -24.57 16.66
CA LEU C 406 -12.81 -24.54 18.03
C LEU C 406 -13.79 -23.85 18.97
N ASN C 407 -14.49 -22.84 18.49
CA ASN C 407 -15.44 -22.12 19.34
C ASN C 407 -16.71 -22.94 19.48
N PRO C 408 -17.10 -23.32 20.69
CA PRO C 408 -18.25 -24.23 20.85
C PRO C 408 -19.60 -23.58 20.58
N HIS C 409 -19.67 -22.25 20.51
CA HIS C 409 -20.92 -21.63 20.09
C HIS C 409 -21.19 -21.90 18.62
N ASP C 410 -20.13 -21.91 17.81
CA ASP C 410 -20.28 -22.22 16.40
C ASP C 410 -20.60 -23.69 16.18
N LEU C 411 -20.10 -24.57 17.06
CA LEU C 411 -20.52 -25.96 17.00
C LEU C 411 -21.98 -26.11 17.38
N ALA C 412 -22.47 -25.26 18.28
CA ALA C 412 -23.88 -25.28 18.60
C ALA C 412 -24.74 -24.71 17.47
N ARG C 413 -24.15 -23.88 16.62
CA ARG C 413 -24.92 -23.29 15.53
C ARG C 413 -25.20 -24.27 14.41
N VAL C 414 -24.30 -25.22 14.17
CA VAL C 414 -24.44 -26.12 13.04
C VAL C 414 -25.12 -27.41 13.47
N LYS C 415 -25.61 -27.43 14.71
CA LYS C 415 -26.30 -28.59 15.31
C LYS C 415 -25.42 -29.83 15.28
N ILE C 416 -24.20 -29.70 15.80
CA ILE C 416 -23.25 -30.80 15.82
C ILE C 416 -23.68 -31.92 16.75
N GLU C 417 -24.61 -31.66 17.67
CA GLU C 417 -25.11 -32.70 18.54
C GLU C 417 -26.05 -33.66 17.84
N SER C 418 -26.67 -33.23 16.75
CA SER C 418 -27.60 -34.07 16.01
C SER C 418 -27.09 -34.40 14.61
N ALA C 419 -25.85 -34.02 14.30
CA ALA C 419 -25.27 -34.37 13.02
C ALA C 419 -24.94 -35.85 12.98
N ASP C 420 -25.00 -36.42 11.78
CA ASP C 420 -24.72 -37.83 11.65
C ASP C 420 -23.24 -38.13 11.72
N ALA C 421 -22.42 -37.28 11.12
CA ALA C 421 -20.98 -37.41 11.18
C ALA C 421 -20.35 -36.05 10.94
N CYS C 422 -19.07 -35.93 11.26
CA CYS C 422 -18.33 -34.71 11.01
C CYS C 422 -17.07 -35.05 10.23
N LEU C 423 -16.81 -34.30 9.17
CA LEU C 423 -15.71 -34.58 8.25
C LEU C 423 -14.72 -33.44 8.29
N ILE C 424 -13.44 -33.78 8.36
CA ILE C 424 -12.37 -32.79 8.50
C ILE C 424 -11.43 -32.94 7.33
N LEU C 425 -11.58 -32.11 6.32
CA LEU C 425 -10.68 -32.13 5.18
C LEU C 425 -9.36 -31.47 5.56
N ALA C 426 -8.28 -31.93 4.96
CA ALA C 426 -6.95 -31.42 5.25
C ALA C 426 -6.36 -30.78 4.00
N ASN C 427 -5.45 -29.83 4.21
CA ASN C 427 -4.77 -29.15 3.10
C ASN C 427 -3.54 -29.97 2.76
N LYS C 428 -3.70 -30.95 1.87
CA LYS C 428 -2.68 -31.97 1.61
C LYS C 428 -1.40 -31.42 1.02
N TYR C 429 -1.40 -30.19 0.54
CA TYR C 429 -0.21 -29.54 0.01
C TYR C 429 0.26 -28.40 0.90
N CYS C 430 0.13 -28.58 2.21
CA CYS C 430 0.56 -27.55 3.14
C CYS C 430 2.08 -27.51 3.23
N ALA C 431 2.59 -26.39 3.74
CA ALA C 431 4.03 -26.19 3.78
C ALA C 431 4.69 -26.94 4.92
N ASP C 432 3.99 -27.12 6.04
CA ASP C 432 4.52 -27.83 7.21
C ASP C 432 3.50 -28.89 7.58
N PRO C 433 3.79 -30.17 7.34
CA PRO C 433 2.77 -31.20 7.59
C PRO C 433 2.50 -31.45 9.05
N ASP C 434 3.50 -31.28 9.92
CA ASP C 434 3.25 -31.46 11.34
C ASP C 434 2.40 -30.33 11.89
N ALA C 435 2.46 -29.15 11.27
CA ALA C 435 1.65 -28.02 11.73
C ALA C 435 0.18 -28.26 11.47
N GLU C 436 -0.18 -28.73 10.28
CA GLU C 436 -1.59 -28.96 10.00
C GLU C 436 -2.08 -30.24 10.66
N ASP C 437 -1.20 -31.22 10.87
CA ASP C 437 -1.58 -32.37 11.66
C ASP C 437 -1.89 -31.97 13.09
N ALA C 438 -1.13 -31.00 13.61
CA ALA C 438 -1.43 -30.44 14.93
C ALA C 438 -2.77 -29.71 14.93
N SER C 439 -3.04 -28.94 13.88
CA SER C 439 -4.27 -28.17 13.82
C SER C 439 -5.49 -29.08 13.70
N ASN C 440 -5.41 -30.12 12.87
CA ASN C 440 -6.55 -31.01 12.72
C ASN C 440 -6.73 -31.89 13.95
N ILE C 441 -5.66 -32.20 14.67
CA ILE C 441 -5.79 -32.88 15.96
C ILE C 441 -6.52 -31.99 16.95
N MET C 442 -6.22 -30.68 16.92
CA MET C 442 -6.92 -29.73 17.76
C MET C 442 -8.40 -29.63 17.40
N ARG C 443 -8.73 -29.79 16.11
CA ARG C 443 -10.13 -29.79 15.71
C ARG C 443 -10.87 -31.01 16.23
N VAL C 444 -10.21 -32.18 16.23
CA VAL C 444 -10.83 -33.39 16.78
C VAL C 444 -11.04 -33.24 18.28
N ILE C 445 -10.07 -32.62 18.97
CA ILE C 445 -10.20 -32.38 20.41
C ILE C 445 -11.39 -31.47 20.69
N SER C 446 -11.59 -30.45 19.85
CA SER C 446 -12.67 -29.51 20.08
C SER C 446 -14.04 -30.14 19.86
N ILE C 447 -14.20 -30.94 18.81
CA ILE C 447 -15.50 -31.54 18.53
C ILE C 447 -15.80 -32.63 19.56
N LYS C 448 -14.78 -33.37 19.98
CA LYS C 448 -15.01 -34.34 21.03
C LYS C 448 -15.19 -33.69 22.38
N ASN C 449 -14.72 -32.46 22.56
CA ASN C 449 -14.98 -31.73 23.80
C ASN C 449 -16.44 -31.33 23.90
N TYR C 450 -17.02 -30.87 22.78
CA TYR C 450 -18.44 -30.55 22.78
C TYR C 450 -19.28 -31.81 22.93
N HIS C 451 -19.19 -32.70 21.95
CA HIS C 451 -20.04 -33.88 21.91
C HIS C 451 -19.14 -35.09 21.69
N PRO C 452 -19.02 -35.99 22.67
CA PRO C 452 -18.13 -37.14 22.50
C PRO C 452 -18.71 -38.25 21.67
N LYS C 453 -20.03 -38.31 21.48
CA LYS C 453 -20.68 -39.43 20.81
C LYS C 453 -20.90 -39.16 19.34
N ILE C 454 -20.01 -38.42 18.70
CA ILE C 454 -20.13 -38.12 17.28
C ILE C 454 -19.10 -38.96 16.53
N ARG C 455 -19.37 -39.16 15.25
CA ARG C 455 -18.48 -39.90 14.37
C ARG C 455 -17.65 -38.90 13.59
N ILE C 456 -16.34 -38.90 13.84
CA ILE C 456 -15.42 -37.97 13.20
C ILE C 456 -14.61 -38.73 12.15
N ILE C 457 -14.63 -38.22 10.93
CA ILE C 457 -13.77 -38.71 9.86
C ILE C 457 -12.78 -37.61 9.54
N THR C 458 -11.50 -37.95 9.50
CA THR C 458 -10.46 -36.94 9.32
C THR C 458 -9.37 -37.47 8.42
N GLN C 459 -8.44 -36.59 8.09
CA GLN C 459 -7.30 -36.92 7.23
C GLN C 459 -6.03 -36.51 7.94
N MET C 460 -5.09 -37.44 8.05
CA MET C 460 -3.79 -37.16 8.65
C MET C 460 -2.72 -37.27 7.58
N LEU C 461 -1.62 -36.56 7.78
CA LEU C 461 -0.57 -36.55 6.77
C LEU C 461 0.64 -37.39 7.13
N GLN C 462 0.84 -37.72 8.40
CA GLN C 462 1.80 -38.72 8.82
C GLN C 462 1.11 -39.79 9.66
N TYR C 463 1.90 -40.78 10.06
CA TYR C 463 1.37 -41.91 10.83
C TYR C 463 1.49 -41.71 12.33
N HIS C 464 2.51 -40.99 12.78
CA HIS C 464 2.63 -40.74 14.21
C HIS C 464 1.56 -39.75 14.69
N ASN C 465 1.19 -38.80 13.86
CA ASN C 465 0.09 -37.91 14.22
C ASN C 465 -1.24 -38.65 14.20
N LYS C 466 -1.35 -39.71 13.40
CA LYS C 466 -2.49 -40.61 13.52
C LYS C 466 -2.45 -41.38 14.83
N ALA C 467 -1.25 -41.70 15.30
CA ALA C 467 -1.14 -42.43 16.56
C ALA C 467 -1.54 -41.57 17.75
N HIS C 468 -1.34 -40.25 17.66
CA HIS C 468 -1.78 -39.36 18.73
C HIS C 468 -3.29 -39.30 18.87
N LEU C 469 -4.04 -39.63 17.82
CA LEU C 469 -5.48 -39.52 17.89
C LEU C 469 -6.11 -40.60 18.74
N LEU C 470 -5.46 -41.76 18.87
CA LEU C 470 -6.03 -42.80 19.70
C LEU C 470 -5.91 -42.51 21.18
N ASN C 471 -4.99 -41.63 21.56
CA ASN C 471 -4.82 -41.23 22.95
C ASN C 471 -5.94 -40.33 23.44
N ILE C 472 -6.75 -39.79 22.54
CA ILE C 472 -7.87 -38.94 22.94
C ILE C 472 -8.93 -39.79 23.62
N PRO C 473 -9.46 -39.38 24.78
CA PRO C 473 -10.32 -40.27 25.56
C PRO C 473 -11.70 -40.53 24.98
N SER C 474 -12.07 -39.90 23.89
CA SER C 474 -13.35 -40.16 23.28
C SER C 474 -13.24 -40.70 21.86
N TRP C 475 -12.03 -40.86 21.34
CA TRP C 475 -11.81 -41.34 19.99
C TRP C 475 -12.09 -42.84 19.94
N ASN C 476 -13.30 -43.20 19.58
CA ASN C 476 -13.74 -44.59 19.60
C ASN C 476 -13.90 -45.07 18.16
N TRP C 477 -12.91 -45.81 17.66
CA TRP C 477 -12.96 -46.28 16.28
C TRP C 477 -13.96 -47.40 16.08
N LYS C 478 -14.42 -48.02 17.17
CA LYS C 478 -15.42 -49.08 17.07
C LYS C 478 -16.73 -48.55 16.51
N GLU C 479 -17.08 -47.32 16.84
CA GLU C 479 -18.29 -46.72 16.30
C GLU C 479 -18.06 -45.97 15.01
N GLY C 480 -16.81 -45.77 14.59
CA GLY C 480 -16.58 -45.22 13.28
C GLY C 480 -15.70 -43.99 13.20
N ASP C 481 -14.92 -43.70 14.24
CA ASP C 481 -13.96 -42.61 14.15
C ASP C 481 -12.78 -43.10 13.33
N ASP C 482 -12.82 -42.84 12.04
CA ASP C 482 -11.75 -43.27 11.14
C ASP C 482 -10.80 -42.12 10.87
N ALA C 483 -9.51 -42.44 10.82
CA ALA C 483 -8.48 -41.48 10.44
C ALA C 483 -7.86 -41.96 9.13
N ILE C 484 -8.15 -41.25 8.06
CA ILE C 484 -7.62 -41.60 6.75
C ILE C 484 -6.21 -41.04 6.63
N CYS C 485 -5.22 -41.84 6.97
CA CYS C 485 -3.83 -41.38 6.92
C CYS C 485 -3.34 -41.47 5.49
N LEU C 486 -2.90 -40.34 4.94
CA LEU C 486 -2.50 -40.32 3.54
C LEU C 486 -1.11 -40.88 3.33
N ALA C 487 -0.24 -40.82 4.34
CA ALA C 487 1.08 -41.40 4.20
C ALA C 487 1.01 -42.92 4.19
N GLU C 488 0.26 -43.49 5.14
CA GLU C 488 0.10 -44.93 5.20
C GLU C 488 -0.60 -45.46 3.96
N LEU C 489 -1.61 -44.74 3.49
CA LEU C 489 -2.36 -45.24 2.35
C LEU C 489 -1.59 -45.09 1.04
N LYS C 490 -0.84 -44.01 0.86
CA LYS C 490 -0.11 -43.88 -0.40
C LYS C 490 1.06 -44.84 -0.47
N LEU C 491 1.72 -45.13 0.66
CA LEU C 491 2.83 -46.05 0.60
C LEU C 491 2.35 -47.48 0.54
N GLY C 492 1.19 -47.76 1.12
CA GLY C 492 0.65 -49.10 1.02
C GLY C 492 0.12 -49.41 -0.36
N PHE C 493 -0.47 -48.42 -1.02
CA PHE C 493 -0.92 -48.58 -2.40
C PHE C 493 0.27 -48.84 -3.32
N ILE C 494 1.38 -48.17 -3.05
CA ILE C 494 2.60 -48.38 -3.83
C ILE C 494 3.16 -49.78 -3.59
N ALA C 495 3.16 -50.24 -2.33
CA ALA C 495 3.73 -51.54 -2.02
C ALA C 495 2.87 -52.67 -2.55
N GLN C 496 1.55 -52.52 -2.51
CA GLN C 496 0.69 -53.52 -3.13
C GLN C 496 0.85 -53.52 -4.63
N SER C 497 1.22 -52.38 -5.22
CA SER C 497 1.56 -52.40 -6.63
C SER C 497 3.00 -52.83 -6.87
N CYS C 498 3.82 -52.92 -5.82
CA CYS C 498 5.13 -53.54 -6.00
C CYS C 498 4.99 -55.04 -6.18
N LEU C 499 3.94 -55.63 -5.64
CA LEU C 499 3.69 -57.04 -5.88
C LEU C 499 3.09 -57.25 -7.27
N ALA C 500 1.90 -56.70 -7.50
CA ALA C 500 1.23 -56.80 -8.79
C ALA C 500 1.15 -55.39 -9.37
N GLN C 501 1.89 -55.15 -10.45
CA GLN C 501 2.09 -53.80 -10.95
C GLN C 501 0.81 -53.26 -11.56
N GLY C 502 0.41 -52.07 -11.13
CA GLY C 502 -0.80 -51.45 -11.60
C GLY C 502 -1.99 -51.63 -10.69
N LEU C 503 -1.80 -52.19 -9.50
CA LEU C 503 -2.91 -52.37 -8.58
C LEU C 503 -3.37 -51.04 -8.00
N SER C 504 -2.42 -50.12 -7.77
CA SER C 504 -2.73 -48.84 -7.14
C SER C 504 -3.66 -47.99 -8.00
N THR C 505 -3.55 -48.11 -9.32
CA THR C 505 -4.49 -47.46 -10.21
C THR C 505 -5.88 -48.08 -10.06
N MET C 506 -5.95 -49.41 -9.98
CA MET C 506 -7.23 -50.10 -9.87
C MET C 506 -7.92 -49.77 -8.56
N LEU C 507 -7.16 -49.76 -7.46
CA LEU C 507 -7.73 -49.44 -6.16
C LEU C 507 -8.18 -48.00 -6.09
N ALA C 508 -7.39 -47.07 -6.63
CA ALA C 508 -7.78 -45.67 -6.61
C ALA C 508 -8.97 -45.39 -7.51
N ASN C 509 -9.15 -46.18 -8.56
CA ASN C 509 -10.33 -46.03 -9.39
C ASN C 509 -11.56 -46.68 -8.77
N LEU C 510 -11.36 -47.54 -7.78
CA LEU C 510 -12.49 -48.21 -7.15
C LEU C 510 -13.29 -47.32 -6.21
N PHE C 511 -12.82 -46.10 -5.92
CA PHE C 511 -13.51 -45.23 -4.99
C PHE C 511 -13.94 -43.90 -5.58
N SER C 512 -13.36 -43.48 -6.70
CA SER C 512 -13.89 -42.34 -7.42
C SER C 512 -15.18 -42.76 -8.12
N MET C 513 -16.28 -42.09 -7.78
CA MET C 513 -17.56 -42.41 -8.39
C MET C 513 -17.57 -41.93 -9.83
N ARG C 514 -17.51 -42.86 -10.77
CA ARG C 514 -17.48 -42.54 -12.19
C ARG C 514 -18.63 -43.21 -12.89
N SER C 515 -19.36 -42.45 -13.68
CA SER C 515 -20.37 -43.06 -14.53
C SER C 515 -19.71 -43.73 -15.73
N PHE C 516 -20.49 -44.50 -16.47
CA PHE C 516 -19.98 -45.14 -17.66
C PHE C 516 -19.79 -44.11 -18.77
N ILE C 517 -18.63 -44.15 -19.41
CA ILE C 517 -18.34 -43.31 -20.57
C ILE C 517 -18.11 -44.25 -21.74
N LYS C 518 -18.95 -44.13 -22.76
CA LYS C 518 -18.86 -44.99 -23.93
C LYS C 518 -17.94 -44.38 -24.96
N ILE C 519 -16.90 -45.13 -25.33
CA ILE C 519 -15.95 -44.71 -26.36
C ILE C 519 -16.22 -45.53 -27.61
N GLU C 520 -16.43 -44.84 -28.72
CA GLU C 520 -16.81 -45.51 -29.96
C GLU C 520 -15.61 -46.11 -30.69
N GLU C 521 -14.41 -45.55 -30.49
CA GLU C 521 -13.24 -46.02 -31.20
C GLU C 521 -12.68 -47.28 -30.56
N ASP C 522 -11.55 -47.74 -31.07
CA ASP C 522 -10.84 -48.86 -30.48
C ASP C 522 -9.49 -48.34 -30.00
N THR C 523 -9.49 -47.79 -28.79
CA THR C 523 -8.30 -47.30 -28.12
C THR C 523 -8.10 -48.11 -26.84
N TRP C 524 -6.99 -47.84 -26.15
CA TRP C 524 -6.82 -48.43 -24.84
C TRP C 524 -7.78 -47.81 -23.83
N GLN C 525 -8.22 -46.58 -24.07
CA GLN C 525 -9.13 -45.92 -23.16
C GLN C 525 -10.51 -46.52 -23.20
N LYS C 526 -10.87 -47.17 -24.31
CA LYS C 526 -12.21 -47.73 -24.47
C LYS C 526 -12.46 -48.87 -23.51
N TYR C 527 -11.43 -49.68 -23.25
CA TYR C 527 -11.58 -50.75 -22.27
C TYR C 527 -11.15 -50.30 -20.88
N TYR C 528 -10.28 -49.30 -20.80
CA TYR C 528 -9.88 -48.76 -19.51
C TYR C 528 -11.05 -48.07 -18.82
N LEU C 529 -11.84 -47.31 -19.58
CA LEU C 529 -12.97 -46.60 -18.99
C LEU C 529 -14.06 -47.54 -18.53
N GLU C 530 -14.20 -48.69 -19.20
CA GLU C 530 -15.12 -49.71 -18.69
C GLU C 530 -14.62 -50.31 -17.39
N GLY C 531 -13.31 -50.35 -17.19
CA GLY C 531 -12.78 -50.70 -15.89
C GLY C 531 -12.97 -49.59 -14.86
N VAL C 532 -13.00 -48.35 -15.32
CA VAL C 532 -13.10 -47.20 -14.41
C VAL C 532 -14.49 -47.13 -13.79
N SER C 533 -15.52 -47.46 -14.55
CA SER C 533 -16.90 -47.25 -14.12
C SER C 533 -17.35 -48.17 -12.98
N ASN C 534 -16.53 -49.10 -12.52
CA ASN C 534 -16.88 -49.94 -11.39
C ASN C 534 -16.43 -49.30 -10.09
N GLU C 535 -17.24 -49.45 -9.06
CA GLU C 535 -16.93 -48.93 -7.73
C GLU C 535 -17.14 -50.02 -6.70
N MET C 536 -16.51 -49.84 -5.55
CA MET C 536 -16.66 -50.77 -4.44
C MET C 536 -17.94 -50.47 -3.67
N TYR C 537 -18.73 -51.50 -3.38
CA TYR C 537 -19.98 -51.33 -2.67
C TYR C 537 -20.08 -52.34 -1.55
N THR C 538 -21.13 -52.20 -0.75
CA THR C 538 -21.33 -53.02 0.43
C THR C 538 -22.80 -53.39 0.52
N GLU C 539 -23.07 -54.66 0.80
CA GLU C 539 -24.46 -55.12 0.83
C GLU C 539 -24.54 -56.40 1.67
N TYR C 540 -25.69 -56.60 2.29
CA TYR C 540 -25.99 -57.87 2.93
C TYR C 540 -26.40 -58.90 1.88
N LEU C 541 -26.43 -60.16 2.29
CA LEU C 541 -26.69 -61.25 1.37
C LEU C 541 -28.09 -61.80 1.57
N SER C 542 -28.55 -62.57 0.58
CA SER C 542 -29.83 -63.25 0.67
C SER C 542 -29.81 -64.33 1.76
N SER C 543 -31.00 -64.73 2.19
CA SER C 543 -31.10 -65.91 3.02
C SER C 543 -30.85 -67.18 2.22
N ALA C 544 -31.03 -67.12 0.90
CA ALA C 544 -30.80 -68.29 0.06
C ALA C 544 -29.33 -68.63 -0.08
N PHE C 545 -28.43 -67.70 0.25
CA PHE C 545 -27.00 -67.98 0.15
C PHE C 545 -26.43 -68.58 1.42
N VAL C 546 -27.19 -68.55 2.51
CA VAL C 546 -26.69 -69.04 3.79
C VAL C 546 -26.50 -70.54 3.74
N GLY C 547 -25.39 -71.01 4.31
CA GLY C 547 -25.04 -72.41 4.27
C GLY C 547 -24.21 -72.82 3.08
N LEU C 548 -24.13 -71.99 2.05
CA LEU C 548 -23.29 -72.29 0.90
C LEU C 548 -21.84 -71.93 1.21
N SER C 549 -20.95 -72.29 0.29
CA SER C 549 -19.55 -71.96 0.45
C SER C 549 -19.24 -70.64 -0.24
N PHE C 550 -18.14 -70.01 0.20
CA PHE C 550 -17.72 -68.74 -0.40
C PHE C 550 -17.38 -68.83 -1.88
N PRO C 551 -16.63 -69.82 -2.40
CA PRO C 551 -16.45 -69.87 -3.85
C PRO C 551 -17.73 -70.16 -4.61
N THR C 552 -18.70 -70.81 -3.96
CA THR C 552 -19.98 -71.08 -4.61
C THR C 552 -20.74 -69.79 -4.84
N VAL C 553 -20.85 -68.95 -3.80
CA VAL C 553 -21.66 -67.74 -3.94
C VAL C 553 -20.99 -66.71 -4.84
N CYS C 554 -19.65 -66.65 -4.84
CA CYS C 554 -18.97 -65.76 -5.77
C CYS C 554 -19.15 -66.21 -7.21
N GLU C 555 -19.15 -67.53 -7.45
CA GLU C 555 -19.35 -68.02 -8.81
C GLU C 555 -20.77 -67.73 -9.29
N LEU C 556 -21.77 -67.98 -8.45
CA LEU C 556 -23.15 -67.83 -8.92
C LEU C 556 -23.57 -66.37 -9.01
N CYS C 557 -23.04 -65.48 -8.15
CA CYS C 557 -23.39 -64.08 -8.32
C CYS C 557 -22.70 -63.50 -9.55
N PHE C 558 -21.53 -64.04 -9.90
CA PHE C 558 -20.86 -63.61 -11.13
C PHE C 558 -21.66 -64.03 -12.36
N VAL C 559 -22.18 -65.26 -12.38
CA VAL C 559 -22.77 -65.75 -13.62
C VAL C 559 -24.25 -65.38 -13.73
N LYS C 560 -24.94 -65.20 -12.61
CA LYS C 560 -26.37 -64.87 -12.64
C LYS C 560 -26.61 -63.39 -12.41
N LEU C 561 -25.98 -62.81 -11.40
CA LEU C 561 -26.23 -61.42 -11.04
C LEU C 561 -25.23 -60.45 -11.63
N LYS C 562 -24.13 -60.97 -12.22
CA LYS C 562 -23.07 -60.18 -12.84
C LYS C 562 -22.44 -59.19 -11.85
N LEU C 563 -22.19 -59.66 -10.64
CA LEU C 563 -21.50 -58.88 -9.62
C LEU C 563 -20.27 -59.65 -9.17
N LEU C 564 -19.21 -58.92 -8.83
CA LEU C 564 -17.98 -59.51 -8.37
C LEU C 564 -17.85 -59.29 -6.86
N MET C 565 -18.01 -60.35 -6.10
CA MET C 565 -17.83 -60.28 -4.66
C MET C 565 -16.35 -60.46 -4.33
N ILE C 566 -15.87 -59.72 -3.33
CA ILE C 566 -14.46 -59.74 -2.98
C ILE C 566 -14.25 -60.30 -1.59
N ALA C 567 -14.84 -59.64 -0.59
CA ALA C 567 -14.63 -60.06 0.78
C ALA C 567 -15.96 -60.24 1.49
N ILE C 568 -15.92 -60.43 2.81
CA ILE C 568 -17.08 -60.88 3.56
C ILE C 568 -17.01 -60.30 4.96
N GLU C 569 -18.15 -60.29 5.65
CA GLU C 569 -18.17 -60.00 7.07
C GLU C 569 -19.25 -60.80 7.79
N SER C 577 -17.10 -64.19 10.42
CA SER C 577 -17.90 -62.98 10.30
C SER C 577 -17.06 -61.73 10.52
N ARG C 578 -15.75 -61.87 10.38
CA ARG C 578 -14.83 -60.74 10.44
C ARG C 578 -14.56 -60.23 9.03
N ILE C 579 -13.61 -59.32 8.86
CA ILE C 579 -13.48 -58.58 7.62
C ILE C 579 -12.41 -59.23 6.73
N LEU C 580 -12.17 -60.51 6.95
CA LEU C 580 -11.17 -61.24 6.17
C LEU C 580 -11.57 -61.38 4.71
N ILE C 581 -10.58 -61.25 3.83
CA ILE C 581 -10.79 -61.25 2.39
C ILE C 581 -10.60 -62.65 1.85
N ASN C 582 -11.51 -63.08 0.98
CA ASN C 582 -11.47 -64.31 0.20
C ASN C 582 -11.24 -65.55 1.05
N PRO C 583 -12.23 -66.01 1.82
CA PRO C 583 -12.04 -67.27 2.56
C PRO C 583 -12.11 -68.45 1.61
N GLY C 584 -11.65 -69.59 2.11
CA GLY C 584 -11.64 -70.81 1.33
C GLY C 584 -13.02 -71.42 1.17
N ASN C 585 -13.03 -72.63 0.64
CA ASN C 585 -14.26 -73.39 0.52
C ASN C 585 -14.69 -74.00 1.84
N HIS C 586 -13.82 -74.01 2.84
CA HIS C 586 -14.16 -74.60 4.13
C HIS C 586 -15.08 -73.71 4.95
N LEU C 587 -15.03 -72.39 4.74
CA LEU C 587 -15.88 -71.48 5.49
C LEU C 587 -17.19 -71.28 4.77
N LYS C 588 -18.29 -71.44 5.49
CA LYS C 588 -19.62 -71.35 4.92
C LYS C 588 -20.25 -70.01 5.25
N ILE C 589 -21.34 -69.72 4.54
CA ILE C 589 -22.02 -68.43 4.68
C ILE C 589 -22.85 -68.44 5.95
N GLN C 590 -22.49 -67.57 6.89
CA GLN C 590 -23.31 -67.32 8.06
C GLN C 590 -24.51 -66.47 7.65
N GLU C 591 -25.58 -66.56 8.44
CA GLU C 591 -26.73 -65.69 8.19
C GLU C 591 -26.43 -64.29 8.72
N GLY C 592 -26.63 -63.29 7.87
CA GLY C 592 -26.38 -61.92 8.25
C GLY C 592 -24.94 -61.51 8.05
N THR C 593 -24.43 -61.67 6.83
CA THR C 593 -23.09 -61.25 6.49
C THR C 593 -23.11 -60.10 5.50
N LEU C 594 -22.05 -59.30 5.55
CA LEU C 594 -21.86 -58.18 4.65
C LEU C 594 -21.00 -58.61 3.48
N GLY C 595 -21.46 -58.34 2.27
CA GLY C 595 -20.69 -58.65 1.09
C GLY C 595 -20.08 -57.41 0.48
N PHE C 596 -18.76 -57.37 0.38
CA PHE C 596 -18.08 -56.29 -0.33
C PHE C 596 -18.08 -56.63 -1.82
N PHE C 597 -18.70 -55.80 -2.63
CA PHE C 597 -18.84 -56.09 -4.05
C PHE C 597 -18.14 -55.04 -4.89
N ILE C 598 -18.04 -55.33 -6.19
CA ILE C 598 -17.53 -54.41 -7.18
C ILE C 598 -18.54 -54.41 -8.32
N ALA C 599 -19.23 -53.29 -8.51
CA ALA C 599 -20.21 -53.21 -9.57
C ALA C 599 -20.23 -51.78 -10.09
N SER C 600 -20.97 -51.57 -11.17
CA SER C 600 -21.00 -50.27 -11.81
C SER C 600 -21.95 -49.30 -11.13
N ASP C 601 -22.78 -49.76 -10.20
CA ASP C 601 -23.88 -48.95 -9.70
C ASP C 601 -24.29 -49.51 -8.35
N ALA C 602 -25.28 -48.86 -7.73
CA ALA C 602 -25.80 -49.30 -6.44
C ALA C 602 -27.07 -50.12 -6.56
N LYS C 603 -27.93 -49.82 -7.53
CA LYS C 603 -29.12 -50.64 -7.72
C LYS C 603 -28.77 -51.98 -8.33
N GLU C 604 -27.58 -52.13 -8.90
CA GLU C 604 -27.11 -53.45 -9.32
C GLU C 604 -26.81 -54.32 -8.11
N VAL C 605 -26.15 -53.77 -7.09
CA VAL C 605 -25.82 -54.57 -5.92
C VAL C 605 -27.00 -54.69 -4.97
N LYS C 606 -28.13 -54.03 -5.28
CA LYS C 606 -29.37 -54.34 -4.57
C LYS C 606 -29.88 -55.75 -4.83
N ARG C 607 -29.44 -56.41 -5.89
CA ARG C 607 -29.77 -57.80 -6.16
C ARG C 607 -28.88 -58.78 -5.42
N ALA C 608 -28.06 -58.31 -4.49
CA ALA C 608 -27.23 -59.22 -3.71
C ALA C 608 -27.98 -59.85 -2.56
N PHE C 609 -29.07 -59.24 -2.11
CA PHE C 609 -29.94 -59.87 -1.13
C PHE C 609 -31.36 -60.01 -1.62
N PHE C 610 -31.65 -59.54 -2.83
CA PHE C 610 -32.95 -59.74 -3.47
C PHE C 610 -32.97 -61.01 -4.30
N TYR C 611 -32.55 -62.13 -3.74
CA TYR C 611 -32.46 -63.38 -4.49
C TYR C 611 -33.10 -64.51 -3.72
N CYS C 612 -34.10 -65.14 -4.32
CA CYS C 612 -34.69 -66.37 -3.81
C CYS C 612 -34.91 -67.42 -4.90
N LYS C 613 -34.97 -67.00 -6.18
CA LYS C 613 -35.47 -67.78 -7.31
C LYS C 613 -36.89 -68.28 -7.09
N ALA C 614 -37.65 -67.54 -6.30
CA ALA C 614 -39.04 -67.78 -5.92
C ALA C 614 -39.51 -66.52 -5.20
N CYS C 615 -40.77 -66.52 -4.76
CA CYS C 615 -41.43 -65.41 -4.05
C CYS C 615 -41.36 -64.08 -4.80
N SER C 681 13.58 -73.83 17.54
CA SER C 681 12.21 -73.41 17.35
C SER C 681 11.87 -72.24 18.26
N ASN C 682 12.88 -71.73 18.97
CA ASN C 682 12.72 -70.61 19.88
C ASN C 682 12.98 -69.27 19.20
N VAL C 683 13.42 -69.27 17.94
CA VAL C 683 13.81 -68.04 17.27
C VAL C 683 12.59 -67.23 16.87
N LYS C 684 12.77 -65.92 16.82
CA LYS C 684 11.67 -64.98 16.56
C LYS C 684 11.58 -64.75 15.06
N LYS C 685 10.71 -65.52 14.40
CA LYS C 685 10.53 -65.40 12.96
C LYS C 685 9.40 -64.45 12.57
N TYR C 686 8.60 -63.99 13.53
CA TYR C 686 7.49 -63.10 13.25
C TYR C 686 7.43 -62.06 14.35
N ASP C 687 6.39 -61.23 14.32
CA ASP C 687 6.21 -60.19 15.31
C ASP C 687 5.47 -60.77 16.52
N SER C 688 5.08 -59.89 17.45
CA SER C 688 4.32 -60.32 18.62
C SER C 688 2.89 -60.72 18.28
N THR C 689 2.38 -60.35 17.10
CA THR C 689 1.02 -60.66 16.73
C THR C 689 0.91 -61.77 15.69
N GLY C 690 1.99 -62.05 14.97
CA GLY C 690 1.95 -63.05 13.93
C GLY C 690 1.54 -62.54 12.58
N MET C 691 1.59 -61.24 12.34
CA MET C 691 1.11 -60.67 11.08
C MET C 691 2.23 -60.34 10.11
N PHE C 692 3.41 -60.01 10.60
CA PHE C 692 4.55 -59.65 9.76
C PHE C 692 5.73 -60.56 10.05
N HIS C 693 6.77 -60.41 9.24
CA HIS C 693 8.05 -61.02 9.57
C HIS C 693 8.85 -60.06 10.45
N TRP C 694 9.82 -60.61 11.18
CA TRP C 694 10.57 -59.80 12.12
C TRP C 694 11.92 -60.45 12.31
N CYS C 695 12.95 -59.62 12.49
CA CYS C 695 14.29 -60.10 12.74
C CYS C 695 14.90 -59.29 13.86
N ALA C 696 16.12 -59.64 14.23
CA ALA C 696 16.82 -58.99 15.33
C ALA C 696 17.13 -57.54 14.97
N PRO C 697 17.08 -56.64 15.97
CA PRO C 697 17.34 -55.22 15.69
C PRO C 697 18.77 -54.95 15.30
N LYS C 698 18.99 -54.67 14.03
CA LYS C 698 20.34 -54.56 13.49
C LYS C 698 20.93 -53.18 13.78
N GLU C 699 22.22 -53.05 13.51
CA GLU C 699 22.92 -51.79 13.50
C GLU C 699 23.00 -51.31 12.05
N ILE C 700 23.05 -49.98 11.87
CA ILE C 700 22.91 -49.41 10.54
C ILE C 700 24.10 -49.72 9.63
N GLU C 701 25.25 -50.08 10.19
CA GLU C 701 26.36 -50.47 9.34
C GLU C 701 26.18 -51.86 8.76
N LYS C 702 25.34 -52.69 9.36
CA LYS C 702 25.13 -54.05 8.88
C LYS C 702 24.33 -54.09 7.58
N VAL C 703 23.68 -52.99 7.20
CA VAL C 703 22.89 -52.95 5.99
C VAL C 703 23.40 -51.93 4.99
N ILE C 704 24.24 -51.00 5.41
CA ILE C 704 24.83 -50.04 4.48
C ILE C 704 25.80 -50.77 3.57
N LEU C 705 25.60 -50.64 2.26
CA LEU C 705 26.51 -51.19 1.27
C LEU C 705 27.18 -50.05 0.54
N THR C 706 28.45 -50.22 0.20
CA THR C 706 29.08 -49.30 -0.73
C THR C 706 28.76 -49.77 -2.15
N ARG C 707 29.25 -49.01 -3.13
CA ARG C 707 28.89 -49.30 -4.51
C ARG C 707 29.53 -50.57 -5.03
N SER C 708 30.74 -50.89 -4.56
CA SER C 708 31.37 -52.16 -4.92
C SER C 708 30.68 -53.32 -4.23
N GLU C 709 30.24 -53.12 -2.98
CA GLU C 709 29.55 -54.18 -2.25
C GLU C 709 28.18 -54.46 -2.88
N ALA C 710 27.50 -53.41 -3.35
CA ALA C 710 26.25 -53.62 -4.05
C ALA C 710 26.47 -54.22 -5.43
N ALA C 711 27.62 -53.95 -6.03
CA ALA C 711 27.94 -54.56 -7.32
C ALA C 711 28.20 -56.05 -7.17
N MET C 712 28.75 -56.47 -6.04
CA MET C 712 29.04 -57.89 -5.84
C MET C 712 27.76 -58.68 -5.60
N THR C 713 26.86 -58.15 -4.78
CA THR C 713 25.64 -58.87 -4.42
C THR C 713 24.66 -58.81 -5.58
N VAL C 714 24.37 -59.97 -6.17
CA VAL C 714 23.38 -60.03 -7.24
C VAL C 714 21.99 -59.89 -6.64
N LEU C 715 21.21 -58.95 -7.16
CA LEU C 715 19.86 -58.69 -6.70
C LEU C 715 18.93 -58.79 -7.89
N SER C 716 18.06 -59.78 -7.88
CA SER C 716 17.04 -59.93 -8.92
C SER C 716 15.68 -60.04 -8.24
N GLY C 717 14.65 -59.53 -8.90
CA GLY C 717 13.30 -59.56 -8.38
C GLY C 717 13.14 -58.75 -7.12
N HIS C 718 13.94 -57.69 -6.99
CA HIS C 718 14.01 -56.89 -5.78
C HIS C 718 13.32 -55.55 -6.01
N VAL C 719 13.29 -54.73 -4.96
CA VAL C 719 12.62 -53.43 -5.01
C VAL C 719 13.62 -52.34 -4.68
N VAL C 720 13.76 -51.37 -5.59
CA VAL C 720 14.70 -50.27 -5.40
C VAL C 720 13.92 -49.01 -5.07
N VAL C 721 14.13 -48.46 -3.89
CA VAL C 721 13.41 -47.28 -3.42
C VAL C 721 14.35 -46.09 -3.48
N CYS C 722 14.20 -45.27 -4.50
CA CYS C 722 14.98 -44.05 -4.64
C CYS C 722 14.33 -42.94 -3.84
N ILE C 723 15.13 -42.19 -3.09
CA ILE C 723 14.62 -41.20 -2.15
C ILE C 723 15.42 -39.92 -2.31
N PHE C 724 14.71 -38.81 -2.55
CA PHE C 724 15.34 -37.49 -2.60
C PHE C 724 15.10 -36.82 -1.25
N GLY C 725 15.95 -37.15 -0.28
CA GLY C 725 15.81 -36.65 1.06
C GLY C 725 16.90 -35.67 1.45
N ASP C 726 16.83 -35.25 2.70
CA ASP C 726 17.77 -34.29 3.27
C ASP C 726 17.69 -34.37 4.78
N VAL C 727 18.50 -33.54 5.45
CA VAL C 727 18.40 -33.43 6.90
C VAL C 727 17.13 -32.70 7.31
N SER C 728 16.70 -31.74 6.49
CA SER C 728 15.65 -30.82 6.90
C SER C 728 14.26 -31.26 6.46
N SER C 729 14.18 -32.19 5.51
CA SER C 729 12.90 -32.59 4.95
C SER C 729 12.10 -33.42 5.95
N ALA C 730 10.79 -33.43 5.78
CA ALA C 730 9.92 -34.15 6.68
C ALA C 730 10.03 -35.65 6.43
N LEU C 731 9.71 -36.43 7.46
CA LEU C 731 9.83 -37.87 7.37
C LEU C 731 8.71 -38.44 6.52
N ILE C 732 9.08 -39.33 5.60
CA ILE C 732 8.08 -39.96 4.75
C ILE C 732 7.28 -40.99 5.54
N GLY C 733 7.96 -41.79 6.35
CA GLY C 733 7.27 -42.85 7.06
C GLY C 733 7.38 -44.15 6.32
N LEU C 734 8.61 -44.55 6.01
CA LEU C 734 8.88 -45.69 5.13
C LEU C 734 8.48 -47.03 5.73
N ARG C 735 8.15 -47.09 7.02
CA ARG C 735 7.64 -48.32 7.61
C ARG C 735 6.33 -48.73 6.95
N ASN C 736 5.52 -47.77 6.54
CA ASN C 736 4.28 -48.09 5.86
C ASN C 736 4.48 -48.57 4.44
N LEU C 737 5.69 -48.42 3.90
CA LEU C 737 6.04 -49.02 2.62
C LEU C 737 6.65 -50.40 2.79
N VAL C 738 7.46 -50.58 3.83
CA VAL C 738 8.17 -51.84 4.02
C VAL C 738 7.25 -52.90 4.60
N MET C 739 6.37 -52.52 5.53
CA MET C 739 5.50 -53.48 6.21
C MET C 739 4.55 -54.29 5.31
N PRO C 740 3.96 -53.76 4.23
CA PRO C 740 3.20 -54.66 3.35
C PRO C 740 4.06 -55.58 2.53
N LEU C 741 5.36 -55.32 2.42
CA LEU C 741 6.28 -56.22 1.74
C LEU C 741 6.92 -57.21 2.70
N ARG C 742 6.48 -57.25 3.95
CA ARG C 742 6.99 -58.20 4.93
C ARG C 742 5.85 -58.93 5.61
N ALA C 743 4.72 -59.06 4.93
CA ALA C 743 3.57 -59.74 5.51
C ALA C 743 3.80 -61.25 5.55
N SER C 744 3.18 -61.90 6.52
CA SER C 744 3.48 -63.30 6.75
C SER C 744 2.74 -64.25 5.81
N ASN C 745 1.96 -63.75 4.86
CA ASN C 745 1.45 -64.66 3.84
C ASN C 745 2.40 -64.83 2.68
N PHE C 746 3.65 -64.39 2.84
CA PHE C 746 4.74 -64.73 1.95
C PHE C 746 5.71 -65.63 2.69
N HIS C 747 6.28 -66.59 1.98
CA HIS C 747 7.39 -67.34 2.54
C HIS C 747 8.65 -66.48 2.56
N TYR C 748 9.61 -66.90 3.38
CA TYR C 748 10.84 -66.14 3.53
C TYR C 748 11.67 -66.12 2.25
N HIS C 749 11.54 -67.14 1.41
CA HIS C 749 12.18 -67.08 0.12
C HIS C 749 11.39 -66.24 -0.87
N GLU C 750 10.09 -66.06 -0.64
CA GLU C 750 9.25 -65.27 -1.53
C GLU C 750 9.27 -63.79 -1.22
N LEU C 751 10.04 -63.37 -0.21
CA LEU C 751 10.16 -61.95 0.08
C LEU C 751 10.98 -61.26 -1.01
N LYS C 752 10.86 -59.94 -1.06
CA LYS C 752 11.59 -59.14 -2.02
C LYS C 752 12.60 -58.28 -1.28
N HIS C 753 13.83 -58.27 -1.77
CA HIS C 753 14.86 -57.45 -1.16
C HIS C 753 14.60 -55.98 -1.45
N ILE C 754 14.88 -55.14 -0.47
CA ILE C 754 14.61 -53.71 -0.56
C ILE C 754 15.91 -52.96 -0.33
N VAL C 755 16.30 -52.14 -1.30
CA VAL C 755 17.49 -51.33 -1.19
C VAL C 755 17.09 -49.86 -1.35
N PHE C 756 17.54 -49.04 -0.42
CA PHE C 756 17.24 -47.61 -0.43
C PHE C 756 18.42 -46.87 -1.01
N VAL C 757 18.20 -46.15 -2.11
CA VAL C 757 19.21 -45.35 -2.76
C VAL C 757 18.90 -43.89 -2.47
N GLY C 758 19.75 -43.24 -1.68
CA GLY C 758 19.51 -41.86 -1.33
C GLY C 758 20.59 -41.35 -0.42
N SER C 759 20.32 -40.20 0.20
CA SER C 759 21.26 -39.63 1.15
C SER C 759 21.22 -40.40 2.46
N ILE C 760 22.40 -40.61 3.05
CA ILE C 760 22.47 -41.40 4.28
C ILE C 760 21.98 -40.61 5.48
N GLU C 761 21.90 -39.28 5.37
CA GLU C 761 21.44 -38.46 6.49
C GLU C 761 19.95 -38.67 6.74
N TYR C 762 19.17 -38.61 5.66
CA TYR C 762 17.73 -38.80 5.77
C TYR C 762 17.39 -40.22 6.20
N LEU C 763 18.12 -41.21 5.67
CA LEU C 763 17.92 -42.59 6.09
C LEU C 763 18.36 -42.80 7.52
N LYS C 764 19.34 -42.03 8.01
CA LYS C 764 19.71 -42.08 9.41
C LYS C 764 18.58 -41.58 10.29
N ARG C 765 17.85 -40.57 9.82
CA ARG C 765 16.72 -40.07 10.59
C ARG C 765 15.58 -41.07 10.64
N GLU C 766 15.50 -41.98 9.68
CA GLU C 766 14.33 -42.85 9.56
C GLU C 766 14.59 -44.30 9.92
N TRP C 767 15.85 -44.71 10.08
CA TRP C 767 16.15 -46.14 10.15
C TRP C 767 15.69 -46.81 11.45
N GLU C 768 15.44 -46.04 12.50
CA GLU C 768 15.04 -46.64 13.77
C GLU C 768 13.62 -47.20 13.76
N THR C 769 12.88 -47.06 12.67
CA THR C 769 11.60 -47.75 12.51
C THR C 769 11.70 -48.94 11.58
N LEU C 770 12.72 -48.98 10.73
CA LEU C 770 12.89 -50.04 9.75
C LEU C 770 13.80 -51.15 10.22
N HIS C 771 14.43 -50.99 11.38
CA HIS C 771 15.58 -51.80 11.74
C HIS C 771 15.22 -53.16 12.30
N ASN C 772 14.00 -53.64 12.10
CA ASN C 772 13.58 -54.96 12.53
C ASN C 772 13.00 -55.75 11.38
N PHE C 773 13.53 -55.55 10.17
CA PHE C 773 13.02 -56.22 9.00
C PHE C 773 14.14 -56.97 8.30
N PRO C 774 13.85 -58.14 7.71
CA PRO C 774 14.93 -59.06 7.28
C PRO C 774 15.81 -58.60 6.12
N LYS C 775 15.21 -58.20 5.01
CA LYS C 775 15.93 -58.10 3.74
C LYS C 775 16.04 -56.67 3.25
N VAL C 776 16.39 -55.76 4.15
CA VAL C 776 16.50 -54.33 3.82
C VAL C 776 17.98 -54.00 3.67
N SER C 777 18.31 -53.29 2.58
CA SER C 777 19.67 -52.79 2.36
C SER C 777 19.61 -51.29 2.13
N ILE C 778 20.77 -50.65 2.18
CA ILE C 778 20.88 -49.20 2.00
C ILE C 778 22.14 -48.91 1.19
N LEU C 779 21.98 -48.22 0.06
CA LEU C 779 23.12 -47.70 -0.67
C LEU C 779 23.14 -46.18 -0.55
N PRO C 780 24.04 -45.61 0.22
CA PRO C 780 24.07 -44.15 0.39
C PRO C 780 24.65 -43.41 -0.83
N GLY C 781 23.78 -43.16 -1.80
CA GLY C 781 24.18 -42.44 -2.99
C GLY C 781 23.19 -41.39 -3.44
N THR C 782 22.86 -41.39 -4.74
CA THR C 782 21.97 -40.44 -5.36
C THR C 782 21.15 -41.19 -6.40
N PRO C 783 19.84 -40.93 -6.48
CA PRO C 783 19.04 -41.59 -7.51
C PRO C 783 19.36 -41.13 -8.92
N LEU C 784 19.88 -39.92 -9.07
CA LEU C 784 20.22 -39.43 -10.40
C LEU C 784 21.54 -39.97 -10.89
N SER C 785 22.38 -40.48 -10.01
CA SER C 785 23.67 -41.03 -10.43
C SER C 785 23.45 -42.38 -11.09
N ARG C 786 23.83 -42.48 -12.36
CA ARG C 786 23.60 -43.68 -13.14
C ARG C 786 24.48 -44.84 -12.67
N ALA C 787 25.61 -44.55 -12.04
CA ALA C 787 26.51 -45.59 -11.55
C ALA C 787 25.87 -46.41 -10.44
N ASP C 788 25.20 -45.74 -9.50
CA ASP C 788 24.56 -46.44 -8.40
C ASP C 788 23.37 -47.26 -8.86
N LEU C 789 22.66 -46.81 -9.88
CA LEU C 789 21.55 -47.59 -10.39
C LEU C 789 22.03 -48.80 -11.15
N ARG C 790 23.20 -48.71 -11.79
CA ARG C 790 23.78 -49.89 -12.42
C ARG C 790 24.29 -50.86 -11.37
N ALA C 791 24.70 -50.35 -10.21
CA ALA C 791 25.25 -51.23 -9.18
C ALA C 791 24.16 -52.07 -8.52
N VAL C 792 22.94 -51.57 -8.46
CA VAL C 792 21.88 -52.26 -7.75
C VAL C 792 21.07 -53.10 -8.72
N ASN C 793 21.53 -53.18 -9.97
CA ASN C 793 20.92 -53.97 -11.04
C ASN C 793 19.47 -53.57 -11.28
N ILE C 794 19.31 -52.31 -11.71
CA ILE C 794 17.97 -51.73 -11.86
C ILE C 794 17.21 -52.36 -13.01
N ASN C 795 17.89 -53.04 -13.93
CA ASN C 795 17.20 -53.75 -15.00
C ASN C 795 16.52 -55.01 -14.52
N LEU C 796 16.92 -55.53 -13.36
CA LEU C 796 16.42 -56.80 -12.87
C LEU C 796 15.44 -56.66 -11.72
N CYS C 797 15.14 -55.44 -11.30
CA CYS C 797 14.27 -55.20 -10.15
C CYS C 797 12.83 -55.50 -10.54
N ASP C 798 11.98 -55.72 -9.54
CA ASP C 798 10.58 -55.96 -9.80
C ASP C 798 9.80 -54.65 -9.81
N MET C 799 10.30 -53.65 -9.10
CA MET C 799 9.72 -52.31 -9.09
C MET C 799 10.76 -51.32 -8.63
N CYS C 800 10.77 -50.14 -9.25
CA CYS C 800 11.57 -49.02 -8.80
C CYS C 800 10.63 -47.91 -8.35
N VAL C 801 10.75 -47.52 -7.09
CA VAL C 801 9.83 -46.57 -6.48
C VAL C 801 10.57 -45.27 -6.23
N ILE C 802 10.05 -44.18 -6.78
CA ILE C 802 10.69 -42.87 -6.69
C ILE C 802 9.82 -41.98 -5.83
N LEU C 803 10.27 -41.70 -4.62
CA LEU C 803 9.59 -40.79 -3.71
C LEU C 803 10.45 -39.58 -3.45
N SER C 804 9.85 -38.56 -2.85
CA SER C 804 10.58 -37.36 -2.48
C SER C 804 10.00 -36.82 -1.18
N ALA C 805 10.88 -36.54 -0.22
CA ALA C 805 10.50 -35.93 1.03
C ALA C 805 10.44 -34.42 0.94
N ASN C 806 10.87 -33.84 -0.18
CA ASN C 806 10.86 -32.41 -0.41
C ASN C 806 9.57 -31.99 -1.11
N GLN C 807 8.49 -32.71 -0.84
CA GLN C 807 7.20 -32.52 -1.49
C GLN C 807 6.35 -31.46 -0.79
N ASN C 808 6.90 -30.81 0.24
CA ASN C 808 6.10 -29.90 1.04
C ASN C 808 6.80 -28.59 1.34
N ASN C 809 8.12 -28.53 1.23
CA ASN C 809 8.85 -27.33 1.63
C ASN C 809 9.35 -26.47 0.48
N ILE C 810 9.31 -26.95 -0.76
CA ILE C 810 9.67 -26.14 -1.91
C ILE C 810 8.54 -25.19 -2.25
N ASP C 811 8.87 -23.91 -2.42
CA ASP C 811 7.90 -22.90 -2.86
C ASP C 811 8.39 -22.37 -4.20
N ASP C 812 8.11 -23.13 -5.27
CA ASP C 812 8.34 -22.62 -6.62
C ASP C 812 7.09 -22.90 -7.43
N THR C 813 6.40 -23.99 -7.07
CA THR C 813 5.23 -24.55 -7.77
C THR C 813 5.48 -24.74 -9.27
N SER C 814 6.72 -25.02 -9.63
CA SER C 814 7.07 -25.28 -11.03
C SER C 814 7.97 -26.49 -11.12
N LEU C 815 8.74 -26.76 -10.08
CA LEU C 815 9.75 -27.81 -10.09
C LEU C 815 9.74 -28.55 -8.77
N GLN C 816 8.54 -28.75 -8.22
CA GLN C 816 8.36 -29.60 -7.05
C GLN C 816 8.67 -31.04 -7.43
N ASP C 817 8.19 -31.46 -8.60
CA ASP C 817 8.42 -32.81 -9.08
C ASP C 817 9.57 -32.85 -10.07
N LYS C 818 10.57 -31.99 -9.87
CA LYS C 818 11.68 -31.92 -10.81
C LYS C 818 12.57 -33.15 -10.68
N GLU C 819 12.88 -33.52 -9.45
CA GLU C 819 13.80 -34.62 -9.19
C GLU C 819 13.19 -35.94 -9.61
N CYS C 820 11.90 -36.13 -9.34
CA CYS C 820 11.25 -37.39 -9.65
C CYS C 820 11.10 -37.58 -11.15
N ILE C 821 10.84 -36.50 -11.87
CA ILE C 821 10.72 -36.60 -13.32
C ILE C 821 12.07 -36.84 -13.96
N LEU C 822 13.12 -36.19 -13.42
CA LEU C 822 14.46 -36.40 -13.95
C LEU C 822 14.96 -37.82 -13.68
N ALA C 823 14.63 -38.36 -12.50
CA ALA C 823 15.05 -39.72 -12.19
C ALA C 823 14.30 -40.73 -13.02
N SER C 824 13.02 -40.46 -13.31
CA SER C 824 12.23 -41.36 -14.15
C SER C 824 12.79 -41.39 -15.57
N LEU C 825 13.11 -40.23 -16.12
CA LEU C 825 13.67 -40.19 -17.48
C LEU C 825 15.08 -40.73 -17.51
N ASN C 826 15.82 -40.62 -16.40
CA ASN C 826 17.17 -41.17 -16.34
C ASN C 826 17.15 -42.69 -16.42
N ILE C 827 16.21 -43.32 -15.72
CA ILE C 827 16.08 -44.76 -15.82
C ILE C 827 15.50 -45.15 -17.18
N LYS C 828 14.62 -44.31 -17.73
CA LYS C 828 14.01 -44.60 -19.02
C LYS C 828 14.99 -44.47 -20.18
N SER C 829 16.18 -43.94 -19.98
CA SER C 829 17.13 -43.81 -21.07
C SER C 829 18.40 -44.62 -20.89
N MET C 830 18.50 -45.43 -19.85
CA MET C 830 19.71 -46.23 -19.68
C MET C 830 19.69 -47.42 -20.63
N GLN C 831 20.85 -48.04 -20.77
CA GLN C 831 20.99 -49.20 -21.64
C GLN C 831 21.91 -50.22 -20.99
N PHE C 832 21.65 -51.49 -21.27
CA PHE C 832 22.37 -52.58 -20.63
C PHE C 832 22.77 -53.58 -21.70
N ASP C 833 23.52 -54.60 -21.28
CA ASP C 833 23.96 -55.65 -22.20
C ASP C 833 23.40 -57.00 -21.78
N THR C 871 19.85 -54.61 -22.73
CA THR C 871 18.66 -54.02 -23.32
C THR C 871 18.50 -52.57 -22.87
N THR C 872 17.46 -51.92 -23.39
CA THR C 872 17.16 -50.55 -23.02
C THR C 872 16.34 -50.51 -21.73
N GLY C 873 16.36 -49.37 -21.07
CA GLY C 873 15.70 -49.23 -19.80
C GLY C 873 14.33 -48.60 -19.88
N VAL C 874 13.68 -48.72 -21.03
CA VAL C 874 12.32 -48.22 -21.15
C VAL C 874 11.31 -49.24 -20.62
N ASN C 875 11.75 -50.47 -20.38
CA ASN C 875 10.87 -51.54 -19.91
C ASN C 875 10.97 -51.78 -18.42
N ILE C 876 11.80 -51.02 -17.72
CA ILE C 876 11.89 -51.17 -16.26
C ILE C 876 10.63 -50.63 -15.62
N PRO C 877 9.96 -51.40 -14.76
CA PRO C 877 8.74 -50.90 -14.12
C PRO C 877 9.02 -49.87 -13.04
N ILE C 878 8.59 -48.63 -13.27
CA ILE C 878 8.84 -47.53 -12.35
C ILE C 878 7.51 -47.02 -11.83
N ILE C 879 7.45 -46.70 -10.54
CA ILE C 879 6.35 -45.97 -9.95
C ILE C 879 6.93 -44.70 -9.36
N THR C 880 6.43 -43.56 -9.78
CA THR C 880 6.87 -42.28 -9.25
C THR C 880 5.69 -41.54 -8.62
N GLU C 881 5.92 -41.00 -7.43
CA GLU C 881 4.90 -40.25 -6.75
C GLU C 881 5.00 -38.77 -7.11
N LEU C 882 3.86 -38.18 -7.43
CA LEU C 882 3.82 -36.79 -7.88
C LEU C 882 3.13 -35.94 -6.83
N VAL C 883 3.33 -34.63 -6.94
CA VAL C 883 2.67 -33.66 -6.08
C VAL C 883 1.64 -32.86 -6.87
N ASN C 884 2.09 -32.10 -7.87
CA ASN C 884 1.19 -31.42 -8.79
C ASN C 884 0.85 -32.40 -9.89
N ASP C 885 -0.45 -32.64 -10.10
CA ASP C 885 -0.88 -33.65 -11.05
C ASP C 885 -0.66 -33.23 -12.49
N THR C 886 -0.40 -31.95 -12.74
CA THR C 886 -0.12 -31.48 -14.08
C THR C 886 1.25 -31.92 -14.57
N ASN C 887 2.13 -32.39 -13.70
CA ASN C 887 3.42 -32.90 -14.10
C ASN C 887 3.35 -34.32 -14.63
N VAL C 888 2.16 -34.91 -14.71
CA VAL C 888 2.06 -36.30 -15.12
C VAL C 888 2.32 -36.45 -16.62
N GLN C 889 2.27 -35.34 -17.37
CA GLN C 889 2.49 -35.40 -18.80
C GLN C 889 3.95 -35.59 -19.16
N PHE C 890 4.87 -35.25 -18.24
CA PHE C 890 6.29 -35.34 -18.54
C PHE C 890 6.84 -36.73 -18.34
N LEU C 891 6.07 -37.64 -17.77
CA LEU C 891 6.60 -38.95 -17.45
C LEU C 891 6.70 -39.85 -18.68
N ASP C 892 5.86 -39.62 -19.68
CA ASP C 892 5.86 -40.43 -20.88
C ASP C 892 6.11 -39.55 -22.10
N GLN C 893 6.54 -40.18 -23.18
CA GLN C 893 6.87 -39.48 -24.41
C GLN C 893 5.84 -39.66 -25.50
N ASP C 894 5.30 -40.86 -25.66
CA ASP C 894 4.44 -41.18 -26.79
C ASP C 894 2.98 -40.82 -26.56
N ASP C 895 2.58 -40.53 -25.34
CA ASP C 895 1.19 -40.18 -25.08
C ASP C 895 0.89 -38.78 -25.60
N ASP C 896 -0.40 -38.51 -25.80
CA ASP C 896 -0.85 -37.19 -26.24
C ASP C 896 -1.25 -36.44 -24.98
N ASP C 897 -0.38 -35.53 -24.56
CA ASP C 897 -0.59 -34.79 -23.33
C ASP C 897 -1.62 -33.70 -23.53
N ASP C 898 -2.28 -33.33 -22.44
CA ASP C 898 -3.26 -32.26 -22.40
C ASP C 898 -3.42 -31.80 -20.95
N PRO C 899 -3.44 -30.50 -20.70
CA PRO C 899 -3.50 -30.03 -19.30
C PRO C 899 -4.88 -30.14 -18.68
N ASP C 900 -5.92 -30.31 -19.49
CA ASP C 900 -7.28 -30.32 -19.00
C ASP C 900 -7.80 -31.73 -18.77
N THR C 901 -7.08 -32.75 -19.21
CA THR C 901 -7.45 -34.12 -18.89
C THR C 901 -7.20 -34.36 -17.41
N GLU C 902 -8.10 -35.12 -16.78
CA GLU C 902 -7.91 -35.44 -15.38
C GLU C 902 -6.81 -36.48 -15.21
N LEU C 903 -6.41 -36.68 -13.96
CA LEU C 903 -5.27 -37.55 -13.68
C LEU C 903 -5.62 -39.01 -13.96
N TYR C 904 -6.87 -39.40 -13.72
CA TYR C 904 -7.25 -40.79 -13.90
C TYR C 904 -7.28 -41.20 -15.36
N LEU C 905 -7.41 -40.26 -16.28
CA LEU C 905 -7.53 -40.57 -17.69
C LEU C 905 -6.20 -40.46 -18.43
N THR C 906 -5.16 -39.98 -17.77
CA THR C 906 -3.86 -39.89 -18.40
C THR C 906 -3.25 -41.27 -18.56
N GLN C 907 -2.32 -41.37 -19.49
CA GLN C 907 -1.68 -42.65 -19.77
C GLN C 907 -0.80 -43.17 -18.63
N PRO C 908 0.16 -42.43 -18.06
CA PRO C 908 1.04 -43.08 -17.08
C PRO C 908 0.39 -43.33 -15.73
N PHE C 909 -0.79 -42.77 -15.48
CA PHE C 909 -1.57 -43.22 -14.33
C PHE C 909 -2.31 -44.51 -14.64
N ALA C 910 -2.91 -44.61 -15.83
CA ALA C 910 -3.70 -45.78 -16.18
C ALA C 910 -2.83 -47.01 -16.33
N CYS C 911 -1.56 -46.82 -16.70
CA CYS C 911 -0.63 -47.94 -16.71
C CYS C 911 -0.01 -48.21 -15.36
N GLY C 912 -0.34 -47.43 -14.35
CA GLY C 912 0.16 -47.70 -13.02
C GLY C 912 1.62 -47.35 -12.81
N THR C 913 2.08 -46.26 -13.43
CA THR C 913 3.44 -45.79 -13.23
C THR C 913 3.51 -44.49 -12.48
N ALA C 914 2.36 -43.85 -12.22
CA ALA C 914 2.32 -42.63 -11.44
C ALA C 914 1.24 -42.77 -10.38
N PHE C 915 1.41 -42.06 -9.27
CA PHE C 915 0.42 -42.10 -8.21
C PHE C 915 0.54 -40.81 -7.41
N ALA C 916 -0.43 -39.93 -7.54
CA ALA C 916 -0.50 -38.74 -6.73
C ALA C 916 -1.52 -38.94 -5.61
N VAL C 917 -1.34 -38.21 -4.51
CA VAL C 917 -2.21 -38.40 -3.35
C VAL C 917 -3.57 -37.74 -3.54
N SER C 918 -3.76 -36.99 -4.62
CA SER C 918 -5.03 -36.33 -4.86
C SER C 918 -6.14 -37.31 -5.22
N VAL C 919 -5.80 -38.52 -5.65
CA VAL C 919 -6.84 -39.50 -5.98
C VAL C 919 -7.45 -40.14 -4.75
N LEU C 920 -6.90 -39.91 -3.56
CA LEU C 920 -7.46 -40.44 -2.34
C LEU C 920 -8.41 -39.46 -1.68
N ASP C 921 -8.77 -38.37 -2.36
CA ASP C 921 -9.74 -37.43 -1.83
C ASP C 921 -11.14 -38.00 -1.79
N SER C 922 -11.44 -39.00 -2.62
CA SER C 922 -12.74 -39.63 -2.64
C SER C 922 -12.95 -40.56 -1.46
N LEU C 923 -11.91 -40.83 -0.68
CA LEU C 923 -12.03 -41.79 0.40
C LEU C 923 -12.84 -41.28 1.56
N MET C 924 -13.01 -39.95 1.69
CA MET C 924 -13.82 -39.41 2.77
C MET C 924 -15.29 -39.78 2.58
N SER C 925 -15.84 -39.53 1.40
CA SER C 925 -17.21 -39.90 1.14
C SER C 925 -17.37 -41.41 1.06
N ALA C 926 -16.34 -42.12 0.60
CA ALA C 926 -16.39 -43.58 0.61
C ALA C 926 -16.42 -44.13 2.01
N THR C 927 -15.69 -43.50 2.94
CA THR C 927 -15.67 -43.98 4.32
C THR C 927 -16.95 -43.62 5.03
N TYR C 928 -17.58 -42.49 4.68
CA TYR C 928 -18.81 -42.11 5.36
C TYR C 928 -19.95 -43.04 5.00
N PHE C 929 -20.11 -43.34 3.71
CA PHE C 929 -21.29 -44.08 3.28
C PHE C 929 -21.23 -45.54 3.69
N ASN C 930 -20.04 -46.11 3.78
CA ASN C 930 -19.86 -47.47 4.27
C ASN C 930 -18.58 -47.48 5.10
N ASP C 931 -18.73 -47.56 6.42
CA ASP C 931 -17.58 -47.43 7.32
C ASP C 931 -16.68 -48.65 7.32
N ASN C 932 -17.11 -49.75 6.73
CA ASN C 932 -16.27 -50.93 6.66
C ASN C 932 -15.33 -50.92 5.47
N ILE C 933 -15.48 -49.95 4.57
CA ILE C 933 -14.64 -49.89 3.37
C ILE C 933 -13.20 -49.57 3.74
N LEU C 934 -12.99 -48.61 4.62
CA LEU C 934 -11.64 -48.22 4.98
C LEU C 934 -10.90 -49.33 5.70
N THR C 935 -11.61 -50.08 6.54
CA THR C 935 -11.00 -51.23 7.18
C THR C 935 -10.73 -52.35 6.19
N LEU C 936 -11.59 -52.51 5.18
CA LEU C 936 -11.32 -53.46 4.11
C LEU C 936 -10.07 -53.07 3.34
N ILE C 937 -9.89 -51.78 3.08
CA ILE C 937 -8.70 -51.30 2.39
C ILE C 937 -7.46 -51.58 3.22
N ARG C 938 -7.47 -51.18 4.49
CA ARG C 938 -6.29 -51.30 5.34
C ARG C 938 -5.89 -52.75 5.61
N THR C 939 -6.83 -53.69 5.55
CA THR C 939 -6.42 -55.08 5.52
C THR C 939 -5.82 -55.46 4.17
N LEU C 940 -6.42 -54.97 3.09
CA LEU C 940 -5.96 -55.34 1.75
C LEU C 940 -4.62 -54.73 1.42
N VAL C 941 -4.30 -53.60 2.02
CA VAL C 941 -3.25 -52.71 1.54
C VAL C 941 -2.03 -52.73 2.44
N THR C 942 -2.23 -52.61 3.75
CA THR C 942 -1.13 -52.68 4.69
C THR C 942 -0.83 -54.10 5.13
N GLY C 943 -1.34 -55.10 4.43
CA GLY C 943 -1.06 -56.48 4.76
C GLY C 943 -1.74 -56.96 6.02
N GLY C 944 -3.02 -56.65 6.19
CA GLY C 944 -3.77 -57.12 7.32
C GLY C 944 -3.35 -56.50 8.64
N ALA C 945 -3.51 -55.19 8.76
CA ALA C 945 -3.19 -54.50 10.02
C ALA C 945 -4.44 -54.51 10.88
N THR C 946 -4.53 -55.54 11.73
CA THR C 946 -5.61 -55.63 12.69
C THR C 946 -5.37 -54.60 13.80
N PRO C 947 -6.43 -54.22 14.54
CA PRO C 947 -6.22 -53.21 15.61
C PRO C 947 -5.41 -53.69 16.80
N GLU C 948 -5.03 -54.96 16.85
CA GLU C 948 -4.10 -55.43 17.86
C GLU C 948 -2.73 -54.80 17.68
N LEU C 949 -2.27 -54.69 16.43
CA LEU C 949 -1.02 -53.98 16.19
C LEU C 949 -1.20 -52.49 16.41
N GLU C 950 -2.41 -51.97 16.24
CA GLU C 950 -2.67 -50.57 16.57
C GLU C 950 -2.56 -50.34 18.07
N ALA C 951 -2.99 -51.32 18.87
CA ALA C 951 -2.77 -51.24 20.31
C ALA C 951 -1.29 -51.33 20.65
N LEU C 952 -0.56 -52.18 19.93
CA LEU C 952 0.87 -52.35 20.21
C LEU C 952 1.66 -51.10 19.86
N ILE C 953 1.34 -50.46 18.75
CA ILE C 953 2.05 -49.23 18.40
C ILE C 953 1.52 -48.03 19.17
N ALA C 954 0.33 -48.14 19.78
CA ALA C 954 -0.09 -47.11 20.71
C ALA C 954 0.72 -47.17 21.98
N GLU C 955 1.02 -48.37 22.45
CA GLU C 955 1.80 -48.52 23.68
C GLU C 955 3.29 -48.28 23.43
N GLU C 956 3.90 -49.12 22.60
CA GLU C 956 5.35 -49.15 22.50
C GLU C 956 5.90 -48.40 21.30
N ASN C 957 5.08 -48.20 20.26
CA ASN C 957 5.46 -47.56 19.00
C ASN C 957 6.64 -48.29 18.35
N ALA C 958 6.61 -49.61 18.42
CA ALA C 958 7.71 -50.43 17.93
C ALA C 958 7.18 -51.84 17.69
N LEU C 959 7.40 -52.35 16.49
CA LEU C 959 7.05 -53.73 16.18
C LEU C 959 8.00 -54.65 16.93
N ARG C 960 7.48 -55.40 17.89
CA ARG C 960 8.29 -56.33 18.68
C ARG C 960 8.04 -57.75 18.22
N GLY C 961 9.11 -58.54 18.17
CA GLY C 961 8.98 -59.93 17.78
C GLY C 961 8.33 -60.77 18.86
N GLY C 962 7.80 -61.91 18.43
CA GLY C 962 7.15 -62.83 19.34
C GLY C 962 7.64 -64.25 19.13
N TYR C 963 7.20 -65.13 20.02
CA TYR C 963 7.54 -66.54 19.93
C TYR C 963 6.40 -67.29 19.25
N SER C 964 6.78 -68.31 18.49
CA SER C 964 5.85 -68.94 17.57
C SER C 964 4.86 -69.83 18.31
N THR C 965 3.58 -69.50 18.22
CA THR C 965 2.45 -70.27 18.70
C THR C 965 1.64 -70.77 17.52
N PRO C 966 0.79 -71.78 17.70
CA PRO C 966 -0.04 -72.23 16.56
C PRO C 966 -1.07 -71.22 16.10
N GLN C 967 -1.59 -70.37 16.99
CA GLN C 967 -2.51 -69.34 16.54
C GLN C 967 -1.78 -68.20 15.83
N THR C 968 -0.51 -67.99 16.18
CA THR C 968 0.34 -67.10 15.38
C THR C 968 0.47 -67.62 13.95
N LEU C 969 0.62 -68.94 13.80
CA LEU C 969 0.63 -69.54 12.47
C LEU C 969 -0.75 -69.54 11.83
N ALA C 970 -1.81 -69.45 12.63
CA ALA C 970 -3.14 -69.29 12.06
C ALA C 970 -3.35 -67.89 11.51
N ASN C 971 -2.59 -66.91 12.00
CA ASN C 971 -2.67 -65.56 11.44
C ASN C 971 -2.14 -65.48 10.01
N ARG C 972 -1.31 -66.43 9.61
CA ARG C 972 -0.64 -66.36 8.31
C ARG C 972 -1.55 -66.74 7.15
N ASP C 973 -2.80 -67.10 7.40
CA ASP C 973 -3.67 -67.59 6.35
C ASP C 973 -4.36 -66.47 5.58
N ARG C 974 -3.81 -65.26 5.61
CA ARG C 974 -4.30 -64.19 4.75
C ARG C 974 -4.00 -64.51 3.29
N CYS C 975 -4.87 -64.02 2.41
CA CYS C 975 -4.59 -64.19 0.99
C CYS C 975 -3.53 -63.19 0.54
N ARG C 976 -3.13 -63.34 -0.72
CA ARG C 976 -2.07 -62.54 -1.29
C ARG C 976 -2.53 -62.09 -2.67
N VAL C 977 -2.33 -60.82 -2.97
CA VAL C 977 -2.57 -60.32 -4.31
C VAL C 977 -1.34 -60.59 -5.17
N ALA C 978 -1.55 -61.11 -6.37
CA ALA C 978 -0.45 -61.40 -7.27
C ALA C 978 -0.95 -61.30 -8.71
N GLN C 979 -0.02 -61.41 -9.64
CA GLN C 979 -0.32 -61.41 -11.07
C GLN C 979 0.00 -62.79 -11.64
N LEU C 980 -0.60 -63.07 -12.80
CA LEU C 980 -0.49 -64.39 -13.42
C LEU C 980 -0.21 -64.23 -14.90
N ALA C 981 0.81 -64.93 -15.38
CA ALA C 981 1.16 -64.90 -16.79
C ALA C 981 0.26 -65.86 -17.56
N LEU C 982 -0.33 -65.39 -18.65
CA LEU C 982 -1.23 -66.20 -19.45
C LEU C 982 -0.50 -66.87 -20.61
N LEU C 983 0.63 -67.52 -20.33
CA LEU C 983 1.35 -68.20 -21.41
C LEU C 983 1.88 -69.57 -21.07
N ASP C 984 1.98 -69.96 -19.80
CA ASP C 984 2.56 -71.26 -19.48
C ASP C 984 1.82 -72.02 -18.40
N GLY C 985 0.91 -71.39 -17.65
CA GLY C 985 0.32 -72.01 -16.50
C GLY C 985 -0.75 -73.04 -16.82
N PRO C 986 -1.52 -73.42 -15.80
CA PRO C 986 -2.54 -74.46 -16.01
C PRO C 986 -3.68 -74.04 -16.91
N PHE C 987 -3.92 -72.74 -17.05
CA PHE C 987 -4.95 -72.22 -17.94
C PHE C 987 -4.38 -71.44 -19.11
N ALA C 988 -3.14 -71.74 -19.49
CA ALA C 988 -2.47 -71.07 -20.60
C ALA C 988 -3.17 -71.32 -21.93
N ASP C 989 -3.89 -72.44 -22.05
CA ASP C 989 -4.62 -72.75 -23.27
C ASP C 989 -5.79 -71.82 -23.50
N LEU C 990 -6.30 -71.18 -22.46
CA LEU C 990 -7.53 -70.41 -22.55
C LEU C 990 -7.33 -69.07 -23.26
N GLY C 991 -6.10 -68.63 -23.46
CA GLY C 991 -5.86 -67.35 -24.08
C GLY C 991 -5.98 -67.33 -25.59
N ASP C 992 -6.74 -68.24 -26.19
CA ASP C 992 -6.88 -68.26 -27.64
C ASP C 992 -8.09 -67.43 -28.10
N GLY C 993 -8.16 -66.20 -27.61
CA GLY C 993 -9.35 -65.40 -27.83
C GLY C 993 -10.57 -65.92 -27.08
N GLY C 994 -10.36 -66.57 -25.95
CA GLY C 994 -11.44 -67.14 -25.18
C GLY C 994 -12.23 -66.09 -24.41
N CYS C 995 -12.96 -66.57 -23.41
CA CYS C 995 -13.76 -65.70 -22.58
C CYS C 995 -13.17 -65.61 -21.18
N TYR C 996 -13.18 -64.40 -20.61
CA TYR C 996 -12.54 -64.17 -19.31
C TYR C 996 -13.30 -64.87 -18.19
N GLY C 997 -14.63 -64.94 -18.30
CA GLY C 997 -15.42 -65.54 -17.24
C GLY C 997 -15.20 -67.03 -17.10
N ASP C 998 -14.80 -67.69 -18.18
CA ASP C 998 -14.40 -69.10 -18.09
C ASP C 998 -13.16 -69.25 -17.22
N LEU C 999 -12.22 -68.32 -17.36
CA LEU C 999 -11.04 -68.31 -16.50
C LEU C 999 -11.44 -68.02 -15.05
N PHE C 1000 -12.43 -67.16 -14.86
CA PHE C 1000 -12.85 -66.80 -13.51
C PHE C 1000 -13.44 -68.00 -12.78
N CYS C 1001 -14.37 -68.71 -13.44
CA CYS C 1001 -14.98 -69.87 -12.81
C CYS C 1001 -13.99 -71.00 -12.65
N LYS C 1002 -13.08 -71.18 -13.61
CA LYS C 1002 -12.14 -72.30 -13.53
C LYS C 1002 -11.12 -72.08 -12.43
N ALA C 1003 -10.57 -70.86 -12.32
CA ALA C 1003 -9.58 -70.59 -11.29
C ALA C 1003 -10.19 -70.56 -9.90
N LEU C 1004 -11.44 -70.10 -9.78
CA LEU C 1004 -12.08 -70.10 -8.48
C LEU C 1004 -12.51 -71.50 -8.05
N LYS C 1005 -12.89 -72.36 -9.00
CA LYS C 1005 -13.24 -73.73 -8.64
C LYS C 1005 -12.00 -74.52 -8.27
N THR C 1006 -10.96 -74.42 -9.09
CA THR C 1006 -9.76 -75.23 -8.88
C THR C 1006 -8.94 -74.70 -7.72
N TYR C 1007 -8.50 -73.46 -7.80
CA TYR C 1007 -7.49 -72.94 -6.89
C TYR C 1007 -8.04 -71.99 -5.84
N ASN C 1008 -9.35 -71.69 -5.86
CA ASN C 1008 -10.01 -70.76 -4.94
C ASN C 1008 -9.35 -69.38 -4.98
N MET C 1009 -9.26 -68.82 -6.17
CA MET C 1009 -8.54 -67.56 -6.39
C MET C 1009 -9.44 -66.59 -7.13
N LEU C 1010 -9.70 -65.44 -6.52
CA LEU C 1010 -10.47 -64.39 -7.16
C LEU C 1010 -9.67 -63.74 -8.27
N CYS C 1011 -10.36 -62.95 -9.10
CA CYS C 1011 -9.73 -62.29 -10.22
C CYS C 1011 -10.39 -60.93 -10.39
N PHE C 1012 -9.67 -59.86 -10.05
CA PHE C 1012 -10.19 -58.51 -10.25
C PHE C 1012 -10.34 -58.21 -11.73
N GLY C 1013 -9.23 -58.23 -12.45
CA GLY C 1013 -9.28 -57.84 -13.84
C GLY C 1013 -7.99 -58.10 -14.59
N ILE C 1014 -7.76 -57.28 -15.61
CA ILE C 1014 -6.85 -57.60 -16.70
C ILE C 1014 -5.82 -56.50 -16.80
N TYR C 1015 -4.54 -56.87 -16.82
CA TYR C 1015 -3.46 -55.93 -17.06
C TYR C 1015 -3.09 -55.96 -18.54
N ARG C 1016 -4.03 -55.45 -19.34
CA ARG C 1016 -3.96 -55.56 -20.79
C ARG C 1016 -2.86 -54.67 -21.35
N LEU C 1017 -2.10 -55.20 -22.32
CA LEU C 1017 -1.13 -54.42 -23.06
C LEU C 1017 -1.81 -53.30 -23.84
N ARG C 1018 -1.10 -52.19 -24.00
CA ARG C 1018 -1.72 -51.00 -24.58
C ARG C 1018 -1.96 -51.17 -26.07
N ASP C 1019 -1.09 -51.90 -26.75
CA ASP C 1019 -1.21 -52.10 -28.19
C ASP C 1019 -1.61 -53.53 -28.54
N ALA C 1020 -2.21 -54.25 -27.61
CA ALA C 1020 -2.65 -55.61 -27.90
C ALA C 1020 -3.92 -55.62 -28.74
N HIS C 1021 -4.63 -54.51 -28.82
CA HIS C 1021 -5.81 -54.41 -29.67
C HIS C 1021 -5.52 -53.76 -31.00
N LEU C 1022 -4.26 -53.44 -31.28
CA LEU C 1022 -3.90 -52.75 -32.50
C LEU C 1022 -3.51 -53.73 -33.59
N SER C 1023 -3.50 -53.25 -34.84
CA SER C 1023 -3.26 -54.11 -35.98
C SER C 1023 -1.79 -54.49 -36.10
N THR C 1024 -0.93 -53.48 -36.23
CA THR C 1024 0.49 -53.74 -36.34
C THR C 1024 1.07 -54.17 -35.00
N PRO C 1025 1.99 -55.13 -34.97
CA PRO C 1025 2.66 -55.49 -33.71
C PRO C 1025 3.74 -54.46 -33.38
N SER C 1026 3.63 -53.84 -32.22
CA SER C 1026 4.60 -52.87 -31.76
C SER C 1026 5.49 -53.51 -30.70
N GLN C 1027 6.35 -52.68 -30.09
CA GLN C 1027 7.22 -53.12 -29.01
C GLN C 1027 6.91 -52.43 -27.70
N CYS C 1028 5.77 -51.74 -27.60
CA CYS C 1028 5.38 -51.04 -26.40
C CYS C 1028 4.96 -52.05 -25.33
N THR C 1029 5.77 -52.21 -24.30
CA THR C 1029 5.46 -53.12 -23.21
C THR C 1029 4.66 -52.46 -22.11
N LYS C 1030 4.07 -51.30 -22.37
CA LYS C 1030 3.23 -50.64 -21.38
C LYS C 1030 1.86 -51.30 -21.35
N ARG C 1031 1.41 -51.64 -20.15
CA ARG C 1031 0.13 -52.31 -19.94
C ARG C 1031 -0.76 -51.44 -19.08
N TYR C 1032 -2.03 -51.32 -19.48
CA TYR C 1032 -3.01 -50.58 -18.71
C TYR C 1032 -3.91 -51.55 -17.94
N VAL C 1033 -4.85 -51.00 -17.18
CA VAL C 1033 -5.61 -51.75 -16.20
C VAL C 1033 -7.08 -51.78 -16.62
N ILE C 1034 -7.64 -52.98 -16.73
CA ILE C 1034 -9.07 -53.19 -16.86
C ILE C 1034 -9.57 -53.81 -15.57
N THR C 1035 -10.59 -53.21 -14.95
CA THR C 1035 -11.12 -53.67 -13.69
C THR C 1035 -12.51 -54.24 -13.89
N ASN C 1036 -12.71 -55.49 -13.44
CA ASN C 1036 -13.93 -56.28 -13.56
C ASN C 1036 -14.45 -56.33 -15.00
N PRO C 1037 -13.81 -57.09 -15.88
CA PRO C 1037 -14.34 -57.26 -17.23
C PRO C 1037 -15.56 -58.14 -17.20
N PRO C 1038 -16.43 -58.06 -18.22
CA PRO C 1038 -17.63 -58.91 -18.23
C PRO C 1038 -17.34 -60.38 -18.46
N TYR C 1039 -18.40 -61.20 -18.51
CA TYR C 1039 -18.23 -62.64 -18.68
C TYR C 1039 -17.75 -63.00 -20.06
N GLU C 1040 -18.14 -62.21 -21.07
CA GLU C 1040 -17.84 -62.50 -22.47
C GLU C 1040 -16.66 -61.69 -22.98
N PHE C 1041 -15.78 -61.24 -22.09
CA PHE C 1041 -14.65 -60.43 -22.52
C PHE C 1041 -13.60 -61.30 -23.19
N GLU C 1042 -13.12 -60.84 -24.34
CA GLU C 1042 -12.12 -61.58 -25.09
C GLU C 1042 -10.78 -61.57 -24.38
N LEU C 1043 -10.00 -62.63 -24.59
CA LEU C 1043 -8.77 -62.85 -23.83
C LEU C 1043 -7.60 -62.98 -24.79
N VAL C 1044 -6.83 -61.91 -24.93
CA VAL C 1044 -5.57 -61.91 -25.69
C VAL C 1044 -4.58 -62.84 -25.00
N PRO C 1045 -3.77 -63.62 -25.73
CA PRO C 1045 -2.83 -64.53 -25.05
C PRO C 1045 -1.74 -63.82 -24.26
N THR C 1046 -1.16 -62.76 -24.81
CA THR C 1046 -0.15 -62.00 -24.08
C THR C 1046 -0.87 -61.05 -23.11
N ASP C 1047 -1.04 -61.52 -21.88
CA ASP C 1047 -1.94 -60.85 -20.96
C ASP C 1047 -1.58 -61.23 -19.53
N LEU C 1048 -1.92 -60.34 -18.61
CA LEU C 1048 -1.70 -60.56 -17.19
C LEU C 1048 -3.01 -60.41 -16.43
N ILE C 1049 -3.14 -61.17 -15.35
CA ILE C 1049 -4.40 -61.28 -14.63
C ILE C 1049 -4.17 -60.89 -13.18
N PHE C 1050 -4.90 -59.87 -12.72
CA PHE C 1050 -4.89 -59.52 -11.31
C PHE C 1050 -5.68 -60.56 -10.53
N CYS C 1051 -5.09 -61.10 -9.48
CA CYS C 1051 -5.73 -62.19 -8.78
C CYS C 1051 -5.34 -62.20 -7.31
N LEU C 1052 -6.22 -62.79 -6.50
CA LEU C 1052 -5.98 -62.98 -5.08
C LEU C 1052 -5.65 -64.45 -4.84
N MET C 1053 -4.41 -64.72 -4.45
CA MET C 1053 -3.93 -66.07 -4.26
C MET C 1053 -4.00 -66.44 -2.78
N GLN C 1054 -4.42 -67.67 -2.52
CA GLN C 1054 -4.40 -68.19 -1.16
C GLN C 1054 -2.97 -68.52 -0.74
N PHE C 1055 -2.79 -68.70 0.56
CA PHE C 1055 -1.54 -69.15 1.12
C PHE C 1055 -1.73 -70.61 1.50
N ASP C 1056 -1.23 -71.53 0.68
CA ASP C 1056 -1.43 -72.91 1.07
C ASP C 1056 -0.33 -73.38 2.02
N ALA D 7 9.76 22.74 35.54
CA ALA D 7 9.00 22.92 34.30
C ALA D 7 8.80 24.39 34.00
N TYR D 8 9.67 24.93 33.15
CA TYR D 8 9.61 26.33 32.72
C TYR D 8 9.20 26.34 31.25
N GLU D 9 7.91 26.24 31.02
CA GLU D 9 7.36 26.07 29.68
C GLU D 9 5.87 26.33 29.74
N TYR D 10 5.30 26.70 28.59
CA TYR D 10 3.88 26.93 28.49
C TYR D 10 3.10 25.64 28.69
N THR D 11 1.94 25.77 29.33
CA THR D 11 1.01 24.64 29.42
C THR D 11 0.15 24.60 28.16
N GLU D 12 -0.84 23.72 28.14
CA GLU D 12 -1.72 23.64 26.99
C GLU D 12 -2.68 24.82 26.94
N ALA D 13 -3.12 25.30 28.11
CA ALA D 13 -4.04 26.42 28.15
C ALA D 13 -3.36 27.71 27.75
N GLU D 14 -2.11 27.91 28.16
CA GLU D 14 -1.39 29.11 27.78
C GLU D 14 -1.03 29.09 26.31
N ASP D 15 -0.73 27.92 25.75
CA ASP D 15 -0.45 27.82 24.32
C ASP D 15 -1.71 28.11 23.52
N LYS D 16 -2.86 27.61 23.98
CA LYS D 16 -4.12 27.90 23.30
C LYS D 16 -4.50 29.37 23.44
N SER D 17 -4.14 30.00 24.56
CA SER D 17 -4.47 31.41 24.74
C SER D 17 -3.58 32.30 23.87
N ILE D 18 -2.31 31.93 23.72
CA ILE D 18 -1.44 32.64 22.79
C ILE D 18 -1.93 32.47 21.36
N ARG D 19 -2.42 31.27 21.03
CA ARG D 19 -3.00 31.05 19.71
C ARG D 19 -4.26 31.87 19.49
N LEU D 20 -5.06 32.07 20.54
CA LEU D 20 -6.25 32.91 20.42
C LEU D 20 -5.88 34.36 20.24
N GLY D 21 -4.89 34.84 20.98
CA GLY D 21 -4.46 36.22 20.83
C GLY D 21 -3.84 36.51 19.48
N LEU D 22 -3.05 35.55 18.97
CA LEU D 22 -2.54 35.69 17.61
C LEU D 22 -3.65 35.62 16.57
N PHE D 23 -4.70 34.84 16.84
CA PHE D 23 -5.81 34.78 15.90
C PHE D 23 -6.57 36.09 15.88
N LEU D 24 -6.70 36.75 17.03
CA LEU D 24 -7.39 38.03 17.05
C LEU D 24 -6.56 39.13 16.41
N ILE D 25 -5.24 39.04 16.49
CA ILE D 25 -4.37 39.98 15.79
C ILE D 25 -4.53 39.83 14.28
N ILE D 26 -4.51 38.58 13.81
CA ILE D 26 -4.70 38.30 12.39
C ILE D 26 -6.10 38.70 11.95
N SER D 27 -7.10 38.47 12.81
CA SER D 27 -8.48 38.80 12.44
C SER D 27 -8.69 40.31 12.37
N GLY D 28 -8.03 41.07 13.24
CA GLY D 28 -8.14 42.51 13.18
C GLY D 28 -7.49 43.09 11.95
N VAL D 29 -6.32 42.55 11.57
CA VAL D 29 -5.63 43.03 10.38
C VAL D 29 -6.40 42.65 9.12
N VAL D 30 -6.93 41.42 9.07
CA VAL D 30 -7.65 40.96 7.89
C VAL D 30 -8.97 41.70 7.74
N SER D 31 -9.68 41.96 8.85
CA SER D 31 -10.93 42.70 8.77
C SER D 31 -10.70 44.15 8.39
N LEU D 32 -9.58 44.75 8.83
CA LEU D 32 -9.22 46.07 8.34
C LEU D 32 -8.91 46.04 6.85
N PHE D 33 -8.25 44.98 6.41
CA PHE D 33 -7.94 44.81 4.99
C PHE D 33 -9.21 44.60 4.17
N ILE D 34 -10.21 43.93 4.74
CA ILE D 34 -11.48 43.73 4.05
C ILE D 34 -12.25 45.04 4.00
N PHE D 35 -12.32 45.75 5.13
CA PHE D 35 -13.08 46.99 5.19
C PHE D 35 -12.45 48.11 4.37
N GLY D 36 -11.17 48.01 4.04
CA GLY D 36 -10.58 48.97 3.12
C GLY D 36 -11.19 48.94 1.74
N PHE D 37 -11.56 47.76 1.25
CA PHE D 37 -12.18 47.66 -0.06
C PHE D 37 -13.69 47.72 0.00
N CYS D 38 -14.29 47.24 1.10
CA CYS D 38 -15.74 47.27 1.20
C CYS D 38 -16.25 48.59 1.79
N TRP D 39 -15.79 48.94 2.99
CA TRP D 39 -16.31 50.14 3.64
C TRP D 39 -15.71 51.39 3.04
N LEU D 40 -14.37 51.48 3.05
CA LEU D 40 -13.67 52.76 2.95
C LEU D 40 -13.76 53.35 1.56
N SER D 41 -13.48 52.55 0.52
CA SER D 41 -13.37 53.06 -0.84
C SER D 41 -14.67 53.65 -1.43
N PRO D 42 -15.87 53.07 -1.29
CA PRO D 42 -17.05 53.82 -1.72
C PRO D 42 -17.40 54.97 -0.80
N ALA D 43 -16.99 54.90 0.47
CA ALA D 43 -17.22 56.02 1.37
C ALA D 43 -16.33 57.20 1.01
N LEU D 44 -15.09 56.92 0.58
CA LEU D 44 -14.24 58.00 0.11
C LEU D 44 -14.70 58.52 -1.24
N GLN D 45 -15.34 57.69 -2.05
CA GLN D 45 -15.99 58.21 -3.25
C GLN D 45 -17.18 59.09 -2.91
N ASP D 46 -17.85 58.80 -1.79
CA ASP D 46 -18.94 59.65 -1.33
C ASP D 46 -18.42 60.99 -0.85
N LEU D 47 -17.33 60.98 -0.07
CA LEU D 47 -16.76 62.22 0.41
C LEU D 47 -16.05 62.99 -0.68
N GLN D 48 -15.74 62.34 -1.80
CA GLN D 48 -15.22 63.04 -2.96
C GLN D 48 -16.24 64.01 -3.54
N ALA D 49 -17.53 63.69 -3.42
CA ALA D 49 -18.58 64.63 -3.80
C ALA D 49 -18.59 65.81 -2.84
N THR D 50 -18.72 67.01 -3.40
CA THR D 50 -18.56 68.24 -2.66
C THR D 50 -19.90 68.78 -2.19
N GLU D 51 -19.98 69.14 -0.91
CA GLU D 51 -21.17 69.80 -0.40
C GLU D 51 -21.20 71.22 -0.89
N ALA D 52 -22.22 71.55 -1.69
CA ALA D 52 -22.26 72.83 -2.38
C ALA D 52 -23.64 73.44 -2.22
N ASN D 53 -23.84 74.57 -2.91
CA ASN D 53 -25.12 75.25 -2.97
C ASN D 53 -25.77 74.99 -4.32
N CYS D 54 -27.10 75.15 -4.36
CA CYS D 54 -27.85 74.96 -5.59
C CYS D 54 -29.19 75.67 -5.49
N THR D 55 -29.54 76.41 -6.53
CA THR D 55 -30.85 77.03 -6.64
C THR D 55 -31.69 76.22 -7.61
N VAL D 56 -32.98 76.10 -7.31
CA VAL D 56 -33.87 75.30 -8.15
C VAL D 56 -34.17 76.06 -9.44
N LEU D 57 -33.96 75.38 -10.57
CA LEU D 57 -34.25 76.00 -11.87
C LEU D 57 -35.72 75.89 -12.22
N SER D 58 -36.23 74.67 -12.33
CA SER D 58 -37.60 74.43 -12.75
C SER D 58 -38.02 73.03 -12.32
N VAL D 59 -39.32 72.75 -12.48
CA VAL D 59 -39.89 71.46 -12.12
C VAL D 59 -40.76 71.02 -13.30
N GLN D 60 -40.47 69.84 -13.84
CA GLN D 60 -41.16 69.33 -15.01
C GLN D 60 -41.72 67.95 -14.75
N GLN D 61 -42.80 67.63 -15.46
CA GLN D 61 -43.30 66.28 -15.59
C GLN D 61 -43.12 65.84 -17.04
N ILE D 62 -43.04 64.52 -17.23
CA ILE D 62 -42.81 63.94 -18.54
C ILE D 62 -44.01 63.15 -19.05
N GLY D 63 -44.75 62.51 -18.16
CA GLY D 63 -45.84 61.65 -18.53
C GLY D 63 -45.47 60.20 -18.69
N GLU D 64 -44.18 59.90 -18.88
CA GLU D 64 -43.72 58.52 -18.98
C GLU D 64 -43.68 57.92 -17.58
N VAL D 65 -44.64 57.06 -17.28
CA VAL D 65 -44.73 56.49 -15.95
C VAL D 65 -43.82 55.27 -15.85
N PHE D 66 -43.44 54.94 -14.61
CA PHE D 66 -42.55 53.82 -14.35
C PHE D 66 -43.19 52.91 -13.31
N GLU D 67 -42.51 51.81 -13.01
CA GLU D 67 -43.08 50.74 -12.21
C GLU D 67 -42.42 50.71 -10.84
N CYS D 68 -43.24 50.72 -9.79
CA CYS D 68 -42.80 50.43 -8.45
C CYS D 68 -43.24 49.02 -8.09
N THR D 69 -43.06 48.64 -6.82
CA THR D 69 -43.42 47.28 -6.38
C THR D 69 -43.95 47.35 -4.96
N PHE D 70 -45.27 47.31 -4.80
CA PHE D 70 -45.85 47.32 -3.47
C PHE D 70 -46.00 45.91 -2.95
N THR D 71 -45.82 45.76 -1.63
CA THR D 71 -45.78 44.46 -0.99
C THR D 71 -46.82 44.42 0.13
N CYS D 72 -47.57 43.33 0.18
CA CYS D 72 -48.48 43.07 1.29
C CYS D 72 -47.73 42.27 2.34
N GLY D 73 -48.46 41.73 3.32
CA GLY D 73 -47.86 40.97 4.40
C GLY D 73 -47.26 39.64 3.99
N ALA D 74 -48.07 38.79 3.36
CA ALA D 74 -47.65 37.42 3.04
C ALA D 74 -47.05 37.33 1.64
N ASP D 75 -46.05 38.18 1.41
CA ASP D 75 -45.21 38.20 0.20
C ASP D 75 -46.05 38.44 -1.07
N CYS D 76 -46.65 39.61 -1.14
CA CYS D 76 -47.24 40.07 -2.38
C CYS D 76 -46.20 40.78 -3.22
N ARG D 77 -46.34 40.66 -4.53
CA ARG D 77 -45.42 41.32 -5.44
C ARG D 77 -46.21 42.17 -6.43
N GLY D 78 -47.15 42.96 -5.91
CA GLY D 78 -47.93 43.83 -6.76
C GLY D 78 -47.06 44.96 -7.30
N THR D 79 -47.20 45.22 -8.60
CA THR D 79 -46.39 46.22 -9.29
C THR D 79 -47.30 47.34 -9.74
N SER D 80 -47.51 48.32 -8.88
CA SER D 80 -48.23 49.52 -9.26
C SER D 80 -47.32 50.43 -10.07
N GLN D 81 -47.89 51.50 -10.63
CA GLN D 81 -47.12 52.44 -11.43
C GLN D 81 -47.26 53.84 -10.85
N TYR D 82 -46.30 54.69 -11.20
CA TYR D 82 -46.19 56.01 -10.62
C TYR D 82 -45.70 56.98 -11.68
N PRO D 83 -46.16 58.23 -11.67
CA PRO D 83 -45.68 59.21 -12.65
C PRO D 83 -44.31 59.74 -12.24
N CYS D 84 -43.69 60.47 -13.17
CA CYS D 84 -42.33 60.93 -13.01
C CYS D 84 -42.28 62.46 -12.99
N VAL D 85 -41.50 62.99 -12.06
CA VAL D 85 -41.21 64.42 -11.99
C VAL D 85 -39.71 64.61 -12.09
N GLN D 86 -39.29 65.44 -13.03
CA GLN D 86 -37.91 65.87 -13.12
C GLN D 86 -37.79 67.26 -12.53
N VAL D 87 -36.88 67.41 -11.58
CA VAL D 87 -36.60 68.70 -10.95
C VAL D 87 -35.18 69.10 -11.33
N TYR D 88 -35.06 70.17 -12.10
CA TYR D 88 -33.77 70.68 -12.53
C TYR D 88 -33.36 71.84 -11.64
N VAL D 89 -32.08 71.89 -11.31
CA VAL D 89 -31.55 72.92 -10.43
C VAL D 89 -30.45 73.69 -11.16
N ASN D 90 -30.03 74.78 -10.55
CA ASN D 90 -28.89 75.57 -10.98
C ASN D 90 -27.82 75.44 -9.91
N ASN D 91 -26.67 74.88 -10.28
CA ASN D 91 -25.59 74.63 -9.34
C ASN D 91 -24.91 75.94 -8.92
N SER D 92 -24.13 75.87 -7.85
CA SER D 92 -23.22 76.94 -7.49
C SER D 92 -21.82 76.73 -8.04
N GLU D 93 -21.38 75.48 -8.18
CA GLU D 93 -20.04 75.23 -8.68
C GLU D 93 -19.99 75.31 -10.20
N SER D 94 -20.72 74.43 -10.89
CA SER D 94 -20.72 74.43 -12.34
C SER D 94 -21.71 75.42 -12.92
N ASN D 95 -22.80 75.69 -12.19
CA ASN D 95 -23.88 76.59 -12.59
C ASN D 95 -24.49 76.18 -13.93
N SER D 96 -24.73 74.89 -14.07
CA SER D 96 -25.31 74.31 -15.27
C SER D 96 -26.63 73.64 -14.93
N ARG D 97 -27.29 73.11 -15.96
CA ARG D 97 -28.56 72.43 -15.79
C ARG D 97 -28.29 71.07 -15.19
N ALA D 98 -28.54 70.94 -13.88
CA ALA D 98 -28.33 69.70 -13.16
C ALA D 98 -29.65 69.20 -12.60
N LEU D 99 -29.75 67.88 -12.47
CA LEU D 99 -30.95 67.25 -11.96
C LEU D 99 -30.87 67.10 -10.44
N LEU D 100 -32.03 66.92 -9.84
CA LEU D 100 -32.12 66.70 -8.40
C LEU D 100 -32.43 65.24 -8.13
N HIS D 101 -31.84 64.71 -7.05
CA HIS D 101 -32.07 63.34 -6.64
C HIS D 101 -32.05 63.29 -5.12
N SER D 102 -32.76 62.31 -4.55
CA SER D 102 -32.75 62.15 -3.11
C SER D 102 -31.49 61.45 -2.62
N ASP D 103 -31.08 60.37 -3.29
CA ASP D 103 -29.84 59.69 -2.97
C ASP D 103 -29.34 58.97 -4.22
N GLU D 104 -28.24 58.24 -4.05
CA GLU D 104 -27.76 57.36 -5.11
C GLU D 104 -28.70 56.19 -5.34
N HIS D 105 -29.49 55.82 -4.34
CA HIS D 105 -30.42 54.71 -4.47
C HIS D 105 -31.51 55.04 -5.46
N GLN D 106 -32.17 56.20 -5.28
CA GLN D 106 -33.19 56.65 -6.22
C GLN D 106 -32.60 56.91 -7.60
N LEU D 107 -31.36 57.40 -7.63
CA LEU D 107 -30.71 57.70 -8.91
C LEU D 107 -30.42 56.42 -9.68
N LEU D 108 -30.05 55.35 -8.99
CA LEU D 108 -29.68 54.14 -9.70
C LEU D 108 -30.89 53.30 -10.09
N THR D 109 -31.96 53.32 -9.29
CA THR D 109 -33.15 52.60 -9.71
C THR D 109 -33.89 53.31 -10.84
N ASN D 110 -33.86 54.64 -10.88
CA ASN D 110 -34.42 55.40 -11.99
C ASN D 110 -33.69 56.71 -12.10
N PRO D 111 -32.81 56.86 -13.10
CA PRO D 111 -32.10 58.13 -13.27
C PRO D 111 -32.95 59.24 -13.87
N LYS D 112 -34.08 58.91 -14.47
CA LYS D 112 -34.84 59.90 -15.23
C LYS D 112 -35.88 60.64 -14.39
N CYS D 113 -35.90 60.43 -13.08
CA CYS D 113 -36.83 61.14 -12.21
C CYS D 113 -36.08 61.75 -11.05
N SER D 114 -36.78 62.60 -10.30
CA SER D 114 -36.19 63.27 -9.15
C SER D 114 -36.68 62.72 -7.83
N TYR D 115 -37.73 61.90 -7.83
CA TYR D 115 -38.30 61.36 -6.60
C TYR D 115 -39.12 60.13 -6.93
N ILE D 116 -38.93 59.08 -6.17
CA ILE D 116 -39.70 57.84 -6.30
C ILE D 116 -40.47 57.63 -5.01
N PRO D 117 -41.79 57.50 -5.06
CA PRO D 117 -42.57 57.35 -3.83
C PRO D 117 -42.42 55.97 -3.26
N PRO D 118 -42.81 55.77 -1.99
CA PRO D 118 -43.04 54.41 -1.51
C PRO D 118 -44.23 53.81 -2.24
N CYS D 119 -44.03 52.65 -2.83
CA CYS D 119 -45.04 52.06 -3.69
C CYS D 119 -46.21 51.55 -2.87
N LYS D 120 -47.41 52.00 -3.23
CA LYS D 120 -48.64 51.57 -2.59
C LYS D 120 -49.46 50.76 -3.59
N ARG D 121 -50.61 50.27 -3.12
CA ARG D 121 -51.48 49.46 -3.98
C ARG D 121 -52.14 50.31 -5.05
N GLU D 122 -52.74 51.43 -4.64
CA GLU D 122 -53.47 52.28 -5.55
C GLU D 122 -52.51 53.15 -6.34
N ASN D 123 -52.70 53.18 -7.66
CA ASN D 123 -51.98 54.13 -8.49
C ASN D 123 -52.41 55.56 -8.22
N GLN D 124 -53.61 55.76 -7.67
CA GLN D 124 -54.04 57.08 -7.27
C GLN D 124 -53.23 57.59 -6.08
N LYS D 125 -52.88 56.69 -5.15
CA LYS D 125 -52.13 57.10 -3.98
C LYS D 125 -50.68 57.41 -4.31
N ASN D 126 -50.09 56.66 -5.25
CA ASN D 126 -48.75 57.00 -5.72
C ASN D 126 -48.74 58.33 -6.42
N LEU D 127 -49.76 58.60 -7.24
CA LEU D 127 -49.86 59.87 -7.94
C LEU D 127 -50.05 61.03 -6.97
N GLU D 128 -50.76 60.80 -5.86
CA GLU D 128 -50.94 61.85 -4.87
C GLU D 128 -49.65 62.13 -4.11
N SER D 129 -48.84 61.09 -3.86
CA SER D 129 -47.54 61.30 -3.23
C SER D 129 -46.62 62.10 -4.15
N VAL D 130 -46.69 61.83 -5.46
CA VAL D 130 -45.95 62.63 -6.44
C VAL D 130 -46.42 64.08 -6.42
N MET D 131 -47.73 64.29 -6.38
CA MET D 131 -48.26 65.65 -6.47
C MET D 131 -47.96 66.46 -5.21
N ASN D 132 -47.92 65.81 -4.04
CA ASN D 132 -47.59 66.53 -2.82
C ASN D 132 -46.13 66.93 -2.79
N TRP D 133 -45.23 66.01 -3.18
CA TRP D 133 -43.82 66.33 -3.23
C TRP D 133 -43.51 67.36 -4.32
N GLN D 134 -44.25 67.30 -5.44
CA GLN D 134 -44.06 68.28 -6.50
C GLN D 134 -44.57 69.65 -6.09
N GLN D 135 -45.67 69.70 -5.33
CA GLN D 135 -46.20 70.98 -4.90
C GLN D 135 -45.29 71.66 -3.90
N TYR D 136 -44.64 70.88 -3.03
CA TYR D 136 -43.65 71.44 -2.13
C TYR D 136 -42.45 71.97 -2.91
N TRP D 137 -42.04 71.27 -3.96
CA TRP D 137 -40.95 71.76 -4.79
C TRP D 137 -41.40 72.72 -5.87
N LYS D 138 -42.70 73.04 -5.92
CA LYS D 138 -43.18 74.14 -6.75
C LYS D 138 -43.38 75.42 -5.96
N ASP D 139 -43.54 75.32 -4.65
CA ASP D 139 -43.67 76.53 -3.84
C ASP D 139 -42.34 77.26 -3.74
N GLU D 140 -41.32 76.60 -3.18
CA GLU D 140 -40.04 77.25 -2.89
C GLU D 140 -39.20 77.24 -4.16
N ILE D 141 -39.42 78.24 -5.02
CA ILE D 141 -38.71 78.37 -6.29
C ILE D 141 -37.87 79.64 -6.22
N GLY D 142 -36.61 79.53 -6.64
CA GLY D 142 -35.70 80.67 -6.63
C GLY D 142 -35.04 80.98 -5.30
N SER D 143 -35.81 81.00 -4.22
CA SER D 143 -35.29 81.32 -2.91
C SER D 143 -34.56 80.12 -2.33
N GLN D 144 -33.91 80.36 -1.15
CA GLN D 144 -33.23 79.46 -0.22
C GLN D 144 -32.39 78.39 -0.92
N PRO D 145 -31.20 78.74 -1.40
CA PRO D 145 -30.34 77.75 -2.07
C PRO D 145 -29.95 76.61 -1.13
N PHE D 146 -30.01 75.39 -1.66
CA PHE D 146 -29.98 74.20 -0.83
C PHE D 146 -28.57 73.70 -0.58
N THR D 147 -28.35 73.14 0.60
CA THR D 147 -27.07 72.54 0.97
C THR D 147 -27.01 71.15 0.36
N CYS D 148 -26.74 71.12 -0.94
CA CYS D 148 -26.77 69.89 -1.72
C CYS D 148 -25.36 69.42 -1.99
N TYR D 149 -25.25 68.31 -2.72
CA TYR D 149 -23.98 67.66 -2.97
C TYR D 149 -23.82 67.40 -4.45
N PHE D 150 -22.57 67.27 -4.89
CA PHE D 150 -22.26 67.29 -6.31
C PHE D 150 -20.86 66.74 -6.53
N ASN D 151 -20.69 65.99 -7.62
CA ASN D 151 -19.41 65.39 -7.98
C ASN D 151 -19.25 65.50 -9.50
N GLN D 152 -18.55 66.55 -9.94
CA GLN D 152 -18.44 66.82 -11.36
C GLN D 152 -17.52 65.85 -12.09
N HIS D 153 -16.68 65.12 -11.36
CA HIS D 153 -15.75 64.23 -12.04
C HIS D 153 -16.38 62.90 -12.43
N GLN D 154 -17.46 62.50 -11.77
CA GLN D 154 -18.11 61.24 -12.08
C GLN D 154 -19.52 61.42 -12.64
N ARG D 155 -20.40 62.11 -11.92
CA ARG D 155 -21.76 62.37 -12.38
C ARG D 155 -21.97 63.87 -12.34
N PRO D 156 -21.60 64.60 -13.39
CA PRO D 156 -21.67 66.05 -13.37
C PRO D 156 -23.04 66.61 -13.71
N ASP D 157 -24.03 65.76 -13.95
CA ASP D 157 -25.34 66.21 -14.39
C ASP D 157 -26.41 66.03 -13.33
N ASP D 158 -26.08 65.41 -12.20
CA ASP D 158 -27.05 65.11 -11.17
C ASP D 158 -26.56 65.63 -9.83
N VAL D 159 -27.49 66.12 -9.02
CA VAL D 159 -27.17 66.74 -7.74
C VAL D 159 -28.02 66.09 -6.68
N LEU D 160 -27.39 65.59 -5.63
CA LEU D 160 -28.05 64.81 -4.60
C LEU D 160 -28.46 65.70 -3.43
N LEU D 161 -29.36 65.16 -2.61
CA LEU D 161 -29.85 65.85 -1.43
C LEU D 161 -29.27 65.31 -0.13
N HIS D 162 -28.85 64.05 -0.10
CA HIS D 162 -28.27 63.45 1.09
C HIS D 162 -27.13 62.53 0.68
N ARG D 163 -26.04 62.58 1.42
CA ARG D 163 -24.96 61.62 1.21
C ARG D 163 -25.39 60.25 1.68
N THR D 164 -24.86 59.21 1.03
CA THR D 164 -25.25 57.85 1.38
C THR D 164 -24.62 57.41 2.69
N HIS D 165 -23.35 57.73 2.90
CA HIS D 165 -22.62 57.27 4.07
C HIS D 165 -22.35 58.42 5.02
N ASP D 166 -22.51 58.16 6.31
CA ASP D 166 -22.22 59.15 7.33
C ASP D 166 -20.70 59.27 7.50
N GLU D 167 -20.29 60.34 8.19
CA GLU D 167 -18.89 60.47 8.57
C GLU D 167 -18.49 59.46 9.64
N ILE D 168 -19.45 58.96 10.42
CA ILE D 168 -19.17 57.97 11.46
C ILE D 168 -18.87 56.60 10.88
N VAL D 169 -19.14 56.40 9.60
CA VAL D 169 -18.68 55.22 8.87
C VAL D 169 -17.15 55.14 8.91
N LEU D 170 -16.49 56.28 8.73
CA LEU D 170 -15.04 56.35 8.83
C LEU D 170 -14.54 56.02 10.22
N LEU D 171 -15.36 56.24 11.25
CA LEU D 171 -14.98 55.86 12.60
C LEU D 171 -15.09 54.36 12.79
N HIS D 172 -16.23 53.77 12.44
CA HIS D 172 -16.45 52.36 12.65
C HIS D 172 -15.65 51.48 11.71
N CYS D 173 -15.17 52.02 10.59
CA CYS D 173 -14.32 51.24 9.70
C CYS D 173 -12.94 51.03 10.31
N PHE D 174 -12.48 51.96 11.14
CA PHE D 174 -11.18 51.86 11.77
C PHE D 174 -11.25 51.46 13.24
N LEU D 175 -12.43 51.49 13.85
CA LEU D 175 -12.50 51.26 15.29
C LEU D 175 -12.39 49.79 15.63
N TRP D 176 -13.32 48.98 15.18
CA TRP D 176 -13.44 47.60 15.64
C TRP D 176 -12.33 46.66 15.17
N PRO D 177 -11.71 46.84 13.99
CA PRO D 177 -10.41 46.18 13.80
C PRO D 177 -9.35 46.61 14.78
N LEU D 178 -9.33 47.88 15.19
CA LEU D 178 -8.33 48.29 16.18
C LEU D 178 -8.66 47.72 17.55
N VAL D 179 -9.93 47.64 17.90
CA VAL D 179 -10.33 47.01 19.16
C VAL D 179 -9.97 45.52 19.16
N THR D 180 -10.16 44.86 18.01
CA THR D 180 -9.79 43.46 17.89
C THR D 180 -8.29 43.28 18.03
N PHE D 181 -7.51 44.18 17.43
CA PHE D 181 -6.06 44.15 17.53
C PHE D 181 -5.58 44.37 18.97
N VAL D 182 -6.21 45.31 19.68
CA VAL D 182 -5.78 45.63 21.04
C VAL D 182 -6.10 44.49 22.00
N VAL D 183 -7.27 43.87 21.86
CA VAL D 183 -7.65 42.77 22.75
C VAL D 183 -6.78 41.55 22.49
N GLY D 184 -6.43 41.30 21.22
CA GLY D 184 -5.53 40.20 20.91
C GLY D 184 -4.13 40.42 21.46
N VAL D 185 -3.62 41.65 21.36
CA VAL D 185 -2.31 41.97 21.91
C VAL D 185 -2.32 41.85 23.43
N LEU D 186 -3.43 42.26 24.07
CA LEU D 186 -3.53 42.16 25.52
C LEU D 186 -3.55 40.72 25.99
N ILE D 187 -4.11 39.81 25.20
CA ILE D 187 -4.16 38.40 25.58
C ILE D 187 -2.76 37.79 25.53
N VAL D 188 -2.00 38.08 24.47
CA VAL D 188 -0.64 37.55 24.34
C VAL D 188 0.27 38.12 25.43
N VAL D 189 0.11 39.41 25.73
CA VAL D 189 0.95 40.06 26.73
C VAL D 189 0.63 39.53 28.13
N LEU D 190 -0.65 39.40 28.46
CA LEU D 190 -1.02 38.94 29.80
C LEU D 190 -0.64 37.48 30.03
N THR D 191 -0.71 36.65 28.99
CA THR D 191 -0.34 35.25 29.16
C THR D 191 1.18 35.11 29.34
N ILE D 192 1.96 35.83 28.54
CA ILE D 192 3.41 35.79 28.66
C ILE D 192 3.87 36.37 29.99
N CYS D 193 3.21 37.43 30.45
CA CYS D 193 3.55 38.05 31.73
C CYS D 193 3.22 37.13 32.89
N ALA D 194 2.08 36.41 32.82
CA ALA D 194 1.72 35.48 33.87
C ALA D 194 2.67 34.29 33.92
N LYS D 195 3.14 33.84 32.76
CA LYS D 195 4.09 32.73 32.73
C LYS D 195 5.44 33.13 33.29
N SER D 196 5.95 34.30 32.91
CA SER D 196 7.26 34.72 33.37
C SER D 196 7.26 35.02 34.87
N LEU D 197 6.16 35.58 35.38
CA LEU D 197 6.06 35.78 36.83
C LEU D 197 5.93 34.47 37.58
N ALA D 198 5.27 33.46 36.99
CA ALA D 198 5.21 32.17 37.65
C ALA D 198 6.55 31.45 37.63
N VAL D 199 7.35 31.66 36.57
CA VAL D 199 8.70 31.11 36.51
C VAL D 199 9.57 31.73 37.60
N LYS D 200 9.52 33.05 37.76
CA LYS D 200 10.28 33.70 38.82
C LYS D 200 9.78 33.34 40.21
N ALA D 201 8.47 33.14 40.37
CA ALA D 201 7.93 32.79 41.68
C ALA D 201 8.25 31.35 42.06
N GLU D 202 8.48 30.48 41.09
CA GLU D 202 8.86 29.11 41.44
C GLU D 202 10.36 28.99 41.62
N ALA D 203 11.15 29.80 40.91
CA ALA D 203 12.59 29.78 41.05
C ALA D 203 13.08 30.68 42.18
N MET D 204 12.19 31.36 42.88
CA MET D 204 12.60 32.19 43.99
C MET D 204 12.92 31.40 45.25
N LYS D 205 12.56 30.12 45.31
CA LYS D 205 12.78 29.33 46.51
C LYS D 205 14.19 28.75 46.53
N SER E 16 -5.88 64.36 -21.39
CA SER E 16 -5.31 64.07 -22.70
C SER E 16 -5.68 62.66 -23.12
N ARG E 17 -6.98 62.40 -23.21
CA ARG E 17 -7.51 61.06 -23.40
C ARG E 17 -7.73 60.79 -24.88
N GLY E 18 -7.96 59.51 -25.19
CA GLY E 18 -8.21 59.10 -26.55
C GLY E 18 -7.15 58.17 -27.12
N GLN E 19 -5.89 58.45 -26.81
CA GLN E 19 -4.78 57.66 -27.33
C GLN E 19 -4.45 56.54 -26.35
N ARG E 20 -4.76 55.31 -26.74
CA ARG E 20 -4.48 54.14 -25.91
C ARG E 20 -3.02 53.76 -26.10
N MET E 21 -2.20 54.07 -25.10
CA MET E 21 -0.78 53.75 -25.13
C MET E 21 -0.45 52.57 -24.24
N TRP E 22 -1.34 51.57 -24.24
CA TRP E 22 -1.12 50.37 -23.44
C TRP E 22 0.05 49.55 -23.96
N TRP E 23 0.33 49.65 -25.26
CA TRP E 23 1.35 48.82 -25.88
C TRP E 23 2.76 49.19 -25.42
N ALA E 24 2.95 50.41 -24.93
CA ALA E 24 4.29 50.85 -24.52
C ALA E 24 4.74 50.13 -23.27
N PHE E 25 3.82 49.83 -22.36
CA PHE E 25 4.16 49.11 -21.14
C PHE E 25 4.58 47.69 -21.45
N LEU E 26 3.78 46.98 -22.25
CA LEU E 26 4.10 45.61 -22.63
C LEU E 26 5.35 45.55 -23.49
N ALA E 27 5.60 46.59 -24.29
CA ALA E 27 6.82 46.63 -25.09
C ALA E 27 8.04 46.80 -24.20
N SER E 28 7.92 47.59 -23.13
CA SER E 28 9.05 47.79 -22.23
C SER E 28 9.40 46.51 -21.49
N SER E 29 8.39 45.72 -21.15
CA SER E 29 8.64 44.44 -20.50
C SER E 29 9.29 43.45 -21.45
N MET E 30 8.80 43.37 -22.69
CA MET E 30 9.32 42.40 -23.63
C MET E 30 10.73 42.78 -24.11
N VAL E 31 10.98 44.07 -24.28
CA VAL E 31 12.32 44.52 -24.68
C VAL E 31 13.33 44.28 -23.57
N THR E 32 12.92 44.47 -22.31
CA THR E 32 13.82 44.22 -21.20
C THR E 32 14.17 42.74 -21.08
N PHE E 33 13.16 41.87 -21.18
CA PHE E 33 13.39 40.44 -21.03
C PHE E 33 14.19 39.88 -22.20
N PHE E 34 13.69 40.08 -23.43
CA PHE E 34 14.33 39.46 -24.58
C PHE E 34 15.59 40.18 -25.00
N GLY E 35 15.67 41.49 -24.80
CA GLY E 35 16.88 42.22 -25.16
C GLY E 35 18.04 41.86 -24.26
N GLY E 36 17.80 41.73 -22.96
CA GLY E 36 18.85 41.25 -22.08
C GLY E 36 19.21 39.80 -22.34
N LEU E 37 18.23 39.01 -22.76
CA LEU E 37 18.50 37.61 -23.11
C LEU E 37 19.39 37.51 -24.33
N PHE E 38 19.15 38.36 -25.33
CA PHE E 38 19.98 38.33 -26.53
C PHE E 38 21.36 38.91 -26.26
N ILE E 39 21.46 39.87 -25.35
CA ILE E 39 22.77 40.41 -24.99
C ILE E 39 23.61 39.35 -24.28
N ILE E 40 22.98 38.54 -23.43
CA ILE E 40 23.69 37.47 -22.74
C ILE E 40 24.15 36.40 -23.73
N LEU E 41 23.27 36.01 -24.66
CA LEU E 41 23.62 34.98 -25.62
C LEU E 41 24.67 35.46 -26.61
N LEU E 42 24.62 36.74 -26.98
CA LEU E 42 25.63 37.28 -27.88
C LEU E 42 26.98 37.40 -27.19
N TRP E 43 26.98 37.68 -25.88
CA TRP E 43 28.22 37.66 -25.12
C TRP E 43 28.83 36.27 -25.10
N ARG E 44 27.99 35.25 -24.97
CA ARG E 44 28.50 33.88 -24.95
C ARG E 44 28.84 33.35 -26.33
N THR E 45 28.49 34.06 -27.39
CA THR E 45 29.02 33.69 -28.70
C THR E 45 30.29 34.46 -29.04
N LEU E 46 30.35 35.74 -28.66
CA LEU E 46 31.53 36.54 -28.99
C LEU E 46 32.74 36.14 -28.16
N LYS E 47 32.53 35.71 -26.91
CA LYS E 47 33.67 35.31 -26.10
C LYS E 47 34.10 33.88 -26.37
N TYR E 48 33.37 33.13 -27.18
CA TYR E 48 33.82 31.84 -27.66
C TYR E 48 34.02 31.85 -29.17
N LEU E 49 33.97 33.01 -29.79
CA LEU E 49 34.52 33.24 -31.11
C LEU E 49 35.92 33.83 -31.04
N TRP E 50 36.24 34.46 -29.92
CA TRP E 50 37.49 35.21 -29.77
C TRP E 50 38.72 34.31 -29.74
N THR E 51 38.55 33.02 -29.49
CA THR E 51 39.66 32.08 -29.57
C THR E 51 39.58 31.18 -30.78
N VAL E 52 38.38 30.87 -31.26
CA VAL E 52 38.23 29.95 -32.38
C VAL E 52 38.53 30.65 -33.70
N CYS E 53 37.78 31.72 -34.00
CA CYS E 53 38.04 32.47 -35.22
C CYS E 53 39.32 33.30 -35.09
N CYS E 54 39.34 34.23 -34.14
CA CYS E 54 40.50 35.08 -33.93
C CYS E 54 41.31 34.61 -32.74
N VAL E 91 42.77 35.61 -5.61
CA VAL E 91 41.33 35.78 -5.76
C VAL E 91 41.05 37.15 -6.37
N GLY E 92 40.11 37.20 -7.30
CA GLY E 92 39.81 38.43 -8.01
C GLY E 92 39.02 39.42 -7.17
N TRP E 93 38.62 40.51 -7.82
CA TRP E 93 37.80 41.52 -7.16
C TRP E 93 36.33 41.44 -7.54
N MET E 94 36.04 41.01 -8.78
CA MET E 94 34.64 40.81 -9.15
C MET E 94 34.06 39.61 -8.43
N THR E 95 34.87 38.61 -8.10
CA THR E 95 34.40 37.54 -7.24
C THR E 95 34.19 38.03 -5.82
N SER E 96 34.94 39.04 -5.39
CA SER E 96 34.76 39.57 -4.04
C SER E 96 33.45 40.32 -3.93
N VAL E 97 33.08 41.10 -4.95
CA VAL E 97 31.77 41.73 -4.93
C VAL E 97 30.67 40.71 -5.19
N LYS E 98 31.00 39.57 -5.83
CA LYS E 98 30.03 38.51 -5.98
C LYS E 98 29.74 37.83 -4.65
N ASP E 99 30.77 37.58 -3.83
CA ASP E 99 30.54 36.98 -2.52
C ASP E 99 29.86 37.94 -1.57
N TRP E 100 30.10 39.25 -1.71
CA TRP E 100 29.39 40.20 -0.86
C TRP E 100 27.92 40.25 -1.21
N ALA E 101 27.59 40.24 -2.50
CA ALA E 101 26.20 40.19 -2.90
C ALA E 101 25.54 38.87 -2.52
N GLY E 102 26.28 37.76 -2.60
CA GLY E 102 25.73 36.49 -2.20
C GLY E 102 25.50 36.39 -0.71
N VAL E 103 26.25 37.15 0.08
CA VAL E 103 25.99 37.23 1.51
C VAL E 103 24.78 38.12 1.77
N MET E 104 24.65 39.21 1.01
CA MET E 104 23.53 40.14 1.21
C MET E 104 22.20 39.54 0.78
N ILE E 105 22.19 38.67 -0.23
CA ILE E 105 20.95 38.03 -0.65
C ILE E 105 20.48 37.04 0.40
N SER E 106 21.40 36.33 1.01
CA SER E 106 21.07 35.52 2.16
C SER E 106 20.94 36.41 3.39
N ALA E 107 20.59 35.81 4.53
CA ALA E 107 20.43 36.57 5.76
C ALA E 107 21.61 36.37 6.70
N GLN E 108 22.82 36.29 6.15
CA GLN E 108 23.97 35.94 6.96
C GLN E 108 24.47 37.08 7.82
N THR E 109 24.08 38.30 7.53
CA THR E 109 24.45 39.47 8.33
C THR E 109 23.20 40.12 8.92
N LEU E 110 23.41 41.30 9.50
CA LEU E 110 22.28 42.08 9.99
C LEU E 110 21.63 42.86 8.85
N THR E 111 22.44 43.48 8.00
CA THR E 111 21.89 44.25 6.89
C THR E 111 21.27 43.36 5.83
N GLY E 112 21.74 42.13 5.71
CA GLY E 112 21.06 41.17 4.85
C GLY E 112 19.71 40.77 5.40
N ARG E 113 19.61 40.66 6.73
CA ARG E 113 18.34 40.34 7.37
C ARG E 113 17.35 41.48 7.18
N VAL E 114 17.82 42.73 7.28
CA VAL E 114 16.95 43.88 7.09
C VAL E 114 16.47 43.95 5.65
N LEU E 115 17.35 43.63 4.70
CA LEU E 115 16.97 43.61 3.29
C LEU E 115 15.93 42.55 3.00
N VAL E 116 16.08 41.37 3.61
CA VAL E 116 15.17 40.27 3.34
C VAL E 116 13.79 40.53 3.92
N VAL E 117 13.72 41.09 5.13
CA VAL E 117 12.45 41.47 5.73
C VAL E 117 11.78 42.58 4.93
N LEU E 118 12.58 43.47 4.34
CA LEU E 118 12.01 44.48 3.46
C LEU E 118 11.45 43.87 2.18
N VAL E 119 12.06 42.81 1.66
CA VAL E 119 11.54 42.15 0.48
C VAL E 119 10.19 41.51 0.77
N PHE E 120 10.06 40.89 1.95
CA PHE E 120 8.80 40.30 2.39
C PHE E 120 7.71 41.36 2.49
N ALA E 121 7.98 42.44 3.21
CA ALA E 121 6.95 43.44 3.50
C ALA E 121 6.57 44.23 2.25
N LEU E 122 7.53 44.61 1.43
CA LEU E 122 7.19 45.40 0.27
C LEU E 122 6.59 44.56 -0.85
N SER E 123 6.79 43.25 -0.84
CA SER E 123 6.07 42.39 -1.78
C SER E 123 4.58 42.37 -1.48
N ILE E 124 4.23 42.26 -0.19
CA ILE E 124 2.82 42.35 0.19
C ILE E 124 2.28 43.74 -0.07
N GLY E 125 3.12 44.77 0.08
CA GLY E 125 2.67 46.13 -0.18
C GLY E 125 2.38 46.39 -1.65
N ALA E 126 3.23 45.87 -2.53
CA ALA E 126 2.99 46.02 -3.96
C ALA E 126 1.76 45.23 -4.41
N LEU E 127 1.51 44.10 -3.77
CA LEU E 127 0.30 43.33 -4.08
C LEU E 127 -0.96 44.08 -3.67
N VAL E 128 -0.92 44.74 -2.51
CA VAL E 128 -2.07 45.52 -2.04
C VAL E 128 -2.33 46.70 -2.97
N ILE E 129 -1.27 47.31 -3.50
CA ILE E 129 -1.41 48.39 -4.46
C ILE E 129 -2.06 47.89 -5.75
N TYR E 130 -1.78 46.66 -6.16
CA TYR E 130 -2.49 46.09 -7.30
C TYR E 130 -3.96 45.88 -6.99
N PHE E 131 -4.28 45.43 -5.76
CA PHE E 131 -5.67 45.25 -5.38
C PHE E 131 -6.43 46.57 -5.39
N ILE E 132 -5.75 47.66 -5.02
CA ILE E 132 -6.36 48.98 -5.08
C ILE E 132 -6.59 49.40 -6.52
N ASP E 133 -5.57 49.23 -7.36
CA ASP E 133 -5.64 49.69 -8.73
C ASP E 133 -6.51 48.82 -9.62
N SER E 134 -6.93 47.65 -9.15
CA SER E 134 -7.71 46.76 -10.00
C SER E 134 -9.14 47.26 -10.20
N SER E 135 -9.66 48.06 -9.27
CA SER E 135 -11.00 48.60 -9.45
C SER E 135 -11.02 49.80 -10.39
N ASN E 136 -9.86 50.33 -10.72
CA ASN E 136 -9.77 51.46 -11.63
C ASN E 136 -10.09 51.02 -13.05
N PRO E 137 -10.39 51.96 -13.95
CA PRO E 137 -10.50 51.63 -15.37
C PRO E 137 -9.18 51.13 -15.94
N ILE E 138 -9.27 50.59 -17.15
CA ILE E 138 -8.13 49.89 -17.73
C ILE E 138 -7.07 50.87 -18.18
N GLU E 139 -7.46 51.92 -18.91
CA GLU E 139 -6.53 52.92 -19.43
C GLU E 139 -6.93 54.27 -18.86
N SER E 140 -6.03 54.87 -18.07
CA SER E 140 -6.37 56.12 -17.40
C SER E 140 -5.10 56.91 -17.12
N CYS E 141 -5.28 58.21 -16.89
CA CYS E 141 -4.18 59.12 -16.63
C CYS E 141 -4.05 59.37 -15.13
N GLN E 142 -2.83 59.70 -14.70
CA GLN E 142 -2.60 60.11 -13.33
C GLN E 142 -1.36 60.98 -13.25
N ASN E 143 -1.51 62.15 -12.64
CA ASN E 143 -0.37 63.03 -12.41
C ASN E 143 0.46 62.48 -11.26
N PHE E 144 1.77 62.40 -11.46
CA PHE E 144 2.65 61.75 -10.49
C PHE E 144 2.75 62.55 -9.20
N TYR E 145 2.74 63.87 -9.28
CA TYR E 145 2.88 64.68 -8.09
C TYR E 145 1.61 64.76 -7.25
N LYS E 146 0.45 64.41 -7.82
CA LYS E 146 -0.79 64.38 -7.06
C LYS E 146 -1.19 62.98 -6.63
N ASP E 147 -0.91 61.97 -7.45
CA ASP E 147 -1.27 60.60 -7.10
C ASP E 147 -0.31 60.07 -6.04
N PHE E 148 -0.85 59.74 -4.87
CA PHE E 148 -0.01 59.28 -3.78
C PHE E 148 0.41 57.84 -3.98
N THR E 149 -0.51 56.99 -4.42
CA THR E 149 -0.22 55.56 -4.56
C THR E 149 0.79 55.30 -5.66
N LEU E 150 0.83 56.17 -6.67
CA LEU E 150 1.88 56.08 -7.68
C LEU E 150 3.24 56.38 -7.08
N GLN E 151 3.30 57.25 -6.08
CA GLN E 151 4.57 57.55 -5.43
C GLN E 151 5.03 56.40 -4.55
N ILE E 152 4.09 55.75 -3.86
CA ILE E 152 4.45 54.60 -3.03
C ILE E 152 4.85 53.42 -3.91
N ASP E 153 4.17 53.26 -5.04
CA ASP E 153 4.54 52.22 -5.99
C ASP E 153 5.92 52.48 -6.60
N MET E 154 6.26 53.76 -6.79
CA MET E 154 7.59 54.13 -7.23
C MET E 154 8.66 53.71 -6.24
N ALA E 155 8.39 53.93 -4.95
CA ALA E 155 9.35 53.56 -3.92
C ALA E 155 9.52 52.04 -3.84
N PHE E 156 8.43 51.30 -4.03
CA PHE E 156 8.51 49.86 -3.96
C PHE E 156 9.30 49.28 -5.14
N ASN E 157 9.07 49.83 -6.33
CA ASN E 157 9.72 49.26 -7.50
C ASN E 157 11.15 49.72 -7.68
N VAL E 158 11.55 50.87 -7.11
CA VAL E 158 12.96 51.19 -7.15
C VAL E 158 13.71 50.32 -6.16
N PHE E 159 13.05 49.90 -5.07
CA PHE E 159 13.67 48.94 -4.17
C PHE E 159 13.81 47.58 -4.84
N PHE E 160 12.80 47.16 -5.60
CA PHE E 160 12.89 45.89 -6.31
C PHE E 160 13.93 45.93 -7.41
N LEU E 161 14.19 47.11 -7.97
CA LEU E 161 15.26 47.24 -8.96
C LEU E 161 16.62 47.03 -8.33
N LEU E 162 16.85 47.61 -7.14
CA LEU E 162 18.13 47.42 -6.47
C LEU E 162 18.30 45.97 -6.01
N TYR E 163 17.22 45.35 -5.53
CA TYR E 163 17.30 43.96 -5.11
C TYR E 163 17.52 43.03 -6.28
N PHE E 164 16.96 43.38 -7.45
CA PHE E 164 17.22 42.61 -8.65
C PHE E 164 18.69 42.73 -9.07
N GLY E 165 19.27 43.92 -8.86
CA GLY E 165 20.68 44.08 -9.18
C GLY E 165 21.59 43.28 -8.27
N LEU E 166 21.21 43.17 -6.99
CA LEU E 166 21.98 42.35 -6.07
C LEU E 166 21.89 40.88 -6.42
N ARG E 167 20.69 40.43 -6.83
CA ARG E 167 20.53 39.04 -7.24
C ARG E 167 21.24 38.76 -8.55
N PHE E 168 21.40 39.78 -9.40
CA PHE E 168 22.13 39.59 -10.65
C PHE E 168 23.62 39.45 -10.39
N ILE E 169 24.16 40.25 -9.49
CA ILE E 169 25.58 40.18 -9.17
C ILE E 169 25.90 38.86 -8.47
N ALA E 170 25.05 38.44 -7.55
CA ALA E 170 25.32 37.28 -6.72
C ALA E 170 25.23 35.95 -7.46
N ALA E 171 24.67 35.93 -8.67
CA ALA E 171 24.42 34.67 -9.34
C ALA E 171 25.70 34.10 -9.94
N ASN E 172 25.73 32.78 -10.07
CA ASN E 172 26.86 32.12 -10.73
C ASN E 172 26.70 32.16 -12.24
N ASP E 173 25.49 31.90 -12.73
CA ASP E 173 25.20 31.77 -14.15
C ASP E 173 24.23 32.87 -14.54
N LYS E 174 24.69 33.77 -15.43
CA LYS E 174 23.84 34.89 -15.82
C LYS E 174 22.65 34.43 -16.65
N LEU E 175 22.80 33.35 -17.41
CA LEU E 175 21.68 32.86 -18.20
C LEU E 175 20.64 32.19 -17.32
N TRP E 176 21.09 31.37 -16.37
CA TRP E 176 20.19 30.71 -15.43
C TRP E 176 19.48 31.71 -14.53
N PHE E 177 20.14 32.82 -14.23
CA PHE E 177 19.47 33.89 -13.50
C PHE E 177 18.42 34.57 -14.36
N TRP E 178 18.74 34.81 -15.62
CA TRP E 178 17.83 35.55 -16.49
C TRP E 178 16.59 34.76 -16.84
N LEU E 179 16.62 33.44 -16.73
CA LEU E 179 15.45 32.61 -16.94
C LEU E 179 14.78 32.18 -15.65
N GLU E 180 15.33 32.58 -14.51
CA GLU E 180 14.74 32.26 -13.22
C GLU E 180 13.42 33.01 -13.07
N VAL E 181 12.42 32.34 -12.48
CA VAL E 181 11.04 32.82 -12.51
C VAL E 181 10.88 34.09 -11.68
N ASN E 182 11.69 34.27 -10.63
CA ASN E 182 11.61 35.49 -9.85
C ASN E 182 12.23 36.67 -10.56
N SER E 183 12.99 36.44 -11.63
CA SER E 183 13.47 37.52 -12.47
C SER E 183 12.44 37.94 -13.49
N VAL E 184 11.70 36.97 -14.04
CA VAL E 184 10.67 37.25 -15.03
C VAL E 184 9.56 38.10 -14.43
N VAL E 185 9.25 37.88 -13.15
CA VAL E 185 8.30 38.73 -12.44
C VAL E 185 8.79 40.17 -12.40
N ASP E 186 10.10 40.35 -12.19
CA ASP E 186 10.65 41.69 -12.17
C ASP E 186 10.69 42.31 -13.55
N PHE E 187 10.84 41.51 -14.61
CA PHE E 187 10.83 42.06 -15.94
C PHE E 187 9.45 42.50 -16.38
N PHE E 188 8.40 41.92 -15.82
CA PHE E 188 7.05 42.27 -16.22
C PHE E 188 6.34 43.17 -15.22
N THR E 189 7.02 43.59 -14.15
CA THR E 189 6.41 44.52 -13.21
C THR E 189 7.21 45.79 -13.02
N VAL E 190 8.53 45.71 -12.96
CA VAL E 190 9.39 46.85 -12.65
C VAL E 190 9.55 47.83 -13.82
N PRO E 191 9.73 47.42 -15.08
CA PRO E 191 9.76 48.43 -16.17
C PRO E 191 8.47 49.22 -16.36
N PRO E 192 7.27 48.61 -16.47
CA PRO E 192 6.12 49.43 -16.90
C PRO E 192 5.61 50.43 -15.88
N VAL E 193 6.04 50.35 -14.62
CA VAL E 193 5.69 51.43 -13.71
C VAL E 193 6.58 52.64 -13.96
N PHE E 194 7.82 52.44 -14.40
CA PHE E 194 8.65 53.56 -14.84
C PHE E 194 8.10 54.17 -16.11
N VAL E 195 7.52 53.34 -16.98
CA VAL E 195 6.86 53.90 -18.16
C VAL E 195 5.60 54.64 -17.76
N SER E 196 4.95 54.20 -16.68
CA SER E 196 3.78 54.91 -16.19
C SER E 196 4.13 56.26 -15.58
N VAL E 197 5.30 56.38 -14.96
CA VAL E 197 5.66 57.68 -14.41
C VAL E 197 6.18 58.58 -15.51
N TYR E 198 6.68 58.02 -16.61
CA TYR E 198 7.18 58.85 -17.70
C TYR E 198 6.05 59.39 -18.54
N LEU E 199 5.00 58.60 -18.71
CA LEU E 199 3.86 59.00 -19.51
C LEU E 199 2.80 59.74 -18.72
N ASN E 200 2.91 59.73 -17.38
CA ASN E 200 1.87 60.22 -16.46
C ASN E 200 0.52 59.55 -16.74
N ARG E 201 0.58 58.26 -17.05
CA ARG E 201 -0.59 57.51 -17.48
C ARG E 201 -0.42 56.07 -17.04
N SER E 202 -1.49 55.51 -16.50
CA SER E 202 -1.45 54.15 -15.96
C SER E 202 -2.20 53.19 -16.89
N TRP E 203 -1.85 51.92 -16.76
CA TRP E 203 -2.56 50.85 -17.43
C TRP E 203 -2.44 49.61 -16.55
N LEU E 204 -3.58 49.09 -16.12
CA LEU E 204 -3.61 47.87 -15.33
C LEU E 204 -3.31 46.70 -16.26
N GLY E 205 -2.03 46.49 -16.51
CA GLY E 205 -1.64 45.49 -17.46
C GLY E 205 -1.33 44.18 -16.79
N LEU E 206 -0.07 43.76 -16.85
CA LEU E 206 0.35 42.56 -16.16
C LEU E 206 0.84 42.88 -14.76
N ARG E 207 0.05 43.65 -14.02
CA ARG E 207 0.34 43.92 -12.63
C ARG E 207 -0.08 42.79 -11.72
N PHE E 208 -0.85 41.83 -12.24
CA PHE E 208 -1.25 40.69 -11.44
C PHE E 208 -0.10 39.74 -11.16
N LEU E 209 1.00 39.86 -11.91
CA LEU E 209 2.18 39.07 -11.64
C LEU E 209 2.91 39.48 -10.38
N ARG E 210 2.50 40.57 -9.73
CA ARG E 210 3.02 40.90 -8.41
C ARG E 210 2.62 39.88 -7.37
N ALA E 211 1.56 39.11 -7.60
CA ALA E 211 1.17 38.04 -6.69
C ALA E 211 2.09 36.85 -6.78
N LEU E 212 2.92 36.75 -7.81
CA LEU E 212 3.89 35.66 -7.90
C LEU E 212 5.07 35.86 -6.97
N ARG E 213 5.21 37.01 -6.33
CA ARG E 213 6.30 37.23 -5.42
C ARG E 213 6.16 36.48 -4.11
N LEU E 214 4.98 35.92 -3.83
CA LEU E 214 4.79 35.15 -2.61
C LEU E 214 5.45 33.78 -2.68
N ILE E 215 5.95 33.37 -3.84
CA ILE E 215 6.74 32.15 -3.96
C ILE E 215 8.02 32.23 -3.15
N GLN E 216 8.59 33.42 -3.03
CA GLN E 216 9.84 33.63 -2.31
C GLN E 216 9.74 33.47 -0.81
N PHE E 217 8.53 33.34 -0.26
CA PHE E 217 8.34 33.54 1.17
C PHE E 217 8.93 32.40 1.98
N SER E 218 8.79 31.16 1.51
CA SER E 218 9.36 30.04 2.24
C SER E 218 10.88 30.05 2.17
N GLU E 219 11.46 30.52 1.07
CA GLU E 219 12.90 30.60 0.98
C GLU E 219 13.45 31.70 1.87
N ILE E 220 12.84 32.89 1.84
CA ILE E 220 13.34 33.98 2.66
C ILE E 220 12.92 33.86 4.11
N LEU E 221 12.12 32.85 4.46
CA LEU E 221 11.97 32.47 5.85
C LEU E 221 12.92 31.35 6.24
N GLN E 222 13.39 30.57 5.27
CA GLN E 222 14.46 29.62 5.56
C GLN E 222 15.79 30.31 5.77
N PHE E 223 15.96 31.48 5.16
CA PHE E 223 17.17 32.26 5.39
C PHE E 223 17.20 32.85 6.78
N LEU E 224 16.04 33.22 7.31
CA LEU E 224 15.94 33.95 8.58
C LEU E 224 15.84 33.04 9.79
N ASN E 225 16.13 31.75 9.62
CA ASN E 225 16.04 30.73 10.68
C ASN E 225 14.65 30.63 11.31
N ILE E 226 13.61 30.95 10.56
CA ILE E 226 12.26 30.83 11.08
C ILE E 226 11.69 29.45 10.80
N LEU E 227 11.94 28.93 9.60
CA LEU E 227 11.48 27.61 9.22
C LEU E 227 12.64 26.64 9.28
N LYS E 228 12.56 25.65 10.15
CA LYS E 228 13.63 24.68 10.29
C LYS E 228 13.19 23.26 10.00
N THR E 229 12.11 22.79 10.59
CA THR E 229 11.70 21.41 10.40
C THR E 229 10.96 21.23 9.10
N SER E 230 10.84 19.97 8.69
CA SER E 230 10.42 19.66 7.33
C SER E 230 8.93 19.84 7.11
N ASN E 231 8.12 19.69 8.15
CA ASN E 231 6.68 19.76 7.96
C ASN E 231 6.22 21.17 7.71
N SER E 232 6.70 22.13 8.49
CA SER E 232 6.26 23.49 8.28
C SER E 232 7.04 24.21 7.19
N ILE E 233 8.20 23.70 6.78
CA ILE E 233 8.78 24.12 5.51
C ILE E 233 7.87 23.72 4.36
N LYS E 234 7.39 22.48 4.40
CA LYS E 234 6.48 22.00 3.37
C LYS E 234 5.13 22.71 3.41
N LEU E 235 4.68 23.10 4.59
CA LEU E 235 3.38 23.75 4.72
C LEU E 235 3.41 25.15 4.14
N VAL E 236 4.47 25.91 4.41
CA VAL E 236 4.57 27.25 3.85
C VAL E 236 4.81 27.18 2.35
N ASN E 237 5.50 26.13 1.89
CA ASN E 237 5.68 25.94 0.44
C ASN E 237 4.36 25.69 -0.26
N LEU E 238 3.51 24.83 0.31
CA LEU E 238 2.22 24.54 -0.29
C LEU E 238 1.30 25.75 -0.25
N LEU E 239 1.32 26.50 0.86
CA LEU E 239 0.46 27.66 0.98
C LEU E 239 0.87 28.77 0.05
N SER E 240 2.18 28.96 -0.14
CA SER E 240 2.66 30.02 -1.01
C SER E 240 2.31 29.73 -2.47
N ILE E 241 2.51 28.49 -2.90
CA ILE E 241 2.24 28.14 -4.29
C ILE E 241 0.74 28.18 -4.57
N PHE E 242 -0.07 27.75 -3.61
CA PHE E 242 -1.52 27.72 -3.80
C PHE E 242 -2.10 29.11 -3.89
N ILE E 243 -1.73 30.00 -2.97
CA ILE E 243 -2.33 31.33 -2.94
C ILE E 243 -1.81 32.18 -4.10
N SER E 244 -0.53 32.03 -4.46
CA SER E 244 0.01 32.82 -5.56
C SER E 244 -0.57 32.40 -6.90
N THR E 245 -0.78 31.10 -7.10
CA THR E 245 -1.38 30.64 -8.35
C THR E 245 -2.83 31.08 -8.45
N TRP E 246 -3.54 31.04 -7.32
CA TRP E 246 -4.94 31.47 -7.28
C TRP E 246 -5.08 32.95 -7.59
N LEU E 247 -4.25 33.78 -6.96
CA LEU E 247 -4.39 35.22 -7.16
C LEU E 247 -3.87 35.65 -8.53
N THR E 248 -2.84 34.99 -9.06
CA THR E 248 -2.31 35.38 -10.36
C THR E 248 -3.27 35.01 -11.47
N ALA E 249 -3.79 33.79 -11.44
CA ALA E 249 -4.72 33.37 -12.49
C ALA E 249 -6.03 34.13 -12.40
N ALA E 250 -6.42 34.56 -11.20
CA ALA E 250 -7.58 35.44 -11.11
C ALA E 250 -7.31 36.80 -11.71
N GLY E 251 -6.08 37.29 -11.60
CA GLY E 251 -5.75 38.56 -12.21
C GLY E 251 -5.72 38.49 -13.72
N PHE E 252 -5.28 37.36 -14.26
CA PHE E 252 -5.23 37.20 -15.71
C PHE E 252 -6.64 37.10 -16.29
N ILE E 253 -7.52 36.35 -15.63
CA ILE E 253 -8.88 36.25 -16.12
C ILE E 253 -9.63 37.56 -15.88
N HIS E 254 -9.20 38.39 -14.93
CA HIS E 254 -9.80 39.70 -14.75
C HIS E 254 -9.43 40.64 -15.87
N LEU E 255 -8.16 40.62 -16.28
CA LEU E 255 -7.71 41.44 -17.40
C LEU E 255 -8.38 41.02 -18.70
N VAL E 256 -8.50 39.72 -18.92
CA VAL E 256 -9.06 39.23 -20.18
C VAL E 256 -10.56 39.49 -20.24
N GLU E 257 -11.26 39.31 -19.12
CA GLU E 257 -12.70 39.48 -19.15
C GLU E 257 -13.12 40.94 -19.21
N ASN E 258 -12.29 41.84 -18.68
CA ASN E 258 -12.69 43.24 -18.73
C ASN E 258 -12.37 43.86 -20.08
N SER E 259 -11.10 43.89 -20.46
CA SER E 259 -10.72 44.30 -21.80
C SER E 259 -11.05 43.12 -22.70
N GLY E 260 -12.18 43.19 -23.39
CA GLY E 260 -12.76 42.05 -24.08
C GLY E 260 -12.01 41.56 -25.30
N ASP E 261 -12.70 40.78 -26.11
CA ASP E 261 -12.05 40.15 -27.25
C ASP E 261 -11.73 41.17 -28.33
N PRO E 262 -10.52 41.17 -28.88
CA PRO E 262 -10.20 42.12 -29.96
C PRO E 262 -10.86 41.80 -31.29
N TRP E 263 -11.56 40.68 -31.41
CA TRP E 263 -12.16 40.29 -32.67
C TRP E 263 -13.54 40.87 -32.89
N GLU E 264 -14.20 41.26 -31.82
CA GLU E 264 -15.49 41.92 -31.90
C GLU E 264 -15.36 43.42 -31.73
N ASN E 265 -14.14 43.95 -31.83
CA ASN E 265 -13.79 45.33 -31.48
C ASN E 265 -14.19 45.66 -30.05
N PHE E 266 -13.90 44.71 -29.15
CA PHE E 266 -13.99 44.88 -27.69
C PHE E 266 -15.42 45.18 -27.23
N GLN E 267 -16.38 44.45 -27.78
CA GLN E 267 -17.75 44.50 -27.29
C GLN E 267 -18.07 43.35 -26.35
N ASN E 268 -17.06 42.65 -25.85
CA ASN E 268 -17.25 41.53 -24.95
C ASN E 268 -16.83 41.87 -23.52
N ASN E 269 -16.93 43.13 -23.14
CA ASN E 269 -16.47 43.53 -21.82
C ASN E 269 -17.44 43.08 -20.75
N GLN E 270 -17.30 41.84 -20.28
CA GLN E 270 -17.99 41.42 -19.07
C GLN E 270 -17.32 42.10 -17.89
N ALA E 271 -17.98 43.10 -17.32
CA ALA E 271 -17.38 43.94 -16.29
C ALA E 271 -17.37 43.18 -14.98
N LEU E 272 -16.32 42.43 -14.75
CA LEU E 272 -16.10 41.75 -13.48
C LEU E 272 -15.12 42.54 -12.63
N THR E 273 -15.31 42.47 -11.32
CA THR E 273 -14.32 43.02 -10.41
C THR E 273 -13.20 42.02 -10.25
N TYR E 274 -12.18 42.37 -9.48
CA TYR E 274 -11.10 41.42 -9.24
C TYR E 274 -11.57 40.30 -8.32
N TRP E 275 -12.32 40.63 -7.29
CA TRP E 275 -12.73 39.64 -6.32
C TRP E 275 -13.76 38.69 -6.86
N GLU E 276 -14.53 39.11 -7.88
CA GLU E 276 -15.42 38.18 -8.54
C GLU E 276 -14.64 37.13 -9.30
N CYS E 277 -13.48 37.47 -9.83
CA CYS E 277 -12.66 36.48 -10.49
C CYS E 277 -11.96 35.56 -9.51
N VAL E 278 -11.60 36.07 -8.32
CA VAL E 278 -11.07 35.21 -7.28
C VAL E 278 -12.13 34.22 -6.81
N TYR E 279 -13.37 34.69 -6.69
CA TYR E 279 -14.47 33.82 -6.32
C TYR E 279 -14.81 32.85 -7.44
N LEU E 280 -14.66 33.28 -8.70
CA LEU E 280 -14.85 32.40 -9.84
C LEU E 280 -13.86 31.26 -9.84
N LEU E 281 -12.59 31.55 -9.54
CA LEU E 281 -11.60 30.50 -9.62
C LEU E 281 -11.67 29.56 -8.43
N MET E 282 -12.13 30.03 -7.28
CA MET E 282 -12.29 29.10 -6.16
C MET E 282 -13.51 28.23 -6.35
N VAL E 283 -14.56 28.75 -6.98
CA VAL E 283 -15.70 27.92 -7.32
C VAL E 283 -15.33 26.91 -8.40
N THR E 284 -14.43 27.30 -9.30
CA THR E 284 -14.05 26.43 -10.40
C THR E 284 -13.05 25.36 -9.99
N MET E 285 -11.99 25.75 -9.26
CA MET E 285 -10.97 24.81 -8.78
C MET E 285 -11.55 23.74 -7.89
N SER E 286 -12.55 24.09 -7.09
CA SER E 286 -13.20 23.15 -6.21
C SER E 286 -14.18 22.24 -6.94
N THR E 287 -14.34 22.42 -8.25
CA THR E 287 -15.30 21.72 -9.11
C THR E 287 -16.73 21.87 -8.63
N VAL E 288 -17.06 22.98 -7.97
CA VAL E 288 -18.46 23.26 -7.69
C VAL E 288 -19.14 23.79 -8.93
N GLY E 289 -18.70 24.95 -9.41
CA GLY E 289 -19.19 25.48 -10.66
C GLY E 289 -20.64 25.90 -10.63
N TYR E 290 -20.96 26.96 -9.89
CA TYR E 290 -22.35 27.38 -9.77
C TYR E 290 -22.93 27.84 -11.10
N GLY E 291 -22.19 28.68 -11.81
CA GLY E 291 -22.70 29.25 -13.04
C GLY E 291 -23.30 30.61 -12.88
N ASP E 292 -23.27 31.18 -11.69
CA ASP E 292 -23.68 32.57 -11.51
C ASP E 292 -22.66 33.52 -12.10
N VAL E 293 -21.39 33.13 -12.08
CA VAL E 293 -20.30 33.91 -12.62
C VAL E 293 -19.46 32.97 -13.48
N TYR E 294 -19.26 33.34 -14.74
CA TYR E 294 -18.42 32.54 -15.62
C TYR E 294 -17.80 33.45 -16.66
N ALA E 295 -16.76 32.95 -17.31
CA ALA E 295 -16.10 33.70 -18.36
C ALA E 295 -16.93 33.65 -19.63
N LYS E 296 -17.15 34.81 -20.25
CA LYS E 296 -17.97 34.87 -21.44
C LYS E 296 -17.21 35.15 -22.72
N THR E 297 -15.99 35.65 -22.64
CA THR E 297 -15.23 35.93 -23.84
C THR E 297 -14.58 34.67 -24.37
N THR E 298 -14.02 34.77 -25.58
CA THR E 298 -13.35 33.63 -26.19
C THR E 298 -12.00 33.38 -25.54
N LEU E 299 -11.22 34.43 -25.28
CA LEU E 299 -9.96 34.26 -24.58
C LEU E 299 -10.18 33.86 -23.14
N GLY E 300 -11.30 34.28 -22.54
CA GLY E 300 -11.59 33.88 -21.18
C GLY E 300 -11.88 32.40 -21.06
N ARG E 301 -12.73 31.88 -21.95
CA ARG E 301 -13.02 30.45 -21.96
C ARG E 301 -11.79 29.63 -22.31
N LEU E 302 -10.92 30.17 -23.17
CA LEU E 302 -9.72 29.45 -23.55
C LEU E 302 -8.75 29.34 -22.38
N PHE E 303 -8.60 30.40 -21.61
CA PHE E 303 -7.78 30.31 -20.40
C PHE E 303 -8.42 29.40 -19.37
N MET E 304 -9.75 29.40 -19.28
CA MET E 304 -10.41 28.55 -18.28
C MET E 304 -10.26 27.08 -18.62
N VAL E 305 -10.15 26.75 -19.91
CA VAL E 305 -9.90 25.37 -20.31
C VAL E 305 -8.51 24.94 -19.86
N PHE E 306 -7.50 25.80 -20.10
CA PHE E 306 -6.16 25.48 -19.63
C PHE E 306 -6.06 25.52 -18.11
N PHE E 307 -6.83 26.39 -17.47
CA PHE E 307 -6.75 26.49 -16.03
C PHE E 307 -7.38 25.30 -15.34
N ILE E 308 -8.45 24.73 -15.89
CA ILE E 308 -9.00 23.58 -15.19
C ILE E 308 -8.14 22.35 -15.43
N LEU E 309 -7.43 22.29 -16.57
CA LEU E 309 -6.48 21.21 -16.80
C LEU E 309 -5.33 21.24 -15.80
N GLY E 310 -4.92 22.42 -15.36
CA GLY E 310 -3.87 22.48 -14.36
C GLY E 310 -4.38 22.61 -12.94
N GLY E 311 -5.30 23.54 -12.73
CA GLY E 311 -5.71 23.92 -11.39
C GLY E 311 -6.55 22.92 -10.65
N LEU E 312 -7.24 22.01 -11.36
CA LEU E 312 -8.01 21.00 -10.65
C LEU E 312 -7.10 20.02 -9.95
N ALA E 313 -6.04 19.58 -10.62
CA ALA E 313 -5.07 18.70 -9.99
C ALA E 313 -4.30 19.43 -8.89
N MET E 314 -4.10 20.75 -9.05
CA MET E 314 -3.41 21.49 -8.02
C MET E 314 -4.26 21.60 -6.75
N PHE E 315 -5.57 21.84 -6.90
CA PHE E 315 -6.44 21.92 -5.74
C PHE E 315 -6.56 20.58 -5.05
N ALA E 316 -6.82 19.52 -5.81
CA ALA E 316 -7.05 18.21 -5.23
C ALA E 316 -5.80 17.62 -4.61
N SER E 317 -4.62 18.02 -5.06
CA SER E 317 -3.41 17.55 -4.41
C SER E 317 -3.04 18.39 -3.20
N TYR E 318 -3.16 19.71 -3.28
CA TYR E 318 -2.58 20.56 -2.26
C TYR E 318 -3.48 20.73 -1.05
N VAL E 319 -4.80 20.80 -1.24
CA VAL E 319 -5.69 21.12 -0.12
C VAL E 319 -5.77 20.03 0.94
N PRO E 320 -5.93 18.73 0.61
CA PRO E 320 -5.89 17.75 1.71
C PRO E 320 -4.53 17.59 2.33
N GLU E 321 -3.46 17.91 1.61
CA GLU E 321 -2.13 17.85 2.22
C GLU E 321 -1.93 19.00 3.19
N ILE E 322 -2.45 20.18 2.88
CA ILE E 322 -2.36 21.31 3.80
C ILE E 322 -3.16 21.02 5.07
N ILE E 323 -4.37 20.47 4.90
CA ILE E 323 -5.20 20.10 6.04
C ILE E 323 -4.57 18.95 6.83
N GLU E 324 -3.73 18.12 6.20
CA GLU E 324 -2.96 17.15 6.96
C GLU E 324 -1.89 17.81 7.82
N LEU E 325 -1.19 18.82 7.27
CA LEU E 325 -0.08 19.40 8.00
C LEU E 325 -0.51 20.35 9.10
N ILE E 326 -1.65 20.98 8.97
CA ILE E 326 -2.30 21.62 10.11
C ILE E 326 -3.05 20.54 10.84
N GLY E 327 -3.45 20.79 12.08
CA GLY E 327 -4.28 19.84 12.79
C GLY E 327 -3.55 18.69 13.42
N ASN E 328 -2.28 18.49 13.10
CA ASN E 328 -1.46 17.49 13.78
C ASN E 328 -1.08 18.06 15.15
N ARG E 329 -1.99 17.90 16.10
CA ARG E 329 -1.78 18.33 17.46
C ARG E 329 -1.68 17.10 18.37
N LYS E 330 -0.70 17.13 19.28
CA LYS E 330 -0.55 16.05 20.25
C LYS E 330 -1.68 16.13 21.26
N LYS E 331 -2.42 15.04 21.40
CA LYS E 331 -3.63 15.07 22.23
C LYS E 331 -3.28 15.03 23.71
N TYR E 332 -2.59 13.99 24.16
CA TYR E 332 -2.35 13.80 25.58
C TYR E 332 -1.01 14.36 26.02
N GLY E 333 -0.80 15.63 25.78
CA GLY E 333 0.35 16.34 26.29
C GLY E 333 0.08 16.85 27.68
N GLY E 334 0.85 17.85 28.07
CA GLY E 334 0.64 18.46 29.37
C GLY E 334 1.22 17.63 30.48
N SER E 335 0.89 18.02 31.71
CA SER E 335 1.49 17.43 32.88
C SER E 335 0.44 17.19 33.95
N TYR E 336 0.75 16.27 34.84
CA TYR E 336 -0.12 16.00 35.98
C TYR E 336 0.06 17.09 37.02
N SER E 337 -1.06 17.51 37.60
CA SER E 337 -1.05 18.51 38.65
C SER E 337 -1.41 17.83 39.97
N ALA E 338 -0.46 17.79 40.89
CA ALA E 338 -0.70 17.14 42.17
C ALA E 338 -1.64 17.97 43.02
N VAL E 339 -2.40 17.28 43.87
CA VAL E 339 -3.29 17.92 44.81
C VAL E 339 -2.82 17.61 46.22
N SER E 340 -3.21 18.46 47.16
CA SER E 340 -2.76 18.32 48.52
C SER E 340 -3.60 17.29 49.26
N GLY E 341 -2.94 16.47 50.07
CA GLY E 341 -3.65 15.50 50.87
C GLY E 341 -4.16 14.30 50.11
N ARG E 342 -3.68 14.07 48.89
CA ARG E 342 -4.07 12.91 48.12
C ARG E 342 -2.89 12.52 47.24
N LYS E 343 -2.43 11.29 47.39
CA LYS E 343 -1.27 10.82 46.65
C LYS E 343 -1.70 10.20 45.33
N HIS E 344 -0.73 9.90 44.48
CA HIS E 344 -1.03 9.36 43.17
C HIS E 344 -0.03 8.26 42.83
N ILE E 345 -0.32 7.57 41.72
CA ILE E 345 0.38 6.36 41.32
C ILE E 345 0.67 6.47 39.84
N VAL E 346 1.91 6.22 39.45
CA VAL E 346 2.31 6.24 38.06
C VAL E 346 2.44 4.81 37.56
N VAL E 347 1.76 4.49 36.47
CA VAL E 347 1.76 3.15 35.91
C VAL E 347 2.38 3.22 34.52
N CYS E 348 3.41 2.42 34.29
CA CYS E 348 4.03 2.37 32.98
C CYS E 348 4.20 0.94 32.51
N GLY E 349 4.92 0.74 31.42
CA GLY E 349 5.14 -0.60 30.93
C GLY E 349 4.20 -1.00 29.82
N HIS E 350 3.73 -2.25 29.85
CA HIS E 350 2.86 -2.77 28.80
C HIS E 350 1.43 -2.33 29.09
N ILE E 351 1.00 -1.26 28.45
CA ILE E 351 -0.31 -0.69 28.68
C ILE E 351 -1.16 -0.94 27.45
N THR E 352 -2.14 -1.81 27.59
CA THR E 352 -3.11 -2.06 26.52
C THR E 352 -4.50 -1.90 27.09
N LEU E 353 -5.52 -2.29 26.32
CA LEU E 353 -6.89 -2.15 26.82
C LEU E 353 -7.19 -3.20 27.88
N GLU E 354 -6.81 -4.45 27.64
CA GLU E 354 -7.16 -5.51 28.56
C GLU E 354 -6.31 -5.47 29.83
N SER E 355 -5.06 -5.02 29.73
CA SER E 355 -4.22 -4.95 30.92
C SER E 355 -4.68 -3.84 31.84
N VAL E 356 -5.08 -2.70 31.27
CA VAL E 356 -5.60 -1.60 32.07
C VAL E 356 -6.96 -1.96 32.66
N SER E 357 -7.77 -2.72 31.91
CA SER E 357 -9.08 -3.14 32.41
C SER E 357 -8.94 -4.09 33.59
N ASN E 358 -8.05 -5.07 33.48
CA ASN E 358 -7.82 -5.98 34.60
C ASN E 358 -7.19 -5.27 35.78
N PHE E 359 -6.32 -4.30 35.51
CA PHE E 359 -5.72 -3.54 36.60
C PHE E 359 -6.76 -2.71 37.34
N LEU E 360 -7.61 -1.99 36.60
CA LEU E 360 -8.61 -1.15 37.22
C LEU E 360 -9.72 -1.94 37.89
N LYS E 361 -9.91 -3.20 37.50
CA LYS E 361 -10.84 -4.04 38.24
C LYS E 361 -10.27 -4.41 39.59
N ASP E 362 -9.01 -4.85 39.63
CA ASP E 362 -8.44 -5.31 40.89
C ASP E 362 -7.99 -4.18 41.79
N PHE E 363 -7.78 -2.99 41.25
CA PHE E 363 -7.29 -1.86 42.04
C PHE E 363 -8.43 -1.06 42.65
N LEU E 364 -9.41 -0.69 41.85
CA LEU E 364 -10.52 0.12 42.31
C LEU E 364 -11.70 -0.72 42.78
N HIS E 365 -11.45 -1.91 43.28
CA HIS E 365 -12.53 -2.78 43.74
C HIS E 365 -13.13 -2.23 45.03
N LYS E 366 -14.43 -2.45 45.19
CA LYS E 366 -15.12 -1.94 46.35
C LYS E 366 -14.82 -2.71 47.63
N ASP E 367 -14.18 -3.88 47.52
CA ASP E 367 -13.85 -4.66 48.70
C ASP E 367 -12.68 -4.08 49.48
N ARG E 368 -11.95 -3.12 48.92
CA ARG E 368 -10.98 -2.39 49.71
C ARG E 368 -11.68 -1.35 50.56
N ASP E 369 -10.89 -0.60 51.32
CA ASP E 369 -11.42 0.56 52.02
C ASP E 369 -11.65 1.71 51.04
N ASP E 370 -12.01 2.87 51.57
CA ASP E 370 -12.23 4.04 50.71
C ASP E 370 -10.87 4.55 50.27
N VAL E 371 -10.37 3.97 49.19
CA VAL E 371 -9.09 4.39 48.64
C VAL E 371 -9.25 5.72 47.93
N ASN E 372 -8.15 6.46 47.85
CA ASN E 372 -8.23 7.78 47.24
C ASN E 372 -7.01 8.11 46.40
N VAL E 373 -6.21 7.13 46.05
CA VAL E 373 -5.04 7.41 45.21
C VAL E 373 -5.51 7.61 43.78
N GLU E 374 -4.81 8.46 43.05
CA GLU E 374 -5.09 8.62 41.64
C GLU E 374 -4.10 7.81 40.83
N ILE E 375 -4.54 7.40 39.65
CA ILE E 375 -3.75 6.51 38.81
C ILE E 375 -3.36 7.29 37.56
N VAL E 376 -2.08 7.52 37.40
CA VAL E 376 -1.53 8.22 36.25
C VAL E 376 -0.87 7.20 35.36
N PHE E 377 -1.19 7.22 34.08
CA PHE E 377 -0.59 6.31 33.13
C PHE E 377 0.43 7.04 32.28
N LEU E 378 1.32 6.27 31.67
CA LEU E 378 2.41 6.85 30.90
C LEU E 378 2.81 5.85 29.83
N HIS E 379 2.45 6.13 28.59
CA HIS E 379 2.77 5.22 27.49
C HIS E 379 3.03 6.06 26.25
N ASN E 380 4.01 5.65 25.46
CA ASN E 380 4.37 6.43 24.29
C ASN E 380 3.35 6.27 23.17
N ILE E 381 2.72 5.12 23.05
CA ILE E 381 1.69 4.93 22.05
C ILE E 381 0.42 5.64 22.49
N SER E 382 -0.23 6.33 21.56
CA SER E 382 -1.48 6.98 21.86
C SER E 382 -2.58 5.93 22.00
N PRO E 383 -3.53 6.13 22.91
CA PRO E 383 -4.57 5.12 23.11
C PRO E 383 -5.59 5.14 21.98
N ASN E 384 -6.20 3.98 21.75
CA ASN E 384 -7.26 3.88 20.76
C ASN E 384 -8.56 4.36 21.38
N LEU E 385 -9.66 4.20 20.65
CA LEU E 385 -10.92 4.77 21.11
C LEU E 385 -11.53 3.98 22.25
N GLU E 386 -11.17 2.71 22.39
CA GLU E 386 -11.71 1.92 23.48
C GLU E 386 -11.02 2.26 24.79
N LEU E 387 -9.73 2.53 24.76
CA LEU E 387 -9.04 3.00 25.96
C LEU E 387 -9.51 4.39 26.37
N GLU E 388 -9.81 5.25 25.40
CA GLU E 388 -10.33 6.57 25.74
C GLU E 388 -11.71 6.48 26.36
N ALA E 389 -12.53 5.53 25.91
CA ALA E 389 -13.81 5.32 26.57
C ALA E 389 -13.64 4.74 27.96
N LEU E 390 -12.60 3.92 28.16
CA LEU E 390 -12.34 3.40 29.49
C LEU E 390 -11.85 4.49 30.43
N PHE E 391 -11.06 5.43 29.92
CA PHE E 391 -10.59 6.52 30.76
C PHE E 391 -11.70 7.50 31.05
N LYS E 392 -12.69 7.59 30.16
CA LYS E 392 -13.86 8.40 30.47
C LYS E 392 -14.79 7.71 31.44
N ARG E 393 -14.74 6.39 31.54
CA ARG E 393 -15.51 5.70 32.56
C ARG E 393 -14.94 5.90 33.96
N HIS E 394 -13.69 6.32 34.06
CA HIS E 394 -12.99 6.53 35.32
C HIS E 394 -12.43 7.94 35.37
N PHE E 395 -13.32 8.90 35.10
CA PHE E 395 -12.92 10.27 34.81
C PHE E 395 -12.26 10.96 36.00
N THR E 396 -12.58 10.55 37.21
CA THR E 396 -12.00 11.19 38.39
C THR E 396 -10.83 10.43 38.98
N GLN E 397 -10.66 9.15 38.63
CA GLN E 397 -9.61 8.35 39.26
C GLN E 397 -8.41 8.11 38.37
N VAL E 398 -8.52 8.30 37.06
CA VAL E 398 -7.51 7.88 36.11
C VAL E 398 -7.19 9.04 35.17
N GLU E 399 -5.92 9.39 35.07
CA GLU E 399 -5.45 10.34 34.08
C GLU E 399 -4.38 9.69 33.22
N PHE E 400 -4.38 10.03 31.94
CA PHE E 400 -3.41 9.51 30.99
C PHE E 400 -2.50 10.63 30.52
N TYR E 401 -1.24 10.30 30.27
CA TYR E 401 -0.27 11.25 29.75
C TYR E 401 0.67 10.49 28.83
N GLN E 402 0.75 10.92 27.57
CA GLN E 402 1.57 10.21 26.59
C GLN E 402 3.03 10.65 26.72
N GLY E 403 3.91 9.69 26.94
CA GLY E 403 5.33 9.98 27.03
C GLY E 403 6.11 8.69 27.15
N SER E 404 7.42 8.84 27.25
CA SER E 404 8.32 7.70 27.38
C SER E 404 8.98 7.73 28.74
N VAL E 405 9.02 6.58 29.41
CA VAL E 405 9.54 6.52 30.76
C VAL E 405 11.06 6.69 30.77
N LEU E 406 11.73 6.41 29.65
CA LEU E 406 13.16 6.64 29.56
C LEU E 406 13.51 8.12 29.51
N ASN E 407 12.67 8.93 28.87
CA ASN E 407 12.93 10.36 28.75
C ASN E 407 12.60 11.05 30.07
N PRO E 408 13.56 11.70 30.73
CA PRO E 408 13.29 12.25 32.06
C PRO E 408 12.41 13.47 32.07
N HIS E 409 12.18 14.11 30.92
CA HIS E 409 11.19 15.18 30.88
C HIS E 409 9.79 14.63 31.07
N ASP E 410 9.52 13.46 30.51
CA ASP E 410 8.22 12.82 30.70
C ASP E 410 8.05 12.31 32.11
N LEU E 411 9.14 11.91 32.77
CA LEU E 411 9.05 11.57 34.18
C LEU E 411 8.76 12.81 35.01
N ALA E 412 9.28 13.97 34.60
CA ALA E 412 8.95 15.21 35.28
C ALA E 412 7.52 15.63 35.03
N ARG E 413 6.91 15.20 33.93
CA ARG E 413 5.54 15.60 33.63
C ARG E 413 4.53 14.88 34.49
N VAL E 414 4.80 13.64 34.90
CA VAL E 414 3.82 12.86 35.64
C VAL E 414 4.05 12.99 37.13
N LYS E 415 4.95 13.90 37.52
CA LYS E 415 5.32 14.17 38.92
C LYS E 415 5.79 12.90 39.62
N ILE E 416 6.78 12.24 39.01
CA ILE E 416 7.31 11.01 39.56
C ILE E 416 8.09 11.24 40.86
N GLU E 417 8.47 12.48 41.14
CA GLU E 417 9.14 12.78 42.40
C GLU E 417 8.21 12.78 43.58
N SER E 418 6.91 12.98 43.37
CA SER E 418 5.94 12.99 44.44
C SER E 418 4.95 11.85 44.33
N ALA E 419 5.17 10.92 43.41
CA ALA E 419 4.31 9.76 43.31
C ALA E 419 4.57 8.82 44.47
N ASP E 420 3.53 8.08 44.86
CA ASP E 420 3.68 7.17 45.98
C ASP E 420 4.42 5.91 45.57
N ALA E 421 4.14 5.40 44.38
CA ALA E 421 4.84 4.24 43.86
C ALA E 421 4.75 4.26 42.34
N CYS E 422 5.58 3.45 41.70
CA CYS E 422 5.56 3.32 40.25
C CYS E 422 5.43 1.85 39.89
N LEU E 423 4.52 1.53 39.00
CA LEU E 423 4.21 0.16 38.65
C LEU E 423 4.55 -0.10 37.18
N ILE E 424 5.20 -1.22 36.91
CA ILE E 424 5.69 -1.54 35.58
C ILE E 424 5.05 -2.85 35.16
N LEU E 425 3.99 -2.79 34.37
CA LEU E 425 3.38 -3.98 33.85
C LEU E 425 4.22 -4.55 32.72
N ALA E 426 4.19 -5.86 32.57
CA ALA E 426 4.98 -6.55 31.54
C ALA E 426 4.05 -7.25 30.57
N ASN E 427 4.53 -7.44 29.35
CA ASN E 427 3.76 -8.14 28.32
C ASN E 427 4.07 -9.63 28.45
N LYS E 428 3.31 -10.33 29.29
CA LYS E 428 3.63 -11.69 29.70
C LYS E 428 3.59 -12.70 28.57
N TYR E 429 3.03 -12.35 27.42
CA TYR E 429 3.01 -13.22 26.24
C TYR E 429 3.89 -12.68 25.13
N CYS E 430 5.03 -12.10 25.49
CA CYS E 430 5.94 -11.57 24.50
C CYS E 430 6.67 -12.69 23.80
N ALA E 431 7.23 -12.37 22.62
CA ALA E 431 7.87 -13.39 21.81
C ALA E 431 9.26 -13.74 22.30
N ASP E 432 9.98 -12.79 22.91
CA ASP E 432 11.32 -13.03 23.43
C ASP E 432 11.32 -12.56 24.87
N PRO E 433 11.37 -13.46 25.85
CA PRO E 433 11.26 -13.03 27.24
C PRO E 433 12.47 -12.30 27.76
N ASP E 434 13.66 -12.63 27.26
CA ASP E 434 14.86 -11.91 27.69
C ASP E 434 14.86 -10.49 27.13
N ALA E 435 14.21 -10.27 25.99
CA ALA E 435 14.15 -8.93 25.41
C ALA E 435 13.30 -8.00 26.26
N GLU E 436 12.14 -8.45 26.70
CA GLU E 436 11.30 -7.57 27.51
C GLU E 436 11.80 -7.49 28.93
N ASP E 437 12.48 -8.53 29.43
CA ASP E 437 13.14 -8.41 30.71
C ASP E 437 14.25 -7.37 30.65
N ALA E 438 14.94 -7.30 29.51
CA ALA E 438 15.92 -6.25 29.30
C ALA E 438 15.27 -4.87 29.27
N SER E 439 14.13 -4.77 28.59
CA SER E 439 13.46 -3.48 28.46
C SER E 439 12.92 -2.98 29.79
N ASN E 440 12.33 -3.88 30.58
CA ASN E 440 11.80 -3.47 31.87
C ASN E 440 12.91 -3.18 32.86
N ILE E 441 14.05 -3.85 32.74
CA ILE E 441 15.22 -3.51 33.55
C ILE E 441 15.70 -2.10 33.20
N MET E 442 15.66 -1.77 31.91
CA MET E 442 16.01 -0.42 31.49
C MET E 442 15.04 0.62 32.01
N ARG E 443 13.77 0.26 32.16
CA ARG E 443 12.79 1.18 32.74
C ARG E 443 13.07 1.42 34.22
N VAL E 444 13.46 0.38 34.95
CA VAL E 444 13.82 0.56 36.36
C VAL E 444 15.05 1.43 36.50
N ILE E 445 16.03 1.25 35.60
CA ILE E 445 17.24 2.08 35.61
C ILE E 445 16.88 3.54 35.36
N SER E 446 15.93 3.80 34.47
CA SER E 446 15.57 5.17 34.15
C SER E 446 14.85 5.86 35.29
N ILE E 447 13.92 5.17 35.94
CA ILE E 447 13.18 5.79 37.04
C ILE E 447 14.08 5.97 38.24
N LYS E 448 14.98 5.02 38.49
CA LYS E 448 15.92 5.22 39.59
C LYS E 448 16.98 6.23 39.25
N ASN E 449 17.21 6.49 37.96
CA ASN E 449 18.14 7.56 37.57
C ASN E 449 17.55 8.92 37.88
N TYR E 450 16.25 9.11 37.62
CA TYR E 450 15.61 10.37 37.98
C TYR E 450 15.51 10.51 39.48
N HIS E 451 14.76 9.62 40.11
CA HIS E 451 14.48 9.72 41.54
C HIS E 451 14.80 8.38 42.18
N PRO E 452 15.82 8.30 43.03
CA PRO E 452 16.18 7.02 43.62
C PRO E 452 15.29 6.60 44.78
N LYS E 453 14.57 7.53 45.40
CA LYS E 453 13.80 7.24 46.62
C LYS E 453 12.35 6.90 46.31
N ILE E 454 12.09 6.27 45.18
CA ILE E 454 10.74 5.88 44.81
C ILE E 454 10.60 4.38 45.00
N ARG E 455 9.36 3.94 45.15
CA ARG E 455 9.03 2.54 45.30
C ARG E 455 8.60 2.00 43.95
N ILE E 456 9.38 1.09 43.39
CA ILE E 456 9.12 0.51 42.08
C ILE E 456 8.60 -0.91 42.27
N ILE E 457 7.44 -1.19 41.68
CA ILE E 457 6.91 -2.55 41.61
C ILE E 457 6.94 -2.96 40.14
N THR E 458 7.49 -4.12 39.87
CA THR E 458 7.67 -4.55 38.48
C THR E 458 7.39 -6.04 38.36
N GLN E 459 7.40 -6.51 37.11
CA GLN E 459 7.17 -7.91 36.80
C GLN E 459 8.32 -8.42 35.95
N MET E 460 8.92 -9.52 36.36
CA MET E 460 9.99 -10.15 35.60
C MET E 460 9.50 -11.49 35.09
N LEU E 461 10.09 -11.95 33.99
CA LEU E 461 9.64 -13.20 33.39
C LEU E 461 10.57 -14.37 33.64
N GLN E 462 11.83 -14.13 33.98
CA GLN E 462 12.72 -15.16 34.48
C GLN E 462 13.29 -14.74 35.83
N TYR E 463 14.10 -15.62 36.41
CA TYR E 463 14.67 -15.39 37.72
C TYR E 463 16.04 -14.75 37.67
N HIS E 464 16.82 -15.02 36.62
CA HIS E 464 18.12 -14.38 36.51
C HIS E 464 17.99 -12.90 36.17
N ASN E 465 16.98 -12.53 35.40
CA ASN E 465 16.73 -11.12 35.16
C ASN E 465 16.22 -10.43 36.41
N LYS E 466 15.57 -11.17 37.30
CA LYS E 466 15.26 -10.63 38.63
C LYS E 466 16.53 -10.45 39.44
N ALA E 467 17.52 -11.32 39.24
CA ALA E 467 18.78 -11.20 39.98
C ALA E 467 19.58 -9.99 39.53
N HIS E 468 19.43 -9.58 38.27
CA HIS E 468 20.11 -8.38 37.80
C HIS E 468 19.58 -7.11 38.43
N LEU E 469 18.35 -7.13 38.95
CA LEU E 469 17.77 -5.92 39.51
C LEU E 469 18.37 -5.55 40.86
N LEU E 470 18.89 -6.53 41.59
CA LEU E 470 19.50 -6.20 42.88
C LEU E 470 20.84 -5.52 42.72
N ASN E 471 21.50 -5.69 41.58
CA ASN E 471 22.78 -5.03 41.31
C ASN E 471 22.64 -3.54 41.07
N ILE E 472 21.42 -3.05 40.86
CA ILE E 472 21.19 -1.61 40.65
C ILE E 472 21.44 -0.89 41.97
N PRO E 473 22.21 0.21 41.97
CA PRO E 473 22.63 0.82 43.24
C PRO E 473 21.54 1.52 44.02
N SER E 474 20.33 1.63 43.49
CA SER E 474 19.25 2.25 44.25
C SER E 474 18.08 1.32 44.51
N TRP E 475 18.17 0.07 44.04
CA TRP E 475 17.10 -0.90 44.22
C TRP E 475 17.09 -1.38 45.66
N ASN E 476 16.28 -0.75 46.49
CA ASN E 476 16.25 -1.04 47.92
C ASN E 476 14.95 -1.74 48.24
N TRP E 477 15.02 -3.07 48.40
CA TRP E 477 13.80 -3.84 48.68
C TRP E 477 13.31 -3.65 50.10
N LYS E 478 14.14 -3.10 50.98
CA LYS E 478 13.73 -2.86 52.36
C LYS E 478 12.61 -1.83 52.42
N GLU E 479 12.62 -0.86 51.52
CA GLU E 479 11.56 0.13 51.47
C GLU E 479 10.41 -0.26 50.56
N GLY E 480 10.57 -1.32 49.77
CA GLY E 480 9.43 -1.82 49.03
C GLY E 480 9.62 -1.99 47.53
N ASP E 481 10.85 -2.02 47.05
CA ASP E 481 11.08 -2.32 45.64
C ASP E 481 10.91 -3.81 45.45
N ASP E 482 9.71 -4.22 45.09
CA ASP E 482 9.40 -5.63 44.88
C ASP E 482 9.46 -5.97 43.41
N ALA E 483 10.00 -7.14 43.10
CA ALA E 483 10.01 -7.68 41.75
C ALA E 483 9.17 -8.94 41.74
N ILE E 484 8.00 -8.86 41.12
CA ILE E 484 7.10 -9.99 41.03
C ILE E 484 7.54 -10.89 39.90
N CYS E 485 8.36 -11.88 40.20
CA CYS E 485 8.87 -12.77 39.16
C CYS E 485 7.80 -13.81 38.85
N LEU E 486 7.39 -13.88 37.58
CA LEU E 486 6.30 -14.78 37.22
C LEU E 486 6.78 -16.22 37.07
N ALA E 487 8.05 -16.43 36.74
CA ALA E 487 8.56 -17.79 36.64
C ALA E 487 8.68 -18.43 38.02
N GLU E 488 9.26 -17.70 38.97
CA GLU E 488 9.41 -18.19 40.34
C GLU E 488 8.04 -18.42 40.97
N LEU E 489 7.11 -17.51 40.74
CA LEU E 489 5.81 -17.64 41.38
C LEU E 489 4.96 -18.73 40.76
N LYS E 490 5.01 -18.91 39.43
CA LYS E 490 4.18 -19.96 38.85
C LYS E 490 4.73 -21.35 39.17
N LEU E 491 6.05 -21.50 39.26
CA LEU E 491 6.58 -22.82 39.56
C LEU E 491 6.47 -23.12 41.05
N GLY E 492 6.51 -22.09 41.88
CA GLY E 492 6.33 -22.31 43.29
C GLY E 492 4.89 -22.64 43.65
N PHE E 493 3.95 -22.00 42.96
CA PHE E 493 2.53 -22.32 43.15
C PHE E 493 2.26 -23.77 42.74
N ILE E 494 2.91 -24.22 41.67
CA ILE E 494 2.76 -25.60 41.22
C ILE E 494 3.36 -26.56 42.23
N ALA E 495 4.53 -26.23 42.78
CA ALA E 495 5.20 -27.13 43.72
C ALA E 495 4.46 -27.21 45.05
N GLN E 496 3.91 -26.09 45.52
CA GLN E 496 3.09 -26.14 46.71
C GLN E 496 1.81 -26.91 46.47
N SER E 497 1.33 -26.93 45.23
CA SER E 497 0.22 -27.81 44.93
C SER E 497 0.67 -29.23 44.64
N CYS E 498 1.97 -29.47 44.46
CA CYS E 498 2.45 -30.84 44.40
C CYS E 498 2.38 -31.50 45.77
N LEU E 499 2.48 -30.71 46.83
CA LEU E 499 2.29 -31.26 48.16
C LEU E 499 0.81 -31.48 48.47
N ALA E 500 0.03 -30.41 48.48
CA ALA E 500 -1.41 -30.48 48.72
C ALA E 500 -2.11 -30.03 47.45
N GLN E 501 -2.77 -30.96 46.78
CA GLN E 501 -3.28 -30.72 45.44
C GLN E 501 -4.44 -29.73 45.46
N GLY E 502 -4.34 -28.70 44.63
CA GLY E 502 -5.35 -27.68 44.58
C GLY E 502 -5.04 -26.45 45.38
N LEU E 503 -3.83 -26.33 45.93
CA LEU E 503 -3.47 -25.15 46.69
C LEU E 503 -3.29 -23.94 45.79
N SER E 504 -2.76 -24.16 44.57
CA SER E 504 -2.47 -23.07 43.65
C SER E 504 -3.73 -22.33 43.23
N THR E 505 -4.84 -23.04 43.12
CA THR E 505 -6.12 -22.39 42.88
C THR E 505 -6.53 -21.53 44.06
N MET E 506 -6.34 -22.04 45.27
CA MET E 506 -6.72 -21.30 46.48
C MET E 506 -5.88 -20.05 46.65
N LEU E 507 -4.58 -20.17 46.43
CA LEU E 507 -3.70 -19.01 46.55
C LEU E 507 -3.98 -17.98 45.48
N ALA E 508 -4.22 -18.42 44.24
CA ALA E 508 -4.50 -17.46 43.18
C ALA E 508 -5.86 -16.79 43.37
N ASN E 509 -6.79 -17.46 44.02
CA ASN E 509 -8.07 -16.83 44.33
C ASN E 509 -7.98 -15.91 45.53
N LEU E 510 -6.91 -16.01 46.32
CA LEU E 510 -6.77 -15.16 47.49
C LEU E 510 -6.37 -13.74 47.16
N PHE E 511 -6.03 -13.43 45.91
CA PHE E 511 -5.59 -12.09 45.55
C PHE E 511 -6.45 -11.41 44.51
N SER E 512 -7.24 -12.16 43.75
CA SER E 512 -8.24 -11.54 42.89
C SER E 512 -9.36 -11.01 43.76
N MET E 513 -9.62 -9.72 43.71
CA MET E 513 -10.69 -9.12 44.50
C MET E 513 -12.03 -9.52 43.90
N ARG E 514 -12.75 -10.38 44.60
CA ARG E 514 -14.03 -10.88 44.13
C ARG E 514 -15.09 -10.59 45.17
N SER E 515 -16.21 -10.01 44.73
CA SER E 515 -17.33 -9.86 45.64
C SER E 515 -18.05 -11.21 45.79
N PHE E 516 -18.96 -11.25 46.73
CA PHE E 516 -19.74 -12.47 46.94
C PHE E 516 -20.77 -12.61 45.82
N ILE E 517 -20.83 -13.82 45.25
CA ILE E 517 -21.83 -14.16 44.25
C ILE E 517 -22.68 -15.27 44.84
N LYS E 518 -23.97 -15.00 45.00
CA LYS E 518 -24.89 -15.96 45.59
C LYS E 518 -25.47 -16.85 44.50
N ILE E 519 -25.28 -18.16 44.66
CA ILE E 519 -25.82 -19.15 43.74
C ILE E 519 -26.98 -19.86 44.44
N GLU E 520 -28.16 -19.85 43.80
CA GLU E 520 -29.34 -20.40 44.44
C GLU E 520 -29.41 -21.92 44.32
N GLU E 521 -28.77 -22.51 43.32
CA GLU E 521 -28.86 -23.95 43.13
C GLU E 521 -27.90 -24.67 44.07
N ASP E 522 -27.83 -25.99 43.91
CA ASP E 522 -26.88 -26.80 44.65
C ASP E 522 -25.91 -27.41 43.63
N THR E 523 -24.89 -26.64 43.29
CA THR E 523 -23.82 -27.05 42.39
C THR E 523 -22.51 -27.03 43.17
N TRP E 524 -21.44 -27.47 42.50
CA TRP E 524 -20.12 -27.31 43.10
C TRP E 524 -19.71 -25.85 43.10
N GLN E 525 -20.24 -25.05 42.18
CA GLN E 525 -19.89 -23.65 42.10
C GLN E 525 -20.47 -22.86 43.26
N LYS E 526 -21.55 -23.36 43.88
CA LYS E 526 -22.21 -22.62 44.94
C LYS E 526 -21.34 -22.54 46.18
N TYR E 527 -20.58 -23.59 46.47
CA TYR E 527 -19.64 -23.54 47.59
C TYR E 527 -18.27 -23.08 47.16
N TYR E 528 -17.93 -23.28 45.89
CA TYR E 528 -16.65 -22.78 45.38
C TYR E 528 -16.61 -21.26 45.37
N LEU E 529 -17.71 -20.62 44.98
CA LEU E 529 -17.75 -19.17 44.92
C LEU E 529 -17.71 -18.54 46.30
N GLU E 530 -18.24 -19.23 47.30
CA GLU E 530 -18.09 -18.77 48.67
C GLU E 530 -16.65 -18.87 49.13
N GLY E 531 -15.89 -19.83 48.60
CA GLY E 531 -14.46 -19.83 48.83
C GLY E 531 -13.74 -18.74 48.04
N VAL E 532 -14.29 -18.35 46.90
CA VAL E 532 -13.64 -17.37 46.04
C VAL E 532 -13.69 -15.98 46.67
N SER E 533 -14.79 -15.65 47.34
CA SER E 533 -15.02 -14.29 47.83
C SER E 533 -14.10 -13.87 48.97
N ASN E 534 -13.23 -14.73 49.48
CA ASN E 534 -12.29 -14.36 50.52
C ASN E 534 -10.99 -13.85 49.89
N GLU E 535 -10.40 -12.85 50.51
CA GLU E 535 -9.15 -12.27 50.06
C GLU E 535 -8.19 -12.16 51.24
N MET E 536 -6.90 -12.08 50.93
CA MET E 536 -5.89 -11.91 51.96
C MET E 536 -5.78 -10.44 52.34
N TYR E 537 -5.75 -10.17 53.64
CA TYR E 537 -5.69 -8.80 54.14
C TYR E 537 -4.62 -8.71 55.21
N THR E 538 -4.36 -7.48 55.65
CA THR E 538 -3.31 -7.19 56.60
C THR E 538 -3.83 -6.17 57.60
N GLU E 539 -3.57 -6.41 58.88
CA GLU E 539 -4.08 -5.53 59.92
C GLU E 539 -3.24 -5.67 61.18
N TYR E 540 -3.16 -4.60 61.95
CA TYR E 540 -2.58 -4.67 63.28
C TYR E 540 -3.60 -5.26 64.26
N LEU E 541 -3.12 -5.64 65.43
CA LEU E 541 -3.94 -6.33 66.41
C LEU E 541 -4.30 -5.40 67.55
N SER E 542 -5.31 -5.81 68.32
CA SER E 542 -5.71 -5.08 69.52
C SER E 542 -4.62 -5.12 70.57
N SER E 543 -4.70 -4.18 71.51
CA SER E 543 -3.88 -4.28 72.71
C SER E 543 -4.35 -5.40 73.62
N ALA E 544 -5.62 -5.80 73.51
CA ALA E 544 -6.15 -6.87 74.34
C ALA E 544 -5.60 -8.24 73.96
N PHE E 545 -5.03 -8.38 72.78
CA PHE E 545 -4.46 -9.65 72.37
C PHE E 545 -3.01 -9.83 72.78
N VAL E 546 -2.36 -8.76 73.23
CA VAL E 546 -0.95 -8.81 73.59
C VAL E 546 -0.76 -9.66 74.82
N GLY E 547 0.28 -10.49 74.81
CA GLY E 547 0.55 -11.42 75.88
C GLY E 547 -0.12 -12.77 75.73
N LEU E 548 -1.09 -12.90 74.85
CA LEU E 548 -1.73 -14.18 74.60
C LEU E 548 -0.87 -15.02 73.65
N SER E 549 -1.26 -16.27 73.48
CA SER E 549 -0.54 -17.15 72.57
C SER E 549 -1.17 -17.08 71.18
N PHE E 550 -0.37 -17.47 70.18
CA PHE E 550 -0.85 -17.48 68.80
C PHE E 550 -2.02 -18.43 68.56
N PRO E 551 -2.05 -19.69 69.03
CA PRO E 551 -3.27 -20.48 68.83
C PRO E 551 -4.47 -19.93 69.58
N THR E 552 -4.25 -19.20 70.66
CA THR E 552 -5.35 -18.59 71.39
C THR E 552 -6.02 -17.51 70.57
N VAL E 553 -5.24 -16.60 69.99
CA VAL E 553 -5.83 -15.48 69.28
C VAL E 553 -6.44 -15.92 67.97
N CYS E 554 -5.87 -16.94 67.31
CA CYS E 554 -6.51 -17.47 66.10
C CYS E 554 -7.83 -18.15 66.43
N GLU E 555 -7.91 -18.85 67.57
CA GLU E 555 -9.16 -19.49 67.93
C GLU E 555 -10.24 -18.48 68.26
N LEU E 556 -9.89 -17.45 69.02
CA LEU E 556 -10.91 -16.50 69.45
C LEU E 556 -11.33 -15.55 68.35
N CYS E 557 -10.43 -15.19 67.43
CA CYS E 557 -10.87 -14.36 66.31
C CYS E 557 -11.75 -15.16 65.35
N PHE E 558 -11.49 -16.48 65.26
CA PHE E 558 -12.36 -17.32 64.45
C PHE E 558 -13.75 -17.43 65.03
N VAL E 559 -13.87 -17.59 66.35
CA VAL E 559 -15.19 -17.88 66.90
C VAL E 559 -15.96 -16.60 67.25
N LYS E 560 -15.28 -15.49 67.51
CA LYS E 560 -15.96 -14.25 67.85
C LYS E 560 -16.02 -13.29 66.68
N LEU E 561 -14.90 -13.08 66.00
CA LEU E 561 -14.82 -12.11 64.93
C LEU E 561 -15.02 -12.71 63.55
N LYS E 562 -15.03 -14.05 63.45
CA LYS E 562 -15.19 -14.79 62.20
C LYS E 562 -14.15 -14.41 61.16
N LEU E 563 -12.89 -14.28 61.60
CA LEU E 563 -11.77 -14.04 60.71
C LEU E 563 -10.75 -15.15 60.89
N LEU E 564 -10.07 -15.49 59.81
CA LEU E 564 -9.06 -16.54 59.82
C LEU E 564 -7.69 -15.88 59.74
N MET E 565 -6.95 -15.91 60.85
CA MET E 565 -5.59 -15.41 60.86
C MET E 565 -4.64 -16.50 60.39
N ILE E 566 -3.61 -16.09 59.64
CA ILE E 566 -2.70 -17.06 59.06
C ILE E 566 -1.29 -16.88 59.63
N ALA E 567 -0.72 -15.70 59.43
CA ALA E 567 0.64 -15.45 59.86
C ALA E 567 0.71 -14.19 60.69
N ILE E 568 1.93 -13.75 61.00
CA ILE E 568 2.15 -12.72 62.00
C ILE E 568 3.38 -11.91 61.62
N GLU E 569 3.50 -10.72 62.22
CA GLU E 569 4.74 -9.96 62.11
C GLU E 569 4.99 -9.17 63.40
N SER E 577 8.63 -11.25 65.72
CA SER E 577 8.05 -10.13 65.00
C SER E 577 8.48 -10.13 63.54
N ARG E 578 8.94 -11.27 63.07
CA ARG E 578 9.28 -11.44 61.66
C ARG E 578 8.07 -12.04 60.92
N ILE E 579 8.25 -12.44 59.67
CA ILE E 579 7.11 -12.74 58.80
C ILE E 579 6.83 -14.24 58.79
N LEU E 580 7.27 -14.93 59.85
CA LEU E 580 7.09 -16.37 59.95
C LEU E 580 5.61 -16.75 60.09
N ILE E 581 5.24 -17.84 59.43
CA ILE E 581 3.86 -18.29 59.36
C ILE E 581 3.62 -19.31 60.45
N ASN E 582 2.49 -19.17 61.14
CA ASN E 582 1.93 -20.10 62.13
C ASN E 582 2.92 -20.47 63.24
N PRO E 583 3.24 -19.58 64.16
CA PRO E 583 4.10 -19.98 65.27
C PRO E 583 3.36 -20.86 66.25
N GLY E 584 4.13 -21.53 67.10
CA GLY E 584 3.55 -22.42 68.08
C GLY E 584 2.88 -21.68 69.22
N ASN E 585 2.51 -22.46 70.24
CA ASN E 585 1.96 -21.90 71.46
C ASN E 585 3.02 -21.26 72.34
N HIS E 586 4.29 -21.53 72.08
CA HIS E 586 5.36 -20.98 72.90
C HIS E 586 5.60 -19.50 72.62
N LEU E 587 5.30 -19.03 71.41
CA LEU E 587 5.51 -17.63 71.07
C LEU E 587 4.27 -16.82 71.40
N LYS E 588 4.46 -15.72 72.13
CA LYS E 588 3.36 -14.89 72.58
C LYS E 588 3.24 -13.64 71.71
N ILE E 589 2.10 -12.97 71.86
CA ILE E 589 1.80 -11.81 71.04
C ILE E 589 2.58 -10.61 71.57
N GLN E 590 3.48 -10.09 70.75
CA GLN E 590 4.15 -8.83 71.02
C GLN E 590 3.18 -7.68 70.78
N GLU E 591 3.43 -6.55 71.42
CA GLU E 591 2.62 -5.37 71.14
C GLU E 591 3.07 -4.74 69.83
N GLY E 592 2.12 -4.50 68.93
CA GLY E 592 2.43 -3.91 67.65
C GLY E 592 2.84 -4.93 66.62
N THR E 593 1.98 -5.93 66.39
CA THR E 593 2.22 -6.94 65.38
C THR E 593 1.19 -6.82 64.25
N LEU E 594 1.62 -7.27 63.07
CA LEU E 594 0.78 -7.29 61.89
C LEU E 594 0.14 -8.67 61.76
N GLY E 595 -1.16 -8.70 61.59
CA GLY E 595 -1.86 -9.95 61.38
C GLY E 595 -2.27 -10.13 59.93
N PHE E 596 -1.79 -11.19 59.29
CA PHE E 596 -2.26 -11.53 57.95
C PHE E 596 -3.54 -12.33 58.08
N PHE E 597 -4.63 -11.82 57.52
CA PHE E 597 -5.92 -12.44 57.69
C PHE E 597 -6.48 -12.88 56.34
N ILE E 598 -7.57 -13.65 56.41
CA ILE E 598 -8.35 -14.06 55.24
C ILE E 598 -9.79 -13.76 55.57
N ALA E 599 -10.38 -12.80 54.88
CA ALA E 599 -11.77 -12.45 55.11
C ALA E 599 -12.39 -12.00 53.80
N SER E 600 -13.69 -11.81 53.82
CA SER E 600 -14.41 -11.46 52.61
C SER E 600 -14.31 -10.00 52.26
N ASP E 601 -13.81 -9.16 53.14
CA ASP E 601 -13.90 -7.72 52.98
C ASP E 601 -12.82 -7.05 53.82
N ALA E 602 -12.77 -5.73 53.75
CA ALA E 602 -11.79 -4.98 54.53
C ALA E 602 -12.36 -4.41 55.82
N LYS E 603 -13.63 -4.00 55.83
CA LYS E 603 -14.22 -3.53 57.07
C LYS E 603 -14.49 -4.68 58.04
N GLU E 604 -14.46 -5.93 57.57
CA GLU E 604 -14.50 -7.06 58.47
C GLU E 604 -13.19 -7.18 59.24
N VAL E 605 -12.06 -6.99 58.58
CA VAL E 605 -10.78 -7.12 59.27
C VAL E 605 -10.43 -5.84 60.02
N LYS E 606 -11.26 -4.80 59.91
CA LYS E 606 -11.14 -3.66 60.81
C LYS E 606 -11.44 -4.01 62.27
N ARG E 607 -12.12 -5.12 62.53
CA ARG E 607 -12.37 -5.60 63.88
C ARG E 607 -11.21 -6.42 64.44
N ALA E 608 -10.08 -6.45 63.76
CA ALA E 608 -8.93 -7.18 64.27
C ALA E 608 -8.15 -6.38 65.31
N PHE E 609 -8.29 -5.06 65.31
CA PHE E 609 -7.71 -4.24 66.37
C PHE E 609 -8.77 -3.41 67.06
N PHE E 610 -10.02 -3.49 66.65
CA PHE E 610 -11.13 -2.84 67.35
C PHE E 610 -11.76 -3.76 68.37
N TYR E 611 -10.95 -4.35 69.25
CA TYR E 611 -11.46 -5.30 70.22
C TYR E 611 -10.92 -5.00 71.61
N CYS E 612 -11.83 -4.76 72.55
CA CYS E 612 -11.50 -4.64 73.96
C CYS E 612 -12.46 -5.40 74.85
N LYS E 613 -13.67 -5.71 74.37
CA LYS E 613 -14.84 -6.17 75.15
C LYS E 613 -15.18 -5.19 76.26
N ALA E 614 -14.89 -3.92 76.03
CA ALA E 614 -15.12 -2.78 76.92
C ALA E 614 -14.82 -1.53 76.10
N CYS E 615 -14.96 -0.37 76.72
CA CYS E 615 -14.74 0.95 76.11
C CYS E 615 -15.51 1.19 74.82
N SER E 681 29.30 -36.50 61.26
CA SER E 681 28.48 -35.31 61.48
C SER E 681 29.04 -34.13 60.70
N ASN E 682 30.06 -34.38 59.88
CA ASN E 682 30.68 -33.36 59.06
C ASN E 682 30.05 -33.25 57.68
N VAL E 683 29.11 -34.13 57.34
CA VAL E 683 28.55 -34.18 56.00
C VAL E 683 27.58 -33.02 55.78
N LYS E 684 27.48 -32.57 54.54
CA LYS E 684 26.67 -31.42 54.18
C LYS E 684 25.26 -31.90 53.84
N LYS E 685 24.37 -31.84 54.83
CA LYS E 685 22.99 -32.27 54.64
C LYS E 685 22.07 -31.12 54.26
N TYR E 686 22.53 -29.88 54.33
CA TYR E 686 21.71 -28.73 54.01
C TYR E 686 22.55 -27.74 53.24
N ASP E 687 21.99 -26.57 52.98
CA ASP E 687 22.69 -25.52 52.25
C ASP E 687 23.51 -24.68 53.22
N SER E 688 24.07 -23.58 52.74
CA SER E 688 24.84 -22.69 53.59
C SER E 688 23.96 -21.89 54.55
N THR E 689 22.65 -21.84 54.32
CA THR E 689 21.76 -21.08 55.17
C THR E 689 20.90 -21.94 56.07
N GLY E 690 20.75 -23.22 55.76
CA GLY E 690 19.91 -24.09 56.54
C GLY E 690 18.46 -24.12 56.12
N MET E 691 18.13 -23.66 54.92
CA MET E 691 16.75 -23.58 54.49
C MET E 691 16.33 -24.73 53.58
N PHE E 692 17.24 -25.29 52.81
CA PHE E 692 16.93 -26.37 51.89
C PHE E 692 17.81 -27.58 52.19
N HIS E 693 17.53 -28.67 51.50
CA HIS E 693 18.44 -29.80 51.49
C HIS E 693 19.47 -29.61 50.38
N TRP E 694 20.59 -30.30 50.52
CA TRP E 694 21.68 -30.13 49.58
C TRP E 694 22.51 -31.39 49.55
N CYS E 695 23.03 -31.74 48.39
CA CYS E 695 23.88 -32.90 48.23
C CYS E 695 25.06 -32.52 47.37
N ALA E 696 25.96 -33.48 47.17
CA ALA E 696 27.17 -33.26 46.41
C ALA E 696 26.84 -32.99 44.95
N PRO E 697 27.61 -32.13 44.28
CA PRO E 697 27.34 -31.79 42.88
C PRO E 697 27.58 -32.96 41.94
N LYS E 698 26.49 -33.56 41.45
CA LYS E 698 26.60 -34.78 40.68
C LYS E 698 26.96 -34.49 39.24
N GLU E 699 27.26 -35.56 38.51
CA GLU E 699 27.43 -35.54 37.07
C GLU E 699 26.12 -36.01 36.44
N ILE E 700 25.84 -35.52 35.23
CA ILE E 700 24.53 -35.73 34.63
C ILE E 700 24.26 -37.18 34.26
N GLU E 701 25.29 -38.01 34.13
CA GLU E 701 25.06 -39.42 33.88
C GLU E 701 24.60 -40.17 35.12
N LYS E 702 24.88 -39.62 36.31
CA LYS E 702 24.48 -40.28 37.55
C LYS E 702 22.98 -40.24 37.80
N VAL E 703 22.25 -39.40 37.08
CA VAL E 703 20.81 -39.28 37.26
C VAL E 703 20.03 -39.64 36.01
N ILE E 704 20.68 -39.70 34.84
CA ILE E 704 20.00 -40.13 33.63
C ILE E 704 19.68 -41.60 33.73
N LEU E 705 18.41 -41.95 33.55
CA LEU E 705 17.97 -43.33 33.52
C LEU E 705 17.49 -43.66 32.12
N THR E 706 17.76 -44.87 31.67
CA THR E 706 17.10 -45.35 30.46
C THR E 706 15.74 -45.92 30.85
N ARG E 707 14.99 -46.38 29.85
CA ARG E 707 13.62 -46.83 30.11
C ARG E 707 13.59 -48.13 30.90
N SER E 708 14.56 -49.02 30.67
CA SER E 708 14.64 -50.23 31.47
C SER E 708 15.08 -49.93 32.90
N GLU E 709 15.99 -48.96 33.07
CA GLU E 709 16.45 -48.57 34.40
C GLU E 709 15.33 -47.92 35.18
N ALA E 710 14.51 -47.12 34.51
CA ALA E 710 13.35 -46.52 35.18
C ALA E 710 12.28 -47.56 35.46
N ALA E 711 12.21 -48.61 34.63
CA ALA E 711 11.26 -49.67 34.88
C ALA E 711 11.65 -50.49 36.09
N MET E 712 12.95 -50.62 36.34
CA MET E 712 13.40 -51.41 37.49
C MET E 712 13.14 -50.66 38.80
N THR E 713 13.43 -49.37 38.83
CA THR E 713 13.30 -48.59 40.06
C THR E 713 11.83 -48.30 40.31
N VAL E 714 11.29 -48.85 41.41
CA VAL E 714 9.93 -48.56 41.78
C VAL E 714 9.84 -47.15 42.36
N LEU E 715 8.94 -46.35 41.81
CA LEU E 715 8.74 -44.97 42.25
C LEU E 715 7.28 -44.80 42.62
N SER E 716 7.02 -44.57 43.90
CA SER E 716 5.66 -44.29 44.35
C SER E 716 5.69 -43.00 45.14
N GLY E 717 4.60 -42.23 45.08
CA GLY E 717 4.48 -40.97 45.77
C GLY E 717 5.46 -39.94 45.27
N HIS E 718 5.81 -40.03 43.99
CA HIS E 718 6.84 -39.19 43.39
C HIS E 718 6.20 -38.15 42.48
N VAL E 719 7.03 -37.30 41.90
CA VAL E 719 6.56 -36.22 41.04
C VAL E 719 7.18 -36.37 39.66
N VAL E 720 6.34 -36.41 38.64
CA VAL E 720 6.80 -36.56 37.27
C VAL E 720 6.61 -35.25 36.54
N VAL E 721 7.71 -34.66 36.09
CA VAL E 721 7.69 -33.37 35.43
C VAL E 721 7.93 -33.59 33.94
N CYS E 722 6.85 -33.53 33.17
CA CYS E 722 6.94 -33.66 31.72
C CYS E 722 7.26 -32.29 31.13
N ILE E 723 8.19 -32.25 30.18
CA ILE E 723 8.72 -31.01 29.64
C ILE E 723 8.79 -31.11 28.13
N PHE E 724 8.15 -30.16 27.44
CA PHE E 724 8.24 -30.08 25.99
C PHE E 724 9.27 -29.00 25.64
N GLY E 725 10.54 -29.40 25.66
CA GLY E 725 11.63 -28.49 25.45
C GLY E 725 12.36 -28.73 24.13
N ASP E 726 13.40 -27.94 23.93
CA ASP E 726 14.21 -27.99 22.72
C ASP E 726 15.54 -27.32 23.01
N VAL E 727 16.40 -27.29 21.98
CA VAL E 727 17.64 -26.54 22.11
C VAL E 727 17.38 -25.04 22.07
N SER E 728 16.37 -24.62 21.32
CA SER E 728 16.18 -23.20 21.03
C SER E 728 15.23 -22.52 21.99
N SER E 729 14.44 -23.28 22.74
CA SER E 729 13.43 -22.69 23.61
C SER E 729 14.07 -22.03 24.82
N ALA E 730 13.35 -21.07 25.39
CA ALA E 730 13.85 -20.34 26.53
C ALA E 730 13.83 -21.21 27.78
N LEU E 731 14.70 -20.87 28.73
CA LEU E 731 14.82 -21.65 29.94
C LEU E 731 13.63 -21.41 30.85
N ILE E 732 13.06 -22.50 31.37
CA ILE E 732 11.93 -22.37 32.29
C ILE E 732 12.40 -21.87 33.65
N GLY E 733 13.51 -22.40 34.14
CA GLY E 733 13.95 -22.04 35.47
C GLY E 733 13.48 -23.04 36.49
N LEU E 734 13.77 -24.32 36.26
CA LEU E 734 13.22 -25.42 37.04
C LEU E 734 13.72 -25.46 38.48
N ARG E 735 14.74 -24.67 38.82
CA ARG E 735 15.17 -24.58 40.21
C ARG E 735 14.06 -24.02 41.09
N ASN E 736 13.24 -23.13 40.55
CA ASN E 736 12.12 -22.59 41.32
C ASN E 736 11.00 -23.59 41.49
N LEU E 737 11.02 -24.70 40.76
CA LEU E 737 10.09 -25.79 40.98
C LEU E 737 10.65 -26.82 41.95
N VAL E 738 11.95 -27.08 41.86
CA VAL E 738 12.56 -28.13 42.68
C VAL E 738 12.79 -27.64 44.10
N MET E 739 13.20 -26.39 44.27
CA MET E 739 13.53 -25.85 45.59
C MET E 739 12.39 -25.86 46.61
N PRO E 740 11.12 -25.63 46.29
CA PRO E 740 10.10 -25.82 47.34
C PRO E 740 9.83 -27.27 47.68
N LEU E 741 10.27 -28.21 46.85
CA LEU E 741 10.15 -29.62 47.16
C LEU E 741 11.39 -30.16 47.84
N ARG E 742 12.32 -29.30 48.22
CA ARG E 742 13.52 -29.70 48.94
C ARG E 742 13.72 -28.85 50.18
N ALA E 743 12.63 -28.32 50.73
CA ALA E 743 12.73 -27.48 51.92
C ALA E 743 13.03 -28.33 53.14
N SER E 744 13.69 -27.72 54.11
CA SER E 744 14.16 -28.49 55.25
C SER E 744 13.11 -28.75 56.31
N ASN E 745 11.86 -28.32 56.12
CA ASN E 745 10.82 -28.77 57.04
C ASN E 745 10.21 -30.09 56.61
N PHE E 746 10.85 -30.80 55.69
CA PHE E 746 10.56 -32.19 55.39
C PHE E 746 11.75 -33.04 55.84
N HIS E 747 11.45 -34.23 56.35
CA HIS E 747 12.51 -35.18 56.59
C HIS E 747 12.99 -35.75 55.26
N TYR E 748 14.18 -36.35 55.29
CA TYR E 748 14.78 -36.90 54.07
C TYR E 748 13.99 -38.09 53.54
N HIS E 749 13.29 -38.81 54.41
CA HIS E 749 12.39 -39.85 53.91
C HIS E 749 11.07 -39.28 53.42
N GLU E 750 10.70 -38.08 53.86
CA GLU E 750 9.46 -37.46 53.44
C GLU E 750 9.60 -36.66 52.15
N LEU E 751 10.78 -36.64 51.55
CA LEU E 751 10.94 -35.97 50.28
C LEU E 751 10.26 -36.76 49.18
N LYS E 752 10.02 -36.09 48.05
CA LYS E 752 9.40 -36.71 46.90
C LYS E 752 10.40 -36.79 45.77
N HIS E 753 10.49 -37.96 45.15
CA HIS E 753 11.40 -38.13 44.03
C HIS E 753 10.87 -37.38 42.81
N ILE E 754 11.79 -36.80 42.05
CA ILE E 754 11.44 -35.98 40.90
C ILE E 754 12.14 -36.56 39.69
N VAL E 755 11.36 -36.90 38.67
CA VAL E 755 11.87 -37.42 37.42
C VAL E 755 11.41 -36.52 36.28
N PHE E 756 12.36 -36.08 35.46
CA PHE E 756 12.07 -35.21 34.33
C PHE E 756 11.97 -36.05 33.07
N VAL E 757 10.82 -36.01 32.42
CA VAL E 757 10.61 -36.73 31.17
C VAL E 757 10.57 -35.69 30.06
N GLY E 758 11.57 -35.73 29.20
CA GLY E 758 11.63 -34.77 28.11
C GLY E 758 12.87 -34.98 27.28
N SER E 759 13.19 -33.99 26.45
CA SER E 759 14.38 -34.05 25.64
C SER E 759 15.62 -33.80 26.48
N ILE E 760 16.67 -34.57 26.22
CA ILE E 760 17.89 -34.45 27.02
C ILE E 760 18.67 -33.19 26.67
N GLU E 761 18.41 -32.57 25.52
CA GLU E 761 19.12 -31.37 25.13
C GLU E 761 18.71 -30.20 26.02
N TYR E 762 17.41 -30.02 26.19
CA TYR E 762 16.90 -28.93 27.03
C TYR E 762 17.29 -29.13 28.49
N LEU E 763 17.23 -30.37 28.97
CA LEU E 763 17.66 -30.66 30.33
C LEU E 763 19.17 -30.48 30.48
N LYS E 764 19.94 -30.69 29.42
CA LYS E 764 21.37 -30.40 29.46
C LYS E 764 21.61 -28.91 29.63
N ARG E 765 20.77 -28.08 29.01
CA ARG E 765 20.92 -26.64 29.16
C ARG E 765 20.57 -26.18 30.57
N GLU E 766 19.76 -26.95 31.29
CA GLU E 766 19.26 -26.48 32.57
C GLU E 766 19.84 -27.19 33.78
N TRP E 767 20.57 -28.29 33.59
CA TRP E 767 20.91 -29.14 34.74
C TRP E 767 21.94 -28.53 35.68
N GLU E 768 22.69 -27.52 35.25
CA GLU E 768 23.72 -26.94 36.09
C GLU E 768 23.16 -26.09 37.23
N THR E 769 21.84 -25.92 37.32
CA THR E 769 21.22 -25.30 38.48
C THR E 769 20.55 -26.32 39.38
N LEU E 770 20.23 -27.50 38.87
CA LEU E 770 19.54 -28.53 39.61
C LEU E 770 20.48 -29.55 40.24
N HIS E 771 21.77 -29.47 39.94
CA HIS E 771 22.67 -30.57 40.19
C HIS E 771 23.15 -30.68 41.62
N ASN E 772 22.50 -30.01 42.57
CA ASN E 772 22.85 -30.11 43.97
C ASN E 772 21.65 -30.51 44.80
N PHE E 773 20.78 -31.35 44.25
CA PHE E 773 19.57 -31.75 44.94
C PHE E 773 19.51 -33.27 45.02
N PRO E 774 18.97 -33.84 46.12
CA PRO E 774 19.16 -35.28 46.39
C PRO E 774 18.46 -36.25 45.46
N LYS E 775 17.15 -36.09 45.25
CA LYS E 775 16.32 -37.15 44.70
C LYS E 775 15.78 -36.79 43.32
N VAL E 776 16.64 -36.27 42.45
CA VAL E 776 16.25 -35.85 41.11
C VAL E 776 16.71 -36.92 40.12
N SER E 777 15.82 -37.33 39.22
CA SER E 777 16.15 -38.25 38.15
C SER E 777 15.76 -37.63 36.81
N ILE E 778 16.25 -38.22 35.72
CA ILE E 778 15.98 -37.73 34.38
C ILE E 778 15.77 -38.93 33.47
N LEU E 779 14.62 -38.98 32.80
CA LEU E 779 14.40 -39.95 31.73
C LEU E 779 14.36 -39.22 30.40
N PRO E 780 15.37 -39.34 29.57
CA PRO E 780 15.39 -38.64 28.28
C PRO E 780 14.47 -39.26 27.23
N GLY E 781 13.20 -38.89 27.29
CA GLY E 781 12.23 -39.39 26.33
C GLY E 781 11.29 -38.33 25.80
N THR E 782 10.00 -38.64 25.81
CA THR E 782 8.94 -37.78 25.29
C THR E 782 7.74 -37.92 26.21
N PRO E 783 7.08 -36.83 26.55
CA PRO E 783 5.87 -36.94 27.38
C PRO E 783 4.70 -37.58 26.66
N LEU E 784 4.67 -37.51 25.33
CA LEU E 784 3.58 -38.12 24.60
C LEU E 784 3.76 -39.62 24.43
N SER E 785 4.97 -40.12 24.61
CA SER E 785 5.20 -41.55 24.46
C SER E 785 4.66 -42.27 25.68
N ARG E 786 3.70 -43.17 25.45
CA ARG E 786 3.03 -43.87 26.53
C ARG E 786 3.95 -44.88 27.21
N ALA E 787 4.97 -45.35 26.52
CA ALA E 787 5.90 -46.32 27.09
C ALA E 787 6.71 -45.70 28.24
N ASP E 788 7.19 -44.48 28.05
CA ASP E 788 7.98 -43.83 29.08
C ASP E 788 7.14 -43.47 30.30
N LEU E 789 5.87 -43.14 30.09
CA LEU E 789 5.01 -42.85 31.22
C LEU E 789 4.65 -44.11 32.00
N ARG E 790 4.59 -45.25 31.31
CA ARG E 790 4.40 -46.50 32.03
C ARG E 790 5.66 -46.90 32.78
N ALA E 791 6.82 -46.50 32.28
CA ALA E 791 8.07 -46.87 32.93
C ALA E 791 8.29 -46.12 34.23
N VAL E 792 7.75 -44.92 34.35
CA VAL E 792 8.00 -44.10 35.52
C VAL E 792 6.87 -44.25 36.53
N ASN E 793 5.96 -45.20 36.24
CA ASN E 793 4.82 -45.54 37.09
C ASN E 793 3.93 -44.32 37.36
N ILE E 794 3.35 -43.81 36.27
CA ILE E 794 2.57 -42.57 36.34
C ILE E 794 1.27 -42.75 37.11
N ASN E 795 0.82 -43.99 37.30
CA ASN E 795 -0.36 -44.23 38.11
C ASN E 795 -0.09 -44.07 39.60
N LEU E 796 1.17 -44.12 40.01
CA LEU E 796 1.53 -44.10 41.42
C LEU E 796 2.11 -42.77 41.87
N CYS E 797 2.24 -41.80 40.97
CA CYS E 797 2.86 -40.52 41.28
C CYS E 797 1.92 -39.70 42.15
N ASP E 798 2.48 -38.71 42.84
CA ASP E 798 1.66 -37.83 43.65
C ASP E 798 1.17 -36.63 42.84
N MET E 799 1.92 -36.26 41.81
CA MET E 799 1.54 -35.20 40.89
C MET E 799 2.30 -35.36 39.59
N CYS E 800 1.63 -35.11 38.48
CA CYS E 800 2.26 -35.03 37.18
C CYS E 800 2.14 -33.60 36.67
N VAL E 801 3.28 -32.97 36.41
CA VAL E 801 3.33 -31.55 36.06
C VAL E 801 3.73 -31.45 34.60
N ILE E 802 2.90 -30.78 33.81
CA ILE E 802 3.12 -30.65 32.38
C ILE E 802 3.42 -29.19 32.07
N LEU E 803 4.68 -28.90 31.75
CA LEU E 803 5.10 -27.56 31.37
C LEU E 803 5.58 -27.57 29.93
N SER E 804 5.75 -26.38 29.38
CA SER E 804 6.28 -26.24 28.03
C SER E 804 7.13 -24.99 27.95
N ALA E 805 8.33 -25.15 27.42
CA ALA E 805 9.23 -24.03 27.20
C ALA E 805 8.96 -23.34 25.88
N ASN E 806 8.08 -23.89 25.05
CA ASN E 806 7.73 -23.33 23.75
C ASN E 806 6.50 -22.44 23.88
N GLN E 807 6.35 -21.81 25.03
CA GLN E 807 5.19 -21.00 25.36
C GLN E 807 5.35 -19.55 24.91
N ASN E 808 6.42 -19.24 24.20
CA ASN E 808 6.70 -17.86 23.84
C ASN E 808 7.14 -17.68 22.39
N ASN E 809 7.60 -18.74 21.73
CA ASN E 809 8.17 -18.59 20.39
C ASN E 809 7.26 -19.09 19.28
N ILE E 810 6.18 -19.80 19.58
CA ILE E 810 5.22 -20.22 18.57
C ILE E 810 4.32 -19.04 18.20
N ASP E 811 4.18 -18.79 16.90
CA ASP E 811 3.26 -17.78 16.40
C ASP E 811 2.22 -18.50 15.55
N ASP E 812 1.22 -19.07 16.22
CA ASP E 812 0.06 -19.61 15.51
C ASP E 812 -1.18 -19.12 16.23
N THR E 813 -1.05 -18.91 17.55
CA THR E 813 -2.13 -18.55 18.49
C THR E 813 -3.34 -19.47 18.37
N SER E 814 -3.09 -20.73 18.01
CA SER E 814 -4.16 -21.71 17.93
C SER E 814 -3.74 -23.01 18.60
N LEU E 815 -2.43 -23.28 18.59
CA LEU E 815 -1.90 -24.55 19.07
C LEU E 815 -0.65 -24.31 19.89
N GLN E 816 -0.65 -23.22 20.66
CA GLN E 816 0.40 -22.97 21.64
C GLN E 816 0.35 -24.03 22.72
N ASP E 817 -0.86 -24.35 23.17
CA ASP E 817 -1.05 -25.34 24.21
C ASP E 817 -1.43 -26.68 23.61
N LYS E 818 -0.91 -26.99 22.43
CA LYS E 818 -1.27 -28.23 21.76
C LYS E 818 -0.65 -29.43 22.45
N GLU E 819 0.63 -29.30 22.79
CA GLU E 819 1.37 -30.41 23.37
C GLU E 819 0.87 -30.72 24.78
N CYS E 820 0.57 -29.68 25.55
CA CYS E 820 0.14 -29.88 26.94
C CYS E 820 -1.25 -30.49 26.99
N ILE E 821 -2.12 -30.11 26.07
CA ILE E 821 -3.45 -30.68 26.04
C ILE E 821 -3.40 -32.13 25.57
N LEU E 822 -2.56 -32.42 24.59
CA LEU E 822 -2.42 -33.79 24.11
C LEU E 822 -1.81 -34.69 25.17
N ALA E 823 -0.84 -34.18 25.93
CA ALA E 823 -0.24 -34.98 26.98
C ALA E 823 -1.21 -35.23 28.13
N SER E 824 -2.04 -34.23 28.43
CA SER E 824 -3.04 -34.38 29.48
C SER E 824 -4.07 -35.44 29.10
N LEU E 825 -4.55 -35.40 27.86
CA LEU E 825 -5.52 -36.40 27.42
C LEU E 825 -4.88 -37.78 27.25
N ASN E 826 -3.58 -37.81 26.95
CA ASN E 826 -2.89 -39.09 26.84
C ASN E 826 -2.81 -39.79 28.18
N ILE E 827 -2.53 -39.04 29.24
CA ILE E 827 -2.52 -39.64 30.57
C ILE E 827 -3.94 -39.95 31.02
N LYS E 828 -4.90 -39.12 30.61
CA LYS E 828 -6.29 -39.34 31.00
C LYS E 828 -6.93 -40.53 30.31
N SER E 829 -6.29 -41.14 29.33
CA SER E 829 -6.87 -42.29 28.64
C SER E 829 -6.07 -43.58 28.82
N MET E 830 -5.00 -43.58 29.60
CA MET E 830 -4.25 -44.80 29.79
C MET E 830 -4.98 -45.73 30.75
N GLN E 831 -4.54 -47.00 30.76
CA GLN E 831 -5.13 -48.00 31.62
C GLN E 831 -4.04 -48.90 32.17
N PHE E 832 -4.27 -49.39 33.39
CA PHE E 832 -3.28 -50.17 34.10
C PHE E 832 -3.97 -51.39 34.69
N ASP E 833 -3.16 -52.26 35.30
CA ASP E 833 -3.68 -53.47 35.93
C ASP E 833 -3.41 -53.47 37.42
N THR E 871 -6.04 -50.02 36.79
CA THR E 871 -7.15 -49.08 36.73
C THR E 871 -6.97 -48.11 35.58
N THR E 872 -7.94 -47.22 35.41
CA THR E 872 -7.89 -46.20 34.38
C THR E 872 -7.10 -45.00 34.86
N GLY E 873 -6.61 -44.21 33.91
CA GLY E 873 -5.77 -43.09 34.23
C GLY E 873 -6.51 -41.77 34.28
N VAL E 874 -7.81 -41.81 34.55
CA VAL E 874 -8.56 -40.57 34.72
C VAL E 874 -8.41 -40.02 36.13
N ASN E 875 -7.88 -40.81 37.06
CA ASN E 875 -7.73 -40.41 38.44
C ASN E 875 -6.33 -39.95 38.79
N ILE E 876 -5.41 -39.94 37.82
CA ILE E 876 -4.06 -39.47 38.08
C ILE E 876 -4.08 -37.95 38.25
N PRO E 877 -3.53 -37.41 39.33
CA PRO E 877 -3.54 -35.96 39.51
C PRO E 877 -2.56 -35.25 38.60
N ILE E 878 -3.07 -34.46 37.67
CA ILE E 878 -2.26 -33.75 36.68
C ILE E 878 -2.42 -32.26 36.89
N ILE E 879 -1.33 -31.51 36.78
CA ILE E 879 -1.35 -30.06 36.69
C ILE E 879 -0.70 -29.69 35.38
N THR E 880 -1.41 -28.96 34.54
CA THR E 880 -0.88 -28.49 33.27
C THR E 880 -0.90 -26.98 33.23
N GLU E 881 0.20 -26.40 32.78
CA GLU E 881 0.30 -24.96 32.65
C GLU E 881 -0.15 -24.53 31.26
N LEU E 882 -0.99 -23.50 31.21
CA LEU E 882 -1.55 -23.05 29.95
C LEU E 882 -1.00 -21.67 29.62
N VAL E 883 -1.15 -21.27 28.36
CA VAL E 883 -0.77 -19.95 27.90
C VAL E 883 -2.01 -19.13 27.56
N ASN E 884 -2.77 -19.55 26.57
CA ASN E 884 -4.07 -18.94 26.28
C ASN E 884 -5.10 -19.60 27.17
N ASP E 885 -5.82 -18.78 27.94
CA ASP E 885 -6.76 -19.31 28.92
C ASP E 885 -7.99 -19.92 28.28
N THR E 886 -8.23 -19.63 27.01
CA THR E 886 -9.37 -20.23 26.31
C THR E 886 -9.17 -21.71 26.03
N ASN E 887 -7.95 -22.23 26.14
CA ASN E 887 -7.70 -23.65 25.97
C ASN E 887 -8.06 -24.47 27.20
N VAL E 888 -8.59 -23.84 28.25
CA VAL E 888 -8.85 -24.57 29.48
C VAL E 888 -10.06 -25.48 29.32
N GLN E 889 -10.87 -25.26 28.27
CA GLN E 889 -12.05 -26.07 28.06
C GLN E 889 -11.70 -27.46 27.53
N PHE E 890 -10.54 -27.62 26.92
CA PHE E 890 -10.19 -28.90 26.32
C PHE E 890 -9.62 -29.88 27.33
N LEU E 891 -9.34 -29.44 28.56
CA LEU E 891 -8.69 -30.31 29.52
C LEU E 891 -9.66 -31.32 30.12
N ASP E 892 -10.94 -30.99 30.18
CA ASP E 892 -11.93 -31.88 30.76
C ASP E 892 -12.99 -32.20 29.73
N GLN E 893 -13.72 -33.29 29.96
CA GLN E 893 -14.74 -33.76 29.06
C GLN E 893 -16.15 -33.50 29.55
N ASP E 894 -16.41 -33.69 30.84
CA ASP E 894 -17.76 -33.65 31.38
C ASP E 894 -18.22 -32.26 31.76
N ASP E 895 -17.33 -31.28 31.81
CA ASP E 895 -17.73 -29.93 32.15
C ASP E 895 -18.48 -29.28 31.00
N ASP E 896 -19.25 -28.25 31.32
CA ASP E 896 -19.97 -27.48 30.31
C ASP E 896 -19.10 -26.29 29.95
N ASP E 897 -18.44 -26.37 28.81
CA ASP E 897 -17.51 -25.34 28.40
C ASP E 897 -18.24 -24.12 27.87
N ASP E 898 -17.58 -22.98 27.95
CA ASP E 898 -18.09 -21.72 27.46
C ASP E 898 -16.92 -20.76 27.29
N PRO E 899 -16.81 -20.05 26.17
CA PRO E 899 -15.65 -19.18 25.94
C PRO E 899 -15.68 -17.90 26.73
N ASP E 900 -16.84 -17.51 27.26
CA ASP E 900 -16.99 -16.23 27.95
C ASP E 900 -16.86 -16.36 29.45
N THR E 901 -16.84 -17.58 29.98
CA THR E 901 -16.57 -17.78 31.39
C THR E 901 -15.12 -17.45 31.68
N GLU E 902 -14.85 -16.81 32.81
CA GLU E 902 -13.49 -16.50 33.18
C GLU E 902 -12.75 -17.76 33.62
N LEU E 903 -11.44 -17.62 33.76
CA LEU E 903 -10.61 -18.79 34.05
C LEU E 903 -10.85 -19.29 35.47
N TYR E 904 -11.14 -18.39 36.40
CA TYR E 904 -11.31 -18.81 37.78
C TYR E 904 -12.59 -19.59 38.00
N LEU E 905 -13.57 -19.47 37.11
CA LEU E 905 -14.86 -20.12 37.27
C LEU E 905 -14.95 -21.42 36.49
N THR E 906 -13.96 -21.73 35.68
CA THR E 906 -13.97 -22.98 34.94
C THR E 906 -13.71 -24.15 35.87
N GLN E 907 -14.13 -25.32 35.44
CA GLN E 907 -13.97 -26.52 36.26
C GLN E 907 -12.51 -26.95 36.45
N PRO E 908 -11.66 -27.12 35.42
CA PRO E 908 -10.33 -27.68 35.71
C PRO E 908 -9.38 -26.70 36.38
N PHE E 909 -9.73 -25.42 36.45
CA PHE E 909 -9.00 -24.53 37.33
C PHE E 909 -9.45 -24.67 38.76
N ALA E 910 -10.77 -24.76 38.98
CA ALA E 910 -11.30 -24.82 40.34
C ALA E 910 -10.93 -26.13 41.01
N CYS E 911 -10.74 -27.19 40.24
CA CYS E 911 -10.23 -28.43 40.80
C CYS E 911 -8.71 -28.45 40.92
N GLY E 912 -8.03 -27.39 40.51
CA GLY E 912 -6.59 -27.34 40.66
C GLY E 912 -5.82 -28.23 39.72
N THR E 913 -6.28 -28.36 38.48
CA THR E 913 -5.57 -29.13 37.48
C THR E 913 -5.00 -28.26 36.37
N ALA E 914 -5.33 -26.97 36.36
CA ALA E 914 -4.78 -26.05 35.38
C ALA E 914 -4.29 -24.81 36.11
N PHE E 915 -3.29 -24.15 35.53
CA PHE E 915 -2.77 -22.94 36.14
C PHE E 915 -2.13 -22.10 35.04
N ALA E 916 -2.76 -21.00 34.68
CA ALA E 916 -2.19 -20.05 33.76
C ALA E 916 -1.62 -18.87 34.53
N VAL E 917 -0.62 -18.20 33.92
CA VAL E 917 0.06 -17.11 34.60
C VAL E 917 -0.77 -15.83 34.62
N SER E 918 -1.89 -15.81 33.91
CA SER E 918 -2.74 -14.63 33.87
C SER E 918 -3.43 -14.36 35.20
N VAL E 919 -3.54 -15.35 36.08
CA VAL E 919 -4.18 -15.13 37.37
C VAL E 919 -3.28 -14.41 38.36
N LEU E 920 -2.01 -14.24 38.04
CA LEU E 920 -1.10 -13.50 38.91
C LEU E 920 -1.01 -12.03 38.54
N ASP E 921 -1.90 -11.55 37.66
CA ASP E 921 -1.93 -10.14 37.31
C ASP E 921 -2.45 -9.29 38.46
N SER E 922 -3.22 -9.87 39.38
CA SER E 922 -3.73 -9.14 40.53
C SER E 922 -2.68 -8.89 41.58
N LEU E 923 -1.50 -9.50 41.45
CA LEU E 923 -0.48 -9.37 42.46
C LEU E 923 0.16 -8.00 42.50
N MET E 924 0.05 -7.22 41.43
CA MET E 924 0.61 -5.87 41.43
C MET E 924 -0.14 -4.97 42.40
N SER E 925 -1.46 -4.94 42.29
CA SER E 925 -2.26 -4.14 43.21
C SER E 925 -2.24 -4.74 44.61
N ALA E 926 -2.13 -6.07 44.72
CA ALA E 926 -2.01 -6.68 46.03
C ALA E 926 -0.69 -6.31 46.70
N THR E 927 0.38 -6.20 45.92
CA THR E 927 1.67 -5.83 46.49
C THR E 927 1.72 -4.35 46.84
N TYR E 928 1.03 -3.51 46.08
CA TYR E 928 1.06 -2.09 46.37
C TYR E 928 0.33 -1.78 47.67
N PHE E 929 -0.86 -2.35 47.86
CA PHE E 929 -1.68 -1.94 48.99
C PHE E 929 -1.13 -2.47 50.30
N ASN E 930 -0.48 -3.62 50.28
CA ASN E 930 0.19 -4.17 51.46
C ASN E 930 1.48 -4.81 50.99
N ASP E 931 2.61 -4.17 51.28
CA ASP E 931 3.90 -4.60 50.75
C ASP E 931 4.42 -5.86 51.43
N ASN E 932 3.82 -6.29 52.54
CA ASN E 932 4.24 -7.51 53.20
C ASN E 932 3.58 -8.75 52.61
N ILE E 933 2.60 -8.58 51.72
CA ILE E 933 1.89 -9.72 51.15
C ILE E 933 2.80 -10.55 50.28
N LEU E 934 3.60 -9.89 49.42
CA LEU E 934 4.46 -10.62 48.50
C LEU E 934 5.54 -11.39 49.23
N THR E 935 6.07 -10.81 50.32
CA THR E 935 7.02 -11.53 51.14
C THR E 935 6.36 -12.67 51.89
N LEU E 936 5.10 -12.51 52.30
CA LEU E 936 4.36 -13.60 52.90
C LEU E 936 4.17 -14.75 51.92
N ILE E 937 3.89 -14.41 50.66
CA ILE E 937 3.74 -15.42 49.61
C ILE E 937 5.05 -16.16 49.41
N ARG E 938 6.14 -15.42 49.20
CA ARG E 938 7.42 -16.03 48.87
C ARG E 938 7.99 -16.88 50.00
N THR E 939 7.63 -16.61 51.25
CA THR E 939 7.92 -17.58 52.29
C THR E 939 7.01 -18.79 52.21
N LEU E 940 5.73 -18.56 51.92
CA LEU E 940 4.77 -19.67 51.88
C LEU E 940 5.00 -20.58 50.70
N VAL E 941 5.55 -20.06 49.62
CA VAL E 941 5.47 -20.68 48.31
C VAL E 941 6.83 -21.25 47.89
N THR E 942 7.89 -20.47 48.01
CA THR E 942 9.22 -20.97 47.68
C THR E 942 9.90 -21.65 48.85
N GLY E 943 9.15 -22.01 49.90
CA GLY E 943 9.71 -22.72 51.02
C GLY E 943 10.59 -21.86 51.91
N GLY E 944 10.15 -20.65 52.22
CA GLY E 944 10.89 -19.78 53.11
C GLY E 944 12.19 -19.26 52.53
N ALA E 945 12.10 -18.50 51.44
CA ALA E 945 13.28 -17.89 50.84
C ALA E 945 13.52 -16.55 51.51
N THR E 946 14.34 -16.57 52.56
CA THR E 946 14.74 -15.35 53.23
C THR E 946 15.73 -14.60 52.34
N PRO E 947 15.91 -13.29 52.57
CA PRO E 947 16.84 -12.53 51.70
C PRO E 947 18.31 -12.87 51.90
N GLU E 948 18.65 -13.72 52.86
CA GLU E 948 20.01 -14.22 52.97
C GLU E 948 20.38 -15.08 51.77
N LEU E 949 19.44 -15.93 51.33
CA LEU E 949 19.69 -16.68 50.10
C LEU E 949 19.66 -15.78 48.89
N GLU E 950 18.93 -14.67 48.96
CA GLU E 950 18.96 -13.69 47.88
C GLU E 950 20.33 -13.04 47.79
N ALA E 951 20.97 -12.79 48.94
CA ALA E 951 22.34 -12.30 48.94
C ALA E 951 23.29 -13.35 48.39
N LEU E 952 23.06 -14.62 48.73
CA LEU E 952 23.94 -15.69 48.28
C LEU E 952 23.85 -15.90 46.77
N ILE E 953 22.63 -15.83 46.22
CA ILE E 953 22.50 -15.98 44.78
C ILE E 953 22.85 -14.69 44.05
N ALA E 954 22.89 -13.55 44.75
CA ALA E 954 23.42 -12.35 44.13
C ALA E 954 24.93 -12.47 43.95
N GLU E 955 25.60 -13.05 44.94
CA GLU E 955 27.05 -13.20 44.86
C GLU E 955 27.44 -14.35 43.95
N GLU E 956 27.07 -15.57 44.32
CA GLU E 956 27.60 -16.76 43.69
C GLU E 956 26.69 -17.37 42.63
N ASN E 957 25.39 -17.07 42.70
CA ASN E 957 24.35 -17.63 41.82
C ASN E 957 24.36 -19.16 41.86
N ALA E 958 24.55 -19.70 43.06
CA ALA E 958 24.67 -21.15 43.24
C ALA E 958 24.37 -21.47 44.68
N LEU E 959 23.45 -22.39 44.91
CA LEU E 959 23.16 -22.87 46.25
C LEU E 959 24.33 -23.72 46.72
N ARG E 960 25.05 -23.25 47.73
CA ARG E 960 26.20 -23.94 48.28
C ARG E 960 25.83 -24.60 49.60
N GLY E 961 26.33 -25.81 49.81
CA GLY E 961 26.07 -26.51 51.05
C GLY E 961 26.84 -25.92 52.22
N GLY E 962 26.35 -26.20 53.42
CA GLY E 962 26.98 -25.72 54.63
C GLY E 962 27.16 -26.84 55.63
N TYR E 963 27.85 -26.51 56.71
CA TYR E 963 28.06 -27.45 57.79
C TYR E 963 27.04 -27.20 58.90
N SER E 964 26.63 -28.27 59.55
CA SER E 964 25.46 -28.24 60.41
C SER E 964 25.79 -27.56 61.74
N THR E 965 25.12 -26.43 62.00
CA THR E 965 25.15 -25.70 63.25
C THR E 965 23.79 -25.80 63.93
N PRO E 966 23.68 -25.52 65.23
CA PRO E 966 22.36 -25.57 65.87
C PRO E 966 21.39 -24.50 65.39
N GLN E 967 21.88 -23.33 64.96
CA GLN E 967 20.96 -22.33 64.42
C GLN E 967 20.52 -22.70 63.01
N THR E 968 21.36 -23.44 62.28
CA THR E 968 20.93 -24.05 61.02
C THR E 968 19.76 -25.00 61.26
N LEU E 969 19.83 -25.78 62.34
CA LEU E 969 18.70 -26.63 62.70
C LEU E 969 17.54 -25.82 63.26
N ALA E 970 17.79 -24.61 63.75
CA ALA E 970 16.68 -23.76 64.14
C ALA E 970 15.95 -23.19 62.94
N ASN E 971 16.61 -23.12 61.78
CA ASN E 971 15.93 -22.70 60.55
C ASN E 971 14.88 -23.69 60.09
N ARG E 972 14.98 -24.95 60.50
CA ARG E 972 14.10 -25.99 60.00
C ARG E 972 12.71 -25.95 60.61
N ASP E 973 12.42 -25.03 61.52
CA ASP E 973 11.15 -25.02 62.23
C ASP E 973 10.05 -24.31 61.45
N ARG E 974 10.19 -24.17 60.13
CA ARG E 974 9.10 -23.68 59.31
C ARG E 974 7.96 -24.68 59.30
N CYS E 975 6.74 -24.17 59.15
CA CYS E 975 5.61 -25.07 59.02
C CYS E 975 5.56 -25.64 57.61
N ARG E 976 4.63 -26.57 57.40
CA ARG E 976 4.48 -27.27 56.15
C ARG E 976 3.01 -27.31 55.79
N VAL E 977 2.69 -27.01 54.55
CA VAL E 977 1.32 -27.17 54.07
C VAL E 977 1.12 -28.63 53.66
N ALA E 978 0.02 -29.22 54.07
CA ALA E 978 -0.29 -30.59 53.73
C ALA E 978 -1.79 -30.78 53.70
N GLN E 979 -2.23 -31.95 53.27
CA GLN E 979 -3.62 -32.33 53.25
C GLN E 979 -3.86 -33.46 54.25
N LEU E 980 -5.12 -33.61 54.65
CA LEU E 980 -5.49 -34.56 55.69
C LEU E 980 -6.71 -35.34 55.24
N ALA E 981 -6.64 -36.67 55.35
CA ALA E 981 -7.75 -37.54 55.01
C ALA E 981 -8.72 -37.60 56.18
N LEU E 982 -10.00 -37.40 55.89
CA LEU E 982 -11.03 -37.41 56.93
C LEU E 982 -11.68 -38.78 57.06
N LEU E 983 -10.87 -39.84 57.17
CA LEU E 983 -11.46 -41.17 57.31
C LEU E 983 -10.78 -42.06 58.33
N ASP E 984 -9.56 -41.77 58.77
CA ASP E 984 -8.89 -42.67 59.71
C ASP E 984 -8.15 -41.97 60.84
N GLY E 985 -7.95 -40.66 60.76
CA GLY E 985 -7.10 -39.98 61.71
C GLY E 985 -7.75 -39.76 63.07
N PRO E 986 -7.14 -38.87 63.87
CA PRO E 986 -7.65 -38.65 65.23
C PRO E 986 -9.00 -37.95 65.26
N PHE E 987 -9.36 -37.24 64.21
CA PHE E 987 -10.66 -36.58 64.11
C PHE E 987 -11.54 -37.18 63.03
N ALA E 988 -11.30 -38.44 62.69
CA ALA E 988 -12.08 -39.13 61.67
C ALA E 988 -13.55 -39.28 62.05
N ASP E 989 -13.86 -39.28 63.35
CA ASP E 989 -15.23 -39.38 63.81
C ASP E 989 -16.04 -38.13 63.50
N LEU E 990 -15.39 -36.99 63.28
CA LEU E 990 -16.10 -35.73 63.13
C LEU E 990 -16.79 -35.58 61.78
N GLY E 991 -16.47 -36.44 60.81
CA GLY E 991 -17.06 -36.31 59.50
C GLY E 991 -18.46 -36.86 59.36
N ASP E 992 -19.23 -36.93 60.44
CA ASP E 992 -20.59 -37.45 60.37
C ASP E 992 -21.61 -36.34 60.11
N GLY E 993 -21.33 -35.50 59.12
CA GLY E 993 -22.12 -34.31 58.92
C GLY E 993 -21.93 -33.28 60.01
N GLY E 994 -20.76 -33.25 60.63
CA GLY E 994 -20.48 -32.33 61.71
C GLY E 994 -20.25 -30.91 61.22
N CYS E 995 -19.62 -30.11 62.09
CA CYS E 995 -19.30 -28.74 61.78
C CYS E 995 -17.80 -28.57 61.59
N TYR E 996 -17.42 -27.76 60.59
CA TYR E 996 -16.01 -27.60 60.24
C TYR E 996 -15.27 -26.84 61.34
N GLY E 997 -15.93 -25.88 61.98
CA GLY E 997 -15.27 -25.07 62.99
C GLY E 997 -14.88 -25.86 64.23
N ASP E 998 -15.61 -26.95 64.51
CA ASP E 998 -15.21 -27.85 65.59
C ASP E 998 -13.88 -28.51 65.26
N LEU E 999 -13.69 -28.88 64.00
CA LEU E 999 -12.41 -29.42 63.56
C LEU E 999 -11.32 -28.38 63.65
N PHE E 1000 -11.66 -27.12 63.36
CA PHE E 1000 -10.67 -26.05 63.38
C PHE E 1000 -10.16 -25.82 64.79
N CYS E 1001 -11.07 -25.69 65.76
CA CYS E 1001 -10.66 -25.47 67.14
C CYS E 1001 -9.96 -26.70 67.72
N LYS E 1002 -10.41 -27.90 67.35
CA LYS E 1002 -9.81 -29.10 67.93
C LYS E 1002 -8.40 -29.33 67.39
N ALA E 1003 -8.20 -29.15 66.09
CA ALA E 1003 -6.88 -29.36 65.51
C ALA E 1003 -5.91 -28.27 65.93
N LEU E 1004 -6.39 -27.05 66.10
CA LEU E 1004 -5.50 -25.99 66.54
C LEU E 1004 -5.16 -26.10 68.02
N LYS E 1005 -6.08 -26.59 68.84
CA LYS E 1005 -5.76 -26.78 70.25
C LYS E 1005 -4.82 -27.96 70.44
N THR E 1006 -5.11 -29.08 69.79
CA THR E 1006 -4.31 -30.29 69.99
C THR E 1006 -2.97 -30.19 69.28
N TYR E 1007 -2.98 -30.01 67.96
CA TYR E 1007 -1.80 -30.16 67.15
C TYR E 1007 -1.18 -28.86 66.69
N ASN E 1008 -1.80 -27.71 67.01
CA ASN E 1008 -1.37 -26.38 66.58
C ASN E 1008 -1.26 -26.28 65.07
N MET E 1009 -2.35 -26.62 64.39
CA MET E 1009 -2.36 -26.69 62.93
C MET E 1009 -3.52 -25.87 62.39
N LEU E 1010 -3.20 -24.89 61.56
CA LEU E 1010 -4.22 -24.08 60.91
C LEU E 1010 -4.93 -24.90 59.83
N CYS E 1011 -6.05 -24.35 59.36
CA CYS E 1011 -6.85 -25.02 58.35
C CYS E 1011 -7.43 -23.97 57.43
N PHE E 1012 -6.93 -23.90 56.20
CA PHE E 1012 -7.48 -22.97 55.22
C PHE E 1012 -8.90 -23.35 54.85
N GLY E 1013 -9.07 -24.53 54.28
CA GLY E 1013 -10.36 -24.93 53.80
C GLY E 1013 -10.45 -26.37 53.36
N ILE E 1014 -11.35 -26.62 52.42
CA ILE E 1014 -11.89 -27.94 52.17
C ILE E 1014 -11.65 -28.29 50.71
N TYR E 1015 -11.08 -29.46 50.47
CA TYR E 1015 -10.93 -29.98 49.10
C TYR E 1015 -12.09 -30.93 48.81
N ARG E 1016 -13.27 -30.30 48.69
CA ARG E 1016 -14.52 -31.03 48.59
C ARG E 1016 -14.65 -31.73 47.24
N LEU E 1017 -15.11 -32.98 47.26
CA LEU E 1017 -15.44 -33.70 46.04
C LEU E 1017 -16.55 -32.99 45.27
N ARG E 1018 -16.50 -33.12 43.94
CA ARG E 1018 -17.42 -32.35 43.11
C ARG E 1018 -18.84 -32.88 43.20
N ASP E 1019 -19.00 -34.18 43.37
CA ASP E 1019 -20.31 -34.79 43.44
C ASP E 1019 -20.65 -35.28 44.84
N ALA E 1020 -20.00 -34.74 45.86
CA ALA E 1020 -20.32 -35.14 47.23
C ALA E 1020 -21.62 -34.52 47.72
N HIS E 1021 -22.11 -33.49 47.04
CA HIS E 1021 -23.38 -32.89 47.38
C HIS E 1021 -24.52 -33.40 46.52
N LEU E 1022 -24.25 -34.36 45.64
CA LEU E 1022 -25.27 -34.85 44.73
C LEU E 1022 -25.98 -36.08 45.31
N SER E 1023 -27.14 -36.39 44.73
CA SER E 1023 -27.97 -37.46 45.25
C SER E 1023 -27.40 -38.83 44.90
N THR E 1024 -27.24 -39.10 43.61
CA THR E 1024 -26.70 -40.39 43.19
C THR E 1024 -25.21 -40.44 43.46
N PRO E 1025 -24.68 -41.58 43.90
CA PRO E 1025 -23.23 -41.73 44.05
C PRO E 1025 -22.57 -41.96 42.70
N SER E 1026 -21.65 -41.10 42.33
CA SER E 1026 -20.91 -41.22 41.09
C SER E 1026 -19.51 -41.75 41.37
N GLN E 1027 -18.68 -41.78 40.33
CA GLN E 1027 -17.29 -42.20 40.45
C GLN E 1027 -16.32 -41.07 40.12
N CYS E 1028 -16.80 -39.83 40.04
CA CYS E 1028 -15.96 -38.69 39.73
C CYS E 1028 -15.09 -38.36 40.94
N THR E 1029 -13.79 -38.63 40.83
CA THR E 1029 -12.86 -38.32 41.90
C THR E 1029 -12.29 -36.92 41.81
N LYS E 1030 -12.91 -36.05 41.02
CA LYS E 1030 -12.45 -34.67 40.92
C LYS E 1030 -12.94 -33.89 42.14
N ARG E 1031 -12.03 -33.16 42.77
CA ARG E 1031 -12.32 -32.38 43.96
C ARG E 1031 -12.03 -30.92 43.70
N TYR E 1032 -12.95 -30.05 44.11
CA TYR E 1032 -12.76 -28.62 43.99
C TYR E 1032 -12.37 -28.03 45.34
N VAL E 1033 -12.16 -26.72 45.36
CA VAL E 1033 -11.52 -26.03 46.49
C VAL E 1033 -12.52 -25.09 47.12
N ILE E 1034 -12.74 -25.24 48.43
CA ILE E 1034 -13.46 -24.27 49.24
C ILE E 1034 -12.46 -23.61 50.18
N THR E 1035 -12.41 -22.28 50.16
CA THR E 1035 -11.46 -21.53 50.96
C THR E 1035 -12.19 -20.79 52.07
N ASN E 1036 -11.74 -21.01 53.31
CA ASN E 1036 -12.30 -20.46 54.54
C ASN E 1036 -13.80 -20.71 54.66
N PRO E 1037 -14.23 -21.92 54.94
CA PRO E 1037 -15.64 -22.16 55.17
C PRO E 1037 -16.06 -21.60 56.52
N PRO E 1038 -17.36 -21.32 56.73
CA PRO E 1038 -17.80 -20.78 58.01
C PRO E 1038 -17.74 -21.78 59.16
N TYR E 1039 -18.14 -21.33 60.35
CA TYR E 1039 -18.07 -22.19 61.53
C TYR E 1039 -19.07 -23.33 61.47
N GLU E 1040 -20.22 -23.10 60.84
CA GLU E 1040 -21.31 -24.06 60.79
C GLU E 1040 -21.35 -24.83 59.48
N PHE E 1041 -20.22 -24.95 58.80
CA PHE E 1041 -20.19 -25.63 57.52
C PHE E 1041 -20.25 -27.14 57.74
N GLU E 1042 -21.11 -27.80 56.98
CA GLU E 1042 -21.28 -29.24 57.10
C GLU E 1042 -20.07 -29.98 56.57
N LEU E 1043 -19.79 -31.15 57.13
CA LEU E 1043 -18.57 -31.87 56.85
C LEU E 1043 -18.90 -33.28 56.35
N VAL E 1044 -18.81 -33.45 55.04
CA VAL E 1044 -18.94 -34.76 54.38
C VAL E 1044 -17.79 -35.66 54.83
N PRO E 1045 -18.02 -36.96 55.07
CA PRO E 1045 -16.90 -37.81 55.53
C PRO E 1045 -15.81 -38.01 54.50
N THR E 1046 -16.15 -38.21 53.23
CA THR E 1046 -15.13 -38.34 52.19
C THR E 1046 -14.69 -36.93 51.79
N ASP E 1047 -13.60 -36.48 52.42
CA ASP E 1047 -13.24 -35.08 52.33
C ASP E 1047 -11.78 -34.91 52.68
N LEU E 1048 -11.18 -33.85 52.15
CA LEU E 1048 -9.80 -33.51 52.41
C LEU E 1048 -9.70 -32.09 52.95
N ILE E 1049 -8.71 -31.86 53.81
CA ILE E 1049 -8.60 -30.63 54.55
C ILE E 1049 -7.24 -30.01 54.27
N PHE E 1050 -7.26 -28.78 53.75
CA PHE E 1050 -6.02 -28.02 53.60
C PHE E 1050 -5.56 -27.54 54.96
N CYS E 1051 -4.30 -27.79 55.29
CA CYS E 1051 -3.84 -27.49 56.64
C CYS E 1051 -2.36 -27.15 56.63
N LEU E 1052 -1.95 -26.40 57.64
CA LEU E 1052 -0.55 -26.05 57.88
C LEU E 1052 -0.05 -26.87 59.05
N MET E 1053 0.88 -27.79 58.77
CA MET E 1053 1.40 -28.69 59.78
C MET E 1053 2.72 -28.19 60.31
N GLN E 1054 2.91 -28.30 61.62
CA GLN E 1054 4.19 -27.96 62.22
C GLN E 1054 5.21 -29.04 61.92
N PHE E 1055 6.47 -28.70 62.14
CA PHE E 1055 7.57 -29.65 62.04
C PHE E 1055 7.97 -30.00 63.47
N ASP E 1056 7.55 -31.16 63.96
CA ASP E 1056 7.96 -31.45 65.31
C ASP E 1056 9.33 -32.12 65.35
N ALA F 7 33.68 18.00 -20.46
CA ALA F 7 32.23 18.14 -20.40
C ALA F 7 31.70 18.82 -21.66
N TYR F 8 31.26 18.03 -22.63
CA TYR F 8 30.71 18.52 -23.88
C TYR F 8 29.22 18.21 -23.88
N GLU F 9 28.46 19.08 -23.23
CA GLU F 9 27.04 18.85 -22.98
C GLU F 9 26.42 20.16 -22.54
N TYR F 10 25.12 20.27 -22.74
CA TYR F 10 24.38 21.45 -22.32
C TYR F 10 24.36 21.56 -20.81
N THR F 11 24.41 22.79 -20.32
CA THR F 11 24.22 23.05 -18.90
C THR F 11 22.72 23.15 -18.61
N GLU F 12 22.36 23.52 -17.39
CA GLU F 12 20.95 23.68 -17.06
C GLU F 12 20.37 24.95 -17.68
N ALA F 13 21.18 26.00 -17.77
CA ALA F 13 20.70 27.25 -18.33
C ALA F 13 20.49 27.13 -19.83
N GLU F 14 21.38 26.42 -20.52
CA GLU F 14 21.23 26.23 -21.96
C GLU F 14 20.07 25.31 -22.28
N ASP F 15 19.83 24.31 -21.43
CA ASP F 15 18.68 23.43 -21.63
C ASP F 15 17.39 24.21 -21.42
N LYS F 16 17.35 25.07 -20.41
CA LYS F 16 16.17 25.88 -20.18
C LYS F 16 15.98 26.91 -21.28
N SER F 17 17.07 27.40 -21.87
CA SER F 17 16.94 28.36 -22.96
C SER F 17 16.45 27.72 -24.23
N ILE F 18 16.90 26.49 -24.51
CA ILE F 18 16.37 25.73 -25.64
C ILE F 18 14.91 25.41 -25.43
N ARG F 19 14.51 25.12 -24.18
CA ARG F 19 13.11 24.90 -23.87
C ARG F 19 12.28 26.16 -24.07
N LEU F 20 12.85 27.33 -23.75
CA LEU F 20 12.15 28.58 -23.97
C LEU F 20 11.98 28.87 -25.45
N GLY F 21 13.04 28.64 -26.24
CA GLY F 21 12.94 28.88 -27.67
C GLY F 21 11.98 27.93 -28.35
N LEU F 22 11.96 26.67 -27.93
CA LEU F 22 10.95 25.73 -28.43
C LEU F 22 9.55 26.13 -27.99
N PHE F 23 9.41 26.71 -26.80
CA PHE F 23 8.10 27.14 -26.34
C PHE F 23 7.60 28.33 -27.16
N LEU F 24 8.52 29.21 -27.56
CA LEU F 24 8.10 30.35 -28.38
C LEU F 24 7.76 29.92 -29.80
N ILE F 25 8.43 28.88 -30.30
CA ILE F 25 8.08 28.34 -31.61
C ILE F 25 6.68 27.74 -31.58
N ILE F 26 6.38 26.95 -30.54
CA ILE F 26 5.06 26.37 -30.38
C ILE F 26 4.01 27.45 -30.14
N SER F 27 4.37 28.49 -29.39
CA SER F 27 3.43 29.57 -29.10
C SER F 27 3.11 30.37 -30.34
N GLY F 28 4.10 30.58 -31.22
CA GLY F 28 3.84 31.29 -32.45
C GLY F 28 2.96 30.51 -33.40
N VAL F 29 3.18 29.20 -33.49
CA VAL F 29 2.36 28.36 -34.37
C VAL F 29 0.95 28.25 -33.83
N VAL F 30 0.80 28.09 -32.52
CA VAL F 30 -0.52 27.93 -31.92
C VAL F 30 -1.31 29.24 -31.99
N SER F 31 -0.64 30.37 -31.76
CA SER F 31 -1.33 31.65 -31.87
C SER F 31 -1.72 31.98 -33.31
N LEU F 32 -0.91 31.55 -34.28
CA LEU F 32 -1.33 31.67 -35.68
C LEU F 32 -2.52 30.77 -35.95
N PHE F 33 -2.53 29.58 -35.36
CA PHE F 33 -3.65 28.65 -35.51
C PHE F 33 -4.91 29.20 -34.85
N ILE F 34 -4.76 29.92 -33.75
CA ILE F 34 -5.91 30.53 -33.08
C ILE F 34 -6.43 31.70 -33.90
N PHE F 35 -5.52 32.54 -34.37
CA PHE F 35 -5.92 33.75 -35.11
C PHE F 35 -6.50 33.41 -36.48
N GLY F 36 -6.24 32.22 -37.00
CA GLY F 36 -6.89 31.79 -38.22
C GLY F 36 -8.39 31.66 -38.08
N PHE F 37 -8.87 31.21 -36.94
CA PHE F 37 -10.30 31.08 -36.72
C PHE F 37 -10.90 32.31 -36.07
N CYS F 38 -10.14 33.04 -35.25
CA CYS F 38 -10.67 34.23 -34.62
C CYS F 38 -10.50 35.47 -35.48
N TRP F 39 -9.27 35.79 -35.87
CA TRP F 39 -9.03 37.02 -36.62
C TRP F 39 -9.44 36.86 -38.08
N LEU F 40 -8.86 35.86 -38.75
CA LEU F 40 -8.79 35.84 -40.20
C LEU F 40 -10.13 35.58 -40.85
N SER F 41 -10.85 34.56 -40.39
CA SER F 41 -12.08 34.13 -41.04
C SER F 41 -13.23 35.14 -41.06
N PRO F 42 -13.56 35.88 -39.97
CA PRO F 42 -14.54 36.96 -40.15
C PRO F 42 -13.99 38.15 -40.91
N ALA F 43 -12.67 38.35 -40.89
CA ALA F 43 -12.07 39.42 -41.69
C ALA F 43 -12.14 39.10 -43.16
N LEU F 44 -11.95 37.82 -43.52
CA LEU F 44 -12.11 37.44 -44.92
C LEU F 44 -13.58 37.46 -45.34
N GLN F 45 -14.50 37.24 -44.39
CA GLN F 45 -15.91 37.46 -44.71
C GLN F 45 -16.20 38.94 -44.90
N ASP F 46 -15.47 39.81 -44.21
CA ASP F 46 -15.61 41.24 -44.42
C ASP F 46 -15.10 41.65 -45.79
N LEU F 47 -13.94 41.13 -46.18
CA LEU F 47 -13.38 41.46 -47.48
C LEU F 47 -14.13 40.78 -48.61
N GLN F 48 -14.93 39.76 -48.30
CA GLN F 48 -15.82 39.17 -49.30
C GLN F 48 -16.88 40.16 -49.76
N ALA F 49 -17.30 41.07 -48.88
CA ALA F 49 -18.18 42.15 -49.28
C ALA F 49 -17.46 43.10 -50.22
N THR F 50 -18.15 43.51 -51.28
CA THR F 50 -17.54 44.27 -52.37
C THR F 50 -17.76 45.76 -52.17
N GLU F 51 -16.69 46.52 -52.30
CA GLU F 51 -16.80 47.98 -52.29
C GLU F 51 -17.42 48.44 -53.60
N ALA F 52 -18.60 49.04 -53.54
CA ALA F 52 -19.38 49.36 -54.72
C ALA F 52 -19.90 50.78 -54.63
N ASN F 53 -20.71 51.15 -55.61
CA ASN F 53 -21.39 52.43 -55.64
C ASN F 53 -22.86 52.24 -55.26
N CYS F 54 -23.48 53.33 -54.83
CA CYS F 54 -24.89 53.29 -54.46
C CYS F 54 -25.46 54.71 -54.47
N THR F 55 -26.62 54.87 -55.09
CA THR F 55 -27.36 56.12 -55.06
C THR F 55 -28.51 56.00 -54.08
N VAL F 56 -28.77 57.08 -53.35
CA VAL F 56 -29.83 57.05 -52.34
C VAL F 56 -31.19 57.07 -53.02
N LEU F 57 -32.05 56.12 -52.65
CA LEU F 57 -33.39 56.06 -53.22
C LEU F 57 -34.33 57.02 -52.49
N SER F 58 -34.52 56.81 -51.20
CA SER F 58 -35.47 57.58 -50.41
C SER F 58 -35.12 57.47 -48.94
N VAL F 59 -35.78 58.28 -48.13
CA VAL F 59 -35.59 58.30 -46.68
C VAL F 59 -36.96 58.27 -46.03
N GLN F 60 -37.20 57.27 -45.18
CA GLN F 60 -38.50 57.09 -44.57
C GLN F 60 -38.37 57.01 -43.05
N GLN F 61 -39.44 57.40 -42.37
CA GLN F 61 -39.63 57.13 -40.96
C GLN F 61 -40.79 56.16 -40.81
N ILE F 62 -40.81 55.42 -39.70
CA ILE F 62 -41.81 54.41 -39.45
C ILE F 62 -42.71 54.77 -38.27
N GLY F 63 -42.16 55.44 -37.25
CA GLY F 63 -42.88 55.74 -36.05
C GLY F 63 -42.71 54.72 -34.96
N GLU F 64 -42.29 53.51 -35.29
CA GLU F 64 -42.04 52.47 -34.29
C GLU F 64 -40.71 52.78 -33.62
N VAL F 65 -40.76 53.27 -32.39
CA VAL F 65 -39.54 53.65 -31.69
C VAL F 65 -38.93 52.43 -31.00
N PHE F 66 -37.64 52.51 -30.74
CA PHE F 66 -36.89 51.42 -30.13
C PHE F 66 -36.14 51.96 -28.92
N GLU F 67 -35.47 51.06 -28.21
CA GLU F 67 -34.88 51.36 -26.92
C GLU F 67 -33.36 51.43 -27.02
N CYS F 68 -32.79 52.52 -26.55
CA CYS F 68 -31.36 52.63 -26.33
C CYS F 68 -31.08 52.49 -24.84
N THR F 69 -29.83 52.71 -24.44
CA THR F 69 -29.46 52.57 -23.03
C THR F 69 -28.42 53.63 -22.68
N PHE F 70 -28.84 54.71 -22.03
CA PHE F 70 -27.90 55.74 -21.64
C PHE F 70 -27.35 55.44 -20.26
N THR F 71 -26.09 55.80 -20.05
CA THR F 71 -25.35 55.46 -18.85
C THR F 71 -24.80 56.73 -18.21
N CYS F 72 -24.96 56.85 -16.90
CA CYS F 72 -24.34 57.91 -16.14
C CYS F 72 -22.99 57.42 -15.65
N GLY F 73 -22.37 58.17 -14.73
CA GLY F 73 -21.06 57.82 -14.21
C GLY F 73 -21.04 56.58 -13.35
N ALA F 74 -21.86 56.54 -12.30
CA ALA F 74 -21.82 55.46 -11.31
C ALA F 74 -22.80 54.36 -11.67
N ASP F 75 -22.67 53.85 -12.89
CA ASP F 75 -23.39 52.69 -13.42
C ASP F 75 -24.91 52.90 -13.40
N CYS F 76 -25.36 53.88 -14.18
CA CYS F 76 -26.77 54.01 -14.46
C CYS F 76 -27.15 53.16 -15.65
N ARG F 77 -28.37 52.65 -15.64
CA ARG F 77 -28.86 51.84 -16.74
C ARG F 77 -30.16 52.41 -17.26
N GLY F 78 -30.19 53.72 -17.47
CA GLY F 78 -31.38 54.36 -17.99
C GLY F 78 -31.61 53.97 -19.43
N THR F 79 -32.85 53.63 -19.76
CA THR F 79 -33.23 53.14 -21.08
C THR F 79 -34.15 54.18 -21.71
N SER F 80 -33.56 55.16 -22.39
CA SER F 80 -34.35 56.10 -23.16
C SER F 80 -34.77 55.46 -24.48
N GLN F 81 -35.62 56.15 -25.23
CA GLN F 81 -36.11 55.63 -26.50
C GLN F 81 -35.80 56.62 -27.61
N TYR F 82 -35.79 56.11 -28.84
CA TYR F 82 -35.36 56.87 -29.99
C TYR F 82 -36.19 56.46 -31.20
N PRO F 83 -36.51 57.39 -32.10
CA PRO F 83 -37.28 57.04 -33.28
C PRO F 83 -36.39 56.39 -34.33
N CYS F 84 -37.02 55.84 -35.35
CA CYS F 84 -36.34 55.05 -36.37
C CYS F 84 -36.45 55.72 -37.73
N VAL F 85 -35.34 55.76 -38.45
CA VAL F 85 -35.30 56.20 -39.83
C VAL F 85 -34.77 55.07 -40.69
N GLN F 86 -35.51 54.72 -41.73
CA GLN F 86 -35.04 53.79 -42.75
C GLN F 86 -34.59 54.59 -43.96
N VAL F 87 -33.37 54.35 -44.41
CA VAL F 87 -32.83 54.99 -45.59
C VAL F 87 -32.59 53.89 -46.62
N TYR F 88 -33.34 53.96 -47.72
CA TYR F 88 -33.22 52.99 -48.79
C TYR F 88 -32.37 53.58 -49.90
N VAL F 89 -31.53 52.75 -50.49
CA VAL F 89 -30.62 53.19 -51.54
C VAL F 89 -30.86 52.35 -52.79
N ASN F 90 -30.26 52.79 -53.89
CA ASN F 90 -30.22 52.06 -55.14
C ASN F 90 -28.79 51.63 -55.38
N ASN F 91 -28.57 50.32 -55.46
CA ASN F 91 -27.23 49.77 -55.61
C ASN F 91 -26.71 50.02 -57.03
N SER F 92 -25.39 49.84 -57.19
CA SER F 92 -24.80 49.77 -58.51
C SER F 92 -24.65 48.34 -59.02
N GLU F 93 -24.47 47.38 -58.13
CA GLU F 93 -24.31 46.00 -58.56
C GLU F 93 -25.65 45.33 -58.84
N SER F 94 -26.49 45.21 -57.81
CA SER F 94 -27.78 44.58 -57.98
C SER F 94 -28.84 45.56 -58.47
N ASN F 95 -28.69 46.85 -58.14
CA ASN F 95 -29.60 47.93 -58.49
C ASN F 95 -31.02 47.64 -58.01
N SER F 96 -31.12 47.18 -56.77
CA SER F 96 -32.38 46.85 -56.14
C SER F 96 -32.59 47.73 -54.91
N ARG F 97 -33.73 47.57 -54.27
CA ARG F 97 -34.07 48.32 -53.07
C ARG F 97 -33.26 47.75 -51.91
N ALA F 98 -32.20 48.45 -51.54
CA ALA F 98 -31.33 48.03 -50.46
C ALA F 98 -31.34 49.07 -49.35
N LEU F 99 -31.14 48.61 -48.12
CA LEU F 99 -31.13 49.48 -46.96
C LEU F 99 -29.73 50.00 -46.69
N LEU F 100 -29.66 51.10 -45.94
CA LEU F 100 -28.40 51.68 -45.54
C LEU F 100 -28.12 51.39 -44.07
N HIS F 101 -26.85 51.14 -43.75
CA HIS F 101 -26.44 50.89 -42.38
C HIS F 101 -25.07 51.49 -42.18
N SER F 102 -24.77 51.85 -40.93
CA SER F 102 -23.45 52.40 -40.62
C SER F 102 -22.40 51.29 -40.51
N ASP F 103 -22.72 50.20 -39.82
CA ASP F 103 -21.81 49.06 -39.74
C ASP F 103 -22.63 47.81 -39.48
N GLU F 104 -21.93 46.68 -39.31
CA GLU F 104 -22.58 45.46 -38.86
C GLU F 104 -23.08 45.57 -37.43
N HIS F 105 -22.47 46.45 -36.62
CA HIS F 105 -22.89 46.62 -35.24
C HIS F 105 -24.28 47.20 -35.15
N GLN F 106 -24.52 48.30 -35.87
CA GLN F 106 -25.86 48.90 -35.92
C GLN F 106 -26.86 47.96 -36.57
N LEU F 107 -26.41 47.20 -37.57
CA LEU F 107 -27.30 46.28 -38.27
C LEU F 107 -27.73 45.14 -37.35
N LEU F 108 -26.84 44.67 -36.49
CA LEU F 108 -27.19 43.52 -35.67
C LEU F 108 -27.97 43.93 -34.43
N THR F 109 -27.73 45.11 -33.87
CA THR F 109 -28.54 45.54 -32.74
C THR F 109 -29.95 45.94 -33.17
N ASN F 110 -30.10 46.50 -34.36
CA ASN F 110 -31.42 46.81 -34.90
C ASN F 110 -31.35 46.79 -36.42
N PRO F 111 -31.88 45.74 -37.06
CA PRO F 111 -31.85 45.69 -38.52
C PRO F 111 -32.87 46.59 -39.19
N LYS F 112 -33.87 47.07 -38.46
CA LYS F 112 -34.98 47.79 -39.08
C LYS F 112 -34.75 49.29 -39.16
N CYS F 113 -33.56 49.78 -38.82
CA CYS F 113 -33.27 51.20 -38.93
C CYS F 113 -31.96 51.39 -39.68
N SER F 114 -31.68 52.64 -40.03
CA SER F 114 -30.47 52.98 -40.75
C SER F 114 -29.44 53.69 -39.90
N TYR F 115 -29.81 54.13 -38.70
CA TYR F 115 -28.90 54.86 -37.83
C TYR F 115 -29.43 54.81 -36.41
N ILE F 116 -28.54 54.50 -35.47
CA ILE F 116 -28.87 54.49 -34.04
C ILE F 116 -28.03 55.55 -33.36
N PRO F 117 -28.63 56.49 -32.65
CA PRO F 117 -27.86 57.57 -32.03
C PRO F 117 -27.13 57.08 -30.80
N PRO F 118 -26.14 57.84 -30.32
CA PRO F 118 -25.67 57.61 -28.95
C PRO F 118 -26.78 57.95 -27.97
N CYS F 119 -27.10 57.00 -27.09
CA CYS F 119 -28.25 57.16 -26.21
C CYS F 119 -27.96 58.20 -25.14
N LYS F 120 -28.85 59.18 -25.04
CA LYS F 120 -28.77 60.22 -24.03
C LYS F 120 -29.93 60.07 -23.06
N ARG F 121 -29.96 60.94 -22.06
CA ARG F 121 -31.01 60.88 -21.04
C ARG F 121 -32.34 61.33 -21.63
N GLU F 122 -32.36 62.47 -22.30
CA GLU F 122 -33.59 63.04 -22.83
C GLU F 122 -33.97 62.35 -24.12
N ASN F 123 -35.24 61.94 -24.21
CA ASN F 123 -35.76 61.45 -25.47
C ASN F 123 -35.86 62.55 -26.52
N GLN F 124 -35.91 63.80 -26.09
CA GLN F 124 -35.86 64.92 -27.02
C GLN F 124 -34.50 65.03 -27.69
N LYS F 125 -33.44 64.75 -26.95
CA LYS F 125 -32.10 64.85 -27.52
C LYS F 125 -31.80 63.71 -28.48
N ASN F 126 -32.31 62.52 -28.20
CA ASN F 126 -32.18 61.42 -29.15
C ASN F 126 -32.94 61.72 -30.42
N LEU F 127 -34.15 62.29 -30.29
CA LEU F 127 -34.95 62.64 -31.45
C LEU F 127 -34.28 63.73 -32.28
N GLU F 128 -33.58 64.65 -31.63
CA GLU F 128 -32.88 65.69 -32.37
C GLU F 128 -31.66 65.15 -33.09
N SER F 129 -30.98 64.15 -32.51
CA SER F 129 -29.89 63.49 -33.21
C SER F 129 -30.39 62.74 -34.45
N VAL F 130 -31.56 62.12 -34.33
CA VAL F 130 -32.20 61.48 -35.48
C VAL F 130 -32.54 62.50 -36.54
N MET F 131 -33.09 63.65 -36.14
CA MET F 131 -33.54 64.63 -37.12
C MET F 131 -32.37 65.31 -37.82
N ASN F 132 -31.25 65.48 -37.14
CA ASN F 132 -30.08 66.08 -37.78
C ASN F 132 -29.46 65.13 -38.79
N TRP F 133 -29.32 63.86 -38.42
CA TRP F 133 -28.79 62.87 -39.35
C TRP F 133 -29.74 62.63 -40.52
N GLN F 134 -31.05 62.69 -40.26
CA GLN F 134 -32.02 62.53 -41.34
C GLN F 134 -32.03 63.73 -42.28
N GLN F 135 -31.82 64.93 -41.74
CA GLN F 135 -31.81 66.12 -42.59
C GLN F 135 -30.58 66.15 -43.48
N TYR F 136 -29.45 65.66 -42.98
CA TYR F 136 -28.26 65.52 -43.82
C TYR F 136 -28.50 64.49 -44.93
N TRP F 137 -29.19 63.41 -44.61
CA TRP F 137 -29.50 62.42 -45.63
C TRP F 137 -30.77 62.75 -46.41
N LYS F 138 -31.42 63.88 -46.10
CA LYS F 138 -32.48 64.40 -46.95
C LYS F 138 -32.00 65.47 -47.91
N ASP F 139 -30.88 66.13 -47.61
CA ASP F 139 -30.33 67.11 -48.52
C ASP F 139 -29.75 66.45 -49.76
N GLU F 140 -28.74 65.60 -49.57
CA GLU F 140 -28.00 65.01 -50.68
C GLU F 140 -28.76 63.80 -51.20
N ILE F 141 -29.73 64.06 -52.07
CA ILE F 141 -30.57 63.03 -52.66
C ILE F 141 -30.29 62.97 -54.15
N GLY F 142 -30.10 61.76 -54.68
CA GLY F 142 -29.82 61.56 -56.10
C GLY F 142 -28.38 61.76 -56.51
N SER F 143 -27.75 62.84 -56.06
CA SER F 143 -26.38 63.15 -56.42
C SER F 143 -25.41 62.28 -55.63
N GLN F 144 -24.11 62.39 -56.01
CA GLN F 144 -22.88 61.85 -55.39
C GLN F 144 -23.03 60.42 -54.91
N PRO F 145 -22.98 59.43 -55.81
CA PRO F 145 -23.10 58.02 -55.40
C PRO F 145 -21.98 57.61 -54.46
N PHE F 146 -22.34 56.88 -53.41
CA PHE F 146 -21.47 56.67 -52.27
C PHE F 146 -20.59 55.44 -52.45
N THR F 147 -19.38 55.54 -51.90
CA THR F 147 -18.43 54.43 -51.91
C THR F 147 -18.81 53.48 -50.78
N CYS F 148 -19.85 52.70 -51.02
CA CYS F 148 -20.43 51.84 -50.01
C CYS F 148 -20.01 50.38 -50.26
N TYR F 149 -20.50 49.50 -49.41
CA TYR F 149 -20.10 48.10 -49.43
C TYR F 149 -21.34 47.21 -49.44
N PHE F 150 -21.16 45.99 -49.94
CA PHE F 150 -22.31 45.14 -50.27
C PHE F 150 -21.84 43.71 -50.43
N ASN F 151 -22.67 42.77 -49.98
CA ASN F 151 -22.37 41.34 -50.05
C ASN F 151 -23.67 40.61 -50.41
N GLN F 152 -23.88 40.35 -51.70
CA GLN F 152 -25.13 39.79 -52.16
C GLN F 152 -25.29 38.32 -51.79
N HIS F 153 -24.19 37.64 -51.44
CA HIS F 153 -24.30 36.22 -51.15
C HIS F 153 -24.78 35.94 -49.73
N GLN F 154 -24.62 36.89 -48.81
CA GLN F 154 -25.04 36.69 -47.44
C GLN F 154 -26.18 37.63 -47.03
N ARG F 155 -25.99 38.93 -47.16
CA ARG F 155 -27.02 39.92 -46.83
C ARG F 155 -27.23 40.79 -48.06
N PRO F 156 -28.09 40.36 -48.99
CA PRO F 156 -28.25 41.09 -50.25
C PRO F 156 -29.20 42.27 -50.16
N ASP F 157 -29.76 42.56 -48.99
CA ASP F 157 -30.77 43.59 -48.85
C ASP F 157 -30.26 44.80 -48.09
N ASP F 158 -29.05 44.75 -47.55
CA ASP F 158 -28.50 45.82 -46.73
C ASP F 158 -27.15 46.24 -47.27
N VAL F 159 -26.88 47.54 -47.18
CA VAL F 159 -25.67 48.13 -47.74
C VAL F 159 -25.01 48.96 -46.65
N LEU F 160 -23.74 48.67 -46.38
CA LEU F 160 -23.03 49.29 -45.27
C LEU F 160 -22.25 50.51 -45.73
N LEU F 161 -21.85 51.33 -44.75
CA LEU F 161 -21.07 52.52 -45.02
C LEU F 161 -19.60 52.39 -44.64
N HIS F 162 -19.26 51.51 -43.71
CA HIS F 162 -17.89 51.28 -43.31
C HIS F 162 -17.68 49.80 -43.06
N ARG F 163 -16.53 49.29 -43.50
CA ARG F 163 -16.16 47.93 -43.16
C ARG F 163 -15.77 47.84 -41.70
N THR F 164 -16.01 46.67 -41.11
CA THR F 164 -15.75 46.52 -39.69
C THR F 164 -14.25 46.39 -39.42
N HIS F 165 -13.55 45.64 -40.25
CA HIS F 165 -12.13 45.35 -40.04
C HIS F 165 -11.29 46.08 -41.08
N ASP F 166 -10.18 46.65 -40.62
CA ASP F 166 -9.23 47.30 -41.51
C ASP F 166 -8.42 46.25 -42.27
N GLU F 167 -7.75 46.70 -43.34
CA GLU F 167 -6.82 45.83 -44.03
C GLU F 167 -5.57 45.53 -43.20
N ILE F 168 -5.24 46.39 -42.24
CA ILE F 168 -4.09 46.16 -41.37
C ILE F 168 -4.33 45.06 -40.36
N VAL F 169 -5.59 44.63 -40.20
CA VAL F 169 -5.91 43.43 -39.45
C VAL F 169 -5.21 42.22 -40.07
N LEU F 170 -5.19 42.14 -41.39
CA LEU F 170 -4.48 41.08 -42.09
C LEU F 170 -2.99 41.14 -41.87
N LEU F 171 -2.46 42.32 -41.57
CA LEU F 171 -1.04 42.43 -41.26
C LEU F 171 -0.76 41.91 -39.86
N HIS F 172 -1.51 42.39 -38.87
CA HIS F 172 -1.25 42.01 -37.49
C HIS F 172 -1.67 40.59 -37.17
N CYS F 173 -2.52 39.98 -38.00
CA CYS F 173 -2.86 38.58 -37.80
C CYS F 173 -1.70 37.66 -38.16
N PHE F 174 -0.86 38.08 -39.10
CA PHE F 174 0.29 37.30 -39.52
C PHE F 174 1.61 37.80 -38.97
N LEU F 175 1.65 38.99 -38.38
CA LEU F 175 2.92 39.57 -37.99
C LEU F 175 3.44 38.96 -36.70
N TRP F 176 2.71 39.12 -35.62
CA TRP F 176 3.21 38.79 -34.30
C TRP F 176 3.37 37.30 -34.00
N PRO F 177 2.57 36.39 -34.59
CA PRO F 177 3.02 34.99 -34.61
C PRO F 177 4.32 34.77 -35.36
N LEU F 178 4.57 35.51 -36.44
CA LEU F 178 5.84 35.36 -37.14
C LEU F 178 6.99 35.94 -36.34
N VAL F 179 6.76 37.06 -35.64
CA VAL F 179 7.78 37.62 -34.76
C VAL F 179 8.08 36.66 -33.61
N THR F 180 7.05 36.02 -33.08
CA THR F 180 7.25 35.03 -32.01
C THR F 180 8.04 33.83 -32.51
N PHE F 181 7.74 33.39 -33.73
CA PHE F 181 8.47 32.28 -34.34
C PHE F 181 9.93 32.63 -34.59
N VAL F 182 10.21 33.86 -35.05
CA VAL F 182 11.58 34.25 -35.37
C VAL F 182 12.41 34.39 -34.12
N VAL F 183 11.84 34.98 -33.06
CA VAL F 183 12.58 35.15 -31.81
C VAL F 183 12.86 33.80 -31.15
N GLY F 184 11.91 32.88 -31.23
CA GLY F 184 12.14 31.54 -30.70
C GLY F 184 13.20 30.78 -31.45
N VAL F 185 13.21 30.89 -32.78
CA VAL F 185 14.24 30.27 -33.60
C VAL F 185 15.60 30.87 -33.32
N LEU F 186 15.66 32.19 -33.11
CA LEU F 186 16.91 32.85 -32.81
C LEU F 186 17.49 32.42 -31.47
N ILE F 187 16.62 32.10 -30.50
CA ILE F 187 17.09 31.66 -29.20
C ILE F 187 17.72 30.27 -29.29
N VAL F 188 17.07 29.35 -30.00
CA VAL F 188 17.61 28.00 -30.15
C VAL F 188 18.91 28.02 -30.95
N VAL F 189 18.97 28.85 -31.98
CA VAL F 189 20.16 28.93 -32.83
C VAL F 189 21.33 29.54 -32.06
N LEU F 190 21.09 30.61 -31.31
CA LEU F 190 22.17 31.27 -30.59
C LEU F 190 22.70 30.41 -29.45
N THR F 191 21.83 29.64 -28.80
CA THR F 191 22.29 28.80 -27.71
C THR F 191 23.12 27.63 -28.24
N ILE F 192 22.66 27.00 -29.33
CA ILE F 192 23.40 25.90 -29.94
C ILE F 192 24.74 26.38 -30.50
N CYS F 193 24.74 27.58 -31.10
CA CYS F 193 25.98 28.14 -31.64
C CYS F 193 26.97 28.47 -30.53
N ALA F 194 26.48 29.01 -29.41
CA ALA F 194 27.37 29.32 -28.30
C ALA F 194 27.95 28.07 -27.66
N LYS F 195 27.17 26.99 -27.61
CA LYS F 195 27.65 25.73 -27.05
C LYS F 195 28.72 25.10 -27.95
N SER F 196 28.47 25.08 -29.26
CA SER F 196 29.41 24.44 -30.18
C SER F 196 30.71 25.22 -30.28
N LEU F 197 30.64 26.55 -30.22
CA LEU F 197 31.86 27.34 -30.18
C LEU F 197 32.62 27.18 -28.87
N ALA F 198 31.91 26.97 -27.76
CA ALA F 198 32.61 26.73 -26.50
C ALA F 198 33.25 25.34 -26.48
N VAL F 199 32.63 24.36 -27.14
CA VAL F 199 33.22 23.03 -27.28
C VAL F 199 34.51 23.09 -28.09
N LYS F 200 34.48 23.80 -29.22
CA LYS F 200 35.69 23.96 -30.02
C LYS F 200 36.76 24.79 -29.31
N ALA F 201 36.36 25.79 -28.53
CA ALA F 201 37.32 26.62 -27.81
C ALA F 201 37.96 25.88 -26.65
N GLU F 202 37.28 24.89 -26.08
CA GLU F 202 37.90 24.12 -25.01
C GLU F 202 38.73 22.97 -25.57
N ALA F 203 38.34 22.42 -26.71
CA ALA F 203 39.09 21.34 -27.33
C ALA F 203 40.22 21.85 -28.22
N MET F 204 40.39 23.16 -28.33
CA MET F 204 41.49 23.70 -29.13
C MET F 204 42.84 23.62 -28.42
N LYS F 205 42.86 23.35 -27.13
CA LYS F 205 44.12 23.34 -26.39
C LYS F 205 44.82 21.99 -26.50
N SER G 16 -28.44 24.53 -56.77
CA SER G 16 -29.34 23.39 -56.92
C SER G 16 -29.74 22.85 -55.55
N ARG G 17 -30.34 23.72 -54.75
CA ARG G 17 -30.60 23.44 -53.34
C ARG G 17 -31.99 22.85 -53.17
N GLY G 18 -32.24 22.32 -51.98
CA GLY G 18 -33.53 21.75 -51.64
C GLY G 18 -33.47 20.26 -51.37
N GLN G 19 -32.68 19.53 -52.15
CA GLN G 19 -32.59 18.08 -52.02
C GLN G 19 -31.45 17.75 -51.05
N ARG G 20 -31.80 17.25 -49.88
CA ARG G 20 -30.82 16.87 -48.87
C ARG G 20 -30.32 15.48 -49.20
N MET G 21 -29.10 15.40 -49.73
CA MET G 21 -28.48 14.13 -50.10
C MET G 21 -27.42 13.73 -49.10
N TRP G 22 -27.69 13.97 -47.81
CA TRP G 22 -26.76 13.60 -46.76
C TRP G 22 -26.64 12.10 -46.62
N TRP G 23 -27.69 11.35 -46.97
CA TRP G 23 -27.71 9.91 -46.78
C TRP G 23 -26.73 9.18 -47.68
N ALA G 24 -26.33 9.79 -48.81
CA ALA G 24 -25.44 9.13 -49.74
C ALA G 24 -24.04 8.98 -49.17
N PHE G 25 -23.60 9.96 -48.38
CA PHE G 25 -22.28 9.89 -47.76
C PHE G 25 -22.23 8.79 -46.72
N LEU G 26 -23.21 8.75 -45.82
CA LEU G 26 -23.28 7.72 -44.80
C LEU G 26 -23.50 6.34 -45.41
N ALA G 27 -24.22 6.28 -46.54
CA ALA G 27 -24.40 4.99 -47.21
C ALA G 27 -23.10 4.50 -47.80
N SER G 28 -22.29 5.41 -48.34
CA SER G 28 -21.01 5.00 -48.92
C SER G 28 -20.06 4.47 -47.86
N SER G 29 -20.10 5.06 -46.66
CA SER G 29 -19.27 4.56 -45.57
C SER G 29 -19.75 3.19 -45.08
N MET G 30 -21.06 3.01 -44.94
CA MET G 30 -21.58 1.75 -44.42
C MET G 30 -21.44 0.62 -45.44
N VAL G 31 -21.61 0.93 -46.73
CA VAL G 31 -21.45 -0.08 -47.78
C VAL G 31 -19.99 -0.50 -47.88
N THR G 32 -19.06 0.45 -47.72
CA THR G 32 -17.65 0.11 -47.78
C THR G 32 -17.24 -0.78 -46.62
N PHE G 33 -17.66 -0.43 -45.42
CA PHE G 33 -17.28 -1.20 -44.22
C PHE G 33 -17.93 -2.57 -44.22
N PHE G 34 -19.26 -2.63 -44.31
CA PHE G 34 -19.95 -3.90 -44.18
C PHE G 34 -19.86 -4.75 -45.44
N GLY G 35 -19.78 -4.11 -46.62
CA GLY G 35 -19.66 -4.89 -47.84
C GLY G 35 -18.31 -5.58 -47.95
N GLY G 36 -17.24 -4.89 -47.57
CA GLY G 36 -15.95 -5.55 -47.52
C GLY G 36 -15.87 -6.59 -46.43
N LEU G 37 -16.59 -6.37 -45.33
CA LEU G 37 -16.63 -7.36 -44.26
C LEU G 37 -17.34 -8.63 -44.71
N PHE G 38 -18.43 -8.48 -45.46
CA PHE G 38 -19.14 -9.66 -45.95
C PHE G 38 -18.36 -10.36 -47.05
N ILE G 39 -17.61 -9.62 -47.85
CA ILE G 39 -16.77 -10.24 -48.88
C ILE G 39 -15.66 -11.07 -48.24
N ILE G 40 -15.09 -10.58 -47.14
CA ILE G 40 -14.05 -11.32 -46.43
C ILE G 40 -14.62 -12.59 -45.80
N LEU G 41 -15.79 -12.48 -45.17
CA LEU G 41 -16.40 -13.63 -44.52
C LEU G 41 -16.88 -14.66 -45.54
N LEU G 42 -17.37 -14.20 -46.69
CA LEU G 42 -17.79 -15.13 -47.72
C LEU G 42 -16.61 -15.83 -48.37
N TRP G 43 -15.47 -15.15 -48.46
CA TRP G 43 -14.24 -15.78 -48.92
C TRP G 43 -13.82 -16.90 -47.95
N ARG G 44 -13.96 -16.64 -46.66
CA ARG G 44 -13.57 -17.64 -45.67
C ARG G 44 -14.61 -18.75 -45.51
N THR G 45 -15.79 -18.62 -46.10
CA THR G 45 -16.69 -19.76 -46.17
C THR G 45 -16.52 -20.54 -47.46
N LEU G 46 -16.29 -19.85 -48.58
CA LEU G 46 -16.15 -20.55 -49.86
C LEU G 46 -14.85 -21.33 -49.95
N LYS G 47 -13.77 -20.81 -49.34
CA LYS G 47 -12.52 -21.53 -49.40
C LYS G 47 -12.42 -22.64 -48.36
N TYR G 48 -13.39 -22.75 -47.46
CA TYR G 48 -13.49 -23.90 -46.57
C TYR G 48 -14.75 -24.70 -46.83
N LEU G 49 -15.45 -24.40 -47.92
CA LEU G 49 -16.42 -25.30 -48.52
C LEU G 49 -15.82 -26.09 -49.66
N TRP G 50 -14.73 -25.57 -50.24
CA TRP G 50 -14.14 -26.15 -51.44
C TRP G 50 -13.50 -27.50 -51.21
N THR G 51 -13.20 -27.85 -49.96
CA THR G 51 -12.69 -29.17 -49.62
C THR G 51 -13.72 -30.04 -48.93
N VAL G 52 -14.64 -29.44 -48.17
CA VAL G 52 -15.61 -30.23 -47.41
C VAL G 52 -16.74 -30.70 -48.32
N CYS G 53 -17.43 -29.78 -48.97
CA CYS G 53 -18.50 -30.16 -49.90
C CYS G 53 -17.92 -30.72 -51.18
N CYS G 54 -17.15 -29.91 -51.91
CA CYS G 54 -16.56 -30.35 -53.17
C CYS G 54 -15.09 -30.69 -52.98
N VAL G 91 9.73 -19.70 -51.42
CA VAL G 91 8.96 -18.56 -50.95
C VAL G 91 8.15 -17.98 -52.10
N GLY G 92 6.90 -17.62 -51.83
CA GLY G 92 6.01 -17.13 -52.86
C GLY G 92 6.32 -15.71 -53.29
N TRP G 93 5.45 -15.19 -54.15
CA TRP G 93 5.58 -13.81 -54.60
C TRP G 93 4.61 -12.86 -53.91
N MET G 94 3.43 -13.35 -53.54
CA MET G 94 2.51 -12.52 -52.77
C MET G 94 3.02 -12.29 -51.36
N THR G 95 3.77 -13.24 -50.81
CA THR G 95 4.45 -12.99 -49.56
C THR G 95 5.58 -11.99 -49.73
N SER G 96 6.19 -11.93 -50.92
CA SER G 96 7.25 -10.97 -51.15
C SER G 96 6.72 -9.56 -51.21
N VAL G 97 5.56 -9.36 -51.85
CA VAL G 97 4.95 -8.04 -51.82
C VAL G 97 4.34 -7.76 -50.44
N LYS G 98 4.04 -8.80 -49.66
CA LYS G 98 3.60 -8.59 -48.29
C LYS G 98 4.74 -8.11 -47.41
N ASP G 99 5.94 -8.67 -47.57
CA ASP G 99 7.06 -8.20 -46.78
C ASP G 99 7.53 -6.81 -47.22
N TRP G 100 7.36 -6.48 -48.50
CA TRP G 100 7.73 -5.13 -48.92
C TRP G 100 6.76 -4.10 -48.34
N ALA G 101 5.47 -4.42 -48.33
CA ALA G 101 4.51 -3.52 -47.71
C ALA G 101 4.71 -3.43 -46.20
N GLY G 102 5.08 -4.55 -45.56
CA GLY G 102 5.33 -4.52 -44.14
C GLY G 102 6.58 -3.74 -43.78
N VAL G 103 7.52 -3.65 -44.70
CA VAL G 103 8.68 -2.80 -44.49
C VAL G 103 8.30 -1.34 -44.70
N MET G 104 7.45 -1.06 -45.70
CA MET G 104 7.05 0.31 -46.00
C MET G 104 6.16 0.90 -44.91
N ILE G 105 5.33 0.07 -44.25
CA ILE G 105 4.49 0.58 -43.18
C ILE G 105 5.33 0.95 -41.98
N SER G 106 6.35 0.16 -41.68
CA SER G 106 7.32 0.56 -40.68
C SER G 106 8.28 1.58 -41.28
N ALA G 107 9.20 2.07 -40.47
CA ALA G 107 10.15 3.07 -40.92
C ALA G 107 11.52 2.47 -41.16
N GLN G 108 11.57 1.25 -41.70
CA GLN G 108 12.84 0.54 -41.81
C GLN G 108 13.70 1.03 -42.95
N THR G 109 13.14 1.78 -43.90
CA THR G 109 13.89 2.36 -45.00
C THR G 109 13.81 3.88 -44.95
N LEU G 110 14.30 4.51 -46.02
CA LEU G 110 14.17 5.94 -46.15
C LEU G 110 12.79 6.31 -46.67
N THR G 111 12.31 5.59 -47.69
CA THR G 111 10.99 5.91 -48.25
C THR G 111 9.87 5.53 -47.30
N GLY G 112 10.10 4.55 -46.43
CA GLY G 112 9.13 4.27 -45.38
C GLY G 112 9.09 5.39 -44.36
N ARG G 113 10.25 5.98 -44.06
CA ARG G 113 10.30 7.11 -43.14
C ARG G 113 9.58 8.32 -43.71
N VAL G 114 9.75 8.56 -45.01
CA VAL G 114 9.07 9.67 -45.67
C VAL G 114 7.57 9.47 -45.67
N LEU G 115 7.14 8.21 -45.91
CA LEU G 115 5.72 7.91 -45.88
C LEU G 115 5.11 8.12 -44.50
N VAL G 116 5.84 7.72 -43.46
CA VAL G 116 5.33 7.81 -42.09
C VAL G 116 5.22 9.27 -41.64
N VAL G 117 6.23 10.09 -41.97
CA VAL G 117 6.16 11.52 -41.67
C VAL G 117 5.05 12.19 -42.44
N LEU G 118 4.77 11.72 -43.66
CA LEU G 118 3.63 12.25 -44.39
C LEU G 118 2.30 11.86 -43.74
N VAL G 119 2.22 10.66 -43.15
CA VAL G 119 0.99 10.27 -42.46
C VAL G 119 0.75 11.17 -41.25
N PHE G 120 1.81 11.48 -40.51
CA PHE G 120 1.73 12.41 -39.37
C PHE G 120 1.23 13.78 -39.80
N ALA G 121 1.87 14.37 -40.81
CA ALA G 121 1.57 15.74 -41.19
C ALA G 121 0.22 15.87 -41.85
N LEU G 122 -0.14 14.93 -42.73
CA LEU G 122 -1.41 15.06 -43.41
C LEU G 122 -2.58 14.66 -42.53
N SER G 123 -2.35 13.92 -41.44
CA SER G 123 -3.42 13.69 -40.47
C SER G 123 -3.78 14.96 -39.74
N ILE G 124 -2.77 15.75 -39.34
CA ILE G 124 -3.06 17.05 -38.75
C ILE G 124 -3.67 17.99 -39.77
N GLY G 125 -3.27 17.87 -41.03
CA GLY G 125 -3.85 18.73 -42.06
C GLY G 125 -5.30 18.43 -42.32
N ALA G 126 -5.68 17.15 -42.34
CA ALA G 126 -7.08 16.80 -42.54
C ALA G 126 -7.93 17.20 -41.35
N LEU G 127 -7.35 17.17 -40.15
CA LEU G 127 -8.07 17.63 -38.96
C LEU G 127 -8.32 19.13 -39.01
N VAL G 128 -7.33 19.89 -39.49
CA VAL G 128 -7.50 21.34 -39.60
C VAL G 128 -8.56 21.69 -40.63
N ILE G 129 -8.64 20.90 -41.70
CA ILE G 129 -9.68 21.09 -42.71
C ILE G 129 -11.06 20.82 -42.13
N TYR G 130 -11.18 19.86 -41.21
CA TYR G 130 -12.45 19.67 -40.51
C TYR G 130 -12.78 20.86 -39.63
N PHE G 131 -11.78 21.43 -38.95
CA PHE G 131 -12.01 22.60 -38.12
C PHE G 131 -12.48 23.79 -38.95
N ILE G 132 -11.98 23.91 -40.18
CA ILE G 132 -12.43 24.95 -41.07
C ILE G 132 -13.87 24.71 -41.51
N ASP G 133 -14.16 23.48 -41.91
CA ASP G 133 -15.47 23.14 -42.44
C ASP G 133 -16.55 23.05 -41.38
N SER G 134 -16.19 23.05 -40.10
CA SER G 134 -17.19 22.89 -39.06
C SER G 134 -18.04 24.15 -38.89
N SER G 135 -17.52 25.31 -39.25
CA SER G 135 -18.32 26.52 -39.14
C SER G 135 -19.29 26.68 -40.30
N ASN G 136 -19.14 25.88 -41.34
CA ASN G 136 -20.03 25.93 -42.49
C ASN G 136 -21.40 25.36 -42.11
N PRO G 137 -22.43 25.65 -42.92
CA PRO G 137 -23.72 24.97 -42.73
C PRO G 137 -23.61 23.46 -42.95
N ILE G 138 -24.67 22.77 -42.56
CA ILE G 138 -24.63 21.31 -42.53
C ILE G 138 -24.67 20.73 -43.93
N GLU G 139 -25.61 21.20 -44.76
CA GLU G 139 -25.78 20.71 -46.11
C GLU G 139 -25.57 21.86 -47.07
N SER G 140 -24.54 21.78 -47.92
CA SER G 140 -24.22 22.90 -48.80
C SER G 140 -23.51 22.38 -50.04
N CYS G 141 -23.51 23.21 -51.08
CA CYS G 141 -22.89 22.87 -52.35
C CYS G 141 -21.53 23.53 -52.46
N GLN G 142 -20.65 22.92 -53.26
CA GLN G 142 -19.36 23.52 -53.57
C GLN G 142 -18.85 22.97 -54.89
N ASN G 143 -18.49 23.87 -55.80
CA ASN G 143 -17.88 23.48 -57.05
C ASN G 143 -16.44 23.08 -56.80
N PHE G 144 -16.04 21.94 -57.35
CA PHE G 144 -14.72 21.38 -57.06
C PHE G 144 -13.60 22.22 -57.66
N TYR G 145 -13.82 22.79 -58.84
CA TYR G 145 -12.78 23.56 -59.49
C TYR G 145 -12.58 24.93 -58.87
N LYS G 146 -13.56 25.44 -58.12
CA LYS G 146 -13.42 26.72 -57.45
C LYS G 146 -13.05 26.58 -55.98
N ASP G 147 -13.56 25.55 -55.30
CA ASP G 147 -13.26 25.36 -53.89
C ASP G 147 -11.84 24.84 -53.74
N PHE G 148 -10.99 25.62 -53.07
CA PHE G 148 -9.60 25.23 -52.91
C PHE G 148 -9.44 24.15 -51.85
N THR G 149 -10.15 24.30 -50.72
CA THR G 149 -10.01 23.36 -49.61
C THR G 149 -10.53 21.99 -49.96
N LEU G 150 -11.51 21.91 -50.86
CA LEU G 150 -11.94 20.62 -51.37
C LEU G 150 -10.85 19.94 -52.19
N GLN G 151 -10.02 20.73 -52.87
CA GLN G 151 -8.92 20.14 -53.63
C GLN G 151 -7.82 19.65 -52.71
N ILE G 152 -7.52 20.38 -51.64
CA ILE G 152 -6.51 19.94 -50.70
C ILE G 152 -7.00 18.72 -49.92
N ASP G 153 -8.29 18.68 -49.60
CA ASP G 153 -8.87 17.51 -48.96
C ASP G 153 -8.86 16.31 -49.88
N MET G 154 -9.01 16.54 -51.19
CA MET G 154 -8.88 15.46 -52.17
C MET G 154 -7.48 14.87 -52.16
N ALA G 155 -6.47 15.74 -52.09
CA ALA G 155 -5.08 15.26 -52.07
C ALA G 155 -4.78 14.47 -50.81
N PHE G 156 -5.34 14.91 -49.68
CA PHE G 156 -5.09 14.21 -48.42
C PHE G 156 -5.75 12.84 -48.41
N ASN G 157 -6.98 12.75 -48.92
CA ASN G 157 -7.68 11.48 -48.84
C ASN G 157 -7.26 10.50 -49.92
N VAL G 158 -6.71 10.95 -51.05
CA VAL G 158 -6.17 9.98 -51.98
C VAL G 158 -4.85 9.42 -51.43
N PHE G 159 -4.12 10.22 -50.64
CA PHE G 159 -2.96 9.69 -49.95
C PHE G 159 -3.35 8.67 -48.90
N PHE G 160 -4.43 8.94 -48.16
CA PHE G 160 -4.89 8.00 -47.16
C PHE G 160 -5.42 6.73 -47.79
N LEU G 161 -5.94 6.81 -49.00
CA LEU G 161 -6.38 5.62 -49.71
C LEU G 161 -5.20 4.73 -50.08
N LEU G 162 -4.11 5.32 -50.55
CA LEU G 162 -2.93 4.53 -50.88
C LEU G 162 -2.29 3.94 -49.63
N TYR G 163 -2.26 4.70 -48.54
CA TYR G 163 -1.70 4.19 -47.30
C TYR G 163 -2.57 3.10 -46.70
N PHE G 164 -3.89 3.19 -46.89
CA PHE G 164 -4.77 2.12 -46.47
C PHE G 164 -4.52 0.85 -47.28
N GLY G 165 -4.21 1.02 -48.57
CA GLY G 165 -3.90 -0.14 -49.39
C GLY G 165 -2.61 -0.82 -48.99
N LEU G 166 -1.62 -0.03 -48.57
CA LEU G 166 -0.37 -0.60 -48.09
C LEU G 166 -0.57 -1.35 -46.78
N ARG G 167 -1.40 -0.79 -45.89
CA ARG G 167 -1.70 -1.47 -44.63
C ARG G 167 -2.54 -2.72 -44.86
N PHE G 168 -3.34 -2.75 -45.93
CA PHE G 168 -4.12 -3.95 -46.23
C PHE G 168 -3.23 -5.06 -46.75
N ILE G 169 -2.27 -4.73 -47.60
CA ILE G 169 -1.37 -5.74 -48.14
C ILE G 169 -0.46 -6.28 -47.04
N ALA G 170 0.04 -5.40 -46.17
CA ALA G 170 1.02 -5.79 -45.17
C ALA G 170 0.46 -6.64 -44.04
N ALA G 171 -0.86 -6.72 -43.90
CA ALA G 171 -1.44 -7.40 -42.76
C ALA G 171 -1.36 -8.91 -42.89
N ASN G 172 -1.33 -9.59 -41.75
CA ASN G 172 -1.36 -11.05 -41.75
C ASN G 172 -2.79 -11.55 -41.89
N ASP G 173 -3.72 -10.94 -41.17
CA ASP G 173 -5.10 -11.38 -41.08
C ASP G 173 -5.99 -10.31 -41.67
N LYS G 174 -6.69 -10.63 -42.77
CA LYS G 174 -7.52 -9.64 -43.43
C LYS G 174 -8.73 -9.27 -42.59
N LEU G 175 -9.24 -10.19 -41.78
CA LEU G 175 -10.37 -9.88 -40.92
C LEU G 175 -9.96 -8.99 -39.76
N TRP G 176 -8.83 -9.31 -39.14
CA TRP G 176 -8.32 -8.50 -38.04
C TRP G 176 -7.92 -7.11 -38.50
N PHE G 177 -7.47 -6.99 -39.75
CA PHE G 177 -7.22 -5.67 -40.30
C PHE G 177 -8.51 -4.91 -40.54
N TRP G 178 -9.54 -5.60 -41.04
CA TRP G 178 -10.78 -4.91 -41.38
C TRP G 178 -11.56 -4.46 -40.16
N LEU G 179 -11.29 -5.03 -38.99
CA LEU G 179 -11.92 -4.58 -37.76
C LEU G 179 -10.99 -3.70 -36.92
N GLU G 180 -9.78 -3.46 -37.39
CA GLU G 180 -8.85 -2.58 -36.71
C GLU G 180 -9.36 -1.16 -36.75
N VAL G 181 -9.20 -0.42 -35.64
CA VAL G 181 -9.88 0.86 -35.46
C VAL G 181 -9.32 1.92 -36.41
N ASN G 182 -8.05 1.81 -36.81
CA ASN G 182 -7.52 2.76 -37.77
C ASN G 182 -8.01 2.50 -39.18
N SER G 183 -8.61 1.36 -39.44
CA SER G 183 -9.27 1.11 -40.70
C SER G 183 -10.69 1.65 -40.73
N VAL G 184 -11.39 1.57 -39.59
CA VAL G 184 -12.75 2.07 -39.50
C VAL G 184 -12.78 3.58 -39.67
N VAL G 185 -11.75 4.27 -39.19
CA VAL G 185 -11.62 5.70 -39.44
C VAL G 185 -11.51 5.99 -40.94
N ASP G 186 -10.78 5.14 -41.66
CA ASP G 186 -10.66 5.32 -43.10
C ASP G 186 -11.95 4.98 -43.82
N PHE G 187 -12.74 4.05 -43.29
CA PHE G 187 -14.01 3.72 -43.93
C PHE G 187 -15.04 4.82 -43.75
N PHE G 188 -14.92 5.62 -42.70
CA PHE G 188 -15.91 6.65 -42.45
C PHE G 188 -15.41 8.04 -42.81
N THR G 189 -14.22 8.16 -43.36
CA THR G 189 -13.73 9.47 -43.80
C THR G 189 -13.34 9.50 -45.27
N VAL G 190 -12.71 8.46 -45.78
CA VAL G 190 -12.18 8.44 -47.15
C VAL G 190 -13.26 8.25 -48.22
N PRO G 191 -14.27 7.38 -48.09
CA PRO G 191 -15.34 7.35 -49.12
C PRO G 191 -16.14 8.64 -49.25
N PRO G 192 -16.70 9.25 -48.19
CA PRO G 192 -17.68 10.32 -48.44
C PRO G 192 -17.08 11.61 -48.98
N VAL G 193 -15.76 11.78 -48.96
CA VAL G 193 -15.22 12.94 -49.64
C VAL G 193 -15.17 12.69 -51.16
N PHE G 194 -15.02 11.43 -51.59
CA PHE G 194 -15.17 11.11 -53.00
C PHE G 194 -16.61 11.26 -53.44
N VAL G 195 -17.55 10.97 -52.54
CA VAL G 195 -18.95 11.23 -52.88
C VAL G 195 -19.20 12.73 -52.92
N SER G 196 -18.48 13.50 -52.12
CA SER G 196 -18.62 14.95 -52.15
C SER G 196 -18.07 15.54 -53.44
N VAL G 197 -17.01 14.94 -54.00
CA VAL G 197 -16.51 15.49 -55.25
C VAL G 197 -17.36 15.02 -56.42
N TYR G 198 -18.08 13.90 -56.27
CA TYR G 198 -18.91 13.42 -57.36
C TYR G 198 -20.22 14.18 -57.41
N LEU G 199 -20.74 14.57 -56.26
CA LEU G 199 -21.99 15.30 -56.19
C LEU G 199 -21.82 16.81 -56.28
N ASN G 200 -20.57 17.29 -56.17
CA ASN G 200 -20.25 18.72 -56.03
C ASN G 200 -21.01 19.35 -54.87
N ARG G 201 -21.13 18.59 -53.79
CA ARG G 201 -21.95 18.98 -52.64
C ARG G 201 -21.32 18.39 -51.39
N SER G 202 -21.24 19.20 -50.34
CA SER G 202 -20.61 18.78 -49.10
C SER G 202 -21.65 18.53 -48.03
N TRP G 203 -21.25 17.74 -47.05
CA TRP G 203 -22.04 17.52 -45.85
C TRP G 203 -21.09 17.26 -44.71
N LEU G 204 -21.14 18.09 -43.67
CA LEU G 204 -20.31 17.90 -42.50
C LEU G 204 -20.89 16.73 -41.71
N GLY G 205 -20.54 15.53 -42.13
CA GLY G 205 -21.12 14.35 -41.52
C GLY G 205 -20.24 13.82 -40.42
N LEU G 206 -19.71 12.62 -40.62
CA LEU G 206 -18.78 12.05 -39.67
C LEU G 206 -17.35 12.41 -40.02
N ARG G 207 -17.11 13.69 -40.25
CA ARG G 207 -15.76 14.19 -40.48
C ARG G 207 -15.01 14.40 -39.18
N PHE G 208 -15.71 14.33 -38.04
CA PHE G 208 -15.05 14.48 -36.75
C PHE G 208 -14.20 13.27 -36.41
N LEU G 209 -14.41 12.15 -37.09
CA LEU G 209 -13.58 10.98 -36.89
C LEU G 209 -12.18 11.13 -37.45
N ARG G 210 -11.89 12.24 -38.14
CA ARG G 210 -10.52 12.54 -38.52
C ARG G 210 -9.65 12.84 -37.32
N ALA G 211 -10.23 13.22 -36.19
CA ALA G 211 -9.48 13.43 -34.97
C ALA G 211 -9.03 12.13 -34.34
N LEU G 212 -9.59 11.00 -34.74
CA LEU G 212 -9.13 9.71 -34.22
C LEU G 212 -7.81 9.27 -34.82
N ARG G 213 -7.30 9.97 -35.83
CA ARG G 213 -6.03 9.60 -36.42
C ARG G 213 -4.85 9.94 -35.54
N LEU G 214 -5.04 10.73 -34.48
CA LEU G 214 -3.95 11.05 -33.57
C LEU G 214 -3.58 9.88 -32.67
N ILE G 215 -4.37 8.81 -32.66
CA ILE G 215 -4.01 7.59 -31.94
C ILE G 215 -2.74 6.98 -32.50
N GLN G 216 -2.50 7.12 -33.80
CA GLN G 216 -1.34 6.55 -34.47
C GLN G 216 -0.02 7.20 -34.11
N PHE G 217 -0.04 8.32 -33.39
CA PHE G 217 1.13 9.18 -33.31
C PHE G 217 2.24 8.54 -32.48
N SER G 218 1.88 7.90 -31.37
CA SER G 218 2.90 7.25 -30.55
C SER G 218 3.50 6.05 -31.25
N GLU G 219 2.71 5.33 -32.06
CA GLU G 219 3.25 4.20 -32.79
C GLU G 219 4.17 4.66 -33.91
N ILE G 220 3.74 5.65 -34.68
CA ILE G 220 4.59 6.11 -35.78
C ILE G 220 5.72 7.01 -35.32
N LEU G 221 5.78 7.33 -34.04
CA LEU G 221 7.00 7.87 -33.47
C LEU G 221 7.89 6.79 -32.86
N GLN G 222 7.30 5.65 -32.49
CA GLN G 222 8.12 4.51 -32.09
C GLN G 222 8.82 3.88 -33.28
N PHE G 223 8.22 4.01 -34.47
CA PHE G 223 8.87 3.51 -35.67
C PHE G 223 10.07 4.36 -36.05
N LEU G 224 10.01 5.66 -35.80
CA LEU G 224 11.01 6.60 -36.26
C LEU G 224 12.15 6.79 -35.27
N ASN G 225 12.26 5.92 -34.26
CA ASN G 225 13.28 5.98 -33.21
C ASN G 225 13.25 7.29 -32.42
N ILE G 226 12.09 7.93 -32.33
CA ILE G 226 11.99 9.15 -31.55
C ILE G 226 11.63 8.85 -30.11
N LEU G 227 10.73 7.90 -29.89
CA LEU G 227 10.32 7.50 -28.56
C LEU G 227 10.99 6.18 -28.22
N LYS G 228 11.84 6.17 -27.20
CA LYS G 228 12.52 4.96 -26.81
C LYS G 228 12.22 4.52 -25.40
N THR G 229 12.33 5.42 -24.42
CA THR G 229 12.13 5.02 -23.03
C THR G 229 10.66 4.97 -22.68
N SER G 230 10.37 4.31 -21.56
CA SER G 230 9.00 3.92 -21.26
C SER G 230 8.14 5.07 -20.77
N ASN G 231 8.74 6.08 -20.15
CA ASN G 231 7.95 7.16 -19.59
C ASN G 231 7.37 8.05 -20.66
N SER G 232 8.18 8.43 -21.64
CA SER G 232 7.65 9.30 -22.67
C SER G 232 6.94 8.56 -23.78
N ILE G 233 7.13 7.24 -23.89
CA ILE G 233 6.20 6.44 -24.68
C ILE G 233 4.82 6.47 -24.04
N LYS G 234 4.77 6.30 -22.73
CA LYS G 234 3.51 6.35 -22.00
C LYS G 234 2.89 7.75 -22.02
N LEU G 235 3.72 8.79 -22.02
CA LEU G 235 3.19 10.14 -22.00
C LEU G 235 2.54 10.51 -23.33
N VAL G 236 3.17 10.14 -24.44
CA VAL G 236 2.56 10.43 -25.74
C VAL G 236 1.33 9.56 -25.96
N ASN G 237 1.32 8.35 -25.39
CA ASN G 237 0.13 7.50 -25.47
C ASN G 237 -1.04 8.12 -24.74
N LEU G 238 -0.81 8.63 -23.52
CA LEU G 238 -1.88 9.25 -22.75
C LEU G 238 -2.37 10.54 -23.41
N LEU G 239 -1.44 11.34 -23.94
CA LEU G 239 -1.82 12.59 -24.58
C LEU G 239 -2.60 12.36 -25.86
N SER G 240 -2.21 11.36 -26.63
CA SER G 240 -2.90 11.08 -27.89
C SER G 240 -4.32 10.60 -27.63
N ILE G 241 -4.51 9.69 -26.68
CA ILE G 241 -5.82 9.15 -26.41
C ILE G 241 -6.73 10.21 -25.80
N PHE G 242 -6.17 11.08 -24.94
CA PHE G 242 -6.96 12.11 -24.28
C PHE G 242 -7.45 13.15 -25.27
N ILE G 243 -6.55 13.66 -26.12
CA ILE G 243 -6.93 14.74 -27.03
C ILE G 243 -7.83 14.22 -28.14
N SER G 244 -7.59 13.00 -28.61
CA SER G 244 -8.41 12.47 -29.69
C SER G 244 -9.82 12.15 -29.21
N THR G 245 -9.96 11.63 -27.99
CA THR G 245 -11.29 11.36 -27.45
C THR G 245 -12.05 12.65 -27.20
N TRP G 246 -11.35 13.68 -26.72
CA TRP G 246 -11.95 14.97 -26.46
C TRP G 246 -12.45 15.62 -27.75
N LEU G 247 -11.62 15.63 -28.79
CA LEU G 247 -12.01 16.29 -30.02
C LEU G 247 -13.04 15.50 -30.80
N THR G 248 -13.00 14.17 -30.73
CA THR G 248 -13.98 13.37 -31.45
C THR G 248 -15.36 13.47 -30.83
N ALA G 249 -15.43 13.34 -29.50
CA ALA G 249 -16.72 13.43 -28.83
C ALA G 249 -17.30 14.83 -28.91
N ALA G 250 -16.43 15.85 -28.99
CA ALA G 250 -16.94 17.19 -29.22
C ALA G 250 -17.50 17.34 -30.62
N GLY G 251 -16.92 16.64 -31.60
CA GLY G 251 -17.47 16.70 -32.93
C GLY G 251 -18.80 15.99 -33.05
N PHE G 252 -18.97 14.89 -32.32
CA PHE G 252 -20.24 14.18 -32.37
C PHE G 252 -21.35 14.98 -31.70
N ILE G 253 -21.06 15.61 -30.56
CA ILE G 253 -22.08 16.42 -29.93
C ILE G 253 -22.33 17.70 -30.73
N HIS G 254 -21.37 18.14 -31.55
CA HIS G 254 -21.61 19.28 -32.41
C HIS G 254 -22.56 18.93 -33.55
N LEU G 255 -22.37 17.76 -34.14
CA LEU G 255 -23.26 17.30 -35.20
C LEU G 255 -24.67 17.08 -34.67
N VAL G 256 -24.79 16.48 -33.50
CA VAL G 256 -26.10 16.16 -32.95
C VAL G 256 -26.83 17.42 -32.51
N GLU G 257 -26.11 18.38 -31.91
CA GLU G 257 -26.79 19.56 -31.41
C GLU G 257 -27.16 20.52 -32.52
N ASN G 258 -26.43 20.52 -33.63
CA ASN G 258 -26.79 21.43 -34.71
C ASN G 258 -27.94 20.88 -35.54
N SER G 259 -27.71 19.74 -36.19
CA SER G 259 -28.81 19.06 -36.87
C SER G 259 -29.63 18.40 -35.79
N GLY G 260 -30.74 19.02 -35.41
CA GLY G 260 -31.48 18.65 -34.23
C GLY G 260 -32.20 17.32 -34.26
N ASP G 261 -33.15 17.14 -33.36
CA ASP G 261 -33.83 15.87 -33.22
C ASP G 261 -34.77 15.63 -34.39
N PRO G 262 -34.74 14.44 -35.00
CA PRO G 262 -35.66 14.14 -36.10
C PRO G 262 -37.10 13.95 -35.68
N TRP G 263 -37.40 13.94 -34.39
CA TRP G 263 -38.74 13.68 -33.90
C TRP G 263 -39.59 14.93 -33.84
N GLU G 264 -38.96 16.09 -33.76
CA GLU G 264 -39.66 17.36 -33.77
C GLU G 264 -39.61 18.01 -35.14
N ASN G 265 -39.23 17.26 -36.17
CA ASN G 265 -38.91 17.76 -37.51
C ASN G 265 -37.84 18.84 -37.45
N PHE G 266 -36.80 18.57 -36.64
CA PHE G 266 -35.56 19.35 -36.59
C PHE G 266 -35.78 20.79 -36.16
N GLN G 267 -36.62 20.97 -35.14
CA GLN G 267 -36.78 22.28 -34.51
C GLN G 267 -35.96 22.41 -33.24
N ASN G 268 -35.00 21.51 -33.02
CA ASN G 268 -34.15 21.55 -31.83
C ASN G 268 -32.74 21.99 -32.16
N ASN G 269 -32.57 22.80 -33.19
CA ASN G 269 -31.23 23.20 -33.61
C ASN G 269 -30.64 24.21 -32.64
N GLN G 270 -30.03 23.74 -31.56
CA GLN G 270 -29.20 24.61 -30.74
C GLN G 270 -27.93 24.90 -31.50
N ALA G 271 -27.81 26.11 -32.04
CA ALA G 271 -26.71 26.46 -32.93
C ALA G 271 -25.45 26.68 -32.11
N LEU G 272 -24.71 25.61 -31.89
CA LEU G 272 -23.41 25.68 -31.24
C LEU G 272 -22.31 25.64 -32.28
N THR G 273 -21.21 26.32 -32.00
CA THR G 273 -20.03 26.18 -32.82
C THR G 273 -19.29 24.92 -32.42
N TYR G 274 -18.19 24.62 -33.11
CA TYR G 274 -17.43 23.45 -32.72
C TYR G 274 -16.68 23.70 -31.42
N TRP G 275 -16.11 24.88 -31.26
CA TRP G 275 -15.31 25.17 -30.08
C TRP G 275 -16.15 25.32 -28.84
N GLU G 276 -17.44 25.67 -28.97
CA GLU G 276 -18.31 25.66 -27.82
C GLU G 276 -18.56 24.25 -27.32
N CYS G 277 -18.56 23.27 -28.22
CA CYS G 277 -18.70 21.89 -27.78
C CYS G 277 -17.41 21.35 -27.18
N VAL G 278 -16.26 21.81 -27.66
CA VAL G 278 -15.00 21.46 -27.01
C VAL G 278 -14.94 22.04 -25.60
N TYR G 279 -15.41 23.27 -25.45
CA TYR G 279 -15.46 23.89 -24.14
C TYR G 279 -16.51 23.24 -23.26
N LEU G 280 -17.62 22.78 -23.85
CA LEU G 280 -18.63 22.04 -23.10
C LEU G 280 -18.09 20.74 -22.56
N LEU G 281 -17.31 20.02 -23.35
CA LEU G 281 -16.83 18.74 -22.86
C LEU G 281 -15.70 18.87 -21.87
N MET G 282 -14.91 19.94 -21.95
CA MET G 282 -13.89 20.13 -20.94
C MET G 282 -14.49 20.60 -19.63
N VAL G 283 -15.57 21.39 -19.69
CA VAL G 283 -16.27 21.76 -18.47
C VAL G 283 -16.98 20.55 -17.88
N THR G 284 -17.43 19.63 -18.73
CA THR G 284 -18.16 18.47 -18.24
C THR G 284 -17.24 17.38 -17.70
N MET G 285 -16.18 17.04 -18.45
CA MET G 285 -15.21 16.03 -18.02
C MET G 285 -14.55 16.38 -16.70
N SER G 286 -14.30 17.66 -16.48
CA SER G 286 -13.70 18.12 -15.24
C SER G 286 -14.68 18.17 -14.08
N THR G 287 -15.94 17.81 -14.32
CA THR G 287 -17.05 17.88 -13.38
C THR G 287 -17.25 19.27 -12.80
N VAL G 288 -16.92 20.31 -13.56
CA VAL G 288 -17.31 21.64 -13.14
C VAL G 288 -18.77 21.88 -13.45
N GLY G 289 -19.13 21.85 -14.73
CA GLY G 289 -20.52 21.95 -15.12
C GLY G 289 -21.15 23.28 -14.84
N TYR G 290 -20.76 24.32 -15.55
CA TYR G 290 -21.28 25.66 -15.28
C TYR G 290 -22.77 25.74 -15.59
N GLY G 291 -23.19 25.24 -16.73
CA GLY G 291 -24.56 25.36 -17.15
C GLY G 291 -24.83 26.52 -18.08
N ASP G 292 -23.79 27.27 -18.46
CA ASP G 292 -23.96 28.29 -19.47
C ASP G 292 -24.14 27.67 -20.85
N VAL G 293 -23.54 26.51 -21.07
CA VAL G 293 -23.64 25.78 -22.32
C VAL G 293 -23.96 24.34 -21.96
N TYR G 294 -25.03 23.80 -22.52
CA TYR G 294 -25.37 22.40 -22.29
C TYR G 294 -26.12 21.88 -23.50
N ALA G 295 -26.20 20.57 -23.59
CA ALA G 295 -26.94 19.94 -24.67
C ALA G 295 -28.43 20.02 -24.40
N LYS G 296 -29.20 20.44 -25.39
CA LYS G 296 -30.63 20.61 -25.22
C LYS G 296 -31.48 19.59 -25.96
N THR G 297 -30.93 18.89 -26.93
CA THR G 297 -31.70 17.91 -27.67
C THR G 297 -31.77 16.59 -26.90
N THR G 298 -32.62 15.70 -27.38
CA THR G 298 -32.75 14.39 -26.74
C THR G 298 -31.56 13.51 -27.04
N LEU G 299 -31.12 13.48 -28.31
CA LEU G 299 -29.92 12.73 -28.64
C LEU G 299 -28.67 13.34 -28.03
N GLY G 300 -28.66 14.65 -27.82
CA GLY G 300 -27.53 15.28 -27.18
C GLY G 300 -27.40 14.89 -25.73
N ARG G 301 -28.51 14.94 -24.99
CA ARG G 301 -28.49 14.52 -23.60
C ARG G 301 -28.20 13.04 -23.46
N LEU G 302 -28.64 12.22 -24.42
CA LEU G 302 -28.38 10.79 -24.37
C LEU G 302 -26.91 10.50 -24.57
N PHE G 303 -26.26 11.20 -25.51
CA PHE G 303 -24.81 11.02 -25.65
C PHE G 303 -24.07 11.56 -24.45
N MET G 304 -24.56 12.64 -23.83
CA MET G 304 -23.86 13.20 -22.67
C MET G 304 -23.95 12.27 -21.47
N VAL G 305 -25.02 11.48 -21.37
CA VAL G 305 -25.12 10.49 -20.31
C VAL G 305 -24.08 9.40 -20.51
N PHE G 306 -23.95 8.90 -21.74
CA PHE G 306 -22.92 7.91 -22.02
C PHE G 306 -21.52 8.50 -21.92
N PHE G 307 -21.37 9.77 -22.27
CA PHE G 307 -20.05 10.38 -22.24
C PHE G 307 -19.58 10.63 -20.82
N ILE G 308 -20.48 10.96 -19.90
CA ILE G 308 -19.97 11.17 -18.54
C ILE G 308 -19.68 9.84 -17.88
N LEU G 309 -20.39 8.77 -18.26
CA LEU G 309 -20.08 7.44 -17.77
C LEU G 309 -18.69 6.99 -18.20
N GLY G 310 -18.24 7.40 -19.38
CA GLY G 310 -16.89 7.04 -19.80
C GLY G 310 -15.85 8.09 -19.51
N GLY G 311 -16.16 9.33 -19.90
CA GLY G 311 -15.18 10.40 -19.90
C GLY G 311 -14.79 10.91 -18.54
N LEU G 312 -15.62 10.74 -17.51
CA LEU G 312 -15.21 11.19 -16.19
C LEU G 312 -14.08 10.33 -15.65
N ALA G 313 -14.18 9.01 -15.81
CA ALA G 313 -13.10 8.13 -15.41
C ALA G 313 -11.88 8.33 -16.27
N MET G 314 -12.06 8.70 -17.54
CA MET G 314 -10.92 8.96 -18.40
C MET G 314 -10.16 10.21 -17.98
N PHE G 315 -10.88 11.27 -17.61
CA PHE G 315 -10.23 12.50 -17.16
C PHE G 315 -9.51 12.28 -15.83
N ALA G 316 -10.20 11.67 -14.86
CA ALA G 316 -9.65 11.50 -13.53
C ALA G 316 -8.49 10.53 -13.50
N SER G 317 -8.42 9.60 -14.45
CA SER G 317 -7.26 8.72 -14.49
C SER G 317 -6.10 9.32 -15.27
N TYR G 318 -6.38 9.99 -16.39
CA TYR G 318 -5.29 10.36 -17.28
C TYR G 318 -4.61 11.65 -16.91
N VAL G 319 -5.37 12.63 -16.39
CA VAL G 319 -4.79 13.96 -16.15
C VAL G 319 -3.75 13.99 -15.03
N PRO G 320 -3.99 13.39 -13.83
CA PRO G 320 -2.89 13.38 -12.85
C PRO G 320 -1.72 12.51 -13.26
N GLU G 321 -1.93 11.51 -14.11
CA GLU G 321 -0.81 10.70 -14.58
C GLU G 321 0.04 11.48 -15.58
N ILE G 322 -0.60 12.29 -16.43
CA ILE G 322 0.14 13.13 -17.37
C ILE G 322 0.96 14.17 -16.60
N ILE G 323 0.36 14.79 -15.59
CA ILE G 323 1.06 15.76 -14.76
C ILE G 323 2.15 15.10 -13.92
N GLU G 324 2.04 13.80 -13.65
CA GLU G 324 3.16 13.08 -13.05
C GLU G 324 4.31 12.91 -14.02
N LEU G 325 4.01 12.58 -15.29
CA LEU G 325 5.09 12.28 -16.22
C LEU G 325 5.79 13.53 -16.74
N ILE G 326 5.12 14.65 -16.80
CA ILE G 326 5.80 15.93 -16.96
C ILE G 326 6.24 16.34 -15.56
N GLY G 327 7.14 17.31 -15.47
CA GLY G 327 7.52 17.83 -14.17
C GLY G 327 8.53 17.01 -13.41
N ASN G 328 8.81 15.78 -13.84
CA ASN G 328 9.87 14.98 -13.26
C ASN G 328 11.21 15.54 -13.77
N ARG G 329 11.68 16.59 -13.11
CA ARG G 329 12.95 17.21 -13.43
C ARG G 329 13.93 16.95 -12.29
N LYS G 330 15.16 16.60 -12.65
CA LYS G 330 16.21 16.41 -11.65
C LYS G 330 16.62 17.76 -11.10
N LYS G 331 16.53 17.91 -9.77
CA LYS G 331 16.76 19.22 -9.18
C LYS G 331 18.24 19.58 -9.13
N TYR G 332 19.04 18.75 -8.45
CA TYR G 332 20.44 19.09 -8.23
C TYR G 332 21.36 18.48 -9.28
N GLY G 333 21.10 18.79 -10.54
CA GLY G 333 21.97 18.44 -11.63
C GLY G 333 23.05 19.48 -11.80
N GLY G 334 23.63 19.50 -12.99
CA GLY G 334 24.63 20.49 -13.28
C GLY G 334 25.98 20.15 -12.67
N SER G 335 26.89 21.11 -12.73
CA SER G 335 28.27 20.87 -12.35
C SER G 335 28.79 22.05 -11.54
N TYR G 336 29.82 21.77 -10.77
CA TYR G 336 30.49 22.82 -10.01
C TYR G 336 31.38 23.62 -10.93
N SER G 337 31.37 24.93 -10.75
CA SER G 337 32.23 25.83 -11.51
C SER G 337 33.31 26.37 -10.59
N ALA G 338 34.55 26.01 -10.88
CA ALA G 338 35.66 26.45 -10.05
C ALA G 338 35.93 27.92 -10.26
N VAL G 339 36.43 28.56 -9.22
CA VAL G 339 36.82 29.97 -9.27
C VAL G 339 38.32 30.06 -9.06
N SER G 340 38.90 31.15 -9.52
CA SER G 340 40.34 31.34 -9.44
C SER G 340 40.74 31.83 -8.07
N GLY G 341 41.84 31.29 -7.55
CA GLY G 341 42.35 31.74 -6.28
C GLY G 341 41.57 31.27 -5.08
N ARG G 342 40.72 30.27 -5.23
CA ARG G 342 39.99 29.72 -4.11
C ARG G 342 39.74 28.25 -4.40
N LYS G 343 40.20 27.39 -3.50
CA LYS G 343 40.09 25.96 -3.68
C LYS G 343 38.78 25.45 -3.09
N HIS G 344 38.48 24.19 -3.36
CA HIS G 344 37.23 23.61 -2.90
C HIS G 344 37.46 22.19 -2.41
N ILE G 345 36.43 21.64 -1.80
CA ILE G 345 36.50 20.37 -1.08
C ILE G 345 35.28 19.54 -1.48
N VAL G 346 35.50 18.29 -1.87
CA VAL G 346 34.42 17.39 -2.22
C VAL G 346 34.18 16.43 -1.07
N VAL G 347 32.94 16.34 -0.61
CA VAL G 347 32.58 15.50 0.52
C VAL G 347 31.60 14.46 0.02
N CYS G 348 31.93 13.18 0.24
CA CYS G 348 31.03 12.12 -0.15
C CYS G 348 30.82 11.14 0.99
N GLY G 349 30.18 10.02 0.72
CA GLY G 349 29.99 9.02 1.75
C GLY G 349 28.62 9.10 2.40
N HIS G 350 28.58 8.91 3.71
CA HIS G 350 27.32 8.91 4.46
C HIS G 350 26.92 10.34 4.74
N ILE G 351 26.04 10.89 3.92
CA ILE G 351 25.63 12.28 4.03
C ILE G 351 24.17 12.29 4.49
N THR G 352 23.96 12.72 5.73
CA THR G 352 22.62 12.91 6.26
C THR G 352 22.51 14.31 6.81
N LEU G 353 21.42 14.61 7.52
CA LEU G 353 21.27 15.95 8.08
C LEU G 353 22.19 16.17 9.25
N GLU G 354 22.27 15.20 10.16
CA GLU G 354 23.06 15.39 11.37
C GLU G 354 24.56 15.29 11.09
N SER G 355 24.96 14.48 10.12
CA SER G 355 26.37 14.35 9.81
C SER G 355 26.89 15.62 9.13
N VAL G 356 26.09 16.20 8.25
CA VAL G 356 26.46 17.45 7.61
C VAL G 356 26.44 18.59 8.60
N SER G 357 25.50 18.57 9.55
CA SER G 357 25.42 19.61 10.56
C SER G 357 26.64 19.58 11.49
N ASN G 358 27.04 18.39 11.93
CA ASN G 358 28.23 18.29 12.77
C ASN G 358 29.49 18.62 12.00
N PHE G 359 29.52 18.28 10.71
CA PHE G 359 30.68 18.62 9.89
C PHE G 359 30.79 20.13 9.71
N LEU G 360 29.69 20.79 9.37
CA LEU G 360 29.72 22.22 9.14
C LEU G 360 29.92 23.01 10.42
N LYS G 361 29.63 22.43 11.57
CA LYS G 361 29.98 23.09 12.82
C LYS G 361 31.48 23.05 13.05
N ASP G 362 32.10 21.89 12.88
CA ASP G 362 33.52 21.78 13.17
C ASP G 362 34.41 22.32 12.07
N PHE G 363 33.89 22.48 10.86
CA PHE G 363 34.69 22.94 9.72
C PHE G 363 34.66 24.45 9.61
N LEU G 364 33.48 25.04 9.62
CA LEU G 364 33.32 26.48 9.46
C LEU G 364 33.32 27.22 10.79
N HIS G 365 34.00 26.70 11.80
CA HIS G 365 34.04 27.34 13.09
C HIS G 365 34.88 28.62 13.02
N LYS G 366 34.49 29.61 13.82
CA LYS G 366 35.18 30.88 13.82
C LYS G 366 36.52 30.84 14.51
N ASP G 367 36.82 29.76 15.24
CA ASP G 367 38.11 29.67 15.92
C ASP G 367 39.25 29.34 14.98
N ARG G 368 38.96 28.97 13.73
CA ARG G 368 40.01 28.88 12.72
C ARG G 368 40.38 30.27 12.23
N ASP G 369 41.31 30.32 11.28
CA ASP G 369 41.58 31.55 10.59
C ASP G 369 40.48 31.83 9.56
N ASP G 370 40.68 32.87 8.75
CA ASP G 370 39.70 33.21 7.71
C ASP G 370 39.83 32.18 6.59
N VAL G 371 39.15 31.05 6.77
CA VAL G 371 39.17 30.01 5.76
C VAL G 371 38.32 30.44 4.57
N ASN G 372 38.65 29.88 3.41
CA ASN G 372 37.93 30.27 2.20
C ASN G 372 37.67 29.10 1.28
N VAL G 373 37.79 27.88 1.74
CA VAL G 373 37.53 26.75 0.87
C VAL G 373 36.02 26.59 0.74
N GLU G 374 35.59 26.11 -0.42
CA GLU G 374 34.18 25.79 -0.59
C GLU G 374 33.97 24.31 -0.41
N ILE G 375 32.77 23.95 0.02
CA ILE G 375 32.44 22.58 0.35
C ILE G 375 31.43 22.09 -0.65
N VAL G 376 31.82 21.12 -1.45
CA VAL G 376 30.94 20.52 -2.46
C VAL G 376 30.53 19.14 -1.94
N PHE G 377 29.24 18.86 -1.97
CA PHE G 377 28.75 17.58 -1.53
C PHE G 377 28.35 16.74 -2.74
N LEU G 378 28.27 15.43 -2.54
CA LEU G 378 27.99 14.52 -3.62
C LEU G 378 27.31 13.29 -3.04
N HIS G 379 26.02 13.16 -3.27
CA HIS G 379 25.27 12.04 -2.73
C HIS G 379 24.18 11.67 -3.73
N ASN G 380 23.94 10.38 -3.90
CA ASN G 380 22.96 9.95 -4.88
C ASN G 380 21.54 10.19 -4.42
N ILE G 381 21.28 10.11 -3.12
CA ILE G 381 19.95 10.40 -2.60
C ILE G 381 19.73 11.90 -2.61
N SER G 382 18.54 12.32 -3.05
CA SER G 382 18.20 13.73 -3.02
C SER G 382 17.97 14.17 -1.57
N PRO G 383 18.34 15.39 -1.22
CA PRO G 383 18.18 15.83 0.17
C PRO G 383 16.73 16.16 0.48
N ASN G 384 16.38 16.00 1.75
CA ASN G 384 15.04 16.36 2.21
C ASN G 384 14.98 17.86 2.43
N LEU G 385 13.87 18.34 3.00
CA LEU G 385 13.67 19.78 3.11
C LEU G 385 14.52 20.39 4.21
N GLU G 386 14.93 19.58 5.20
CA GLU G 386 15.76 20.12 6.26
C GLU G 386 17.20 20.30 5.80
N LEU G 387 17.70 19.39 4.96
CA LEU G 387 19.02 19.59 4.39
C LEU G 387 19.04 20.76 3.41
N GLU G 388 17.95 20.97 2.68
CA GLU G 388 17.89 22.12 1.78
C GLU G 388 17.86 23.43 2.55
N ALA G 389 17.21 23.44 3.71
CA ALA G 389 17.27 24.63 4.55
C ALA G 389 18.64 24.82 5.14
N LEU G 390 19.35 23.74 5.42
CA LEU G 390 20.71 23.86 5.92
C LEU G 390 21.65 24.38 4.83
N PHE G 391 21.45 23.96 3.59
CA PHE G 391 22.28 24.46 2.52
C PHE G 391 21.95 25.90 2.17
N LYS G 392 20.73 26.33 2.44
CA LYS G 392 20.41 27.74 2.28
C LYS G 392 20.95 28.58 3.42
N ARG G 393 21.20 27.97 4.58
CA ARG G 393 21.85 28.71 5.65
C ARG G 393 23.33 28.95 5.38
N HIS G 394 23.92 28.21 4.46
CA HIS G 394 25.32 28.30 4.10
C HIS G 394 25.46 28.52 2.61
N PHE G 395 24.74 29.53 2.12
CA PHE G 395 24.51 29.72 0.70
C PHE G 395 25.78 30.02 -0.07
N THR G 396 26.78 30.61 0.58
CA THR G 396 28.01 30.95 -0.12
C THR G 396 29.13 29.95 0.09
N GLN G 397 29.03 29.08 1.11
CA GLN G 397 30.11 28.18 1.41
C GLN G 397 29.88 26.75 0.99
N VAL G 398 28.63 26.36 0.72
CA VAL G 398 28.27 24.97 0.52
C VAL G 398 27.45 24.84 -0.75
N GLU G 399 27.87 23.96 -1.65
CA GLU G 399 27.08 23.61 -2.82
C GLU G 399 26.83 22.10 -2.82
N PHE G 400 25.65 21.70 -3.26
CA PHE G 400 25.28 20.30 -3.35
C PHE G 400 25.13 19.90 -4.80
N TYR G 401 25.50 18.66 -5.10
CA TYR G 401 25.34 18.10 -6.44
C TYR G 401 25.00 16.63 -6.30
N GLN G 402 23.88 16.21 -6.86
CA GLN G 402 23.43 14.84 -6.72
C GLN G 402 24.12 13.96 -7.74
N GLY G 403 24.80 12.92 -7.26
CA GLY G 403 25.46 11.98 -8.16
C GLY G 403 26.04 10.85 -7.35
N SER G 404 26.68 9.92 -8.06
CA SER G 404 27.31 8.77 -7.44
C SER G 404 28.81 8.86 -7.60
N VAL G 405 29.54 8.59 -6.53
CA VAL G 405 30.99 8.73 -6.56
C VAL G 405 31.64 7.63 -7.39
N LEU G 406 30.95 6.50 -7.57
CA LEU G 406 31.47 5.45 -8.44
C LEU G 406 31.41 5.82 -9.90
N ASN G 407 30.39 6.56 -10.32
CA ASN G 407 30.26 6.95 -11.71
C ASN G 407 31.22 8.10 -12.02
N PRO G 408 32.15 7.92 -12.95
CA PRO G 408 33.18 8.95 -13.18
C PRO G 408 32.67 10.21 -13.86
N HIS G 409 31.47 10.18 -14.44
CA HIS G 409 30.91 11.42 -14.96
C HIS G 409 30.53 12.35 -13.82
N ASP G 410 30.03 11.78 -12.72
CA ASP G 410 29.70 12.59 -11.55
C ASP G 410 30.95 13.10 -10.86
N LEU G 411 32.04 12.35 -10.92
CA LEU G 411 33.31 12.88 -10.42
C LEU G 411 33.80 14.01 -11.30
N ALA G 412 33.52 13.96 -12.59
CA ALA G 412 33.87 15.07 -13.47
C ALA G 412 32.98 16.28 -13.23
N ARG G 413 31.78 16.08 -12.69
CA ARG G 413 30.88 17.19 -12.46
C ARG G 413 31.28 18.04 -11.28
N VAL G 414 31.90 17.44 -10.26
CA VAL G 414 32.22 18.17 -9.04
C VAL G 414 33.64 18.69 -9.08
N LYS G 415 34.28 18.57 -10.25
CA LYS G 415 35.66 19.00 -10.51
C LYS G 415 36.63 18.37 -9.51
N ILE G 416 36.58 17.04 -9.44
CA ILE G 416 37.43 16.29 -8.53
C ILE G 416 38.90 16.35 -8.93
N GLU G 417 39.20 16.74 -10.17
CA GLU G 417 40.59 16.88 -10.59
C GLU G 417 41.24 18.12 -10.03
N SER G 418 40.46 19.13 -9.66
CA SER G 418 41.00 20.36 -9.12
C SER G 418 40.60 20.58 -7.66
N ALA G 419 39.96 19.58 -7.05
CA ALA G 419 39.62 19.69 -5.64
C ALA G 419 40.87 19.55 -4.79
N ASP G 420 40.85 20.20 -3.63
CA ASP G 420 42.01 20.15 -2.76
C ASP G 420 42.10 18.83 -2.02
N ALA G 421 40.97 18.30 -1.58
CA ALA G 421 40.92 17.01 -0.93
C ALA G 421 39.52 16.44 -1.08
N CYS G 422 39.39 15.14 -0.81
CA CYS G 422 38.10 14.48 -0.85
C CYS G 422 37.87 13.76 0.47
N LEU G 423 36.71 13.94 1.06
CA LEU G 423 36.41 13.42 2.39
C LEU G 423 35.28 12.41 2.28
N ILE G 424 35.43 11.28 2.95
CA ILE G 424 34.48 10.17 2.85
C ILE G 424 33.97 9.89 4.26
N LEU G 425 32.80 10.41 4.59
CA LEU G 425 32.19 10.12 5.88
C LEU G 425 31.60 8.73 5.87
N ALA G 426 31.59 8.09 7.03
CA ALA G 426 31.09 6.73 7.16
C ALA G 426 29.89 6.71 8.09
N ASN G 427 29.01 5.72 7.91
CA ASN G 427 27.83 5.56 8.76
C ASN G 427 28.24 4.70 9.94
N LYS G 428 28.74 5.34 11.00
CA LYS G 428 29.39 4.66 12.11
C LYS G 428 28.46 3.74 12.89
N TYR G 429 27.16 3.84 12.70
CA TYR G 429 26.19 2.96 13.35
C TYR G 429 25.51 2.03 12.35
N CYS G 430 26.27 1.56 11.36
CA CYS G 430 25.72 0.67 10.37
C CYS G 430 25.52 -0.72 10.95
N ALA G 431 24.68 -1.51 10.28
CA ALA G 431 24.33 -2.82 10.80
C ALA G 431 25.41 -3.85 10.55
N ASP G 432 26.16 -3.72 9.46
CA ASP G 432 27.24 -4.66 9.12
C ASP G 432 28.48 -3.83 8.86
N PRO G 433 29.47 -3.86 9.75
CA PRO G 433 30.63 -2.97 9.58
C PRO G 433 31.54 -3.36 8.45
N ASP G 434 31.64 -4.66 8.15
CA ASP G 434 32.46 -5.08 7.02
C ASP G 434 31.82 -4.68 5.69
N ALA G 435 30.49 -4.57 5.66
CA ALA G 435 29.81 -4.16 4.44
C ALA G 435 30.10 -2.71 4.09
N GLU G 436 30.04 -1.82 5.07
CA GLU G 436 30.31 -0.42 4.75
C GLU G 436 31.80 -0.16 4.62
N ASP G 437 32.64 -0.94 5.30
CA ASP G 437 34.06 -0.85 5.04
C ASP G 437 34.38 -1.27 3.61
N ALA G 438 33.65 -2.27 3.10
CA ALA G 438 33.78 -2.65 1.71
C ALA G 438 33.31 -1.55 0.77
N SER G 439 32.21 -0.89 1.12
CA SER G 439 31.67 0.16 0.26
C SER G 439 32.58 1.37 0.23
N ASN G 440 33.12 1.77 1.38
CA ASN G 440 34.00 2.93 1.39
C ASN G 440 35.34 2.62 0.76
N ILE G 441 35.79 1.36 0.82
CA ILE G 441 37.00 0.96 0.08
C ILE G 441 36.74 1.07 -1.42
N MET G 442 35.53 0.70 -1.84
CA MET G 442 35.16 0.85 -3.25
C MET G 442 35.10 2.31 -3.67
N ARG G 443 34.72 3.20 -2.75
CA ARG G 443 34.73 4.63 -3.07
C ARG G 443 36.14 5.16 -3.24
N VAL G 444 37.09 4.69 -2.41
CA VAL G 444 38.48 5.09 -2.57
C VAL G 444 39.05 4.59 -3.88
N ILE G 445 38.67 3.36 -4.27
CA ILE G 445 39.12 2.80 -5.54
C ILE G 445 38.60 3.63 -6.70
N SER G 446 37.35 4.10 -6.61
CA SER G 446 36.76 4.87 -7.69
C SER G 446 37.41 6.23 -7.85
N ILE G 447 37.67 6.93 -6.74
CA ILE G 447 38.25 8.26 -6.83
C ILE G 447 39.71 8.16 -7.26
N LYS G 448 40.42 7.14 -6.81
CA LYS G 448 41.78 6.96 -7.27
C LYS G 448 41.83 6.44 -8.70
N ASN G 449 40.75 5.83 -9.17
CA ASN G 449 40.70 5.43 -10.57
C ASN G 449 40.57 6.63 -11.48
N TYR G 450 39.76 7.61 -11.09
CA TYR G 450 39.66 8.84 -11.88
C TYR G 450 40.96 9.63 -11.78
N HIS G 451 41.30 10.08 -10.58
CA HIS G 451 42.44 10.97 -10.39
C HIS G 451 43.29 10.38 -9.28
N PRO G 452 44.51 9.91 -9.56
CA PRO G 452 45.33 9.31 -8.52
C PRO G 452 46.02 10.31 -7.63
N LYS G 453 46.17 11.57 -8.04
CA LYS G 453 46.95 12.55 -7.31
C LYS G 453 46.09 13.39 -6.39
N ILE G 454 45.03 12.82 -5.84
CA ILE G 454 44.15 13.55 -4.93
C ILE G 454 44.42 13.07 -3.52
N ARG G 455 44.06 13.90 -2.56
CA ARG G 455 44.20 13.58 -1.14
C ARG G 455 42.86 13.10 -0.63
N ILE G 456 42.79 11.83 -0.24
CA ILE G 456 41.57 11.22 0.24
C ILE G 456 41.66 11.06 1.75
N ILE G 457 40.67 11.58 2.46
CA ILE G 457 40.51 11.35 3.89
C ILE G 457 39.26 10.52 4.08
N THR G 458 39.37 9.43 4.84
CA THR G 458 38.27 8.51 4.97
C THR G 458 38.18 8.00 6.39
N GLN G 459 37.13 7.24 6.66
CA GLN G 459 36.89 6.65 7.97
C GLN G 459 36.66 5.16 7.81
N MET G 460 37.41 4.37 8.57
CA MET G 460 37.26 2.92 8.56
C MET G 460 36.74 2.47 9.91
N LEU G 461 36.05 1.34 9.92
CA LEU G 461 35.45 0.87 11.16
C LEU G 461 36.20 -0.29 11.80
N GLN G 462 37.02 -1.01 11.06
CA GLN G 462 37.97 -1.96 11.62
C GLN G 462 39.37 -1.64 11.16
N TYR G 463 40.33 -2.42 11.64
CA TYR G 463 41.74 -2.19 11.33
C TYR G 463 42.21 -3.00 10.13
N HIS G 464 41.64 -4.18 9.90
CA HIS G 464 42.04 -4.96 8.74
C HIS G 464 41.52 -4.32 7.45
N ASN G 465 40.36 -3.70 7.50
CA ASN G 465 39.88 -2.98 6.32
C ASN G 465 40.71 -1.72 6.09
N LYS G 466 41.30 -1.16 7.14
CA LYS G 466 42.30 -0.12 6.95
C LYS G 466 43.56 -0.68 6.31
N ALA G 467 43.90 -1.94 6.61
CA ALA G 467 45.09 -2.54 6.03
C ALA G 467 44.91 -2.80 4.54
N HIS G 468 43.68 -3.06 4.10
CA HIS G 468 43.42 -3.24 2.67
C HIS G 468 43.63 -1.97 1.86
N LEU G 469 43.56 -0.80 2.49
CA LEU G 469 43.69 0.44 1.75
C LEU G 469 45.11 0.71 1.31
N LEU G 470 46.10 0.18 2.02
CA LEU G 470 47.47 0.41 1.60
C LEU G 470 47.85 -0.40 0.37
N ASN G 471 47.13 -1.48 0.09
CA ASN G 471 47.36 -2.29 -1.08
C ASN G 471 46.93 -1.61 -2.37
N ILE G 472 46.16 -0.53 -2.28
CA ILE G 472 45.74 0.20 -3.47
C ILE G 472 46.95 0.91 -4.09
N PRO G 473 47.16 0.81 -5.40
CA PRO G 473 48.42 1.30 -5.98
C PRO G 473 48.57 2.81 -6.03
N SER G 474 47.57 3.57 -5.64
CA SER G 474 47.71 5.01 -5.62
C SER G 474 47.54 5.61 -4.23
N TRP G 475 47.29 4.79 -3.22
CA TRP G 475 47.08 5.26 -1.86
C TRP G 475 48.43 5.67 -1.26
N ASN G 476 48.75 6.94 -1.36
CA ASN G 476 50.05 7.45 -0.93
C ASN G 476 49.85 8.29 0.32
N TRP G 477 50.15 7.71 1.48
CA TRP G 477 49.96 8.42 2.74
C TRP G 477 51.00 9.51 2.95
N LYS G 478 52.10 9.48 2.19
CA LYS G 478 53.12 10.51 2.31
C LYS G 478 52.58 11.88 1.92
N GLU G 479 51.68 11.92 0.95
CA GLU G 479 51.08 13.18 0.55
C GLU G 479 49.81 13.49 1.31
N GLY G 480 49.28 12.56 2.10
CA GLY G 480 48.18 12.89 2.97
C GLY G 480 46.93 12.03 2.84
N ASP G 481 47.04 10.85 2.26
CA ASP G 481 45.90 9.93 2.27
C ASP G 481 45.81 9.31 3.65
N ASP G 482 45.01 9.91 4.51
CA ASP G 482 44.85 9.41 5.87
C ASP G 482 43.59 8.58 5.98
N ALA G 483 43.67 7.50 6.74
CA ALA G 483 42.52 6.67 7.05
C ALA G 483 42.28 6.76 8.55
N ILE G 484 41.20 7.43 8.93
CA ILE G 484 40.87 7.59 10.34
C ILE G 484 40.13 6.35 10.80
N CYS G 485 40.85 5.39 11.35
CA CYS G 485 40.23 4.14 11.79
C CYS G 485 39.61 4.37 13.16
N LEU G 486 38.31 4.12 13.26
CA LEU G 486 37.61 4.40 14.51
C LEU G 486 37.83 3.32 15.54
N ALA G 487 38.10 2.08 15.12
CA ALA G 487 38.38 1.02 16.09
C ALA G 487 39.73 1.24 16.75
N GLU G 488 40.76 1.52 15.95
CA GLU G 488 42.09 1.77 16.48
C GLU G 488 42.10 3.01 17.35
N LEU G 489 41.38 4.05 16.96
CA LEU G 489 41.42 5.28 17.73
C LEU G 489 40.60 5.18 19.01
N LYS G 490 39.46 4.49 18.99
CA LYS G 490 38.69 4.42 20.23
C LYS G 490 39.35 3.50 21.24
N LEU G 491 40.02 2.43 20.80
CA LEU G 491 40.66 1.56 21.76
C LEU G 491 41.97 2.14 22.24
N GLY G 492 42.63 2.93 21.40
CA GLY G 492 43.85 3.58 21.85
C GLY G 492 43.57 4.71 22.81
N PHE G 493 42.48 5.44 22.61
CA PHE G 493 42.07 6.49 23.56
C PHE G 493 41.74 5.87 24.91
N ILE G 494 41.11 4.70 24.89
CA ILE G 494 40.79 4.00 26.13
C ILE G 494 42.06 3.52 26.83
N ALA G 495 43.01 2.99 26.07
CA ALA G 495 44.24 2.47 26.68
C ALA G 495 45.12 3.58 27.22
N GLN G 496 45.18 4.71 26.53
CA GLN G 496 45.91 5.85 27.08
C GLN G 496 45.21 6.40 28.31
N SER G 497 43.90 6.23 28.40
CA SER G 497 43.24 6.57 29.65
C SER G 497 43.33 5.45 30.68
N CYS G 498 43.75 4.25 30.28
CA CYS G 498 44.05 3.23 31.27
C CYS G 498 45.32 3.58 32.04
N LEU G 499 46.22 4.31 31.42
CA LEU G 499 47.40 4.78 32.15
C LEU G 499 47.06 5.97 33.03
N ALA G 500 46.62 7.07 32.44
CA ALA G 500 46.22 8.25 33.18
C ALA G 500 44.72 8.46 32.95
N GLN G 501 43.93 8.27 34.00
CA GLN G 501 42.49 8.20 33.86
C GLN G 501 41.91 9.56 33.52
N GLY G 502 41.10 9.60 32.47
CA GLY G 502 40.50 10.83 32.01
C GLY G 502 41.23 11.49 30.86
N LEU G 503 42.23 10.83 30.28
CA LEU G 503 42.94 11.41 29.16
C LEU G 503 42.08 11.43 27.90
N SER G 504 41.25 10.39 27.72
CA SER G 504 40.44 10.26 26.51
C SER G 504 39.43 11.40 26.38
N THR G 505 38.94 11.91 27.51
CA THR G 505 38.09 13.09 27.48
C THR G 505 38.89 14.31 27.03
N MET G 506 40.11 14.46 27.54
CA MET G 506 40.95 15.61 27.20
C MET G 506 41.33 15.59 25.73
N LEU G 507 41.71 14.42 25.21
CA LEU G 507 42.08 14.30 23.81
C LEU G 507 40.89 14.54 22.91
N ALA G 508 39.72 13.99 23.26
CA ALA G 508 38.55 14.19 22.42
C ALA G 508 38.06 15.63 22.46
N ASN G 509 38.31 16.34 23.55
CA ASN G 509 37.97 17.75 23.60
C ASN G 509 38.98 18.62 22.87
N LEU G 510 40.17 18.08 22.58
CA LEU G 510 41.18 18.85 21.89
C LEU G 510 40.91 19.04 20.41
N PHE G 511 39.91 18.39 19.84
CA PHE G 511 39.64 18.49 18.42
C PHE G 511 38.27 19.02 18.09
N SER G 512 37.31 18.97 19.01
CA SER G 512 36.06 19.67 18.81
C SER G 512 36.29 21.16 18.97
N MET G 513 35.99 21.92 17.92
CA MET G 513 36.18 23.36 17.97
C MET G 513 35.11 23.98 18.85
N ARG G 514 35.51 24.44 20.03
CA ARG G 514 34.58 25.02 20.99
C ARG G 514 35.03 26.43 21.33
N SER G 515 34.11 27.37 21.27
CA SER G 515 34.40 28.71 21.75
C SER G 515 34.37 28.73 23.27
N PHE G 516 34.83 29.83 23.85
CA PHE G 516 34.80 29.98 25.28
C PHE G 516 33.37 30.23 25.76
N ILE G 517 32.96 29.48 26.78
CA ILE G 517 31.67 29.68 27.42
C ILE G 517 31.94 30.09 28.86
N LYS G 518 31.50 31.30 29.22
CA LYS G 518 31.74 31.82 30.55
C LYS G 518 30.60 31.42 31.48
N ILE G 519 30.96 30.74 32.56
CA ILE G 519 30.01 30.32 33.59
C ILE G 519 30.22 31.21 34.80
N GLU G 520 29.14 31.84 35.26
CA GLU G 520 29.24 32.80 36.35
C GLU G 520 29.27 32.13 37.72
N GLU G 521 28.70 30.92 37.85
CA GLU G 521 28.65 30.25 39.12
C GLU G 521 29.98 29.59 39.45
N ASP G 522 30.00 28.86 40.56
CA ASP G 522 31.16 28.07 40.93
C ASP G 522 30.74 26.61 40.92
N THR G 523 30.79 26.01 39.74
CA THR G 523 30.49 24.60 39.53
C THR G 523 31.75 23.92 39.00
N TRP G 524 31.67 22.60 38.84
CA TRP G 524 32.75 21.90 38.17
C TRP G 524 32.79 22.23 36.68
N GLN G 525 31.64 22.61 36.12
CA GLN G 525 31.58 22.94 34.71
C GLN G 525 32.28 24.25 34.40
N LYS G 526 32.42 25.13 35.39
CA LYS G 526 33.02 26.44 35.17
C LYS G 526 34.49 26.33 34.84
N TYR G 527 35.19 25.38 35.46
CA TYR G 527 36.58 25.16 35.13
C TYR G 527 36.75 24.11 34.04
N TYR G 528 35.78 23.20 33.92
CA TYR G 528 35.83 22.22 32.85
C TYR G 528 35.68 22.88 31.48
N LEU G 529 34.77 23.85 31.37
CA LEU G 529 34.56 24.52 30.09
C LEU G 529 35.74 25.37 29.69
N GLU G 530 36.49 25.90 30.65
CA GLU G 530 37.73 26.57 30.32
C GLU G 530 38.78 25.60 29.81
N GLY G 531 38.72 24.34 30.26
CA GLY G 531 39.54 23.32 29.64
C GLY G 531 39.04 22.92 28.28
N VAL G 532 37.74 23.03 28.04
CA VAL G 532 37.15 22.60 26.78
C VAL G 532 37.55 23.54 25.64
N SER G 533 37.64 24.84 25.92
CA SER G 533 37.83 25.84 24.88
C SER G 533 39.21 25.80 24.22
N ASN G 534 40.13 24.96 24.66
CA ASN G 534 41.43 24.83 24.01
C ASN G 534 41.37 23.78 22.91
N GLU G 535 42.08 24.05 21.82
CA GLU G 535 42.17 23.12 20.70
C GLU G 535 43.62 22.93 20.31
N MET G 536 43.89 21.84 19.62
CA MET G 536 45.23 21.56 19.13
C MET G 536 45.47 22.30 17.82
N TYR G 537 46.61 22.97 17.72
CA TYR G 537 46.95 23.74 16.54
C TYR G 537 48.36 23.41 16.09
N THR G 538 48.73 23.96 14.93
CA THR G 538 50.01 23.69 14.31
C THR G 538 50.57 24.98 13.75
N GLU G 539 51.86 25.22 14.00
CA GLU G 539 52.46 26.47 13.56
C GLU G 539 53.98 26.28 13.47
N TYR G 540 54.59 27.03 12.56
CA TYR G 540 56.05 27.13 12.53
C TYR G 540 56.54 28.07 13.61
N LEU G 541 57.84 28.02 13.86
CA LEU G 541 58.43 28.78 14.95
C LEU G 541 59.20 29.99 14.42
N SER G 542 59.50 30.90 15.33
CA SER G 542 60.31 32.07 15.00
C SER G 542 61.75 31.65 14.66
N SER G 543 62.46 32.55 13.98
CA SER G 543 63.89 32.37 13.83
C SER G 543 64.61 32.63 15.14
N ALA G 544 64.01 33.38 16.05
CA ALA G 544 64.64 33.68 17.34
C ALA G 544 64.68 32.47 18.25
N PHE G 545 63.88 31.44 17.99
CA PHE G 545 63.89 30.24 18.81
C PHE G 545 64.91 29.21 18.36
N VAL G 546 65.47 29.39 17.17
CA VAL G 546 66.41 28.41 16.62
C VAL G 546 67.69 28.40 17.43
N GLY G 547 68.21 27.21 17.70
CA GLY G 547 69.38 27.05 18.52
C GLY G 547 69.11 26.89 20.00
N LEU G 548 67.90 27.21 20.45
CA LEU G 548 67.54 27.01 21.85
C LEU G 548 67.16 25.56 22.09
N SER G 549 66.96 25.23 23.35
CA SER G 549 66.54 23.88 23.70
C SER G 549 65.03 23.80 23.77
N PHE G 550 64.52 22.57 23.64
CA PHE G 550 63.07 22.35 23.71
C PHE G 550 62.44 22.73 25.04
N PRO G 551 62.99 22.39 26.23
CA PRO G 551 62.36 22.90 27.46
C PRO G 551 62.46 24.40 27.60
N THR G 552 63.46 25.03 26.97
CA THR G 552 63.58 26.48 27.02
C THR G 552 62.43 27.14 26.27
N VAL G 553 62.16 26.69 25.04
CA VAL G 553 61.14 27.35 24.23
C VAL G 553 59.74 27.06 24.75
N CYS G 554 59.51 25.87 25.33
CA CYS G 554 58.22 25.62 25.94
C CYS G 554 58.00 26.47 27.18
N GLU G 555 59.06 26.71 27.96
CA GLU G 555 58.91 27.55 29.15
C GLU G 555 58.63 29.00 28.76
N LEU G 556 59.37 29.52 27.78
CA LEU G 556 59.21 30.94 27.45
C LEU G 556 57.93 31.22 26.68
N CYS G 557 57.46 30.28 25.84
CA CYS G 557 56.18 30.53 25.18
C CYS G 557 55.04 30.42 26.17
N PHE G 558 55.19 29.60 27.20
CA PHE G 558 54.19 29.53 28.25
C PHE G 558 54.11 30.83 29.04
N VAL G 559 55.26 31.41 29.39
CA VAL G 559 55.22 32.55 30.30
C VAL G 559 55.05 33.88 29.56
N LYS G 560 55.48 33.96 28.31
CA LYS G 560 55.36 35.20 27.54
C LYS G 560 54.18 35.18 26.58
N LEU G 561 54.04 34.10 25.82
CA LEU G 561 53.00 34.03 24.80
C LEU G 561 51.75 33.33 25.27
N LYS G 562 51.80 32.67 26.44
CA LYS G 562 50.68 31.93 27.03
C LYS G 562 50.16 30.84 26.10
N LEU G 563 51.09 30.11 25.49
CA LEU G 563 50.75 28.96 24.66
C LEU G 563 51.46 27.74 25.20
N LEU G 564 50.83 26.58 25.08
CA LEU G 564 51.39 25.33 25.54
C LEU G 564 51.84 24.51 24.34
N MET G 565 53.15 24.40 24.17
CA MET G 565 53.70 23.58 23.10
C MET G 565 53.81 22.14 23.58
N ILE G 566 53.54 21.19 22.69
CA ILE G 566 53.52 19.78 23.06
C ILE G 566 54.60 19.02 22.33
N ALA G 567 54.54 19.02 21.00
CA ALA G 567 55.50 18.26 20.22
C ALA G 567 56.16 19.13 19.17
N ILE G 568 56.90 18.51 18.25
CA ILE G 568 57.79 19.24 17.36
C ILE G 568 57.89 18.48 16.05
N GLU G 569 58.34 19.18 15.01
CA GLU G 569 58.71 18.52 13.77
C GLU G 569 59.89 19.23 13.10
N SER G 577 63.77 16.44 13.57
CA SER G 577 62.75 17.10 12.76
C SER G 577 61.63 16.13 12.39
N ARG G 578 61.52 15.05 13.15
CA ARG G 578 60.43 14.10 12.99
C ARG G 578 59.31 14.46 13.97
N ILE G 579 58.30 13.60 14.11
CA ILE G 579 57.07 13.98 14.79
C ILE G 579 57.11 13.51 16.24
N LEU G 580 58.30 13.31 16.77
CA LEU G 580 58.48 12.85 18.14
C LEU G 580 58.00 13.88 19.16
N ILE G 581 57.36 13.39 20.22
CA ILE G 581 56.75 14.24 21.23
C ILE G 581 57.72 14.44 22.37
N ASN G 582 57.84 15.69 22.83
CA ASN G 582 58.58 16.12 24.01
C ASN G 582 60.03 15.65 24.02
N PRO G 583 60.91 16.21 23.20
CA PRO G 583 62.32 15.83 23.28
C PRO G 583 62.96 16.44 24.52
N GLY G 584 64.13 15.90 24.86
CA GLY G 584 64.85 16.37 26.02
C GLY G 584 65.51 17.72 25.81
N ASN G 585 66.35 18.08 26.77
CA ASN G 585 67.13 19.30 26.66
C ASN G 585 68.32 19.14 25.72
N HIS G 586 68.65 17.91 25.34
CA HIS G 586 69.80 17.68 24.47
C HIS G 586 69.49 18.04 23.02
N LEU G 587 68.23 17.97 22.61
CA LEU G 587 67.87 18.29 21.24
C LEU G 587 67.55 19.76 21.12
N LYS G 588 68.17 20.42 20.14
CA LYS G 588 68.01 21.85 19.95
C LYS G 588 67.05 22.13 18.80
N ILE G 589 66.62 23.39 18.73
CA ILE G 589 65.63 23.81 17.74
C ILE G 589 66.32 23.97 16.39
N GLN G 590 65.92 23.15 15.43
CA GLN G 590 66.33 23.31 14.05
C GLN G 590 65.56 24.48 13.44
N GLU G 591 66.13 25.08 12.40
CA GLU G 591 65.41 26.12 11.69
C GLU G 591 64.36 25.49 10.78
N GLY G 592 63.12 25.96 10.90
CA GLY G 592 62.04 25.43 10.08
C GLY G 592 61.40 24.21 10.69
N THR G 593 60.93 24.33 11.93
CA THR G 593 60.23 23.26 12.60
C THR G 593 58.77 23.62 12.83
N LEU G 594 57.94 22.58 12.89
CA LEU G 594 56.52 22.72 13.17
C LEU G 594 56.27 22.53 14.65
N GLY G 595 55.55 23.47 15.26
CA GLY G 595 55.20 23.35 16.65
C GLY G 595 53.75 22.97 16.83
N PHE G 596 53.49 21.84 17.47
CA PHE G 596 52.13 21.46 17.83
C PHE G 596 51.77 22.17 19.14
N PHE G 597 50.75 23.00 19.11
CA PHE G 597 50.40 23.81 20.27
C PHE G 597 49.00 23.47 20.76
N ILE G 598 48.67 24.00 21.93
CA ILE G 598 47.34 23.92 22.50
C ILE G 598 46.97 25.33 22.93
N ALA G 599 45.99 25.92 22.27
CA ALA G 599 45.58 27.27 22.61
C ALA G 599 44.08 27.38 22.35
N SER G 600 43.52 28.51 22.77
CA SER G 600 42.08 28.70 22.65
C SER G 600 41.65 29.14 21.26
N ASP G 601 42.59 29.50 20.40
CA ASP G 601 42.24 30.16 19.14
C ASP G 601 43.39 29.96 18.16
N ALA G 602 43.22 30.50 16.96
CA ALA G 602 44.25 30.42 15.93
C ALA G 602 45.10 31.67 15.84
N LYS G 603 44.52 32.85 16.05
CA LYS G 603 45.32 34.06 16.05
C LYS G 603 46.19 34.17 17.29
N GLU G 604 45.91 33.38 18.33
CA GLU G 604 46.84 33.28 19.45
C GLU G 604 48.10 32.55 19.05
N VAL G 605 47.98 31.44 18.31
CA VAL G 605 49.16 30.70 17.92
C VAL G 605 49.85 31.32 16.72
N LYS G 606 49.28 32.40 16.16
CA LYS G 606 50.03 33.20 15.19
C LYS G 606 51.23 33.90 15.80
N ARG G 607 51.29 34.06 17.12
CA ARG G 607 52.44 34.61 17.82
C ARG G 607 53.52 33.57 18.08
N ALA G 608 53.41 32.38 17.52
CA ALA G 608 54.44 31.37 17.70
C ALA G 608 55.62 31.58 16.77
N PHE G 609 55.42 32.28 15.66
CA PHE G 609 56.54 32.66 14.80
C PHE G 609 56.63 34.16 14.61
N PHE G 610 55.72 34.92 15.21
CA PHE G 610 55.79 36.38 15.20
C PHE G 610 56.54 36.89 16.42
N TYR G 611 57.73 36.38 16.68
CA TYR G 611 58.49 36.76 17.87
C TYR G 611 59.92 37.07 17.51
N CYS G 612 60.34 38.30 17.82
CA CYS G 612 61.73 38.70 17.71
C CYS G 612 62.21 39.49 18.93
N LYS G 613 61.28 40.08 19.70
CA LYS G 613 61.53 41.12 20.71
C LYS G 613 62.27 42.32 20.13
N ALA G 614 62.07 42.56 18.85
CA ALA G 614 62.63 43.65 18.05
C ALA G 614 61.90 43.61 16.71
N CYS G 615 62.27 44.53 15.81
CA CYS G 615 61.69 44.69 14.47
C CYS G 615 60.17 44.84 14.47
N SER G 681 71.35 -13.05 26.11
CA SER G 681 71.07 -11.79 25.45
C SER G 681 70.49 -12.02 24.06
N ASN G 682 70.22 -13.28 23.74
CA ASN G 682 69.65 -13.66 22.47
C ASN G 682 68.13 -13.71 22.48
N VAL G 683 67.51 -13.52 23.65
CA VAL G 683 66.07 -13.68 23.79
C VAL G 683 65.34 -12.49 23.17
N LYS G 684 64.13 -12.75 22.70
CA LYS G 684 63.34 -11.75 21.99
C LYS G 684 62.48 -11.01 23.01
N LYS G 685 62.98 -9.87 23.48
CA LYS G 685 62.25 -9.06 24.45
C LYS G 685 61.39 -7.98 23.81
N TYR G 686 61.52 -7.75 22.50
CA TYR G 686 60.77 -6.72 21.82
C TYR G 686 60.33 -7.27 20.48
N ASP G 687 59.73 -6.41 19.66
CA ASP G 687 59.27 -6.80 18.34
C ASP G 687 60.42 -6.64 17.35
N SER G 688 60.11 -6.80 16.06
CA SER G 688 61.11 -6.61 15.01
C SER G 688 61.51 -5.16 14.82
N THR G 689 60.73 -4.21 15.33
CA THR G 689 61.02 -2.80 15.16
C THR G 689 61.55 -2.13 16.41
N GLY G 690 61.33 -2.73 17.58
CA GLY G 690 61.76 -2.13 18.82
C GLY G 690 60.77 -1.19 19.46
N MET G 691 59.50 -1.25 19.05
CA MET G 691 58.50 -0.31 19.55
C MET G 691 57.63 -0.90 20.65
N PHE G 692 57.39 -2.19 20.65
CA PHE G 692 56.55 -2.85 21.64
C PHE G 692 57.33 -3.95 22.36
N HIS G 693 56.70 -4.51 23.38
CA HIS G 693 57.21 -5.74 23.97
C HIS G 693 56.65 -6.94 23.20
N TRP G 694 57.32 -8.07 23.33
CA TRP G 694 56.92 -9.24 22.56
C TRP G 694 57.40 -10.47 23.31
N CYS G 695 56.61 -11.54 23.26
CA CYS G 695 56.96 -12.79 23.88
C CYS G 695 56.66 -13.92 22.91
N ALA G 696 56.97 -15.14 23.34
CA ALA G 696 56.79 -16.32 22.51
C ALA G 696 55.31 -16.57 22.25
N PRO G 697 54.96 -17.06 21.06
CA PRO G 697 53.54 -17.30 20.74
C PRO G 697 52.93 -18.42 21.56
N LYS G 698 52.09 -18.05 22.50
CA LYS G 698 51.57 -19.01 23.47
C LYS G 698 50.40 -19.80 22.88
N GLU G 699 50.00 -20.82 23.61
CA GLU G 699 48.78 -21.57 23.35
C GLU G 699 47.70 -21.02 24.28
N ILE G 700 46.44 -21.11 23.84
CA ILE G 700 45.36 -20.43 24.55
C ILE G 700 45.07 -21.04 25.92
N GLU G 701 45.48 -22.28 26.16
CA GLU G 701 45.31 -22.83 27.49
C GLU G 701 46.30 -22.28 28.50
N LYS G 702 47.41 -21.74 28.03
CA LYS G 702 48.43 -21.20 28.93
C LYS G 702 48.00 -19.90 29.59
N VAL G 703 46.95 -19.25 29.09
CA VAL G 703 46.47 -18.00 29.66
C VAL G 703 45.06 -18.10 30.19
N ILE G 704 44.29 -19.13 29.83
CA ILE G 704 42.96 -19.32 30.36
C ILE G 704 43.07 -19.69 31.84
N LEU G 705 42.40 -18.93 32.69
CA LEU G 705 42.33 -19.23 34.11
C LEU G 705 40.90 -19.60 34.45
N THR G 706 40.74 -20.56 35.36
CA THR G 706 39.42 -20.78 35.94
C THR G 706 39.25 -19.80 37.10
N ARG G 707 38.07 -19.86 37.73
CA ARG G 707 37.75 -18.89 38.77
C ARG G 707 38.58 -19.11 40.02
N SER G 708 38.90 -20.35 40.35
CA SER G 708 39.78 -20.63 41.48
C SER G 708 41.21 -20.22 41.17
N GLU G 709 41.64 -20.42 39.93
CA GLU G 709 43.00 -20.04 39.53
C GLU G 709 43.15 -18.52 39.54
N ALA G 710 42.11 -17.80 39.13
CA ALA G 710 42.15 -16.35 39.20
C ALA G 710 42.03 -15.86 40.64
N ALA G 711 41.37 -16.64 41.49
CA ALA G 711 41.30 -16.28 42.90
C ALA G 711 42.65 -16.43 43.59
N MET G 712 43.45 -17.40 43.15
CA MET G 712 44.76 -17.60 43.77
C MET G 712 45.74 -16.51 43.37
N THR G 713 45.75 -16.13 42.10
CA THR G 713 46.72 -15.16 41.61
C THR G 713 46.28 -13.76 42.04
N VAL G 714 47.08 -13.12 42.90
CA VAL G 714 46.79 -11.76 43.31
C VAL G 714 47.12 -10.81 42.16
N LEU G 715 46.16 -9.97 41.79
CA LEU G 715 46.32 -9.01 40.71
C LEU G 715 46.00 -7.63 41.26
N SER G 716 47.01 -6.77 41.31
CA SER G 716 46.81 -5.39 41.73
C SER G 716 47.38 -4.48 40.66
N GLY G 717 46.78 -3.31 40.47
CA GLY G 717 47.22 -2.35 39.49
C GLY G 717 47.09 -2.87 38.07
N HIS G 718 46.10 -3.73 37.85
CA HIS G 718 45.92 -4.42 36.58
C HIS G 718 44.72 -3.83 35.84
N VAL G 719 44.47 -4.36 34.65
CA VAL G 719 43.39 -3.86 33.80
C VAL G 719 42.43 -5.00 33.50
N VAL G 720 41.15 -4.81 33.81
CA VAL G 720 40.14 -5.83 33.58
C VAL G 720 39.27 -5.40 32.41
N VAL G 721 39.28 -6.18 31.34
CA VAL G 721 38.54 -5.86 30.13
C VAL G 721 37.34 -6.79 30.04
N CYS G 722 36.17 -6.26 30.39
CA CYS G 722 34.92 -7.00 30.29
C CYS G 722 34.39 -6.90 28.88
N ILE G 723 33.95 -8.01 28.31
CA ILE G 723 33.56 -8.09 26.91
C ILE G 723 32.25 -8.84 26.81
N PHE G 724 31.25 -8.21 26.18
CA PHE G 724 29.98 -8.87 25.89
C PHE G 724 30.01 -9.33 24.44
N GLY G 725 30.62 -10.49 24.23
CA GLY G 725 30.80 -11.03 22.89
C GLY G 725 29.96 -12.27 22.64
N ASP G 726 30.15 -12.82 21.44
CA ASP G 726 29.42 -13.99 20.99
C ASP G 726 30.18 -14.61 19.82
N VAL G 727 29.63 -15.70 19.29
CA VAL G 727 30.20 -16.28 18.08
C VAL G 727 29.90 -15.42 16.87
N SER G 728 28.75 -14.75 16.86
CA SER G 728 28.25 -14.09 15.67
C SER G 728 28.64 -12.62 15.59
N SER G 729 29.05 -12.03 16.71
CA SER G 729 29.32 -10.60 16.75
C SER G 729 30.62 -10.28 16.00
N ALA G 730 30.72 -9.03 15.56
CA ALA G 730 31.88 -8.61 14.81
C ALA G 730 33.08 -8.45 15.73
N LEU G 731 34.27 -8.56 15.14
CA LEU G 731 35.49 -8.50 15.92
C LEU G 731 35.77 -7.06 16.35
N ILE G 732 36.09 -6.89 17.62
CA ILE G 732 36.41 -5.55 18.13
C ILE G 732 37.78 -5.11 17.62
N GLY G 733 38.76 -6.01 17.65
CA GLY G 733 40.11 -5.61 17.29
C GLY G 733 40.92 -5.25 18.50
N LEU G 734 40.96 -6.16 19.47
CA LEU G 734 41.55 -5.90 20.78
C LEU G 734 43.05 -5.69 20.75
N ARG G 735 43.72 -5.98 19.64
CA ARG G 735 45.14 -5.68 19.52
C ARG G 735 45.39 -4.18 19.63
N ASN G 736 44.46 -3.36 19.15
CA ASN G 736 44.61 -1.93 19.27
C ASN G 736 44.38 -1.42 20.68
N LEU G 737 43.85 -2.25 21.56
CA LEU G 737 43.75 -1.93 22.98
C LEU G 737 44.97 -2.41 23.75
N VAL G 738 45.48 -3.58 23.38
CA VAL G 738 46.59 -4.18 24.12
C VAL G 738 47.92 -3.53 23.76
N MET G 739 48.11 -3.21 22.47
CA MET G 739 49.38 -2.66 22.00
C MET G 739 49.82 -1.34 22.63
N PRO G 740 48.95 -0.37 22.97
CA PRO G 740 49.46 0.79 23.71
C PRO G 740 49.80 0.48 25.15
N LEU G 741 49.34 -0.64 25.70
CA LEU G 741 49.72 -1.06 27.03
C LEU G 741 50.93 -1.97 27.03
N ARG G 742 51.58 -2.14 25.89
CA ARG G 742 52.79 -2.96 25.79
C ARG G 742 53.90 -2.18 25.09
N ALA G 743 53.86 -0.86 25.17
CA ALA G 743 54.87 -0.04 24.53
C ALA G 743 56.19 -0.13 25.28
N SER G 744 57.29 0.05 24.56
CA SER G 744 58.60 -0.19 25.15
C SER G 744 59.11 0.98 25.97
N ASN G 745 58.35 2.05 26.14
CA ASN G 745 58.77 3.06 27.11
C ASN G 745 58.26 2.75 28.51
N PHE G 746 57.79 1.54 28.74
CA PHE G 746 57.54 1.01 30.06
C PHE G 746 58.54 -0.10 30.34
N HIS G 747 59.00 -0.19 31.58
CA HIS G 747 59.77 -1.35 31.97
C HIS G 747 58.85 -2.56 32.12
N TYR G 748 59.45 -3.74 32.12
CA TYR G 748 58.68 -4.98 32.20
C TYR G 748 57.98 -5.13 33.53
N HIS G 749 58.54 -4.54 34.60
CA HIS G 749 57.81 -4.53 35.85
C HIS G 749 56.74 -3.44 35.89
N GLU G 750 56.85 -2.42 35.04
CA GLU G 750 55.87 -1.35 35.00
C GLU G 750 54.70 -1.65 34.09
N LEU G 751 54.67 -2.82 33.47
CA LEU G 751 53.53 -3.20 32.65
C LEU G 751 52.32 -3.50 33.54
N LYS G 752 51.15 -3.49 32.93
CA LYS G 752 49.91 -3.78 33.63
C LYS G 752 49.34 -5.08 33.12
N HIS G 753 48.95 -5.95 34.04
CA HIS G 753 48.35 -7.22 33.65
C HIS G 753 46.96 -6.99 33.09
N ILE G 754 46.61 -7.77 32.07
CA ILE G 754 45.35 -7.62 31.37
C ILE G 754 44.61 -8.95 31.43
N VAL G 755 43.40 -8.94 31.97
CA VAL G 755 42.57 -10.11 32.06
C VAL G 755 41.25 -9.83 31.34
N PHE G 756 40.88 -10.72 30.44
CA PHE G 756 39.65 -10.58 29.67
C PHE G 756 38.57 -11.44 30.30
N VAL G 757 37.48 -10.81 30.73
CA VAL G 757 36.34 -11.49 31.30
C VAL G 757 35.22 -11.48 30.29
N GLY G 758 34.89 -12.65 29.76
CA GLY G 758 33.85 -12.73 28.76
C GLY G 758 33.66 -14.15 28.30
N SER G 759 32.95 -14.29 27.18
CA SER G 759 32.74 -15.62 26.61
C SER G 759 34.02 -16.10 25.93
N ILE G 760 34.31 -17.39 26.09
CA ILE G 760 35.54 -17.94 25.53
C ILE G 760 35.44 -18.13 24.03
N GLU G 761 34.22 -18.14 23.47
CA GLU G 761 34.06 -18.32 22.04
C GLU G 761 34.55 -17.09 21.28
N TYR G 762 34.13 -15.91 21.74
CA TYR G 762 34.54 -14.67 21.10
C TYR G 762 36.04 -14.43 21.26
N LEU G 763 36.58 -14.74 22.44
CA LEU G 763 38.01 -14.63 22.65
C LEU G 763 38.78 -15.65 21.84
N LYS G 764 38.18 -16.81 21.56
CA LYS G 764 38.80 -17.77 20.66
C LYS G 764 38.90 -17.22 19.25
N ARG G 765 37.90 -16.45 18.83
CA ARG G 765 37.95 -15.85 17.51
C ARG G 765 39.01 -14.77 17.42
N GLU G 766 39.39 -14.17 18.53
CA GLU G 766 40.27 -13.01 18.50
C GLU G 766 41.67 -13.27 19.00
N TRP G 767 41.94 -14.41 19.63
CA TRP G 767 43.20 -14.57 20.35
C TRP G 767 44.43 -14.70 19.45
N GLU G 768 44.25 -15.02 18.18
CA GLU G 768 45.40 -15.19 17.29
C GLU G 768 46.08 -13.88 16.92
N THR G 769 45.58 -12.74 17.37
CA THR G 769 46.28 -11.48 17.23
C THR G 769 46.91 -11.02 18.54
N LEU G 770 46.43 -11.53 19.67
CA LEU G 770 46.91 -11.13 20.99
C LEU G 770 47.98 -12.06 21.53
N HIS G 771 48.27 -13.16 20.85
CA HIS G 771 48.99 -14.26 21.45
C HIS G 771 50.50 -14.06 21.49
N ASN G 772 51.00 -12.85 21.31
CA ASN G 772 52.41 -12.55 21.39
C ASN G 772 52.68 -11.43 22.38
N PHE G 773 51.89 -11.38 23.45
CA PHE G 773 52.04 -10.33 24.44
C PHE G 773 52.23 -10.93 25.82
N PRO G 774 53.05 -10.30 26.67
CA PRO G 774 53.53 -10.97 27.90
C PRO G 774 52.48 -11.27 28.98
N LYS G 775 51.72 -10.26 29.39
CA LYS G 775 50.97 -10.34 30.64
C LYS G 775 49.47 -10.34 30.42
N VAL G 776 49.01 -11.15 29.46
CA VAL G 776 47.59 -11.24 29.12
C VAL G 776 47.03 -12.50 29.74
N SER G 777 45.87 -12.38 30.41
CA SER G 777 45.15 -13.52 30.95
C SER G 777 43.73 -13.50 30.43
N ILE G 778 43.02 -14.62 30.61
CA ILE G 778 41.65 -14.77 30.14
C ILE G 778 40.87 -15.54 31.20
N LEU G 779 39.77 -14.95 31.68
CA LEU G 779 38.83 -15.68 32.52
C LEU G 779 37.54 -15.89 31.73
N PRO G 780 37.25 -17.10 31.29
CA PRO G 780 36.02 -17.34 30.50
C PRO G 780 34.75 -17.36 31.36
N GLY G 781 34.22 -16.17 31.61
CA GLY G 781 33.00 -16.05 32.38
C GLY G 781 32.00 -15.07 31.80
N THR G 782 31.47 -14.19 32.66
CA THR G 782 30.47 -13.21 32.32
C THR G 782 30.78 -11.93 33.09
N PRO G 783 30.69 -10.76 32.45
CA PRO G 783 30.93 -9.52 33.20
C PRO G 783 29.84 -9.22 34.20
N LEU G 784 28.64 -9.72 34.01
CA LEU G 784 27.57 -9.46 34.96
C LEU G 784 27.65 -10.35 36.18
N SER G 785 28.39 -11.45 36.10
CA SER G 785 28.51 -12.35 37.25
C SER G 785 29.44 -11.73 38.27
N ARG G 786 28.91 -11.48 39.47
CA ARG G 786 29.66 -10.80 40.51
C ARG G 786 30.78 -11.69 41.07
N ALA G 787 30.64 -13.01 40.96
CA ALA G 787 31.67 -13.92 41.46
C ALA G 787 32.97 -13.78 40.68
N ASP G 788 32.89 -13.69 39.35
CA ASP G 788 34.08 -13.55 38.53
C ASP G 788 34.77 -12.21 38.74
N LEU G 789 34.00 -11.16 39.00
CA LEU G 789 34.62 -9.87 39.26
C LEU G 789 35.29 -9.84 40.62
N ARG G 790 34.76 -10.59 41.59
CA ARG G 790 35.45 -10.70 42.86
C ARG G 790 36.71 -11.55 42.73
N ALA G 791 36.72 -12.48 41.79
CA ALA G 791 37.88 -13.36 41.63
C ALA G 791 39.06 -12.62 41.02
N VAL G 792 38.81 -11.61 40.21
CA VAL G 792 39.89 -10.93 39.50
C VAL G 792 40.31 -9.69 40.26
N ASN G 793 39.76 -9.52 41.47
CA ASN G 793 40.07 -8.42 42.39
C ASN G 793 39.80 -7.07 41.74
N ILE G 794 38.52 -6.84 41.42
CA ILE G 794 38.11 -5.65 40.69
C ILE G 794 38.26 -4.39 41.52
N ASN G 795 38.37 -4.51 42.85
CA ASN G 795 38.61 -3.34 43.68
C ASN G 795 40.03 -2.84 43.58
N LEU G 796 40.96 -3.67 43.11
CA LEU G 796 42.37 -3.33 43.09
C LEU G 796 42.89 -3.00 41.70
N CYS G 797 42.03 -3.04 40.68
CA CYS G 797 42.45 -2.82 39.30
C CYS G 797 42.73 -1.34 39.10
N ASP G 798 43.48 -1.02 38.05
CA ASP G 798 43.77 0.37 37.73
C ASP G 798 42.71 0.94 36.80
N MET G 799 42.07 0.07 36.02
CA MET G 799 40.97 0.46 35.14
C MET G 799 40.16 -0.77 34.80
N CYS G 800 38.84 -0.61 34.74
CA CYS G 800 37.93 -1.63 34.25
C CYS G 800 37.28 -1.11 32.98
N VAL G 801 37.48 -1.82 31.88
CA VAL G 801 37.03 -1.37 30.56
C VAL G 801 35.89 -2.26 30.11
N ILE G 802 34.76 -1.66 29.81
CA ILE G 802 33.55 -2.39 29.43
C ILE G 802 33.26 -2.09 27.97
N LEU G 803 33.48 -3.07 27.11
CA LEU G 803 33.18 -2.97 25.69
C LEU G 803 32.10 -3.97 25.33
N SER G 804 31.56 -3.79 24.13
CA SER G 804 30.56 -4.72 23.62
C SER G 804 30.73 -4.85 22.12
N ALA G 805 30.80 -6.09 21.64
CA ALA G 805 30.86 -6.38 20.23
C ALA G 805 29.49 -6.43 19.58
N ASN G 806 28.43 -6.36 20.38
CA ASN G 806 27.05 -6.38 19.89
C ASN G 806 26.54 -4.96 19.68
N GLN G 807 27.45 -4.05 19.31
CA GLN G 807 27.15 -2.65 19.15
C GLN G 807 26.66 -2.30 17.75
N ASN G 808 26.46 -3.32 16.91
CA ASN G 808 26.12 -3.06 15.52
C ASN G 808 25.00 -3.94 15.00
N ASN G 809 24.71 -5.06 15.65
CA ASN G 809 23.74 -6.00 15.12
C ASN G 809 22.39 -6.01 15.84
N ILE G 810 22.28 -5.36 17.00
CA ILE G 810 21.00 -5.23 17.68
C ILE G 810 20.15 -4.16 17.00
N ASP G 811 18.90 -4.50 16.70
CA ASP G 811 17.95 -3.54 16.15
C ASP G 811 16.82 -3.40 17.16
N ASP G 812 17.04 -2.60 18.20
CA ASP G 812 15.97 -2.25 19.11
C ASP G 812 16.02 -0.74 19.31
N THR G 813 17.24 -0.19 19.22
CA THR G 813 17.58 1.22 19.50
C THR G 813 17.04 1.70 20.85
N SER G 814 16.97 0.79 21.81
CA SER G 814 16.53 1.14 23.16
C SER G 814 17.44 0.50 24.20
N LEU G 815 18.03 -0.63 23.84
CA LEU G 815 18.83 -1.42 24.77
C LEU G 815 20.08 -1.94 24.09
N GLN G 816 20.65 -1.11 23.22
CA GLN G 816 21.95 -1.41 22.63
C GLN G 816 23.02 -1.38 23.72
N ASP G 817 22.93 -0.39 24.59
CA ASP G 817 23.88 -0.23 25.69
C ASP G 817 23.32 -0.80 26.97
N LYS G 818 22.51 -1.86 26.88
CA LYS G 818 21.88 -2.41 28.06
C LYS G 818 22.91 -3.15 28.92
N GLU G 819 23.74 -3.95 28.27
CA GLU G 819 24.71 -4.77 28.98
C GLU G 819 25.78 -3.92 29.64
N CYS G 820 26.24 -2.88 28.94
CA CYS G 820 27.31 -2.05 29.47
C CYS G 820 26.83 -1.22 30.64
N ILE G 821 25.59 -0.76 30.60
CA ILE G 821 25.04 0.02 31.70
C ILE G 821 24.78 -0.88 32.91
N LEU G 822 24.31 -2.10 32.66
CA LEU G 822 24.08 -3.03 33.76
C LEU G 822 25.39 -3.46 34.42
N ALA G 823 26.44 -3.66 33.61
CA ALA G 823 27.72 -4.04 34.17
C ALA G 823 28.35 -2.90 34.95
N SER G 824 28.16 -1.66 34.48
CA SER G 824 28.68 -0.50 35.18
C SER G 824 28.01 -0.34 36.54
N LEU G 825 26.68 -0.49 36.58
CA LEU G 825 25.98 -0.37 37.86
C LEU G 825 26.25 -1.55 38.75
N ASN G 826 26.54 -2.72 38.18
CA ASN G 826 26.88 -3.89 38.97
C ASN G 826 28.19 -3.69 39.72
N ILE G 827 29.18 -3.12 39.05
CA ILE G 827 30.44 -2.83 39.73
C ILE G 827 30.26 -1.65 40.69
N LYS G 828 29.39 -0.70 40.35
CA LYS G 828 29.15 0.44 41.20
C LYS G 828 28.39 0.10 42.47
N SER G 829 27.85 -1.10 42.61
CA SER G 829 27.12 -1.45 43.81
C SER G 829 27.74 -2.58 44.61
N MET G 830 28.91 -3.07 44.22
CA MET G 830 29.53 -4.14 44.99
C MET G 830 30.17 -3.59 46.26
N GLN G 831 30.50 -4.49 47.17
CA GLN G 831 31.12 -4.11 48.42
C GLN G 831 32.18 -5.12 48.80
N PHE G 832 33.22 -4.65 49.47
CA PHE G 832 34.37 -5.47 49.80
C PHE G 832 34.73 -5.24 51.26
N ASP G 833 35.72 -6.00 51.74
CA ASP G 833 36.18 -5.87 53.11
C ASP G 833 37.64 -5.44 53.15
N THR G 871 35.57 -2.09 51.22
CA THR G 871 34.95 -0.83 50.88
C THR G 871 33.89 -1.02 49.80
N THR G 872 33.23 0.07 49.44
CA THR G 872 32.21 0.04 48.39
C THR G 872 32.87 0.18 47.02
N GLY G 873 32.14 -0.25 46.00
CA GLY G 873 32.67 -0.26 44.66
C GLY G 873 32.27 0.93 43.83
N VAL G 874 31.94 2.04 44.48
CA VAL G 874 31.64 3.26 43.74
C VAL G 874 32.91 4.00 43.35
N ASN G 875 34.05 3.63 43.92
CA ASN G 875 35.32 4.29 43.65
C ASN G 875 36.18 3.54 42.65
N ILE G 876 35.72 2.43 42.13
CA ILE G 876 36.48 1.69 41.12
C ILE G 876 36.47 2.47 39.82
N PRO G 877 37.61 2.74 39.21
CA PRO G 877 37.61 3.48 37.95
C PRO G 877 37.15 2.65 36.77
N ILE G 878 36.00 3.01 36.19
CA ILE G 878 35.41 2.27 35.09
C ILE G 878 35.37 3.16 33.87
N ILE G 879 35.66 2.60 32.70
CA ILE G 879 35.42 3.23 31.42
C ILE G 879 34.48 2.33 30.64
N THR G 880 33.35 2.86 30.22
CA THR G 880 32.40 2.11 29.43
C THR G 880 32.19 2.80 28.09
N GLU G 881 32.19 1.99 27.03
CA GLU G 881 31.98 2.52 25.70
C GLU G 881 30.49 2.46 25.36
N LEU G 882 29.98 3.56 24.83
CA LEU G 882 28.56 3.67 24.52
C LEU G 882 28.36 3.72 23.02
N VAL G 883 27.13 3.47 22.59
CA VAL G 883 26.74 3.58 21.20
C VAL G 883 25.81 4.77 20.99
N ASN G 884 24.64 4.74 21.60
CA ASN G 884 23.76 5.91 21.61
C ASN G 884 24.17 6.80 22.76
N ASP G 885 24.47 8.07 22.45
CA ASP G 885 25.00 8.98 23.45
C ASP G 885 23.95 9.39 24.46
N THR G 886 22.68 9.17 24.19
CA THR G 886 21.63 9.48 25.14
C THR G 886 21.61 8.53 26.33
N ASN G 887 22.30 7.40 26.25
CA ASN G 887 22.40 6.49 27.38
C ASN G 887 23.43 6.92 28.40
N VAL G 888 24.09 8.07 28.20
CA VAL G 888 25.14 8.48 29.12
C VAL G 888 24.57 8.94 30.44
N GLN G 889 23.27 9.22 30.49
CA GLN G 889 22.65 9.68 31.72
C GLN G 889 22.46 8.57 32.74
N PHE G 890 22.44 7.31 32.28
CA PHE G 890 22.19 6.20 33.18
C PHE G 890 23.44 5.75 33.91
N LEU G 891 24.61 6.26 33.54
CA LEU G 891 25.84 5.77 34.12
C LEU G 891 26.08 6.32 35.52
N ASP G 892 25.54 7.50 35.82
CA ASP G 892 25.72 8.11 37.11
C ASP G 892 24.37 8.37 37.77
N GLN G 893 24.39 8.54 39.08
CA GLN G 893 23.18 8.75 39.86
C GLN G 893 22.99 10.17 40.32
N ASP G 894 24.05 10.84 40.75
CA ASP G 894 23.95 12.14 41.38
C ASP G 894 23.93 13.29 40.40
N ASP G 895 24.27 13.06 39.14
CA ASP G 895 24.26 14.14 38.16
C ASP G 895 22.83 14.51 37.80
N ASP G 896 22.68 15.72 37.26
CA ASP G 896 21.38 16.20 36.79
C ASP G 896 21.32 15.90 35.30
N ASP G 897 20.59 14.86 34.95
CA ASP G 897 20.51 14.42 33.57
C ASP G 897 19.60 15.32 32.77
N ASP G 898 19.84 15.37 31.47
CA ASP G 898 19.04 16.11 30.51
C ASP G 898 19.30 15.56 29.12
N PRO G 899 18.26 15.33 28.32
CA PRO G 899 18.48 14.71 27.01
C PRO G 899 19.03 15.66 25.97
N ASP G 900 18.96 16.96 26.20
CA ASP G 900 19.38 17.94 25.22
C ASP G 900 20.80 18.44 25.45
N THR G 901 21.41 18.10 26.58
CA THR G 901 22.81 18.41 26.79
C THR G 901 23.66 17.54 25.87
N GLU G 902 24.72 18.11 25.33
CA GLU G 902 25.61 17.34 24.47
C GLU G 902 26.45 16.39 25.31
N LEU G 903 27.13 15.48 24.61
CA LEU G 903 27.87 14.43 25.30
C LEU G 903 29.09 15.00 26.02
N TYR G 904 29.71 16.04 25.46
CA TYR G 904 30.91 16.58 26.07
C TYR G 904 30.63 17.32 27.36
N LEU G 905 29.40 17.76 27.59
CA LEU G 905 29.06 18.54 28.76
C LEU G 905 28.46 17.68 29.86
N THR G 906 28.19 16.42 29.61
CA THR G 906 27.66 15.55 30.63
C THR G 906 28.72 15.21 31.66
N GLN G 907 28.27 14.82 32.84
CA GLN G 907 29.20 14.50 33.92
C GLN G 907 30.05 13.25 33.66
N PRO G 908 29.52 12.07 33.31
CA PRO G 908 30.41 10.90 33.25
C PRO G 908 31.31 10.89 32.03
N PHE G 909 31.09 11.77 31.06
CA PHE G 909 32.10 11.98 30.03
C PHE G 909 33.21 12.90 30.53
N ALA G 910 32.85 13.98 31.22
CA ALA G 910 33.83 14.95 31.68
C ALA G 910 34.73 14.35 32.73
N CYS G 911 34.24 13.39 33.50
CA CYS G 911 35.10 12.68 34.43
C CYS G 911 35.86 11.54 33.79
N GLY G 912 35.67 11.30 32.50
CA GLY G 912 36.42 10.27 31.82
C GLY G 912 36.01 8.86 32.15
N THR G 913 34.71 8.62 32.34
CA THR G 913 34.20 7.29 32.58
C THR G 913 33.37 6.76 31.43
N ALA G 914 33.08 7.59 30.43
CA ALA G 914 32.35 7.17 29.26
C ALA G 914 33.08 7.65 28.03
N PHE G 915 32.93 6.93 26.92
CA PHE G 915 33.57 7.33 25.69
C PHE G 915 32.77 6.74 24.53
N ALA G 916 32.06 7.57 23.80
CA ALA G 916 31.38 7.15 22.59
C ALA G 916 32.20 7.58 21.38
N VAL G 917 32.01 6.84 20.28
CA VAL G 917 32.81 7.09 19.08
C VAL G 917 32.33 8.33 18.32
N SER G 918 31.20 8.91 18.72
CA SER G 918 30.68 10.09 18.05
C SER G 918 31.54 11.32 18.27
N VAL G 919 32.38 11.34 19.31
CA VAL G 919 33.24 12.50 19.55
C VAL G 919 34.43 12.54 18.62
N LEU G 920 34.68 11.49 17.86
CA LEU G 920 35.77 11.48 16.89
C LEU G 920 35.34 11.93 15.51
N ASP G 921 34.11 12.45 15.39
CA ASP G 921 33.64 12.98 14.12
C ASP G 921 34.35 14.26 13.72
N SER G 922 34.90 14.99 14.68
CA SER G 922 35.63 16.21 14.40
C SER G 922 37.01 15.95 13.82
N LEU G 923 37.45 14.70 13.82
CA LEU G 923 38.80 14.41 13.37
C LEU G 923 38.97 14.55 11.87
N MET G 924 37.87 14.52 11.10
CA MET G 924 37.99 14.69 9.66
C MET G 924 38.42 16.10 9.30
N SER G 925 37.75 17.10 9.86
CA SER G 925 38.15 18.47 9.63
C SER G 925 39.47 18.80 10.30
N ALA G 926 39.76 18.16 11.43
CA ALA G 926 41.06 18.34 12.07
C ALA G 926 42.18 17.78 11.23
N THR G 927 41.93 16.65 10.55
CA THR G 927 42.97 16.05 9.72
C THR G 927 43.15 16.83 8.43
N TYR G 928 42.07 17.43 7.91
CA TYR G 928 42.20 18.18 6.66
C TYR G 928 43.01 19.45 6.86
N PHE G 929 42.73 20.20 7.93
CA PHE G 929 43.35 21.51 8.06
C PHE G 929 44.82 21.41 8.43
N ASN G 930 45.20 20.36 9.16
CA ASN G 930 46.60 20.10 9.46
C ASN G 930 46.81 18.60 9.41
N ASP G 931 47.49 18.14 8.36
CA ASP G 931 47.62 16.71 8.11
C ASP G 931 48.58 16.02 9.08
N ASN G 932 49.35 16.77 9.84
CA ASN G 932 50.26 16.18 10.81
C ASN G 932 49.58 15.88 12.14
N ILE G 933 48.34 16.33 12.32
CA ILE G 933 47.65 16.13 13.59
C ILE G 933 47.33 14.67 13.81
N LEU G 934 46.84 13.98 12.77
CA LEU G 934 46.47 12.58 12.93
C LEU G 934 47.68 11.70 13.21
N THR G 935 48.81 12.02 12.58
CA THR G 935 50.03 11.30 12.89
C THR G 935 50.55 11.61 14.28
N LEU G 936 50.36 12.85 14.75
CA LEU G 936 50.68 13.19 16.12
C LEU G 936 49.84 12.39 17.11
N ILE G 937 48.55 12.23 16.79
CA ILE G 937 47.66 11.44 17.62
C ILE G 937 48.11 10.00 17.67
N ARG G 938 48.33 9.39 16.50
CA ARG G 938 48.64 7.97 16.43
C ARG G 938 49.99 7.63 17.06
N THR G 939 50.92 8.57 17.12
CA THR G 939 52.09 8.36 17.96
C THR G 939 51.74 8.47 19.44
N LEU G 940 50.91 9.46 19.78
CA LEU G 940 50.59 9.69 21.18
C LEU G 940 49.72 8.60 21.76
N VAL G 941 48.93 7.93 20.93
CA VAL G 941 47.80 7.14 21.35
C VAL G 941 48.05 5.65 21.21
N THR G 942 48.56 5.22 20.05
CA THR G 942 48.88 3.82 19.86
C THR G 942 50.30 3.49 20.29
N GLY G 943 50.94 4.36 21.06
CA GLY G 943 52.27 4.09 21.56
C GLY G 943 53.36 4.17 20.51
N GLY G 944 53.32 5.20 19.67
CA GLY G 944 54.35 5.39 18.67
C GLY G 944 54.32 4.36 17.56
N ALA G 945 53.24 4.31 16.80
CA ALA G 945 53.14 3.40 15.66
C ALA G 945 53.71 4.11 14.45
N THR G 946 55.00 3.91 14.21
CA THR G 946 55.66 4.43 13.03
C THR G 946 55.22 3.63 11.82
N PRO G 947 55.34 4.18 10.60
CA PRO G 947 54.90 3.42 9.40
C PRO G 947 55.74 2.20 9.07
N GLU G 948 56.84 1.96 9.78
CA GLU G 948 57.58 0.72 9.62
C GLU G 948 56.75 -0.47 10.08
N LEU G 949 56.04 -0.31 11.20
CA LEU G 949 55.13 -1.38 11.62
C LEU G 949 53.93 -1.47 10.70
N GLU G 950 53.56 -0.36 10.05
CA GLU G 950 52.51 -0.41 9.05
C GLU G 950 52.96 -1.22 7.83
N ALA G 951 54.23 -1.11 7.47
CA ALA G 951 54.78 -1.97 6.42
C ALA G 951 54.81 -3.42 6.85
N LEU G 952 55.15 -3.66 8.12
CA LEU G 952 55.23 -5.04 8.62
C LEU G 952 53.86 -5.69 8.68
N ILE G 953 52.83 -4.97 9.10
CA ILE G 953 51.51 -5.54 9.12
C ILE G 953 50.86 -5.54 7.75
N ALA G 954 51.38 -4.77 6.80
CA ALA G 954 50.94 -4.90 5.42
C ALA G 954 51.44 -6.20 4.82
N GLU G 955 52.68 -6.57 5.15
CA GLU G 955 53.25 -7.81 4.62
C GLU G 955 52.73 -9.03 5.36
N GLU G 956 53.02 -9.11 6.66
CA GLU G 956 52.81 -10.35 7.39
C GLU G 956 51.53 -10.36 8.23
N ASN G 957 51.01 -9.18 8.56
CA ASN G 957 49.83 -9.00 9.42
C ASN G 957 50.03 -9.68 10.77
N ALA G 958 51.24 -9.56 11.30
CA ALA G 958 51.60 -10.24 12.55
C ALA G 958 52.80 -9.52 13.14
N LEU G 959 52.69 -9.13 14.40
CA LEU G 959 53.83 -8.55 15.10
C LEU G 959 54.85 -9.64 15.37
N ARG G 960 56.01 -9.55 14.74
CA ARG G 960 57.07 -10.54 14.92
C ARG G 960 58.16 -9.97 15.80
N GLY G 961 58.70 -10.83 16.68
CA GLY G 961 59.77 -10.40 17.55
C GLY G 961 61.08 -10.24 16.82
N GLY G 962 61.97 -9.46 17.43
CA GLY G 962 63.27 -9.22 16.86
C GLY G 962 64.37 -9.42 17.88
N TYR G 963 65.61 -9.35 17.40
CA TYR G 963 66.77 -9.48 18.26
C TYR G 963 67.29 -8.09 18.62
N SER G 964 67.80 -7.98 19.83
CA SER G 964 68.08 -6.68 20.42
C SER G 964 69.33 -6.06 19.82
N THR G 965 69.16 -4.92 19.17
CA THR G 965 70.21 -4.07 18.64
C THR G 965 70.23 -2.76 19.42
N PRO G 966 71.32 -1.99 19.36
CA PRO G 966 71.33 -0.70 20.08
C PRO G 966 70.37 0.33 19.52
N GLN G 967 70.08 0.30 18.21
CA GLN G 967 69.09 1.22 17.68
C GLN G 967 67.67 0.80 18.04
N THR G 968 67.46 -0.51 18.23
CA THR G 968 66.22 -0.98 18.83
C THR G 968 66.02 -0.40 20.22
N LEU G 969 67.10 -0.33 21.01
CA LEU G 969 67.03 0.32 22.31
C LEU G 969 66.94 1.82 22.18
N ALA G 970 67.35 2.39 21.06
CA ALA G 970 67.14 3.82 20.84
C ALA G 970 65.69 4.12 20.53
N ASN G 971 64.93 3.14 20.04
CA ASN G 971 63.50 3.34 19.82
C ASN G 971 62.72 3.50 21.13
N ARG G 972 63.26 3.04 22.25
CA ARG G 972 62.54 3.04 23.51
C ARG G 972 62.49 4.40 24.17
N ASP G 973 63.08 5.43 23.58
CA ASP G 973 63.17 6.73 24.22
C ASP G 973 61.92 7.58 24.01
N ARG G 974 60.79 6.97 23.68
CA ARG G 974 59.53 7.69 23.63
C ARG G 974 59.13 8.12 25.04
N CYS G 975 58.41 9.24 25.12
CA CYS G 975 57.90 9.66 26.41
C CYS G 975 56.67 8.83 26.78
N ARG G 976 56.18 9.06 27.99
CA ARG G 976 55.08 8.31 28.53
C ARG G 976 54.12 9.29 29.19
N VAL G 977 52.85 9.14 28.93
CA VAL G 977 51.84 9.92 29.63
C VAL G 977 51.53 9.24 30.96
N ALA G 978 51.49 10.02 32.04
CA ALA G 978 51.20 9.49 33.35
C ALA G 978 50.54 10.58 34.19
N GLN G 979 50.09 10.18 35.37
CA GLN G 979 49.50 11.10 36.34
C GLN G 979 50.41 11.21 37.56
N LEU G 980 50.24 12.29 38.31
CA LEU G 980 51.11 12.60 39.44
C LEU G 980 50.27 13.02 40.63
N ALA G 981 50.54 12.40 41.77
CA ALA G 981 49.84 12.73 43.00
C ALA G 981 50.47 13.97 43.63
N LEU G 982 49.65 14.93 44.00
CA LEU G 982 50.13 16.17 44.59
C LEU G 982 50.11 16.12 46.11
N LEU G 983 50.67 15.06 46.70
CA LEU G 983 50.68 14.97 48.15
C LEU G 983 51.98 14.47 48.75
N ASP G 984 52.88 13.85 48.00
CA ASP G 984 54.09 13.31 48.60
C ASP G 984 55.34 13.54 47.78
N GLY G 985 55.24 13.95 46.51
CA GLY G 985 56.38 14.00 45.63
C GLY G 985 57.28 15.19 45.89
N PRO G 986 58.18 15.45 44.93
CA PRO G 986 59.15 16.55 45.11
C PRO G 986 58.53 17.93 45.10
N PHE G 987 57.35 18.08 44.51
CA PHE G 987 56.63 19.34 44.49
C PHE G 987 55.35 19.30 45.30
N ALA G 988 55.28 18.40 46.28
CA ALA G 988 54.10 18.26 47.14
C ALA G 988 53.82 19.50 47.96
N ASP G 989 54.86 20.30 48.25
CA ASP G 989 54.69 21.53 49.01
C ASP G 989 53.92 22.59 48.24
N LEU G 990 53.89 22.50 46.92
CA LEU G 990 53.32 23.56 46.09
C LEU G 990 51.80 23.58 46.11
N GLY G 991 51.16 22.54 46.62
CA GLY G 991 49.72 22.49 46.62
C GLY G 991 49.04 23.28 47.72
N ASP G 992 49.68 24.31 48.26
CA ASP G 992 49.08 25.11 49.32
C ASP G 992 48.29 26.30 48.76
N GLY G 993 47.44 26.03 47.79
CA GLY G 993 46.80 27.10 47.07
C GLY G 993 47.74 27.88 46.19
N GLY G 994 48.80 27.25 45.70
CA GLY G 994 49.79 27.91 44.89
C GLY G 994 49.30 28.16 43.47
N CYS G 995 50.27 28.40 42.59
CA CYS G 995 49.98 28.65 41.19
C CYS G 995 50.45 27.47 40.34
N TYR G 996 49.63 27.11 39.35
CA TYR G 996 49.91 25.93 38.53
C TYR G 996 51.14 26.16 37.64
N GLY G 997 51.33 27.39 37.17
CA GLY G 997 52.44 27.67 36.27
C GLY G 997 53.79 27.55 36.94
N ASP G 998 53.84 27.75 38.25
CA ASP G 998 55.08 27.49 39.00
C ASP G 998 55.43 26.01 38.94
N LEU G 999 54.42 25.15 39.05
CA LEU G 999 54.64 23.72 38.90
C LEU G 999 55.08 23.38 37.48
N PHE G 1000 54.53 24.09 36.50
CA PHE G 1000 54.87 23.82 35.11
C PHE G 1000 56.33 24.12 34.83
N CYS G 1001 56.79 25.30 35.24
CA CYS G 1001 58.18 25.67 35.02
C CYS G 1001 59.13 24.83 35.85
N LYS G 1002 58.74 24.48 37.08
CA LYS G 1002 59.64 23.71 37.94
C LYS G 1002 59.79 22.28 37.44
N ALA G 1003 58.68 21.64 37.05
CA ALA G 1003 58.77 20.27 36.57
C ALA G 1003 59.45 20.17 35.22
N LEU G 1004 59.27 21.19 34.36
CA LEU G 1004 59.93 21.16 33.07
C LEU G 1004 61.41 21.46 33.19
N LYS G 1005 61.80 22.32 34.14
CA LYS G 1005 63.22 22.60 34.33
C LYS G 1005 63.92 21.41 34.97
N THR G 1006 63.33 20.84 36.01
CA THR G 1006 63.99 19.78 36.74
C THR G 1006 63.92 18.46 35.97
N TYR G 1007 62.72 17.99 35.67
CA TYR G 1007 62.52 16.63 35.17
C TYR G 1007 62.23 16.55 33.69
N ASN G 1008 62.13 17.69 32.99
CA ASN G 1008 61.81 17.77 31.56
C ASN G 1008 60.47 17.08 31.26
N MET G 1009 59.43 17.48 31.96
CA MET G 1009 58.13 16.83 31.87
C MET G 1009 57.06 17.87 31.61
N LEU G 1010 56.35 17.71 30.49
CA LEU G 1010 55.24 18.60 30.17
C LEU G 1010 54.06 18.33 31.09
N CYS G 1011 53.09 19.24 31.06
CA CYS G 1011 51.92 19.13 31.91
C CYS G 1011 50.72 19.66 31.13
N PHE G 1012 49.83 18.77 30.70
CA PHE G 1012 48.63 19.21 30.00
C PHE G 1012 47.72 19.98 30.94
N GLY G 1013 47.27 19.33 32.00
CA GLY G 1013 46.31 19.96 32.87
C GLY G 1013 46.03 19.19 34.14
N ILE G 1014 44.82 19.37 34.66
CA ILE G 1014 44.50 19.09 36.05
C ILE G 1014 43.34 18.12 36.09
N TYR G 1015 43.48 17.03 36.83
CA TYR G 1015 42.40 16.09 37.08
C TYR G 1015 41.72 16.44 38.40
N ARG G 1016 41.04 17.60 38.37
CA ARG G 1016 40.48 18.20 39.57
C ARG G 1016 39.29 17.40 40.08
N LEU G 1017 39.24 17.21 41.41
CA LEU G 1017 38.08 16.61 42.06
C LEU G 1017 36.83 17.47 41.83
N ARG G 1018 35.68 16.80 41.77
CA ARG G 1018 34.46 17.51 41.41
C ARG G 1018 33.98 18.42 42.53
N ASP G 1019 34.20 18.02 43.77
CA ASP G 1019 33.76 18.81 44.92
C ASP G 1019 34.92 19.45 45.67
N ALA G 1020 36.06 19.63 45.01
CA ALA G 1020 37.19 20.28 45.65
C ALA G 1020 36.99 21.79 45.75
N HIS G 1021 36.08 22.35 44.98
CA HIS G 1021 35.76 23.76 45.06
C HIS G 1021 34.54 24.05 45.93
N LEU G 1022 33.98 23.04 46.55
CA LEU G 1022 32.77 23.21 47.35
C LEU G 1022 33.12 23.46 48.80
N SER G 1023 32.13 23.97 49.55
CA SER G 1023 32.35 24.36 50.94
C SER G 1023 32.43 23.14 51.85
N THR G 1024 31.37 22.34 51.87
CA THR G 1024 31.36 21.16 52.71
C THR G 1024 32.25 20.08 52.13
N PRO G 1025 32.99 19.34 52.95
CA PRO G 1025 33.78 18.21 52.44
C PRO G 1025 32.87 17.01 52.20
N SER G 1026 32.86 16.52 50.97
CA SER G 1026 32.07 15.36 50.61
C SER G 1026 32.98 14.14 50.48
N GLN G 1027 32.41 13.03 50.01
CA GLN G 1027 33.16 11.81 49.77
C GLN G 1027 33.17 11.42 48.30
N CYS G 1028 32.76 12.32 47.42
CA CYS G 1028 32.73 12.05 45.99
C CYS G 1028 34.14 12.04 45.45
N THR G 1029 34.64 10.86 45.08
CA THR G 1029 35.98 10.72 44.51
C THR G 1029 35.99 10.87 43.00
N LYS G 1030 34.93 11.41 42.42
CA LYS G 1030 34.90 11.64 40.98
C LYS G 1030 35.68 12.89 40.65
N ARG G 1031 36.57 12.78 39.67
CA ARG G 1031 37.43 13.88 39.24
C ARG G 1031 37.17 14.21 37.79
N TYR G 1032 37.05 15.50 37.48
CA TYR G 1032 36.87 15.94 36.12
C TYR G 1032 38.19 16.47 35.56
N VAL G 1033 38.17 16.91 34.31
CA VAL G 1033 39.37 17.21 33.55
C VAL G 1033 39.41 18.70 33.24
N ILE G 1034 40.50 19.36 33.62
CA ILE G 1034 40.82 20.71 33.17
C ILE G 1034 42.01 20.63 32.24
N THR G 1035 41.88 21.19 31.05
CA THR G 1035 42.93 21.12 30.04
C THR G 1035 43.54 22.51 29.84
N ASN G 1036 44.86 22.60 29.97
CA ASN G 1036 45.67 23.80 29.88
C ASN G 1036 45.15 24.92 30.78
N PRO G 1037 45.35 24.83 32.09
CA PRO G 1037 44.96 25.93 32.97
C PRO G 1037 45.93 27.08 32.81
N PRO G 1038 45.52 28.31 33.17
CA PRO G 1038 46.43 29.46 33.03
C PRO G 1038 47.59 29.45 34.02
N TYR G 1039 48.43 30.48 33.95
CA TYR G 1039 49.61 30.54 34.80
C TYR G 1039 49.24 30.78 36.25
N GLU G 1040 48.17 31.51 36.50
CA GLU G 1040 47.74 31.91 37.84
C GLU G 1040 46.64 31.02 38.39
N PHE G 1041 46.52 29.80 37.90
CA PHE G 1041 45.46 28.91 38.35
C PHE G 1041 45.79 28.37 39.74
N GLU G 1042 44.81 28.42 40.63
CA GLU G 1042 44.99 27.95 41.99
C GLU G 1042 45.12 26.43 42.04
N LEU G 1043 45.86 25.94 43.02
CA LEU G 1043 46.23 24.53 43.08
C LEU G 1043 45.77 23.94 44.41
N VAL G 1044 44.65 23.22 44.37
CA VAL G 1044 44.14 22.45 45.52
C VAL G 1044 45.14 21.35 45.85
N PRO G 1045 45.39 21.03 47.13
CA PRO G 1045 46.37 19.98 47.43
C PRO G 1045 45.95 18.59 46.99
N THR G 1046 44.69 18.23 47.19
CA THR G 1046 44.21 16.92 46.72
C THR G 1046 43.89 17.04 45.23
N ASP G 1047 44.88 16.66 44.42
CA ASP G 1047 44.81 16.98 42.99
C ASP G 1047 45.75 16.05 42.23
N LEU G 1048 45.42 15.85 40.96
CA LEU G 1048 46.21 15.03 40.06
C LEU G 1048 46.59 15.83 38.83
N ILE G 1049 47.75 15.53 38.28
CA ILE G 1049 48.34 16.33 37.22
C ILE G 1049 48.61 15.42 36.02
N PHE G 1050 48.01 15.76 34.88
CA PHE G 1050 48.32 15.08 33.65
C PHE G 1050 49.70 15.52 33.16
N CYS G 1051 50.57 14.57 32.85
CA CYS G 1051 51.93 14.93 32.53
C CYS G 1051 52.54 13.91 31.57
N LEU G 1052 53.54 14.37 30.82
CA LEU G 1052 54.32 13.54 29.92
C LEU G 1052 55.67 13.28 30.56
N MET G 1053 55.92 12.02 30.92
CA MET G 1053 57.15 11.64 31.59
C MET G 1053 58.13 11.06 30.61
N GLN G 1054 59.40 11.42 30.77
CA GLN G 1054 60.46 10.84 29.97
C GLN G 1054 60.74 9.42 30.43
N PHE G 1055 61.46 8.69 29.59
CA PHE G 1055 61.94 7.36 29.92
C PHE G 1055 63.42 7.50 30.21
N ASP G 1056 63.80 7.52 31.48
CA ASP G 1056 65.23 7.64 31.72
C ASP G 1056 65.92 6.29 31.70
N ALA H 7 -5.65 -26.95 -33.42
CA ALA H 7 -6.24 -25.74 -32.88
C ALA H 7 -7.66 -25.56 -33.41
N TYR H 8 -8.63 -25.99 -32.61
CA TYR H 8 -10.05 -25.88 -32.94
C TYR H 8 -10.66 -24.85 -32.00
N GLU H 9 -10.50 -23.59 -32.35
CA GLU H 9 -10.87 -22.48 -31.48
C GLU H 9 -10.87 -21.21 -32.31
N TYR H 10 -11.64 -20.22 -31.84
CA TYR H 10 -11.69 -18.93 -32.50
C TYR H 10 -10.36 -18.21 -32.42
N THR H 11 -10.02 -17.48 -33.48
CA THR H 11 -8.87 -16.60 -33.45
C THR H 11 -9.28 -15.27 -32.84
N GLU H 12 -8.37 -14.29 -32.87
CA GLU H 12 -8.70 -12.98 -32.34
C GLU H 12 -9.63 -12.22 -33.27
N ALA H 13 -9.48 -12.41 -34.58
CA ALA H 13 -10.33 -11.71 -35.53
C ALA H 13 -11.74 -12.25 -35.51
N GLU H 14 -11.90 -13.57 -35.35
CA GLU H 14 -13.23 -14.15 -35.28
C GLU H 14 -13.92 -13.80 -33.98
N ASP H 15 -13.17 -13.70 -32.89
CA ASP H 15 -13.74 -13.28 -31.62
C ASP H 15 -14.20 -11.83 -31.69
N LYS H 16 -13.40 -10.98 -32.33
CA LYS H 16 -13.79 -9.58 -32.50
C LYS H 16 -14.98 -9.45 -33.44
N SER H 17 -15.09 -10.33 -34.43
CA SER H 17 -16.21 -10.26 -35.36
C SER H 17 -17.50 -10.73 -34.70
N ILE H 18 -17.42 -11.75 -33.85
CA ILE H 18 -18.58 -12.17 -33.07
C ILE H 18 -18.99 -11.06 -32.10
N ARG H 19 -18.01 -10.37 -31.53
CA ARG H 19 -18.32 -9.23 -30.66
C ARG H 19 -18.98 -8.10 -31.43
N LEU H 20 -18.58 -7.89 -32.68
CA LEU H 20 -19.21 -6.85 -33.51
C LEU H 20 -20.64 -7.23 -33.86
N GLY H 21 -20.86 -8.49 -34.21
CA GLY H 21 -22.21 -8.93 -34.54
C GLY H 21 -23.15 -8.89 -33.34
N LEU H 22 -22.63 -9.27 -32.17
CA LEU H 22 -23.42 -9.12 -30.95
C LEU H 22 -23.68 -7.66 -30.62
N PHE H 23 -22.73 -6.78 -30.92
CA PHE H 23 -22.94 -5.36 -30.67
C PHE H 23 -24.00 -4.80 -31.60
N LEU H 24 -24.07 -5.28 -32.83
CA LEU H 24 -25.10 -4.79 -33.74
C LEU H 24 -26.47 -5.34 -33.38
N ILE H 25 -26.52 -6.54 -32.81
CA ILE H 25 -27.79 -7.08 -32.31
C ILE H 25 -28.31 -6.23 -31.16
N ILE H 26 -27.41 -5.92 -30.21
CA ILE H 26 -27.78 -5.08 -29.07
C ILE H 26 -28.14 -3.67 -29.54
N SER H 27 -27.41 -3.15 -30.53
CA SER H 27 -27.68 -1.80 -31.03
C SER H 27 -29.02 -1.73 -31.75
N GLY H 28 -29.39 -2.78 -32.47
CA GLY H 28 -30.69 -2.78 -33.13
C GLY H 28 -31.83 -2.86 -32.15
N VAL H 29 -31.68 -3.67 -31.09
CA VAL H 29 -32.73 -3.79 -30.09
C VAL H 29 -32.85 -2.50 -29.29
N VAL H 30 -31.72 -1.89 -28.93
CA VAL H 30 -31.74 -0.67 -28.12
C VAL H 30 -32.28 0.50 -28.93
N SER H 31 -31.91 0.60 -30.22
CA SER H 31 -32.44 1.67 -31.05
C SER H 31 -33.92 1.50 -31.32
N LEU H 32 -34.40 0.26 -31.43
CA LEU H 32 -35.85 0.04 -31.49
C LEU H 32 -36.52 0.45 -30.19
N PHE H 33 -35.87 0.17 -29.07
CA PHE H 33 -36.39 0.55 -27.77
C PHE H 33 -36.40 2.06 -27.60
N ILE H 34 -35.42 2.75 -28.18
CA ILE H 34 -35.38 4.20 -28.12
C ILE H 34 -36.46 4.79 -29.02
N PHE H 35 -36.58 4.27 -30.25
CA PHE H 35 -37.54 4.80 -31.20
C PHE H 35 -38.98 4.51 -30.80
N GLY H 36 -39.21 3.54 -29.93
CA GLY H 36 -40.55 3.34 -29.39
C GLY H 36 -41.06 4.51 -28.59
N PHE H 37 -40.18 5.17 -27.83
CA PHE H 37 -40.60 6.32 -27.05
C PHE H 37 -40.41 7.64 -27.80
N CYS H 38 -39.42 7.71 -28.68
CA CYS H 38 -39.21 8.94 -29.43
C CYS H 38 -40.04 9.00 -30.71
N TRP H 39 -39.88 8.01 -31.60
CA TRP H 39 -40.59 8.06 -32.87
C TRP H 39 -42.04 7.69 -32.71
N LEU H 40 -42.30 6.50 -32.17
CA LEU H 40 -43.57 5.80 -32.36
C LEU H 40 -44.70 6.46 -31.60
N SER H 41 -44.49 6.76 -30.31
CA SER H 41 -45.56 7.23 -29.45
C SER H 41 -46.17 8.59 -29.83
N PRO H 42 -45.43 9.64 -30.21
CA PRO H 42 -46.13 10.82 -30.74
C PRO H 42 -46.69 10.60 -32.14
N ALA H 43 -46.13 9.67 -32.91
CA ALA H 43 -46.68 9.36 -34.21
C ALA H 43 -48.00 8.62 -34.06
N LEU H 44 -48.11 7.75 -33.06
CA LEU H 44 -49.40 7.10 -32.81
C LEU H 44 -50.40 8.07 -32.21
N GLN H 45 -49.93 9.09 -31.49
CA GLN H 45 -50.84 10.16 -31.08
C GLN H 45 -51.30 10.98 -32.29
N ASP H 46 -50.46 11.09 -33.31
CA ASP H 46 -50.86 11.77 -34.54
C ASP H 46 -51.91 10.96 -35.29
N LEU H 47 -51.69 9.64 -35.39
CA LEU H 47 -52.66 8.80 -36.08
C LEU H 47 -53.92 8.59 -35.28
N GLN H 48 -53.88 8.89 -33.97
CA GLN H 48 -55.10 8.89 -33.16
C GLN H 48 -56.08 9.97 -33.62
N ALA H 49 -55.56 11.08 -34.14
CA ALA H 49 -56.42 12.09 -34.74
C ALA H 49 -57.04 11.56 -36.02
N THR H 50 -58.33 11.83 -36.19
CA THR H 50 -59.12 11.21 -37.25
C THR H 50 -59.20 12.15 -38.45
N GLU H 51 -58.93 11.61 -39.63
CA GLU H 51 -59.13 12.36 -40.86
C GLU H 51 -60.61 12.48 -41.15
N ALA H 52 -61.12 13.71 -41.14
CA ALA H 52 -62.56 13.94 -41.20
C ALA H 52 -62.85 15.03 -42.21
N ASN H 53 -64.12 15.42 -42.29
CA ASN H 53 -64.58 16.51 -43.12
C ASN H 53 -64.86 17.74 -42.24
N CYS H 54 -64.84 18.91 -42.89
CA CYS H 54 -65.12 20.16 -42.17
C CYS H 54 -65.52 21.22 -43.17
N THR H 55 -66.60 21.93 -42.86
CA THR H 55 -67.02 23.09 -43.65
C THR H 55 -66.63 24.35 -42.89
N VAL H 56 -66.20 25.37 -43.65
CA VAL H 56 -65.75 26.61 -43.04
C VAL H 56 -66.95 27.40 -42.51
N LEU H 57 -66.89 27.79 -41.25
CA LEU H 57 -67.98 28.57 -40.66
C LEU H 57 -67.83 30.05 -40.99
N SER H 58 -66.73 30.66 -40.58
CA SER H 58 -66.53 32.10 -40.75
C SER H 58 -65.03 32.40 -40.63
N VAL H 59 -64.69 33.64 -40.96
CA VAL H 59 -63.31 34.11 -40.90
C VAL H 59 -63.32 35.46 -40.18
N GLN H 60 -62.56 35.56 -39.10
CA GLN H 60 -62.54 36.75 -38.27
C GLN H 60 -61.12 37.26 -38.09
N GLN H 61 -61.01 38.57 -37.89
CA GLN H 61 -59.80 39.20 -37.38
C GLN H 61 -60.08 39.74 -35.99
N ILE H 62 -59.01 39.88 -35.20
CA ILE H 62 -59.11 40.33 -33.82
C ILE H 62 -58.47 41.69 -33.62
N GLY H 63 -57.41 42.00 -34.33
CA GLY H 63 -56.67 43.22 -34.14
C GLY H 63 -55.51 43.10 -33.19
N GLU H 64 -55.50 42.08 -32.34
CA GLU H 64 -54.39 41.84 -31.43
C GLU H 64 -53.24 41.23 -32.22
N VAL H 65 -52.21 42.02 -32.49
CA VAL H 65 -51.10 41.54 -33.29
C VAL H 65 -50.10 40.81 -32.41
N PHE H 66 -49.30 39.95 -33.05
CA PHE H 66 -48.32 39.13 -32.35
C PHE H 66 -46.97 39.32 -33.02
N GLU H 67 -45.95 38.68 -32.44
CA GLU H 67 -44.57 38.92 -32.83
C GLU H 67 -44.02 37.73 -33.58
N CYS H 68 -43.46 37.97 -34.75
CA CYS H 68 -42.66 36.99 -35.47
C CYS H 68 -41.19 37.36 -35.30
N THR H 69 -40.31 36.66 -36.01
CA THR H 69 -38.87 36.90 -35.90
C THR H 69 -38.23 36.72 -37.27
N PHE H 70 -37.94 37.82 -37.96
CA PHE H 70 -37.28 37.73 -39.25
C PHE H 70 -35.78 37.75 -39.07
N THR H 71 -35.09 37.01 -39.94
CA THR H 71 -33.66 36.80 -39.83
C THR H 71 -32.98 37.22 -41.14
N CYS H 72 -31.89 37.97 -41.01
CA CYS H 72 -31.05 38.29 -42.15
C CYS H 72 -29.97 37.22 -42.26
N GLY H 73 -28.96 37.48 -43.10
CA GLY H 73 -27.89 36.52 -43.32
C GLY H 73 -26.98 36.30 -42.14
N ALA H 74 -26.39 37.38 -41.62
CA ALA H 74 -25.38 37.28 -40.57
C ALA H 74 -26.00 37.40 -39.19
N ASP H 75 -26.99 36.54 -38.94
CA ASP H 75 -27.66 36.35 -37.64
C ASP H 75 -28.32 37.65 -37.14
N CYS H 76 -29.31 38.10 -37.89
CA CYS H 76 -30.19 39.14 -37.41
C CYS H 76 -31.34 38.54 -36.62
N ARG H 77 -31.79 39.27 -35.61
CA ARG H 77 -32.91 38.81 -34.80
C ARG H 77 -33.99 39.88 -34.78
N GLY H 78 -34.32 40.39 -35.96
CA GLY H 78 -35.38 41.39 -36.04
C GLY H 78 -36.73 40.76 -35.75
N THR H 79 -37.52 41.45 -34.93
CA THR H 79 -38.82 40.95 -34.49
C THR H 79 -39.89 41.87 -35.06
N SER H 80 -40.35 41.56 -36.27
CA SER H 80 -41.48 42.26 -36.84
C SER H 80 -42.77 41.74 -36.22
N GLN H 81 -43.89 42.39 -36.54
CA GLN H 81 -45.18 41.99 -36.00
C GLN H 81 -46.15 41.72 -37.14
N TYR H 82 -47.18 40.95 -36.84
CA TYR H 82 -48.11 40.46 -37.84
C TYR H 82 -49.51 40.42 -37.24
N PRO H 83 -50.55 40.71 -38.03
CA PRO H 83 -51.91 40.63 -37.50
C PRO H 83 -52.39 39.18 -37.44
N CYS H 84 -53.53 38.99 -36.79
CA CYS H 84 -54.06 37.66 -36.51
C CYS H 84 -55.40 37.47 -37.21
N VAL H 85 -55.56 36.31 -37.82
CA VAL H 85 -56.84 35.89 -38.40
C VAL H 85 -57.25 34.58 -37.74
N GLN H 86 -58.46 34.56 -37.20
CA GLN H 86 -59.07 33.34 -36.70
C GLN H 86 -60.05 32.83 -37.75
N VAL H 87 -59.89 31.58 -38.14
CA VAL H 87 -60.78 30.92 -39.09
C VAL H 87 -61.50 29.81 -38.35
N TYR H 88 -62.81 29.95 -38.18
CA TYR H 88 -63.62 28.96 -37.51
C TYR H 88 -64.31 28.08 -38.54
N VAL H 89 -64.39 26.78 -38.25
CA VAL H 89 -64.97 25.82 -39.16
C VAL H 89 -66.12 25.10 -38.46
N ASN H 90 -66.87 24.36 -39.25
CA ASN H 90 -67.91 23.46 -38.76
C ASN H 90 -67.47 22.04 -39.05
N ASN H 91 -67.29 21.25 -38.00
CA ASN H 91 -66.80 19.89 -38.13
C ASN H 91 -67.86 18.97 -38.75
N SER H 92 -67.43 17.79 -39.20
CA SER H 92 -68.35 16.73 -39.56
C SER H 92 -68.59 15.75 -38.42
N GLU H 93 -67.60 15.55 -37.54
CA GLU H 93 -67.78 14.61 -36.44
C GLU H 93 -68.53 15.26 -35.29
N SER H 94 -67.96 16.30 -34.68
CA SER H 94 -68.61 16.95 -33.56
C SER H 94 -69.62 18.01 -34.00
N ASN H 95 -69.38 18.61 -35.18
CA ASN H 95 -70.21 19.67 -35.76
C ASN H 95 -70.36 20.85 -34.82
N SER H 96 -69.24 21.25 -34.22
CA SER H 96 -69.19 22.36 -33.29
C SER H 96 -68.27 23.44 -33.83
N ARG H 97 -68.17 24.55 -33.09
CA ARG H 97 -67.32 25.66 -33.47
C ARG H 97 -65.88 25.27 -33.20
N ALA H 98 -65.15 24.92 -34.26
CA ALA H 98 -63.76 24.51 -34.16
C ALA H 98 -62.89 25.47 -34.95
N LEU H 99 -61.66 25.63 -34.50
CA LEU H 99 -60.70 26.52 -35.14
C LEU H 99 -59.91 25.77 -36.20
N LEU H 100 -59.32 26.54 -37.11
CA LEU H 100 -58.48 25.99 -38.15
C LEU H 100 -57.02 26.28 -37.84
N HIS H 101 -56.16 25.31 -38.16
CA HIS H 101 -54.72 25.47 -37.97
C HIS H 101 -54.01 24.75 -39.10
N SER H 102 -52.79 25.21 -39.41
CA SER H 102 -52.02 24.56 -40.44
C SER H 102 -51.35 23.30 -39.94
N ASP H 103 -50.75 23.34 -38.75
CA ASP H 103 -50.16 22.15 -38.14
C ASP H 103 -50.15 22.34 -36.63
N GLU H 104 -49.59 21.36 -35.93
CA GLU H 104 -49.33 21.51 -34.51
C GLU H 104 -48.28 22.55 -34.21
N HIS H 105 -47.39 22.83 -35.17
CA HIS H 105 -46.34 23.82 -34.97
C HIS H 105 -46.92 25.22 -34.85
N GLN H 106 -47.79 25.60 -35.81
CA GLN H 106 -48.47 26.89 -35.74
C GLN H 106 -49.39 26.96 -34.53
N LEU H 107 -50.01 25.84 -34.17
CA LEU H 107 -50.93 25.83 -33.03
C LEU H 107 -50.18 26.03 -31.73
N LEU H 108 -48.98 25.49 -31.61
CA LEU H 108 -48.26 25.61 -30.35
C LEU H 108 -47.53 26.93 -30.21
N THR H 109 -47.05 27.51 -31.31
CA THR H 109 -46.43 28.83 -31.19
C THR H 109 -47.47 29.92 -30.96
N ASN H 110 -48.67 29.79 -31.52
CA ASN H 110 -49.76 30.73 -31.27
C ASN H 110 -51.08 30.00 -31.45
N PRO H 111 -51.76 29.67 -30.36
CA PRO H 111 -53.05 28.99 -30.49
C PRO H 111 -54.19 29.92 -30.91
N LYS H 112 -54.02 31.22 -30.80
CA LYS H 112 -55.13 32.15 -31.00
C LYS H 112 -55.27 32.61 -32.45
N CYS H 113 -54.50 32.06 -33.38
CA CYS H 113 -54.61 32.42 -34.78
C CYS H 113 -54.75 31.17 -35.62
N SER H 114 -55.06 31.36 -36.89
CA SER H 114 -55.23 30.26 -37.82
C SER H 114 -54.09 30.14 -38.82
N TYR H 115 -53.22 31.15 -38.90
CA TYR H 115 -52.12 31.14 -39.86
C TYR H 115 -51.07 32.14 -39.41
N ILE H 116 -49.82 31.72 -39.43
CA ILE H 116 -48.68 32.58 -39.11
C ILE H 116 -47.82 32.69 -40.35
N PRO H 117 -47.55 33.90 -40.84
CA PRO H 117 -46.77 34.05 -42.07
C PRO H 117 -45.30 33.78 -41.83
N PRO H 118 -44.52 33.57 -42.88
CA PRO H 118 -43.06 33.68 -42.73
C PRO H 118 -42.70 35.12 -42.43
N CYS H 119 -41.96 35.32 -41.35
CA CYS H 119 -41.68 36.67 -40.87
C CYS H 119 -40.71 37.38 -41.79
N LYS H 120 -41.11 38.55 -42.25
CA LYS H 120 -40.28 39.40 -43.10
C LYS H 120 -39.89 40.65 -42.33
N ARG H 121 -39.10 41.50 -42.97
CA ARG H 121 -38.65 42.74 -42.34
C ARG H 121 -39.78 43.72 -42.19
N GLU H 122 -40.51 43.97 -43.28
CA GLU H 122 -41.58 44.96 -43.29
C GLU H 122 -42.83 44.39 -42.65
N ASN H 123 -43.42 45.15 -41.73
CA ASN H 123 -44.72 44.80 -41.19
C ASN H 123 -45.81 44.92 -42.25
N GLN H 124 -45.58 45.71 -43.29
CA GLN H 124 -46.52 45.78 -44.41
C GLN H 124 -46.54 44.48 -45.19
N LYS H 125 -45.38 43.84 -45.34
CA LYS H 125 -45.32 42.59 -46.10
C LYS H 125 -45.94 41.43 -45.33
N ASN H 126 -45.78 41.41 -44.01
CA ASN H 126 -46.46 40.41 -43.20
C ASN H 126 -47.96 40.59 -43.27
N LEU H 127 -48.42 41.84 -43.21
CA LEU H 127 -49.85 42.13 -43.29
C LEU H 127 -50.41 41.74 -44.66
N GLU H 128 -49.62 41.89 -45.72
CA GLU H 128 -50.09 41.50 -47.04
C GLU H 128 -50.16 39.99 -47.18
N SER H 129 -49.25 39.26 -46.54
CA SER H 129 -49.32 37.80 -46.54
C SER H 129 -50.56 37.33 -45.78
N VAL H 130 -50.90 38.01 -44.69
CA VAL H 130 -52.14 37.72 -43.97
C VAL H 130 -53.35 38.00 -44.85
N MET H 131 -53.35 39.12 -45.56
CA MET H 131 -54.52 39.50 -46.34
C MET H 131 -54.72 38.59 -47.55
N ASN H 132 -53.63 38.08 -48.14
CA ASN H 132 -53.76 37.16 -49.26
C ASN H 132 -54.31 35.82 -48.81
N TRP H 133 -53.78 35.29 -47.70
CA TRP H 133 -54.29 34.02 -47.17
C TRP H 133 -55.72 34.16 -46.67
N GLN H 134 -56.06 35.33 -46.11
CA GLN H 134 -57.43 35.55 -45.64
C GLN H 134 -58.39 35.68 -46.81
N GLN H 135 -57.95 36.31 -47.91
CA GLN H 135 -58.82 36.46 -49.07
C GLN H 135 -59.10 35.14 -49.74
N TYR H 136 -58.10 34.24 -49.77
CA TYR H 136 -58.34 32.89 -50.28
C TYR H 136 -59.32 32.13 -49.38
N TRP H 137 -59.23 32.31 -48.07
CA TRP H 137 -60.17 31.68 -47.17
C TRP H 137 -61.44 32.49 -46.97
N LYS H 138 -61.58 33.63 -47.66
CA LYS H 138 -62.84 34.33 -47.72
C LYS H 138 -63.60 34.03 -49.01
N ASP H 139 -62.91 33.58 -50.06
CA ASP H 139 -63.61 33.21 -51.29
C ASP H 139 -64.39 31.92 -51.09
N GLU H 140 -63.69 30.83 -50.78
CA GLU H 140 -64.30 29.50 -50.72
C GLU H 140 -64.98 29.33 -49.36
N ILE H 141 -66.21 29.83 -49.25
CA ILE H 141 -66.99 29.76 -48.03
C ILE H 141 -68.20 28.87 -48.28
N GLY H 142 -68.45 27.96 -47.35
CA GLY H 142 -69.59 27.04 -47.47
C GLY H 142 -69.36 25.82 -48.34
N SER H 143 -68.79 26.01 -49.53
CA SER H 143 -68.56 24.93 -50.45
C SER H 143 -67.34 24.11 -50.04
N GLN H 144 -67.11 22.99 -50.76
CA GLN H 144 -65.99 22.05 -50.77
C GLN H 144 -65.46 21.72 -49.36
N PRO H 145 -66.15 20.86 -48.62
CA PRO H 145 -65.68 20.49 -47.27
C PRO H 145 -64.32 19.82 -47.31
N PHE H 146 -63.46 20.24 -46.37
CA PHE H 146 -62.04 19.95 -46.45
C PHE H 146 -61.69 18.62 -45.79
N THR H 147 -60.69 17.95 -46.36
CA THR H 147 -60.16 16.71 -45.79
C THR H 147 -59.21 17.06 -44.66
N CYS H 148 -59.80 17.41 -43.53
CA CYS H 148 -59.05 17.91 -42.38
C CYS H 148 -58.94 16.83 -41.33
N TYR H 149 -58.30 17.17 -40.21
CA TYR H 149 -58.01 16.22 -39.16
C TYR H 149 -58.46 16.77 -37.82
N PHE H 150 -58.71 15.88 -36.87
CA PHE H 150 -59.40 16.24 -35.65
C PHE H 150 -59.19 15.16 -34.60
N ASN H 151 -59.04 15.58 -33.35
CA ASN H 151 -58.84 14.66 -32.23
C ASN H 151 -59.64 15.20 -31.04
N GLN H 152 -60.86 14.69 -30.86
CA GLN H 152 -61.75 15.21 -29.84
C GLN H 152 -61.33 14.82 -28.43
N HIS H 153 -60.47 13.82 -28.28
CA HIS H 153 -60.11 13.38 -26.94
C HIS H 153 -59.02 14.24 -26.32
N GLN H 154 -58.24 14.94 -27.12
CA GLN H 154 -57.16 15.77 -26.60
C GLN H 154 -57.40 17.25 -26.87
N ARG H 155 -57.56 17.65 -28.13
CA ARG H 155 -57.81 19.03 -28.50
C ARG H 155 -59.09 19.06 -29.32
N PRO H 156 -60.25 19.15 -28.66
CA PRO H 156 -61.52 19.06 -29.38
C PRO H 156 -61.98 20.37 -29.99
N ASP H 157 -61.21 21.44 -29.85
CA ASP H 157 -61.62 22.75 -30.29
C ASP H 157 -60.85 23.24 -31.51
N ASP H 158 -59.84 22.49 -31.95
CA ASP H 158 -58.99 22.91 -33.04
C ASP H 158 -58.92 21.81 -34.09
N VAL H 159 -58.87 22.22 -35.35
CA VAL H 159 -58.90 21.30 -36.47
C VAL H 159 -57.73 21.63 -37.39
N LEU H 160 -56.90 20.64 -37.68
CA LEU H 160 -55.66 20.83 -38.41
C LEU H 160 -55.88 20.59 -39.90
N LEU H 161 -54.91 21.06 -40.69
CA LEU H 161 -54.93 20.88 -42.14
C LEU H 161 -53.96 19.83 -42.63
N HIS H 162 -52.88 19.57 -41.90
CA HIS H 162 -51.90 18.57 -42.29
C HIS H 162 -51.43 17.83 -41.04
N ARG H 163 -51.28 16.52 -41.15
CA ARG H 163 -50.67 15.75 -40.07
C ARG H 163 -49.19 16.05 -40.00
N THR H 164 -48.64 15.96 -38.79
CA THR H 164 -47.22 16.29 -38.62
C THR H 164 -46.33 15.17 -39.14
N HIS H 165 -46.69 13.92 -38.89
CA HIS H 165 -45.86 12.80 -39.26
C HIS H 165 -46.49 12.01 -40.39
N ASP H 166 -45.67 11.59 -41.34
CA ASP H 166 -46.13 10.77 -42.45
C ASP H 166 -46.36 9.35 -41.97
N GLU H 167 -47.06 8.56 -42.79
CA GLU H 167 -47.20 7.13 -42.52
C GLU H 167 -45.88 6.39 -42.71
N ILE H 168 -44.96 6.93 -43.52
CA ILE H 168 -43.66 6.30 -43.75
C ILE H 168 -42.74 6.43 -42.53
N VAL H 169 -43.10 7.27 -41.58
CA VAL H 169 -42.44 7.31 -40.27
C VAL H 169 -42.56 5.95 -39.59
N LEU H 170 -43.73 5.33 -39.68
CA LEU H 170 -43.95 4.00 -39.13
C LEU H 170 -43.10 2.95 -39.84
N LEU H 171 -42.72 3.20 -41.10
CA LEU H 171 -41.85 2.28 -41.80
C LEU H 171 -40.42 2.42 -41.30
N HIS H 172 -39.90 3.65 -41.28
CA HIS H 172 -38.52 3.89 -40.90
C HIS H 172 -38.26 3.69 -39.41
N CYS H 173 -39.32 3.72 -38.58
CA CYS H 173 -39.13 3.44 -37.16
C CYS H 173 -38.86 1.97 -36.93
N PHE H 174 -39.38 1.09 -37.78
CA PHE H 174 -39.17 -0.33 -37.64
C PHE H 174 -38.17 -0.90 -38.63
N LEU H 175 -37.76 -0.14 -39.63
CA LEU H 175 -36.90 -0.71 -40.68
C LEU H 175 -35.47 -0.83 -40.22
N TRP H 176 -34.83 0.28 -39.92
CA TRP H 176 -33.39 0.31 -39.70
C TRP H 176 -32.91 -0.38 -38.41
N PRO H 177 -33.68 -0.41 -37.31
CA PRO H 177 -33.35 -1.40 -36.28
C PRO H 177 -33.44 -2.83 -36.76
N LEU H 178 -34.39 -3.16 -37.65
CA LEU H 178 -34.44 -4.52 -38.15
C LEU H 178 -33.29 -4.81 -39.11
N VAL H 179 -32.88 -3.83 -39.90
CA VAL H 179 -31.71 -4.00 -40.76
C VAL H 179 -30.45 -4.17 -39.93
N THR H 180 -30.35 -3.42 -38.82
CA THR H 180 -29.21 -3.56 -37.93
C THR H 180 -29.19 -4.94 -37.28
N PHE H 181 -30.36 -5.44 -36.89
CA PHE H 181 -30.49 -6.77 -36.31
C PHE H 181 -30.10 -7.86 -37.30
N VAL H 182 -30.53 -7.72 -38.56
CA VAL H 182 -30.27 -8.74 -39.56
C VAL H 182 -28.79 -8.80 -39.93
N VAL H 183 -28.15 -7.63 -40.06
CA VAL H 183 -26.73 -7.60 -40.41
C VAL H 183 -25.88 -8.14 -39.26
N GLY H 184 -26.27 -7.85 -38.02
CA GLY H 184 -25.55 -8.40 -36.88
C GLY H 184 -25.69 -9.91 -36.78
N VAL H 185 -26.89 -10.43 -37.04
CA VAL H 185 -27.11 -11.87 -37.03
C VAL H 185 -26.32 -12.54 -38.15
N LEU H 186 -26.26 -11.89 -39.32
CA LEU H 186 -25.51 -12.45 -40.44
C LEU H 186 -24.02 -12.51 -40.15
N ILE H 187 -23.50 -11.57 -39.38
CA ILE H 187 -22.07 -11.57 -39.05
C ILE H 187 -21.74 -12.73 -38.12
N VAL H 188 -22.57 -12.94 -37.09
CA VAL H 188 -22.33 -14.04 -36.15
C VAL H 188 -22.48 -15.40 -36.84
N VAL H 189 -23.46 -15.51 -37.73
CA VAL H 189 -23.71 -16.77 -38.42
C VAL H 189 -22.58 -17.08 -39.40
N LEU H 190 -22.14 -16.08 -40.17
CA LEU H 190 -21.09 -16.32 -41.16
C LEU H 190 -19.75 -16.63 -40.50
N THR H 191 -19.46 -16.01 -39.36
CA THR H 191 -18.19 -16.29 -38.68
C THR H 191 -18.19 -17.69 -38.09
N ILE H 192 -19.30 -18.09 -37.44
CA ILE H 192 -19.40 -19.43 -36.87
C ILE H 192 -19.38 -20.49 -37.96
N CYS H 193 -20.04 -20.21 -39.09
CA CYS H 193 -20.06 -21.16 -40.20
C CYS H 193 -18.68 -21.31 -40.83
N ALA H 194 -17.93 -20.20 -40.95
CA ALA H 194 -16.59 -20.28 -41.50
C ALA H 194 -15.64 -21.03 -40.58
N LYS H 195 -15.82 -20.88 -39.27
CA LYS H 195 -14.97 -21.59 -38.32
C LYS H 195 -15.26 -23.08 -38.33
N SER H 196 -16.53 -23.47 -38.36
CA SER H 196 -16.88 -24.88 -38.31
C SER H 196 -16.48 -25.59 -39.60
N LEU H 197 -16.60 -24.91 -40.74
CA LEU H 197 -16.12 -25.49 -41.99
C LEU H 197 -14.60 -25.59 -42.03
N ALA H 198 -13.88 -24.65 -41.41
CA ALA H 198 -12.43 -24.77 -41.37
C ALA H 198 -11.99 -25.89 -40.42
N VAL H 199 -12.75 -26.13 -39.34
CA VAL H 199 -12.48 -27.25 -38.45
C VAL H 199 -12.66 -28.57 -39.18
N LYS H 200 -13.75 -28.73 -39.94
CA LYS H 200 -13.96 -29.94 -40.70
C LYS H 200 -12.96 -30.10 -41.83
N ALA H 201 -12.53 -28.99 -42.45
CA ALA H 201 -11.56 -29.07 -43.54
C ALA H 201 -10.16 -29.40 -43.05
N GLU H 202 -9.85 -29.07 -41.79
CA GLU H 202 -8.54 -29.44 -41.27
C GLU H 202 -8.55 -30.84 -40.69
N ALA H 203 -9.69 -31.28 -40.14
CA ALA H 203 -9.81 -32.63 -39.61
C ALA H 203 -10.17 -33.66 -40.67
N MET H 204 -10.34 -33.26 -41.92
CA MET H 204 -10.63 -34.21 -42.98
C MET H 204 -9.41 -34.99 -43.45
N LYS H 205 -8.21 -34.57 -43.07
CA LYS H 205 -7.00 -35.24 -43.53
C LYS H 205 -6.66 -36.44 -42.66
MG MG I . 5.88 -12.04 -39.49
CA CA J . 32.77 -8.44 -39.35
CA CA K . 40.76 2.70 -15.06
P POV L . -23.45 -26.27 -19.45
C1 POV L . -25.35 -24.46 -19.31
C2 POV L . -25.95 -23.90 -20.59
C3 POV L . -24.83 -23.32 -21.45
C210 POV L . -34.85 -16.71 -24.70
O11 POV L . -25.03 -25.80 -19.50
C211 POV L . -36.34 -16.38 -24.74
O12 POV L . -23.32 -27.90 -19.50
O13 POV L . -22.66 -25.66 -20.53
O14 POV L . -22.77 -25.71 -18.28
C21 POV L . -28.04 -22.89 -21.10
O21 POV L . -26.89 -22.91 -20.29
C22 POV L . -29.26 -22.08 -20.69
O22 POV L . -28.06 -23.50 -22.13
C23 POV L . -29.18 -20.71 -21.34
C24 POV L . -30.56 -20.14 -21.57
C25 POV L . -30.55 -19.25 -22.82
C26 POV L . -31.94 -18.65 -23.03
C27 POV L . -32.39 -18.90 -24.47
C28 POV L . -33.91 -19.05 -24.49
C29 POV L . -34.51 -18.00 -25.42
C31 POV L . -23.90 -21.25 -21.98
O31 POV L . -25.06 -21.97 -21.69
C32 POV L . -23.95 -20.11 -23.00
O32 POV L . -22.88 -21.51 -21.44
C33 POV L . -25.39 -19.66 -23.17
C34 POV L . -25.45 -18.45 -24.09
C35 POV L . -24.71 -17.28 -23.45
C36 POV L . -25.69 -16.39 -22.68
C37 POV L . -26.79 -15.88 -23.59
C38 POV L . -27.79 -15.07 -22.78
C310 POV M . -38.64 -20.39 -23.39
C311 POV M . -39.35 -19.30 -22.59
C31 POV M . -31.04 -27.46 -22.45
O31 POV M . -30.42 -28.64 -22.02
C32 POV M . -31.89 -26.64 -21.48
O32 POV M . -30.92 -27.09 -23.57
C33 POV M . -31.88 -25.18 -21.91
C34 POV M . -33.05 -24.46 -21.27
C35 POV M . -33.29 -23.14 -21.98
C36 POV M . -34.55 -22.48 -21.42
C37 POV M . -35.47 -22.13 -22.60
C38 POV M . -36.67 -21.36 -22.09
C39 POV M . -37.13 -20.38 -23.17
N POV N . -20.22 -5.65 -0.70
P POV N . -24.43 -4.36 0.76
C1 POV N . -25.81 -5.00 -1.37
C2 POV N . -27.22 -4.53 -0.98
C3 POV N . -27.83 -5.46 0.06
C210 POV N . -35.06 4.54 -3.54
C11 POV N . -22.00 -4.03 -0.10
O11 POV N . -24.84 -4.16 -0.81
C211 POV N . -35.78 5.08 -2.33
C12 POV N . -20.67 -4.68 0.29
O12 POV N . -22.84 -4.01 1.00
C212 POV N . -37.27 5.11 -2.60
C13 POV N . -21.18 -6.72 -0.85
O13 POV N . -25.27 -3.56 1.65
C213 POV N . -38.02 5.23 -1.28
C14 POV N . -18.97 -6.22 -0.24
O14 POV N . -24.74 -5.71 1.21
C214 POV N . -37.63 6.52 -0.58
C15 POV N . -19.98 -5.01 -1.98
C21 POV N . -28.63 -3.29 -2.36
O21 POV N . -28.05 -4.53 -2.11
C22 POV N . -30.15 -3.15 -2.45
O22 POV N . -27.94 -2.34 -2.51
C23 POV N . -30.52 -1.78 -1.89
C24 POV N . -30.86 -0.84 -3.05
C25 POV N . -32.35 -0.57 -3.02
C26 POV N . -32.57 0.86 -2.53
C27 POV N . -32.49 1.78 -3.73
C28 POV N . -32.96 3.15 -3.33
C29 POV N . -34.48 3.15 -3.29
C31 POV N . -28.10 -7.68 -0.73
O31 POV N . -27.28 -6.75 -0.06
C32 POV N . -29.59 -7.75 -0.43
O32 POV N . -27.61 -8.39 -1.54
C33 POV N . -29.82 -8.52 0.88
C34 POV N . -30.97 -7.87 1.65
N POV O . -19.16 0.13 -1.03
P POV O . -23.48 2.20 -1.02
C1 POV O . -25.36 1.41 -2.66
C2 POV O . -26.58 1.99 -1.95
C3 POV O . -27.65 0.91 -1.89
C11 POV O . -21.11 1.44 -1.88
O11 POV O . -24.26 2.25 -2.46
C12 POV O . -20.58 0.44 -0.86
O12 POV O . -21.85 2.42 -1.23
C13 POV O . -18.91 -0.43 -2.34
O13 POV O . -24.01 3.20 -0.10
C14 POV O . -18.78 -0.85 -0.03
O14 POV O . -23.77 0.97 -0.31
C15 POV O . -18.38 1.34 -0.84
C21 POV O . -28.06 3.77 -1.94
O21 POV O . -27.08 3.08 -2.65
C22 POV O . -29.39 4.13 -2.60
O22 POV O . -27.86 4.07 -0.82
C23 POV O . -29.35 5.54 -3.17
C24 POV O . -29.69 6.55 -2.08
C25 POV O . -31.07 6.27 -1.51
C26 POV O . -31.03 6.34 0.02
C27 POV O . -31.70 7.61 0.49
C28 POV O . -33.22 7.45 0.43
C21 POV P . -36.03 -3.94 4.88
C22 POV P . -37.52 -3.82 4.59
C23 POV P . -37.93 -2.34 4.58
C24 POV P . -39.44 -2.24 4.42
C25 POV P . -39.81 -0.82 4.01
C26 POV P . -41.24 -0.54 4.44
C27 POV P . -41.83 0.59 3.60
C28 POV P . -43.02 1.20 4.34
C310 POV Q . -60.56 3.88 4.92
C311 POV Q . -61.96 3.49 4.43
C312 POV Q . -62.93 4.63 4.73
C313 POV Q . -64.29 4.32 4.11
C31 POV Q . -52.28 -0.44 7.29
C32 POV Q . -51.91 1.04 7.17
C33 POV Q . -53.03 1.80 6.45
C34 POV Q . -54.34 1.58 7.18
C35 POV Q . -55.50 1.26 6.24
C36 POV Q . -56.78 1.99 6.64
C37 POV Q . -57.85 1.79 5.56
C38 POV Q . -58.19 3.14 4.94
C39 POV Q . -59.52 3.03 4.21
C1 CLR R . -42.16 -36.52 -4.25
C2 CLR R . -40.85 -37.35 -4.21
C3 CLR R . -40.08 -37.30 -5.55
C4 CLR R . -39.78 -35.85 -5.94
C5 CLR R . -41.07 -34.97 -6.04
C6 CLR R . -41.79 -35.30 -7.41
C7 CLR R . -43.09 -34.39 -7.66
C8 CLR R . -43.55 -33.54 -6.43
C9 CLR R . -43.47 -34.56 -5.10
C10 CLR R . -42.00 -35.08 -4.82
C11 CLR R . -44.18 -33.95 -3.91
C12 CLR R . -45.67 -33.32 -4.27
C13 CLR R . -45.65 -32.33 -5.41
C14 CLR R . -44.88 -32.93 -6.69
C15 CLR R . -45.05 -31.80 -7.83
C16 CLR R . -46.56 -31.34 -7.71
C17 CLR R . -47.01 -31.67 -6.06
C18 CLR R . -44.78 -31.14 -4.89
C19 CLR R . -41.34 -34.25 -3.74
C20 CLR R . -47.51 -30.55 -5.43
C21 CLR R . -48.47 -30.95 -4.22
C22 CLR R . -48.38 -29.60 -6.42
C23 CLR R . -47.91 -28.12 -6.36
C24 CLR R . -49.10 -27.13 -6.55
C25 CLR R . -49.18 -26.05 -5.41
C26 CLR R . -50.50 -25.34 -5.46
C27 CLR R . -48.93 -26.69 -3.97
O1 CLR R . -38.86 -38.00 -5.42
C1 CLR S . -40.86 -21.81 12.22
C2 CLR S . -39.58 -22.60 12.60
C3 CLR S . -39.56 -24.00 11.98
C4 CLR S . -39.66 -23.91 10.44
C5 CLR S . -40.96 -23.17 9.99
C6 CLR S . -42.16 -24.17 10.12
C7 CLR S . -43.56 -23.54 9.60
C8 CLR S . -43.51 -22.01 9.30
C9 CLR S . -42.68 -21.31 10.59
C10 CLR S . -41.19 -21.81 10.71
C11 CLR S . -42.82 -19.80 10.62
C12 CLR S . -44.36 -19.26 10.29
C13 CLR S . -44.98 -19.88 9.07
C14 CLR S . -44.87 -21.49 9.06
C15 CLR S . -45.73 -22.01 7.79
C16 CLR S . -46.83 -20.91 7.50
C17 CLR S . -46.56 -19.69 8.72
C18 CLR S . -44.12 -19.36 7.83
C19 CLR S . -40.24 -20.84 10.04
C20 CLR S . -46.88 -18.41 8.35
C21 CLR S . -47.63 -17.72 9.57
C22 CLR S . -47.90 -18.31 7.10
C23 CLR S . -48.33 -16.84 6.81
C24 CLR S . -49.18 -16.74 5.51
C25 CLR S . -49.28 -15.27 4.93
C26 CLR S . -50.47 -15.13 4.05
C27 CLR S . -49.29 -14.19 6.09
O1 CLR S . -38.34 -24.63 12.30
C1 CLR T . -64.04 -0.46 -2.54
C2 CLR T . -65.22 0.50 -2.87
C3 CLR T . -65.18 1.80 -2.05
C4 CLR T . -63.80 2.49 -2.15
C5 CLR T . -62.63 1.54 -1.77
C6 CLR T . -62.65 1.36 -0.22
C7 CLR T . -61.51 0.36 0.34
C8 CLR T . -60.64 -0.35 -0.74
C9 CLR T . -61.66 -0.88 -1.95
C10 CLR T . -62.64 0.21 -2.53
C11 CLR T . -60.85 -1.64 -2.97
C12 CLR T . -60.08 -2.92 -2.26
C13 CLR T . -59.19 -2.52 -1.12
C14 CLR T . -59.89 -1.47 -0.12
C15 CLR T . -58.76 -1.19 1.01
C16 CLR T . -58.17 -2.62 1.32
C17 CLR T . -58.51 -3.59 -0.09
C18 CLR T . -58.02 -1.71 -1.80
C19 CLR T . -62.30 0.55 -3.97
C20 CLR T . -57.40 -4.25 -0.55
C21 CLR T . -57.80 -5.57 -1.38
C22 CLR T . -56.46 -4.76 0.66
C23 CLR T . -55.25 -5.61 0.14
C24 CLR T . -55.15 -6.99 0.82
C25 CLR T . -54.03 -7.88 0.14
C26 CLR T . -52.67 -7.33 0.40
C27 CLR T . -54.15 -9.41 0.58
O1 CLR T . -66.17 2.68 -2.54
C1 CLR U . -60.62 10.48 0.19
C2 CLR U . -62.07 10.97 -0.15
C3 CLR U . -63.06 10.90 1.04
C4 CLR U . -62.44 11.49 2.32
C5 CLR U . -61.10 10.79 2.70
C6 CLR U . -61.44 9.33 3.14
C7 CLR U . -60.20 8.29 3.11
C8 CLR U . -58.82 8.99 3.11
C9 CLR U . -58.75 10.04 1.80
C10 CLR U . -60.05 10.90 1.57
C11 CLR U . -57.43 10.79 1.90
C12 CLR U . -56.11 9.77 2.01
C13 CLR U . -56.23 8.72 3.08
C14 CLR U . -57.69 8.03 3.06
C15 CLR U . -57.58 6.79 4.11
C16 CLR U . -56.18 6.14 3.77
C17 CLR U . -55.18 7.45 3.19
C18 CLR U . -56.19 9.54 4.42
C19 CLR U . -59.71 12.38 1.45
C20 CLR U . -54.07 7.66 3.96
C21 CLR U . -52.90 8.35 3.11
C22 CLR U . -53.47 6.29 4.59
C23 CLR U . -52.39 5.55 3.73
C24 CLR U . -51.45 4.69 4.62
C25 CLR U . -50.37 5.55 5.38
C26 CLR U . -49.68 6.50 4.44
C27 CLR U . -49.32 4.62 6.13
O1 CLR U . -64.21 11.64 0.71
K K V . -24.09 24.64 -12.38
K K W . -22.01 22.52 -11.31
K K X . -19.96 20.42 -10.26
K K Y . -18.13 18.55 -9.32
N POV Z . -38.23 19.04 -25.25
P POV Z . -41.26 15.70 -24.76
C1 POV Z . -40.10 13.38 -25.13
C2 POV Z . -39.17 12.53 -24.28
C3 POV Z . -38.50 13.39 -23.20
C210 POV Z . -30.96 2.40 -23.53
C310 POV Z . -30.21 6.79 -19.99
C11 POV Z . -39.45 17.34 -23.92
O11 POV Z . -39.93 14.73 -24.84
C211 POV Z . -29.46 2.28 -23.30
C311 POV Z . -30.49 5.45 -20.67
C12 POV Z . -39.08 18.82 -24.09
O12 POV Z . -40.82 17.16 -24.17
C312 POV Z . -31.17 4.52 -19.68
C13 POV Z . -37.86 20.44 -25.28
O13 POV Z . -42.34 15.09 -23.99
C313 POV Z . -30.13 3.91 -18.75
C14 POV Z . -37.02 18.25 -25.18
O14 POV Z . -41.89 15.84 -26.07
C314 POV Z . -29.80 2.49 -19.21
C15 POV Z . -38.94 18.73 -26.48
C315 POV Z . -31.04 1.61 -19.09
C316 POV Z . -30.70 0.20 -19.57
C21 POV Z . -37.93 10.61 -24.80
O21 POV Z . -38.18 11.96 -25.08
C22 POV Z . -36.53 10.06 -24.94
O22 POV Z . -38.81 9.90 -24.46
C23 POV Z . -36.48 8.64 -24.42
C24 POV Z . -35.03 8.19 -24.43
C25 POV Z . -34.97 6.71 -24.76
C26 POV Z . -34.52 5.95 -23.53
C27 POV Z . -33.03 5.65 -23.67
C28 POV Z . -32.76 4.19 -23.33
C29 POV Z . -31.39 3.83 -23.87
C31 POV Z . -36.44 14.39 -22.75
O31 POV Z . -37.12 13.33 -23.36
C32 POV Z . -35.15 14.16 -21.98
O32 POV Z . -36.90 15.48 -22.83
C33 POV Z . -34.07 13.67 -22.94
C34 POV Z . -33.88 12.18 -22.72
C35 POV Z . -32.95 11.97 -21.54
C36 POV Z . -31.87 10.99 -21.95
C37 POV Z . -31.56 10.09 -20.76
C38 POV Z . -31.14 8.72 -21.26
C39 POV Z . -31.42 7.69 -20.16
P POV AA . -54.09 5.58 -23.60
C1 POV AA . -51.64 4.84 -23.08
C2 POV AA . -50.32 5.41 -23.57
C210 POV AA . -40.80 -1.07 -27.30
O11 POV AA . -52.60 5.04 -24.07
C211 POV AA . -41.09 -2.56 -27.21
O12 POV AA . -55.16 5.41 -24.83
C212 POV AA . -39.89 -3.32 -27.76
O13 POV AA . -54.54 4.88 -22.40
C213 POV AA . -38.64 -2.93 -26.99
O14 POV AA . -54.03 6.94 -23.12
C214 POV AA . -38.12 -4.13 -26.21
C21 POV AA . -49.04 5.04 -25.47
O21 POV AA . -50.31 5.33 -24.96
C22 POV AA . -48.82 3.77 -26.28
O22 POV AA . -48.15 5.79 -25.26
C23 POV AA . -47.32 3.62 -26.57
C24 POV AA . -47.09 2.28 -27.24
C25 POV AA . -45.87 2.42 -28.15
C26 POV AA . -44.61 2.15 -27.35
C27 POV AA . -44.07 0.79 -27.77
C28 POV AA . -42.69 0.61 -27.16
C29 POV AA . -41.87 -0.31 -28.06
N POV BA . -57.59 4.00 -29.79
P POV BA . -53.46 1.88 -29.66
C1 POV BA . -52.33 -0.37 -28.91
C2 POV BA . -50.90 -0.87 -28.79
C3 POV BA . -50.41 -1.38 -30.15
C210 POV BA . -41.21 -7.43 -24.62
C11 POV BA . -56.05 2.04 -29.92
O11 POV BA . -52.34 1.02 -28.82
C211 POV BA . -40.99 -8.52 -23.59
C12 POV BA . -56.72 3.09 -29.03
O12 POV BA . -54.99 1.46 -29.22
C212 POV BA . -39.50 -8.67 -23.32
C13 POV BA . -56.84 4.70 -30.82
O13 POV BA . -53.24 3.31 -29.49
C14 POV BA . -58.15 4.99 -28.88
O14 POV BA . -53.27 1.74 -31.11
C15 POV BA . -58.67 3.26 -30.40
C21 POV BA . -49.71 -1.83 -27.01
O21 POV BA . -50.83 -1.91 -27.86
C22 POV BA . -48.92 -3.09 -26.69
O22 POV BA . -49.38 -0.80 -26.54
C23 POV BA . -47.55 -2.69 -26.16
C24 POV BA . -46.78 -3.95 -25.75
C25 POV BA . -45.97 -3.66 -24.50
C26 POV BA . -45.30 -4.93 -24.03
C27 POV BA . -43.79 -4.82 -24.18
C28 POV BA . -43.16 -6.12 -23.70
C29 POV BA . -41.67 -6.11 -24.00
C31 POV BA . -49.11 -0.50 -31.89
O31 POV BA . -50.19 -0.30 -31.02
C32 POV BA . -47.73 -0.83 -31.33
O32 POV BA . -49.26 -0.38 -33.06
C33 POV BA . -46.94 -1.62 -32.37
C34 POV BA . -46.15 -2.74 -31.69
C35 POV BA . -47.11 -3.69 -30.95
N POV CA . -15.57 -12.87 -17.46
P POV CA . -14.83 -10.05 -21.47
C1 POV CA . -16.60 -8.33 -22.32
C2 POV CA . -18.12 -8.14 -22.27
C3 POV CA . -18.76 -8.86 -23.44
C11 POV CA . -14.59 -11.42 -19.27
O11 POV CA . -16.23 -9.21 -21.31
C12 POV CA . -15.81 -11.80 -18.44
O12 POV CA . -14.93 -11.46 -20.62
C13 POV CA . -15.12 -14.05 -18.17
O13 POV CA . -14.53 -10.31 -22.88
C14 POV CA . -14.50 -12.47 -16.56
O14 POV CA . -13.67 -9.27 -21.08
C15 POV CA . -16.77 -13.17 -16.69
C21 POV CA . -19.51 -6.40 -21.49
O21 POV CA . -18.43 -6.77 -22.32
C22 POV CA . -19.90 -4.92 -21.39
O22 POV CA . -20.11 -7.20 -20.88
C23 POV CA . -21.43 -4.83 -21.27
C24 POV CA . -21.81 -3.63 -20.43
C25 POV CA . -21.36 -2.35 -21.11
C26 POV CA . -22.06 -1.15 -20.48
C31 POV CA . -19.66 -8.46 -25.57
O31 POV CA . -19.31 -7.93 -24.33
C32 POV CA . -20.80 -7.84 -26.37
O32 POV CA . -19.08 -9.40 -25.99
C33 POV CA . -20.55 -6.35 -26.52
C34 POV CA . -21.74 -5.58 -25.94
C35 POV CA . -21.25 -4.25 -25.38
C36 POV CA . -22.27 -3.16 -25.71
C37 POV CA . -23.43 -3.24 -24.72
C38 POV CA . -24.36 -2.05 -24.95
N POV DA . -18.61 -20.14 -20.01
P POV DA . -18.50 -16.75 -17.40
C1 POV DA . -18.93 -14.89 -19.20
C2 POV DA . -20.06 -14.10 -19.84
C3 POV DA . -19.63 -12.64 -20.07
C310 POV DA . -28.87 -5.53 -16.41
C11 POV DA . -18.05 -19.34 -17.63
O11 POV DA . -19.50 -15.79 -18.29
C311 POV DA . -29.41 -4.35 -17.22
C12 POV DA . -17.61 -19.56 -19.09
O12 POV DA . -19.00 -18.32 -17.53
C312 POV DA . -30.87 -4.60 -17.60
C13 POV DA . -19.56 -21.04 -19.36
O13 POV DA . -17.11 -16.61 -17.78
C313 POV DA . -31.40 -3.39 -18.39
C14 POV DA . -19.32 -19.07 -20.69
O14 POV DA . -18.46 -16.33 -16.02
C314 POV DA . -32.88 -3.61 -18.71
C15 POV DA . -17.89 -20.89 -21.01
C315 POV DA . -33.51 -2.31 -19.17
C21 POV DA . -22.38 -14.23 -19.67
O21 POV DA . -21.16 -14.12 -18.99
C22 POV DA . -23.60 -13.48 -19.14
O22 POV DA . -22.47 -14.89 -20.63
C23 POV DA . -24.53 -13.12 -20.29
C24 POV DA . -25.49 -12.03 -19.84
C25 POV DA . -26.86 -12.25 -20.46
C26 POV DA . -27.77 -11.09 -20.08
C27 POV DA . -28.39 -10.48 -21.33
C31 POV DA . -20.31 -11.13 -18.42
O31 POV DA . -19.33 -12.02 -18.87
C32 POV DA . -20.89 -10.04 -19.31
O32 POV DA . -20.71 -11.22 -17.31
C33 POV DA . -22.40 -9.98 -19.08
C34 POV DA . -22.82 -8.57 -18.70
C35 POV DA . -24.32 -8.42 -18.97
C36 POV DA . -24.99 -7.64 -17.85
C37 POV DA . -26.49 -7.90 -17.87
C38 POV DA . -27.13 -7.30 -16.62
C39 POV DA . -27.44 -5.83 -16.85
N POV EA . -57.81 27.49 -4.92
P POV EA . -56.58 22.82 -5.56
C1 POV EA . -57.29 20.38 -5.10
C2 POV EA . -56.72 19.15 -4.42
C3 POV EA . -56.30 18.15 -5.49
C210 POV EA . -51.40 13.49 2.55
C310 POV EA . -47.82 12.45 -2.89
C11 POV EA . -56.61 25.41 -5.57
O11 POV EA . -56.78 21.55 -4.54
C211 POV EA . -50.61 12.21 2.37
C311 POV EA . -47.87 11.00 -2.44
C12 POV EA . -56.60 26.69 -4.72
O12 POV EA . -56.57 24.26 -4.77
C212 POV EA . -50.38 11.61 3.76
C312 POV EA . -46.46 10.60 -2.00
C13 POV EA . -58.01 27.81 -6.32
O13 POV EA . -55.38 22.65 -6.37
C213 POV EA . -49.21 10.65 3.69
C313 POV EA . -46.52 9.23 -1.32
C14 POV EA . -57.68 28.74 -4.19
O14 POV EA . -57.60 22.82 -6.60
C214 POV EA . -48.18 11.05 4.73
C314 POV EA . -45.13 8.88 -0.78
C15 POV EA . -58.95 26.76 -4.42
C215 POV EA . -47.17 9.92 4.89
C315 POV EA . -45.12 7.42 -0.35
C216 POV EA . -46.75 9.84 6.35
C316 POV EA . -43.73 7.07 0.19
C217 POV EA . -45.99 8.54 6.61
C218 POV EA . -44.59 8.87 7.10
C21 POV EA . -57.40 18.52 -2.24
O21 POV EA . -57.70 18.56 -3.61
C22 POV EA . -58.15 17.52 -1.35
O22 POV EA . -56.59 19.24 -1.78
C23 POV EA . -57.35 17.26 -0.08
C24 POV EA . -56.38 16.10 -0.32
C25 POV EA . -56.00 15.48 1.02
C26 POV EA . -55.18 14.23 0.77
C27 POV EA . -53.78 14.42 1.33
C28 POV EA . -53.82 14.24 2.83
C29 POV EA . -52.72 13.28 3.27
C31 POV EA . -54.72 17.76 -7.19
O31 POV EA . -55.31 18.68 -6.31
C32 POV EA . -54.39 16.34 -6.72
O32 POV EA . -54.48 18.08 -8.30
C33 POV EA . -53.35 15.71 -7.64
C34 POV EA . -52.29 15.01 -6.78
C35 POV EA . -52.94 13.93 -5.94
C36 POV EA . -51.92 12.84 -5.63
C37 POV EA . -51.34 13.10 -4.24
C38 POV EA . -50.02 12.34 -4.08
C39 POV EA . -49.23 13.01 -2.95
C21 POV FA . -42.74 13.12 4.59
C22 POV FA . -42.01 11.78 4.52
C23 POV FA . -40.63 11.92 5.18
C24 POV FA . -40.11 10.54 5.55
C25 POV FA . -38.74 10.68 6.21
C26 POV FA . -38.07 9.31 6.26
C27 POV FA . -37.09 9.29 7.44
C28 POV FA . -36.26 8.01 7.42
C31 POV GA . -63.33 10.96 8.00
C32 POV GA . -61.81 10.88 7.85
C33 POV GA . -61.41 9.44 7.57
C34 POV GA . -60.21 9.07 8.43
C35 POV GA . -60.07 7.55 8.51
C36 POV GA . -59.52 7.16 9.87
C37 POV GA . -58.77 5.83 9.74
C38 POV GA . -57.98 5.57 11.02
C39 POV GA . -56.95 4.46 10.78
P POV HA . -28.41 -2.90 17.79
C1 POV HA . -28.62 -0.33 17.34
C2 POV HA . -29.36 0.93 17.78
O11 POV HA . -29.07 -1.43 18.08
O12 POV HA . -26.78 -2.75 17.53
O13 POV HA . -28.68 -3.84 18.88
O14 POV HA . -29.06 -3.58 16.68
C21 POV HA . -29.93 3.12 17.07
O21 POV HA . -29.18 1.95 16.84
C22 POV HA . -29.82 4.29 16.10
O22 POV HA . -30.63 3.20 18.03
C23 POV HA . -31.13 5.08 16.14
C24 POV HA . -30.83 6.57 16.25
C25 POV HA . -30.81 7.20 14.86
C26 POV HA . -31.17 8.68 14.95
C1 NAG IA . -71.16 37.58 12.97
C2 NAG IA . -72.67 37.88 12.92
C3 NAG IA . -73.58 36.66 13.11
C4 NAG IA . -73.02 35.41 12.46
C5 NAG IA . -71.61 35.19 12.97
C6 NAG IA . -71.04 33.88 12.43
C7 NAG IA . -73.43 40.07 13.60
C8 NAG IA . -73.73 41.01 14.71
N2 NAG IA . -72.99 38.86 13.94
O3 NAG IA . -74.84 36.93 12.56
O4 NAG IA . -73.85 34.31 12.77
O5 NAG IA . -70.79 36.27 12.58
O6 NAG IA . -69.79 33.61 13.01
O7 NAG IA . -73.58 40.41 12.42
C1 NAG JA . -68.27 51.02 7.69
C2 NAG JA . -68.60 50.62 9.12
C3 NAG JA . -68.24 51.69 10.15
C4 NAG JA . -66.93 52.40 9.85
C5 NAG JA . -66.85 52.82 8.39
C6 NAG JA . -65.51 53.45 8.06
C7 NAG JA . -70.48 49.08 9.06
C8 NAG JA . -71.95 48.88 9.20
N2 NAG JA . -70.01 50.32 9.23
O3 NAG JA . -68.13 51.06 11.40
O4 NAG JA . -66.82 53.55 10.67
O5 NAG JA . -67.03 51.69 7.57
O6 NAG JA . -65.02 52.87 6.87
O7 NAG JA . -69.73 48.13 8.80
N POV KA . -41.15 27.62 -2.53
P POV KA . -41.68 28.68 1.86
C1 POV KA . -41.27 26.56 3.35
C2 POV KA . -40.00 25.81 3.77
C3 POV KA . -38.84 26.15 2.83
C210 POV KA . -34.72 15.15 9.13
C310 POV KA . -31.69 18.07 5.30
C11 POV KA . -40.31 28.37 -0.31
O11 POV KA . -41.07 27.17 2.11
C211 POV KA . -33.85 14.01 8.59
C311 POV KA . -32.28 17.39 6.55
C12 POV KA . -40.46 28.68 -1.81
O12 POV KA . -41.10 29.25 0.43
C312 POV KA . -31.59 17.93 7.79
C13 POV KA . -41.17 27.94 -3.94
O13 POV KA . -41.38 29.58 2.96
C313 POV KA . -30.24 17.23 7.98
C14 POV KA . -40.48 26.34 -2.36
O14 POV KA . -43.14 28.67 1.87
C314 POV KA . -30.37 16.13 9.02
C15 POV KA . -42.53 27.50 -2.06
C315 POV KA . -30.69 16.76 10.38
C316 POV KA . -30.83 15.65 11.42
C21 POV KA . -39.74 23.76 4.86
O21 POV KA . -40.23 24.44 3.74
C22 POV KA . -39.20 22.35 4.69
O22 POV KA . -39.74 24.27 5.92
C23 POV KA . -38.55 21.90 5.99
C24 POV KA . -37.89 20.55 5.73
C25 POV KA . -38.01 19.71 6.98
C26 POV KA . -36.63 19.52 7.60
C27 POV KA . -36.08 18.18 7.17
C28 POV KA . -35.51 17.45 8.38
C29 POV KA . -35.36 15.98 8.02
C31 POV KA . -37.66 25.19 1.08
O31 POV KA . -38.37 24.97 2.26
C32 POV KA . -36.38 24.41 0.79
O32 POV KA . -38.04 25.99 0.30
C33 POV KA . -36.72 22.94 0.62
C34 POV KA . -36.28 22.20 1.89
C35 POV KA . -34.80 21.89 1.78
C36 POV KA . -34.59 20.42 2.12
C37 POV KA . -33.31 20.28 2.90
C38 POV KA . -33.43 19.12 3.88
C39 POV KA . -32.46 19.35 5.03
P POV LA . -45.12 34.61 16.74
C1 POV LA . -43.52 32.59 16.34
C2 POV LA . -43.45 31.61 15.18
C210 POV LA . -41.99 19.64 16.20
O11 POV LA . -44.85 33.01 16.48
C211 POV LA . -41.88 19.23 17.66
O12 POV LA . -46.67 34.85 17.22
C212 POV LA . -41.78 17.71 17.74
O13 POV LA . -44.17 35.16 17.69
C213 POV LA . -40.58 17.24 16.92
O14 POV LA . -44.81 35.39 15.54
C214 POV LA . -39.54 16.62 17.84
C21 POV LA . -44.56 29.62 14.72
O21 POV LA . -44.67 30.96 15.09
C22 POV LA . -45.05 28.52 15.65
O22 POV LA . -44.06 29.35 13.68
C23 POV LA . -44.65 27.17 15.07
C24 POV LA . -45.00 26.08 16.07
C25 POV LA . -45.31 24.81 15.31
C26 POV LA . -44.03 24.05 15.07
C27 POV LA . -44.03 22.82 15.97
C28 POV LA . -42.86 21.93 15.59
C29 POV LA . -43.21 20.49 15.93
N POV MA . -52.01 33.96 18.99
P POV MA . -49.90 29.83 19.02
C1 POV MA . -48.50 28.26 20.60
C2 POV MA . -47.72 26.97 20.40
C3 POV MA . -48.67 25.78 20.49
C210 POV MA . -39.11 18.22 22.32
C11 POV MA . -51.26 31.83 20.02
O11 POV MA . -48.57 28.93 19.37
C211 POV MA . -37.97 18.00 23.32
C12 POV MA . -50.87 33.21 19.49
O12 POV MA . -50.12 31.02 20.14
C212 POV MA . -37.06 16.88 22.80
C13 POV MA . -52.68 33.24 17.92
O13 POV MA . -49.80 30.39 17.69
C14 POV MA . -51.55 35.24 18.47
O14 POV MA . -51.09 29.00 18.90
C15 POV MA . -52.95 34.21 20.07
C21 POV MA . -45.52 26.36 20.93
O21 POV MA . -46.74 26.84 21.39
C22 POV MA . -44.76 25.31 21.72
O22 POV MA . -45.07 26.77 19.92
C23 POV MA . -43.72 24.65 20.81
C24 POV MA . -42.89 23.67 21.63
C25 POV MA . -41.45 23.70 21.14
C26 POV MA . -40.60 22.81 22.03
C27 POV MA . -40.10 21.62 21.22
C28 POV MA . -39.27 20.74 22.14
C29 POV MA . -38.88 19.45 21.44
C31 POV MA . -49.75 24.40 18.91
O31 POV MA . -49.47 25.71 19.33
C32 POV MA . -48.63 23.42 18.66
O32 POV MA . -50.88 24.07 18.75
C33 POV MA . -49.13 21.99 18.89
C34 POV MA . -48.05 21.17 19.60
C35 POV MA . -47.73 21.80 20.95
N POV NA . -21.03 -1.18 16.40
P POV NA . -24.60 -2.21 13.13
C1 POV NA . -26.30 -0.41 12.29
C2 POV NA . -26.93 0.88 12.81
C3 POV NA . -28.18 0.54 13.62
C11 POV NA . -22.36 -2.07 14.48
O11 POV NA . -25.14 -0.66 13.03
C12 POV NA . -22.12 -0.92 15.46
O12 POV NA . -23.73 -2.40 14.50
C13 POV NA . -21.35 -2.38 17.17
O13 POV NA . -25.69 -3.17 13.06
C14 POV NA . -19.79 -1.46 15.67
O14 POV NA . -23.82 -2.59 11.94
C15 POV NA . -20.82 -0.05 17.31
C21 POV NA . -27.03 3.08 11.99
O21 POV NA . -27.25 1.73 11.75
C22 POV NA . -27.25 4.12 10.88
O22 POV NA . -26.65 3.46 13.04
C23 POV NA . -27.81 5.39 11.50
C24 POV NA . -27.35 6.60 10.70
C25 POV NA . -27.91 6.54 9.28
C26 POV NA . -27.76 7.90 8.62
C31 POV NA . -30.51 0.52 13.43
O31 POV NA . -29.31 1.02 12.94
C32 POV NA . -31.80 1.34 13.29
O32 POV NA . -30.55 -0.55 13.96
C33 POV NA . -31.98 1.76 11.84
C34 POV NA . -32.05 3.28 11.77
C35 POV NA . -31.48 3.76 10.43
C36 POV NA . -32.33 4.90 9.89
C37 POV NA . -31.94 6.19 10.59
C38 POV NA . -32.67 7.37 9.94
N POV OA . -23.86 -3.19 23.92
P POV OA . -21.84 -0.62 21.18
C1 POV OA . -23.82 -0.22 19.51
C2 POV OA . -24.97 0.74 19.24
C3 POV OA . -25.14 0.97 17.75
C310 POV OA . -26.62 12.98 16.02
C11 POV OA . -21.58 -2.25 23.23
O11 POV OA . -23.16 0.21 20.66
C311 POV OA . -27.69 13.59 15.13
C12 POV OA . -22.67 -3.32 23.08
O12 POV OA . -22.00 -1.00 22.77
C312 POV OA . -28.65 14.45 15.96
C13 POV OA . -23.60 -2.58 25.21
O13 POV OA . -21.59 -1.80 20.38
C313 POV OA . -29.70 15.07 15.05
C14 POV OA . -24.90 -2.46 23.22
O14 POV OA . -20.62 0.13 20.93
C314 POV OA . -30.61 15.99 15.86
C15 POV OA . -24.37 -4.53 24.16
C315 POV OA . -31.43 16.88 14.94
C21 POV OA . -25.80 2.58 20.43
O21 POV OA . -24.69 1.97 19.86
C22 POV OA . -25.94 4.09 20.37
O22 POV OA . -26.65 1.92 20.95
C23 POV OA . -27.42 4.48 20.34
C24 POV OA . -27.53 5.92 19.86
C25 POV OA . -28.67 6.63 20.61
C26 POV OA . -28.84 8.03 20.03
C27 POV OA . -30.30 8.25 19.63
C31 POV OA . -24.11 2.90 16.90
O31 POV OA . -24.00 1.54 17.19
C32 POV OA . -25.28 3.45 16.09
O32 POV OA . -23.29 3.65 17.28
C33 POV OA . -25.73 4.76 16.74
C34 POV OA . -25.73 5.90 15.72
C35 POV OA . -26.64 7.01 16.24
C36 POV OA . -26.01 8.37 15.98
C37 POV OA . -26.65 9.42 16.88
C38 POV OA . -25.87 10.73 16.79
C39 POV OA . -26.36 11.54 15.59
MG MG PA . -31.54 -27.04 3.50
CA CA QA . -20.15 -46.34 -11.79
CA CA RA . 3.89 -37.09 -22.48
P POV SA . -24.80 -1.97 31.59
C1 POV SA . -25.69 0.40 30.88
C2 POV SA . -27.16 0.57 30.50
C3 POV SA . -27.50 -0.41 29.39
C210 POV SA . -35.44 9.02 27.67
O11 POV SA . -25.58 -0.54 31.89
C211 POV SA . -36.17 10.31 28.04
O12 POV SA . -24.63 -2.83 32.99
O13 POV SA . -25.50 -2.77 30.59
O14 POV SA . -23.53 -1.74 30.94
C21 POV SA . -28.63 2.44 30.50
O21 POV SA . -27.40 1.89 30.08
C22 POV SA . -28.88 3.94 30.37
O22 POV SA . -29.49 1.75 30.92
C23 POV SA . -29.57 4.20 29.04
C24 POV SA . -30.43 5.46 29.14
C25 POV SA . -31.62 5.31 28.21
C26 POV SA . -32.48 6.57 28.28
C27 POV SA . -33.94 6.20 28.53
C28 POV SA . -34.60 7.30 29.35
C29 POV SA . -35.81 7.84 28.58
C31 POV SA . -27.79 -0.43 27.08
O31 POV SA . -27.96 0.28 28.27
C32 POV SA . -28.85 -0.32 25.97
O32 POV SA . -26.84 -1.11 26.91
C33 POV SA . -29.67 0.94 26.21
C34 POV SA . -30.65 1.14 25.06
C35 POV SA . -29.87 1.37 23.76
C36 POV SA . -29.70 2.87 23.50
C37 POV SA . -31.05 3.56 23.44
C38 POV SA . -30.84 5.07 23.27
C310 POV TA . -35.52 10.87 32.79
C311 POV TA . -35.23 12.26 32.24
C31 POV TA . -30.66 2.13 35.74
O31 POV TA . -29.88 1.31 36.54
C32 POV TA . -30.24 3.58 35.50
O32 POV TA . -31.65 1.71 35.22
C33 POV TA . -30.77 4.05 34.16
C34 POV TA . -30.79 5.58 34.12
C35 POV TA . -31.65 6.06 32.98
C36 POV TA . -31.78 7.58 33.03
C37 POV TA . -33.26 7.95 33.00
C38 POV TA . -33.41 9.46 32.91
C39 POV TA . -34.67 9.78 32.13
N POV UA . -8.78 12.92 14.04
P POV UA . -9.42 17.43 14.96
C1 POV UA . -11.86 17.30 15.91
C2 POV UA . -12.18 18.78 16.18
C3 POV UA . -11.42 19.28 17.40
C210 POV UA . -18.81 27.90 11.38
C11 POV UA . -9.18 15.30 13.47
O11 POV UA . -11.05 17.17 14.78
C211 POV UA . -18.09 29.23 11.36
C12 POV UA . -8.19 14.14 13.49
O12 POV UA . -8.55 16.45 13.97
C212 POV UA . -18.98 30.29 11.98
C13 POV UA . -9.22 13.13 15.41
O13 POV UA . -9.08 18.83 14.74
C213 POV UA . -18.14 31.50 12.36
C14 POV UA . -7.76 11.88 14.03
O14 POV UA . -9.02 17.25 16.35
C214 POV UA . -17.49 32.09 11.12
C15 POV UA . -9.89 12.49 13.22
C21 POV UA . -14.16 19.85 15.56
O21 POV UA . -13.55 18.94 16.42
C22 POV UA . -14.90 21.06 16.09
O22 POV UA . -14.10 19.68 14.38
C23 POV UA . -14.72 22.21 15.12
C24 POV UA . -15.99 22.39 14.31
C25 POV UA . -16.63 23.70 14.74
C26 POV UA . -16.44 24.73 13.63
C27 POV UA . -17.58 24.56 12.64
C28 POV UA . -17.57 25.74 11.68
C29 POV UA . -18.19 26.94 12.38
C31 POV UA . -12.00 18.15 19.37
O31 POV UA . -11.14 18.21 18.26
C32 POV UA . -12.37 19.41 20.16
O32 POV UA . -12.45 17.10 19.71
C33 POV UA . -11.23 19.80 21.08
C34 POV UA . -11.10 21.32 21.12
N POV VA . -9.22 14.59 8.40
P POV VA . -11.29 18.89 8.52
C1 POV VA . -13.49 19.30 9.88
C2 POV VA . -13.44 20.82 10.00
C3 POV VA . -13.74 21.19 11.44
C11 POV VA . -10.96 16.33 8.03
O11 POV VA . -12.93 18.90 8.67
C12 POV VA . -9.71 15.90 8.79
O12 POV VA . -10.80 17.63 7.57
C13 POV VA . -10.22 13.56 8.64
O13 POV VA . -10.80 20.16 7.99
C14 POV VA . -8.06 14.26 9.21
O14 POV VA . -10.66 18.86 9.83
C15 POV VA . -8.83 14.59 7.00
C21 POV VA . -14.26 22.78 9.09
O21 POV VA . -14.41 21.39 9.18
C22 POV VA . -15.47 23.70 9.29
O22 POV VA . -13.20 23.24 8.86
C23 POV VA . -16.12 24.06 7.96
C24 POV VA . -15.39 25.25 7.35
C25 POV VA . -15.45 26.45 8.29
C26 POV VA . -14.07 27.10 8.38
C27 POV VA . -14.07 28.41 7.60
C28 POV VA . -14.77 29.49 8.43
C21 POV WA . -10.81 28.44 20.29
C22 POV WA . -11.73 29.55 20.81
C23 POV WA . -12.06 30.52 19.69
C24 POV WA . -12.87 31.67 20.26
C25 POV WA . -13.55 32.43 19.13
C26 POV WA . -13.81 33.86 19.58
C27 POV WA . -14.93 34.47 18.75
C28 POV WA . -14.86 35.99 18.82
C310 POV XA . -22.21 51.17 24.42
C311 POV XA . -23.21 51.86 25.34
C312 POV XA . -23.48 53.27 24.80
C313 POV XA . -24.59 53.92 25.63
C31 POV XA . -16.05 43.75 24.79
C32 POV XA . -16.15 44.08 23.29
C33 POV XA . -17.35 44.99 23.04
C34 POV XA . -17.25 46.23 23.92
C35 POV XA . -18.57 46.59 24.61
C36 POV XA . -18.83 48.09 24.59
C37 POV XA . -20.24 48.37 25.12
C38 POV XA . -21.08 48.98 24.02
C39 POV XA . -22.30 49.65 24.63
C1 CLR YA . -18.23 14.54 50.84
C2 CLR YA . -17.54 13.16 51.00
C3 CLR YA . -18.41 12.01 50.46
C4 CLR YA . -18.78 12.26 48.99
C5 CLR YA . -19.52 13.62 48.79
C6 CLR YA . -21.02 13.44 49.25
C7 CLR YA . -21.91 14.76 49.00
C8 CLR YA . -21.10 16.04 48.58
C9 CLR YA . -19.77 16.09 49.60
C10 CLR YA . -18.82 14.83 49.44
C11 CLR YA . -19.07 17.43 49.52
C12 CLR YA . -20.10 18.73 49.59
C13 CLR YA . -21.21 18.67 48.57
C14 CLR YA . -21.96 17.24 48.61
C15 CLR YA . -23.17 17.39 47.56
C16 CLR YA . -23.76 18.83 47.84
C17 CLR YA . -22.46 19.76 48.53
C18 CLR YA . -20.50 18.74 47.19
C19 CLR YA . -17.65 15.15 48.53
C20 CLR YA . -22.22 20.92 47.84
C21 CLR YA . -21.51 22.00 48.77
C22 CLR YA . -23.58 21.60 47.28
C23 CLR YA . -23.48 21.93 45.76
C24 CLR YA . -24.27 23.22 45.41
C25 CLR YA . -23.40 24.27 44.62
C26 CLR YA . -24.08 25.60 44.57
C27 CLR YA . -21.93 24.40 45.23
O1 CLR YA . -17.69 10.80 50.54
C1 CLR ZA . -4.46 27.28 39.13
C2 CLR ZA . -3.48 26.09 39.29
C3 CLR ZA . -3.88 25.16 40.45
C4 CLR ZA . -5.31 24.63 40.25
C5 CLR ZA . -6.35 25.78 40.12
C6 CLR ZA . -6.65 26.32 41.56
C7 CLR ZA . -7.78 27.48 41.58
C8 CLR ZA . -8.19 28.00 40.17
C9 CLR ZA . -6.76 28.23 39.32
C10 CLR ZA . -5.95 26.89 39.11
C11 CLR ZA . -6.95 29.03 38.05
C12 CLR ZA . -7.97 30.33 38.22
C13 CLR ZA . -9.27 30.00 38.91
C14 CLR ZA . -9.04 29.20 40.28
C15 CLR ZA . -10.50 29.08 41.00
C16 CLR ZA . -11.35 30.31 40.48
C17 CLR ZA . -10.29 31.19 39.41
C18 CLR ZA . -10.05 29.05 37.93
C19 CLR ZA . -6.24 26.30 37.74
C20 CLR ZA . -10.89 31.85 38.39
C21 CLR ZA . -10.18 33.28 38.25
C22 CLR ZA . -12.45 32.16 38.62
C23 CLR ZA . -13.06 33.04 37.48
C24 CLR ZA . -14.60 33.19 37.63
C25 CLR ZA . -15.31 33.68 36.31
C26 CLR ZA . -16.63 34.30 36.61
C27 CLR ZA . -14.40 34.68 35.47
O1 CLR ZA . -2.99 24.07 40.51
C1 CLR AB . -29.94 48.70 28.98
C2 CLR AB . -30.84 49.91 28.62
C3 CLR AB . -30.23 50.83 27.55
C4 CLR AB . -29.79 50.01 26.31
C5 CLR AB . -28.84 48.83 26.66
C6 CLR AB . -27.45 49.43 27.01
C7 CLR AB . -26.35 48.33 27.45
C8 CLR AB . -26.86 46.86 27.55
C9 CLR AB . -28.34 46.90 28.35
C10 CLR AB . -29.40 47.92 27.76
C11 CLR AB . -28.82 45.48 28.54
C12 CLR AB . -27.72 44.61 29.40
C13 CLR AB . -26.35 44.58 28.77
C14 CLR AB . -25.87 46.04 28.28
C15 CLR AB . -24.40 45.77 27.65
C16 CLR AB . -23.72 44.80 28.70
C17 CLR AB . -25.02 44.02 29.55
C18 CLR AB . -26.53 43.75 27.46
C19 CLR AB . -30.57 47.18 27.13
C20 CLR AB . -24.88 42.65 29.57
C21 CLR AB . -25.66 42.01 30.82
C22 CLR AB . -23.34 42.20 29.75
C23 CLR AB . -23.21 40.65 29.88
C24 CLR AB . -22.40 40.23 31.15
C25 CLR AB . -22.43 38.67 31.35
C26 CLR AB . -21.66 37.97 30.27
C27 CLR AB . -21.93 38.27 32.80
O1 CLR AB . -31.19 51.78 27.16
C1 CLR BB . -27.17 52.16 18.06
C2 CLR BB . -28.14 53.37 18.26
C3 CLR BB . -27.50 54.62 18.89
C4 CLR BB . -26.14 54.95 18.24
C5 CLR BB . -25.15 53.75 18.29
C6 CLR BB . -24.74 53.55 19.79
C7 CLR BB . -24.13 52.10 20.16
C8 CLR BB . -23.60 51.33 18.90
C9 CLR BB . -24.87 51.19 17.80
C10 CLR BB . -25.72 52.50 17.58
C11 CLR BB . -24.28 50.55 16.56
C12 CLR BB . -23.51 49.11 16.87
C13 CLR BB . -22.49 49.18 17.98
C14 CLR BB . -23.05 50.00 19.24
C15 CLR BB . -21.95 49.80 20.40
C16 CLR BB . -21.58 48.26 20.31
C17 CLR BB . -21.80 47.83 18.64
C18 CLR BB . -21.36 50.09 17.38
C19 CLR BB . -25.83 52.86 16.10
C20 CLR BB . -20.65 47.38 18.04
C21 CLR BB . -20.99 46.43 16.80
C22 CLR BB . -19.67 46.58 19.07
C23 CLR BB . -19.91 45.02 19.12
C24 CLR BB . -18.62 44.28 19.57
C25 CLR BB . -17.56 44.15 18.41
C26 CLR BB . -18.19 43.65 17.15
C27 CLR BB . -16.33 43.23 18.84
O1 CLR BB . -28.36 55.71 18.72
N POV CB . -32.29 55.47 1.15
P POV CB . -31.85 52.12 4.66
C1 POV CB . -31.50 51.78 7.20
C2 POV CB . -30.49 51.06 8.11
C3 POV CB . -31.17 49.81 8.69
C210 POV CB . -21.38 47.34 11.51
C310 POV CB . -24.59 41.73 10.20
C11 POV CB . -32.14 53.32 2.38
O11 POV CB . -30.88 52.14 5.99
C211 POV CB . -21.06 46.06 12.27
C311 POV CB . -24.05 41.30 11.56
C12 POV CB . -31.51 54.25 1.35
O12 POV CB . -31.28 53.10 3.47
C212 POV CB . -19.65 46.21 12.86
C312 POV CB . -23.00 40.22 11.34
C13 POV CB . -33.67 55.16 0.81
O13 POV CB . -32.03 50.76 4.17
C213 POV CB . -19.11 44.83 13.19
C313 POV CB . -22.27 39.93 12.65
C14 POV CB . -31.71 56.25 0.08
O14 POV CB . -33.22 52.47 5.01
C214 POV CB . -17.77 44.66 12.48
C314 POV CB . -21.16 38.92 12.39
C15 POV CB . -32.26 56.26 2.37
C215 POV CB . -17.07 43.42 13.04
C315 POV CB . -20.61 38.43 13.72
C216 POV CB . -15.57 43.69 13.09
C316 POV CB . -19.49 37.42 13.47
C217 POV CB . -14.89 42.63 13.93
C218 POV CB . -13.87 41.90 13.06
C21 POV CB . -28.78 52.24 9.23
O21 POV CB . -30.14 51.90 9.16
C22 POV CB . -28.21 52.76 10.54
O22 POV CB . -28.10 52.13 8.27
C23 POV CB . -26.69 52.56 10.56
C24 POV CB . -26.36 51.18 11.11
C25 POV CB . -24.93 51.17 11.65
C26 POV CB . -24.68 49.85 12.36
C27 POV CB . -23.59 49.08 11.62
C28 POV CB . -22.24 49.69 11.98
C29 POV CB . -21.27 48.58 12.39
C31 POV CB . -31.97 47.67 8.11
O31 POV CB . -31.54 48.92 7.66
C32 POV CB . -31.26 46.97 9.28
O32 POV CB . -32.90 47.15 7.60
C33 POV CB . -31.56 45.48 9.26
C34 POV CB . -30.27 44.70 9.50
C35 POV CB . -29.69 45.09 10.86
C36 POV CB . -28.85 43.93 11.39
C37 POV CB . -27.38 44.19 11.07
C38 POV CB . -26.59 42.90 11.14
C39 POV CB . -25.31 43.07 10.33
C21 POV DB . -15.75 41.29 8.19
C22 POV DB . -15.36 40.07 9.02
C23 POV DB . -14.19 39.35 8.36
C24 POV DB . -13.48 38.48 9.39
C25 POV DB . -12.32 37.75 8.72
C26 POV DB . -11.83 36.64 9.63
C27 POV DB . -10.35 36.38 9.35
C28 POV DB . -9.89 35.14 10.10
C31 POV EB . -21.39 57.86 19.74
C32 POV EB . -20.86 56.56 19.13
C33 POV EB . -20.78 55.48 20.19
C34 POV EB . -19.46 54.74 20.07
C35 POV EB . -19.17 53.99 21.37
C36 POV EB . -17.66 53.96 21.63
C37 POV EB . -17.32 52.71 22.44
C38 POV EB . -15.79 52.53 22.46
C39 POV EB . -15.46 51.13 22.96
P POV FB . 3.94 28.52 17.41
C1 POV FB . 3.18 29.66 15.18
C2 POV FB . 3.13 31.01 14.45
O11 POV FB . 3.76 29.84 16.44
O12 POV FB . 4.39 27.21 16.51
O13 POV FB . 4.90 28.78 18.48
O14 POV FB . 2.73 28.26 18.18
C21 POV FB . 2.02 32.13 12.69
O21 POV FB . 2.26 30.91 13.35
C22 POV FB . 1.07 32.16 11.49
O22 POV FB . 2.55 33.13 13.04
C23 POV FB . 0.46 33.56 11.38
C24 POV FB . 0.53 34.05 9.94
C25 POV FB . -0.78 33.71 9.22
C26 POV FB . -1.00 34.71 8.08
C1 NAG GB . -23.12 78.17 0.28
C2 NAG GB . -23.84 79.45 0.70
C3 NAG GB . -23.93 79.69 2.20
C4 NAG GB . -24.15 78.42 2.99
C5 NAG GB . -23.05 77.43 2.61
C6 NAG GB . -23.15 76.16 3.45
C7 NAG GB . -23.79 81.33 -0.82
C8 NAG GB . -23.02 82.48 -1.39
N2 NAG GB . -23.17 80.59 0.08
O3 NAG GB . -25.01 80.57 2.48
O4 NAG GB . -24.11 78.69 4.37
O5 NAG GB . -23.17 77.11 1.23
O6 NAG GB . -22.06 75.32 3.19
O7 NAG GB . -24.94 81.10 -1.20
C1 NAG HB . -28.00 79.73 -13.53
C2 NAG HB . -26.81 80.42 -12.86
C3 NAG HB . -25.85 81.06 -13.84
C4 NAG HB . -25.62 80.24 -15.11
C5 NAG HB . -26.94 79.73 -15.68
C6 NAG HB . -26.72 78.83 -16.87
C7 NAG HB . -27.52 81.15 -10.66
C8 NAG HB . -28.02 82.27 -9.79
N2 NAG HB . -27.30 81.44 -11.94
O3 NAG HB . -24.61 81.24 -13.20
O4 NAG HB . -24.96 81.02 -16.07
O5 NAG HB . -27.63 79.00 -14.69
O6 NAG HB . -27.52 77.67 -16.71
O7 NAG HB . -27.33 80.03 -10.18
N POV IB . -22.95 43.55 -6.18
P POV IB . -19.37 46.33 -6.39
C1 POV IB . -17.63 45.69 -4.53
C2 POV IB . -16.62 44.55 -4.39
C3 POV IB . -17.00 43.39 -5.31
C210 POV IB . -8.43 37.90 3.29
C310 POV IB . -10.84 35.21 -1.10
C11 POV IB . -20.69 44.19 -6.98
O11 POV IB . -18.72 45.29 -5.30
C211 POV IB . -8.42 36.47 3.83
C311 POV IB . -9.92 35.89 -0.10
C12 POV IB . -22.13 43.80 -7.36
O12 POV IB . -20.46 45.53 -7.32
C312 POV IB . -8.56 36.14 -0.74
C13 POV IB . -24.26 43.11 -6.63
O13 POV IB . -18.34 46.99 -7.19
C313 POV IB . -7.75 34.85 -0.71
C14 POV IB . -22.39 42.52 -5.34
O14 POV IB . -19.98 47.47 -5.73
C314 POV IB . -6.74 34.90 0.44
C15 POV IB . -23.13 44.77 -5.41
C315 POV IB . -5.75 36.03 0.19
C316 POV IB . -4.75 36.07 1.35
C21 POV IB . -15.33 43.88 -2.56
O21 POV IB . -16.61 44.10 -3.07
C22 POV IB . -15.09 42.75 -1.58
O22 POV IB . -14.43 44.56 -2.90
C23 POV IB . -13.60 42.60 -1.31
C24 POV IB . -13.41 41.36 -0.46
C25 POV IB . -12.25 41.60 0.49
C26 POV IB . -11.09 40.71 0.09
C27 POV IB . -11.09 39.48 0.99
C28 POV IB . -9.69 39.23 1.52
C29 POV IB . -9.79 38.30 2.72
C31 POV IB . -17.96 41.28 -5.21
O31 POV IB . -17.20 42.24 -4.55
C32 POV IB . -17.59 39.80 -5.11
O32 POV IB . -18.90 41.61 -5.84
C33 POV IB . -17.73 39.33 -3.68
C34 POV IB . -16.33 39.19 -3.08
C35 POV IB . -15.75 37.85 -3.48
C36 POV IB . -15.21 37.18 -2.24
C37 POV IB . -13.93 36.44 -2.61
C38 POV IB . -12.98 36.44 -1.42
C39 POV IB . -11.56 36.27 -1.92
P POV JB . -8.16 58.11 -8.38
C1 POV JB . -7.61 55.77 -7.36
C2 POV JB . -8.51 54.77 -6.66
C210 POV JB . -5.71 48.65 3.40
O11 POV JB . -8.10 57.06 -7.12
C211 POV JB . -4.31 49.01 3.88
O12 POV JB . -8.42 59.63 -7.84
C212 POV JB . -4.04 48.28 5.18
O13 POV JB . -6.95 58.03 -9.19
C213 POV JB . -4.22 46.77 4.97
O14 POV JB . -9.18 57.70 -9.35
C214 POV JB . -2.87 46.07 5.15
C21 POV JB . -9.20 54.54 -4.46
O21 POV JB . -9.06 55.40 -5.54
C22 POV JB . -8.47 54.84 -3.15
O22 POV JB . -9.89 53.59 -4.56
C23 POV JB . -8.66 53.65 -2.20
C24 POV JB . -7.81 53.88 -0.97
C25 POV JB . -8.49 53.20 0.21
C26 POV JB . -8.07 51.75 0.28
C27 POV JB . -7.13 51.59 1.47
C28 POV JB . -6.88 50.10 1.70
C29 POV JB . -6.58 49.88 3.17
N POV KB . -9.05 64.17 -4.45
P POV KB . -7.67 60.66 -1.75
C1 POV KB . -5.50 59.53 -0.80
C2 POV KB . -5.20 58.25 -0.03
C3 POV KB . -5.42 58.49 1.47
C210 POV KB . 1.17 48.40 4.05
C11 POV KB . -7.58 63.05 -2.78
O11 POV KB . -6.69 59.37 -1.51
C211 POV KB . 2.57 47.83 3.85
C12 POV KB . -8.03 63.15 -4.24
O12 POV KB . -6.89 61.85 -2.57
C212 POV KB . 2.61 46.40 4.37
C13 POV KB . -10.23 63.91 -3.64
O13 POV KB . -8.89 60.26 -2.43
C14 POV KB . -9.45 64.16 -5.85
O14 POV KB . -8.21 61.17 -0.49
C15 POV KB . -8.52 65.47 -4.12
C21 POV KB . -3.71 56.49 -0.43
O21 POV KB . -3.87 57.86 -0.24
C22 POV KB . -2.56 55.75 0.25
O22 POV KB . -4.46 55.88 -1.12
C23 POV KB . -2.86 54.26 0.25
C24 POV KB . -1.67 53.51 0.86
C25 POV KB . -1.49 52.19 0.12
C26 POV KB . -0.23 51.51 0.63
C27 POV KB . -0.60 50.24 1.37
C28 POV KB . 0.68 49.58 1.87
C29 POV KB . 0.34 48.39 2.77
C31 POV KB . -7.14 58.04 2.99
O31 POV KB . -6.78 58.59 1.75
C32 POV KB . -6.78 56.60 3.32
O32 POV KB . -7.74 58.70 3.77
C33 POV KB . -6.65 56.45 4.83
C34 POV KB . -5.46 55.55 5.16
C35 POV KB . -4.17 56.15 4.61
N POV LB . 5.72 22.94 12.41
P POV LB . 1.34 23.85 14.55
C1 POV LB . -0.32 25.64 13.63
C2 POV LB . -0.27 26.94 12.83
C3 POV LB . -0.06 28.11 13.78
C11 POV LB . 3.50 22.76 13.58
O11 POV LB . 0.86 24.94 13.42
C12 POV LB . 4.37 23.50 12.56
O12 POV LB . 2.98 23.68 14.48
C13 POV LB . 6.39 22.99 13.70
O13 POV LB . 0.92 24.26 15.88
C14 POV LB . 5.63 21.55 12.01
O14 POV LB . 0.67 22.57 14.40
C15 POV LB . 6.50 23.69 11.41
C21 POV LB . -1.27 27.66 10.82
O21 POV LB . -1.45 27.11 12.10
C22 POV LB . -2.48 27.82 9.89
O22 POV LB . -0.21 27.99 10.44
C23 POV LB . -2.30 29.11 9.08
C24 POV LB . -2.94 28.95 7.71
C25 POV LB . -4.44 28.75 7.86
C26 POV LB . -5.12 28.97 6.51
C31 POV LB . -1.24 29.84 14.83
O31 POV LB . -1.20 28.92 13.79
C32 POV LB . -1.99 31.16 14.66
O32 POV LB . -0.67 29.61 15.85
C33 POV LB . -3.41 30.87 14.21
C34 POV LB . -3.67 31.58 12.89
C35 POV LB . -4.67 30.77 12.06
C36 POV LB . -5.64 31.72 11.37
C37 POV LB . -4.98 32.30 10.12
C38 POV LB . -6.01 33.12 9.35
N POV MB . 11.43 27.47 16.33
P POV MB . 9.58 25.89 12.83
C1 POV MB . 7.19 26.90 13.17
C2 POV MB . 6.36 28.12 12.80
C3 POV MB . 4.91 27.71 12.51
C310 POV MB . 1.48 33.56 2.33
C11 POV MB . 11.71 25.83 14.37
O11 POV MB . 8.47 27.08 12.63
C311 POV MB . 0.14 34.29 2.19
C12 POV MB . 11.20 26.12 15.80
O12 POV MB . 10.98 26.52 13.41
C312 POV MB . 0.39 35.78 1.95
C13 POV MB . 12.65 28.11 15.81
O13 POV MB . 9.09 24.81 13.67
C313 POV MB . -0.96 36.49 1.76
C14 POV MB . 10.28 28.33 16.06
O14 POV MB . 9.81 25.17 11.58
C314 POV MB . -0.70 37.97 1.46
C15 POV MB . 11.56 27.37 17.76
C315 POV MB . -1.98 38.61 0.93
C21 POV MB . 6.86 30.11 11.70
O21 POV MB . 6.90 28.71 11.67
C22 POV MB . 6.60 30.88 10.41
O22 POV MB . 7.03 30.69 12.71
C23 POV MB . 5.89 32.19 10.72
C24 POV MB . 5.24 32.72 9.44
C25 POV MB . 5.36 34.25 9.42
C26 POV MB . 4.62 34.77 8.19
C27 POV MB . 3.61 35.83 8.60
C31 POV MB . 4.39 27.41 10.24
O31 POV MB . 4.85 26.83 11.43
C32 POV MB . 3.11 28.23 10.18
O32 POV MB . 5.02 27.27 9.25
C33 POV MB . 3.36 29.45 9.30
C34 POV MB . 2.33 29.53 8.18
C35 POV MB . 2.29 30.97 7.67
C36 POV MB . 2.19 30.98 6.14
C37 POV MB . 2.61 32.34 5.60
C38 POV MB . 2.72 32.28 4.08
C39 POV MB . 1.36 32.51 3.45
MG MG NB . -7.71 13.87 38.55
CA CA OB . -14.44 -10.34 48.75
CA CA PB . -14.56 -29.51 28.50
P POV QB . 17.76 32.08 16.55
C1 POV QB . 16.47 33.53 14.77
C2 POV QB . 15.49 34.59 15.23
C3 POV QB . 14.45 33.94 16.13
C210 POV QB . 8.49 43.67 11.16
O11 POV QB . 17.54 33.46 15.67
C211 POV QB . 8.37 44.98 10.38
O12 POV QB . 19.16 32.15 17.39
O13 POV QB . 16.63 31.83 17.44
O14 POV QB . 17.70 30.89 15.70
C21 POV QB . 14.65 36.58 14.24
O21 POV QB . 14.87 35.21 14.13
C22 POV QB . 14.28 37.40 13.01
O22 POV QB . 14.73 37.12 15.29
C23 POV QB . 12.76 37.50 12.93
C24 POV QB . 12.35 38.78 12.22
C25 POV QB . 11.01 39.24 12.78
C26 POV QB . 10.56 40.51 12.07
C27 POV QB . 10.20 41.58 13.08
C28 POV QB . 10.53 42.96 12.50
C29 POV QB . 9.27 43.81 12.47
C31 POV QB . 12.25 33.16 16.01
O31 POV QB . 13.17 34.13 15.59
C32 POV QB . 10.80 33.56 16.26
O32 POV QB . 12.59 32.04 16.17
C33 POV QB . 10.52 34.88 15.54
C34 POV QB . 9.04 35.24 15.67
C35 POV QB . 8.19 34.17 14.97
C36 POV QB . 7.88 34.60 13.54
C37 POV QB . 7.17 35.95 13.53
C38 POV QB . 6.95 36.39 12.08
C310 POV RB . 12.85 46.77 10.15
C311 POV RB . 12.32 46.94 8.73
C31 POV RB . 18.49 40.29 16.03
O31 POV RB . 19.64 39.65 16.51
C32 POV RB . 18.32 40.52 14.53
O32 POV RB . 17.66 40.65 16.78
C33 POV RB . 16.83 40.57 14.19
C34 POV RB . 16.64 41.25 12.85
C35 POV RB . 15.18 41.66 12.69
C36 POV RB . 15.02 42.47 11.41
C37 POV RB . 14.32 43.78 11.74
C38 POV RB . 14.01 44.54 10.46
C39 POV RB . 12.73 45.34 10.65
N POV SB . 7.42 18.75 -5.88
P POV SB . 7.49 21.70 -9.47
C1 POV SB . 7.30 23.95 -8.14
C2 POV SB . 7.25 24.98 -9.28
C3 POV SB . 8.62 25.14 -9.92
C210 POV SB . -0.87 32.23 -14.91
C11 POV SB . 6.49 19.91 -7.86
O11 POV SB . 6.67 22.77 -8.52
C211 POV SB . -0.70 32.25 -16.42
C12 POV SB . 7.06 18.61 -7.28
O12 POV SB . 7.08 20.14 -9.10
C212 POV SB . -0.66 33.70 -16.89
C13 POV SB . 8.43 19.78 -5.70
O13 POV SB . 7.31 21.98 -10.89
C213 POV SB . -0.07 33.76 -18.29
C14 POV SB . 7.97 17.49 -5.41
O14 POV SB . 8.94 21.90 -9.33
C214 POV SB . -0.97 32.98 -19.25
C15 POV SB . 6.25 19.08 -5.08
C21 POV SB . 5.72 26.74 -9.40
O21 POV SB . 6.85 26.23 -8.79
C22 POV SB . 5.76 28.11 -10.08
O22 POV SB . 4.73 26.11 -9.41
C23 POV SB . 4.84 28.07 -11.30
C24 POV SB . 3.55 28.79 -10.97
C25 POV SB . 3.52 30.08 -11.80
C26 POV SB . 2.51 29.92 -12.92
C27 POV SB . 1.15 30.30 -12.37
C28 POV SB . 0.17 30.41 -13.53
C29 POV SB . 0.39 31.74 -14.23
C31 POV SB . 10.25 25.94 -8.43
O31 POV SB . 9.63 24.82 -9.01
C32 POV SB . 10.67 27.13 -9.29
O32 POV SB . 10.47 25.95 -7.27
C33 POV SB . 11.96 26.81 -10.05
C34 POV SB . 11.88 27.42 -11.45
N POV TB . 2.02 17.43 -7.79
P POV TB . 0.77 21.05 -10.66
C1 POV TB . 0.99 23.53 -9.87
C2 POV TB . 0.96 24.24 -11.22
C3 POV TB . 2.09 25.26 -11.25
C11 POV TB . 0.74 19.41 -8.60
O11 POV TB . 0.19 22.39 -9.91
C12 POV TB . 2.01 18.57 -8.70
O12 POV TB . 0.26 19.68 -9.88
C13 POV TB . 1.90 17.85 -6.41
O13 POV TB . 0.37 21.01 -12.06
C14 POV TB . 3.28 16.73 -7.93
O14 POV TB . 2.22 21.10 -10.77
C15 POV TB . 0.93 16.52 -8.13
C21 POV TB . -0.41 25.38 -12.69
O21 POV TB . -0.25 24.90 -11.40
C22 POV TB . -0.85 26.82 -12.94
O22 POV TB . -0.21 24.66 -13.61
C23 POV TB . -2.35 26.91 -13.12
C24 POV TB . -2.72 26.62 -14.57
C25 POV TB . -2.03 27.62 -15.50
C26 POV TB . -1.42 26.88 -16.68
C27 POV TB . -2.25 27.13 -17.94
C28 POV TB . -1.93 28.52 -18.49
C21 POV UB . 10.52 30.06 -17.99
C22 POV UB . 10.48 31.50 -18.48
C23 POV UB . 9.23 31.72 -19.33
C24 POV UB . 9.26 33.12 -19.92
C25 POV UB . 7.87 33.51 -20.41
C26 POV UB . 8.02 34.55 -21.51
C27 POV UB . 6.72 35.35 -21.64
C28 POV UB . 6.66 36.01 -23.01
C310 POV VB . 6.91 51.04 -32.48
C311 POV VB . 7.23 52.53 -32.55
C312 POV VB . 6.48 53.14 -33.73
C313 POV VB . 6.67 54.67 -33.71
C31 POV VB . 10.67 43.02 -28.66
C32 POV VB . 9.27 42.62 -29.07
C33 POV VB . 8.42 43.86 -29.36
C34 POV VB . 9.12 44.72 -30.41
C35 POV VB . 9.13 46.20 -30.06
C36 POV VB . 8.84 47.08 -31.26
C37 POV VB . 8.68 48.53 -30.83
C38 POV VB . 7.26 48.99 -31.11
C39 POV VB . 7.21 50.52 -31.08
C1 CLR WB . 36.11 42.72 1.18
C2 CLR WB . 36.70 41.61 2.11
C3 CLR WB . 35.96 41.53 3.45
C4 CLR WB . 34.44 41.31 3.23
C5 CLR WB . 33.80 42.42 2.34
C6 CLR WB . 33.58 43.70 3.22
C7 CLR WB . 32.84 44.88 2.43
C8 CLR WB . 32.69 44.66 0.89
C9 CLR WB . 34.17 44.08 0.36
C10 CLR WB . 34.57 42.70 1.02
C11 CLR WB . 34.26 44.10 -1.15
C12 CLR WB . 33.74 45.53 -1.84
C13 CLR WB . 32.36 45.94 -1.39
C14 CLR WB . 32.22 45.89 0.21
C15 CLR WB . 30.73 46.46 0.49
C16 CLR WB . 30.58 47.68 -0.47
C17 CLR WB . 31.66 47.37 -1.80
C18 CLR WB . 31.41 44.81 -1.95
C19 CLR WB . 34.22 41.53 0.12
C20 CLR WB . 31.02 47.41 -3.02
C21 CLR WB . 32.05 47.76 -4.20
C22 CLR WB . 29.87 48.55 -3.07
C23 CLR WB . 28.51 47.97 -3.59
C24 CLR WB . 27.72 49.02 -4.41
C25 CLR WB . 27.27 48.48 -5.83
C26 CLR WB . 26.80 49.59 -6.70
C27 CLR WB . 28.44 47.66 -6.53
O1 CLR WB . 36.46 40.46 4.21
C1 CLR XB . 30.26 32.70 -17.65
C2 CLR XB . 30.95 31.45 -17.02
C3 CLR XB . 31.91 31.85 -15.88
C4 CLR XB . 31.17 32.64 -14.80
C5 CLR XB . 30.48 33.91 -15.36
C6 CLR XB . 31.58 35.02 -15.53
C7 CLR XB . 30.99 36.43 -16.04
C8 CLR XB . 29.50 36.38 -16.49
C9 CLR XB . 29.34 34.99 -17.44
C10 CLR XB . 29.63 33.67 -16.63
C11 CLR XB . 28.03 34.96 -18.21
C12 CLR XB . 27.61 36.43 -18.87
C13 CLR XB . 27.70 37.59 -17.92
C14 CLR XB . 29.10 37.64 -17.15
C15 CLR XB . 29.12 39.03 -16.31
C16 CLR XB . 28.17 40.03 -17.08
C17 CLR XB . 27.58 39.13 -18.44
C18 CLR XB . 26.57 37.34 -16.84
C19 CLR XB . 28.34 33.03 -16.14
C20 CLR XB . 26.33 39.46 -18.89
C21 CLR XB . 26.37 39.50 -20.48
C22 CLR XB . 25.83 40.92 -18.42
C23 CLR XB . 24.45 41.30 -19.07
C24 CLR XB . 23.90 42.63 -18.49
C25 CLR XB . 22.36 42.84 -18.75
C26 CLR XB . 21.99 44.29 -18.67
C27 CLR XB . 21.91 42.23 -20.15
O1 CLR XB . 32.45 30.68 -15.31
C1 CLR YB . 7.90 57.92 -26.30
C2 CLR YB . 7.06 59.02 -27.01
C3 CLR YB . 6.27 58.49 -28.22
C4 CLR YB . 5.43 57.25 -27.84
C5 CLR YB . 6.28 56.11 -27.18
C6 CLR YB . 7.14 55.45 -28.30
C7 CLR YB . 8.12 54.29 -27.77
C8 CLR YB . 8.15 54.07 -26.22
C9 CLR YB . 8.22 55.58 -25.50
C10 CLR YB . 7.12 56.62 -25.98
C11 CLR YB . 8.32 55.40 -24.00
C12 CLR YB . 9.67 54.51 -23.63
C13 CLR YB . 9.69 53.16 -24.29
C14 CLR YB . 9.30 53.23 -25.85
C15 CLR YB . 9.42 51.69 -26.35
C16 CLR YB . 10.74 51.17 -25.68
C17 CLR YB . 11.02 52.20 -24.30
C18 CLR YB . 8.53 52.36 -23.62
C19 CLR YB . 6.13 56.92 -24.87
C20 CLR YB . 11.25 51.49 -23.15
C21 CLR YB . 12.09 52.33 -22.10
C22 CLR YB . 12.11 50.15 -23.43
C23 CLR YB . 12.46 49.40 -22.11
C24 CLR YB . 13.98 49.12 -21.96
C25 CLR YB . 14.32 48.53 -20.53
C26 CLR YB . 13.76 47.15 -20.38
C27 CLR YB . 15.88 48.59 -20.23
O1 CLR YB . 5.40 59.50 -28.67
C1 CLR ZB . -1.03 52.62 -31.86
C2 CLR ZB . -1.41 54.01 -32.48
C3 CLR ZB . -0.69 54.35 -33.79
C4 CLR ZB . -0.73 53.16 -34.78
C5 CLR ZB . -0.13 51.86 -34.16
C6 CLR ZB . 1.42 52.11 -33.98
C7 CLR ZB . 2.16 51.12 -32.94
C8 CLR ZB . 1.34 49.82 -32.64
C9 CLR ZB . -0.17 50.27 -32.08
C10 CLR ZB . -0.88 51.44 -32.87
C11 CLR ZB . -0.97 48.99 -31.91
C12 CLR ZB . -0.21 47.87 -30.95
C13 CLR ZB . 1.22 47.58 -31.34
C14 CLR ZB . 2.02 48.94 -31.67
C15 CLR ZB . 3.57 48.48 -31.86
C16 CLR ZB . 3.80 47.46 -30.68
C17 CLR ZB . 2.26 46.72 -30.39
C18 CLR ZB . 1.08 46.86 -32.72
C19 CLR ZB . -2.29 51.06 -33.30
C20 CLR ZB . 2.26 45.36 -30.58
C21 CLR ZB . 1.11 44.65 -29.72
C22 CLR ZB . 3.69 44.68 -30.18
C23 CLR ZB . 3.80 44.18 -28.70
C24 CLR ZB . 4.83 43.02 -28.57
C25 CLR ZB . 4.27 41.65 -29.06
C26 CLR ZB . 2.92 41.37 -28.47
C27 CLR ZB . 5.28 40.45 -28.76
O1 CLR ZB . -1.35 55.44 -34.38
N POV AC . -18.75 50.84 -34.42
P POV AC . -15.06 50.49 -31.26
C1 POV AC . -12.60 51.14 -30.82
C2 POV AC . -11.28 50.43 -30.53
C3 POV AC . -10.92 50.65 -29.06
C210 POV AC . -3.89 43.09 -30.95
C310 POV AC . -5.87 42.50 -24.69
C11 POV AC . -17.35 50.27 -32.44
O11 POV AC . -13.45 50.32 -31.56
C211 POV AC . -2.94 42.59 -29.88
C311 POV AC . -4.37 42.46 -24.40
C12 POV AC . -18.10 49.76 -33.68
O12 POV AC . -15.99 49.97 -32.52
C212 POV AC . -1.83 41.82 -30.58
C312 POV AC . -4.00 41.06 -23.95
C13 POV AC . -19.62 51.63 -33.58
O13 POV AC . -15.43 49.81 -30.03
C213 POV AC . -1.15 40.91 -29.57
C313 POV AC . -2.49 40.93 -23.87
C14 POV AC . -19.54 50.28 -35.50
O14 POV AC . -15.38 51.86 -30.91
C214 POV AC . -1.18 39.48 -30.10
C314 POV AC . -2.13 39.49 -23.50
C15 POV AC . -17.72 51.69 -34.99
C215 POV AC . -0.25 38.62 -29.26
C315 POV AC . -0.65 39.41 -23.16
C216 POV AC . 0.42 37.59 -30.16
C316 POV AC . -0.28 37.97 -22.81
C217 POV AC . 1.58 36.93 -29.43
C218 POV AC . 1.32 35.43 -29.34
C21 POV AC . -9.65 50.12 -32.22
O21 POV AC . -10.27 50.99 -31.31
C22 POV AC . -8.28 50.46 -32.79
O22 POV AC . -10.21 49.12 -32.54
C23 POV AC . -7.59 49.20 -33.29
C24 POV AC . -6.81 48.56 -32.16
C25 POV AC . -5.71 47.67 -32.73
C26 POV AC . -4.82 47.17 -31.59
C27 POV AC . -4.93 45.66 -31.49
C28 POV AC . -4.09 45.04 -32.60
C29 POV AC . -3.20 43.95 -32.01
C31 POV AC . -11.55 50.06 -26.87
O31 POV AC . -11.90 50.09 -28.22
C32 POV AC . -10.14 49.69 -26.43
O32 POV AC . -12.36 50.32 -26.04
C33 POV AC . -10.13 49.23 -24.98
C34 POV AC . -9.26 47.98 -24.84
C35 POV AC . -7.84 48.28 -25.30
C36 POV AC . -6.88 47.33 -24.59
C37 POV AC . -6.57 46.16 -25.51
C38 POV AC . -6.01 44.99 -24.71
C39 POV AC . -6.20 43.72 -25.53
C21 POV BC . -3.80 34.53 -28.52
C22 POV BC . -2.76 34.03 -27.53
C23 POV BC . -2.77 32.51 -27.50
C24 POV BC . -1.45 32.00 -26.92
C25 POV BC . -1.47 30.48 -26.87
C26 POV BC . -0.32 29.99 -26.00
C27 POV BC . 0.09 28.59 -26.47
C28 POV BC . 1.09 27.99 -25.49
C31 POV CC . 2.38 51.41 -39.31
C32 POV CC . 2.18 50.15 -38.49
C33 POV CC . 3.29 50.06 -37.43
C34 POV CC . 3.83 48.63 -37.39
C35 POV CC . 5.19 48.63 -36.70
C36 POV CC . 6.08 47.55 -37.33
C37 POV CC . 7.09 47.07 -36.29
C38 POV CC . 7.79 45.81 -36.82
C39 POV CC . 8.52 45.12 -35.66
P POV DC . 14.33 17.33 -25.03
C1 POV DC . 11.87 17.49 -25.95
C2 POV DC . 11.07 17.83 -27.19
O11 POV DC . 13.23 17.66 -26.22
O12 POV DC . 13.86 16.01 -24.17
O13 POV DC . 15.67 17.18 -25.56
O14 POV DC . 14.52 18.50 -24.15
C21 POV DC . 8.89 18.44 -27.89
O21 POV DC . 9.71 18.00 -26.86
C22 POV DC . 7.40 18.69 -27.64
O22 POV DC . 9.32 18.63 -28.98
C23 POV DC . 6.89 19.75 -28.60
C24 POV DC . 5.58 19.30 -29.23
C25 POV DC . 4.40 19.86 -28.44
C26 POV DC . 3.19 19.98 -29.35
C1 NAG EC . -17.92 53.59 -58.75
C2 NAG EC . -17.99 54.91 -59.52
C3 NAG EC . -16.72 55.75 -59.51
C4 NAG EC . -15.97 55.67 -58.20
C5 NAG EC . -15.72 54.20 -57.86
C6 NAG EC . -14.89 54.08 -56.60
C7 NAG EC . -19.53 55.08 -61.37
C8 NAG EC . -19.83 54.75 -62.80
N2 NAG EC . -18.36 54.64 -60.89
O3 NAG EC . -17.02 57.09 -59.78
O4 NAG EC . -14.74 56.35 -58.29
O5 NAG EC . -16.98 53.56 -57.68
O6 NAG EC . -14.55 52.72 -56.38
O7 NAG EC . -20.34 55.70 -60.69
C1 NAG FC . -32.56 52.16 -59.52
C2 NAG FC . -31.52 51.83 -60.59
C3 NAG FC . -32.05 50.95 -61.71
C4 NAG FC . -32.99 49.85 -61.23
C5 NAG FC . -34.02 50.42 -60.26
C6 NAG FC . -34.90 49.31 -59.68
C7 NAG FC . -29.93 53.66 -60.67
C8 NAG FC . -29.48 54.93 -61.34
N2 NAG FC . -31.01 53.07 -61.16
O3 NAG FC . -30.95 50.34 -62.34
O4 NAG FC . -33.66 49.27 -62.33
O5 NAG FC . -33.37 51.04 -59.18
O6 NAG FC . -34.98 49.48 -58.28
O7 NAG FC . -29.31 53.22 -59.71
N POV GC . -20.02 34.99 -28.93
P POV GC . -18.95 33.36 -33.02
C1 POV GC . -16.45 32.52 -33.03
C2 POV GC . -15.78 31.27 -32.46
C3 POV GC . -16.64 30.64 -31.36
C210 POV GC . -4.65 25.17 -29.38
C310 POV GC . -9.35 23.95 -26.40
C11 POV GC . -19.83 33.17 -30.60
O11 POV GC . -17.58 32.85 -32.26
C211 POV GC . -4.02 24.75 -28.06
C311 POV GC . -8.12 23.97 -27.32
C12 POV GC . -20.73 33.95 -29.65
O12 POV GC . -20.16 33.44 -31.93
C312 POV GC . -8.13 22.74 -28.22
C13 POV GC . -20.95 35.62 -27.99
O13 POV GC . -19.29 32.52 -34.15
C313 POV GC . -7.62 21.53 -27.45
C14 POV GC . -18.91 34.45 -28.16
O14 POV GC . -18.74 34.65 -33.68
C314 POV GC . -6.16 21.28 -27.80
C15 POV GC . -19.54 36.01 -29.83
C315 POV GC . -6.07 20.90 -29.28
C316 POV GC . -4.61 20.64 -29.63
C21 POV GC . -13.52 30.75 -32.23
O21 POV GC . -14.55 31.63 -31.91
C22 POV GC . -12.40 30.47 -31.23
O22 POV GC . -13.49 30.22 -33.28
C23 POV GC . -11.51 29.35 -31.73
C24 POV GC . -10.53 29.01 -30.62
C25 POV GC . -9.20 28.62 -31.25
C26 POV GC . -8.96 27.14 -31.04
C27 POV GC . -8.03 26.98 -29.84
C28 POV GC . -6.92 25.99 -30.19
C29 POV GC . -5.80 26.16 -29.18
C31 POV GC . -16.74 30.49 -29.04
O31 POV GC . -15.93 30.60 -30.17
C32 POV GC . -16.35 29.56 -27.89
O32 POV GC . -17.75 31.10 -28.99
C33 POV GC . -15.08 30.08 -27.25
C34 POV GC . -13.92 29.19 -27.69
C35 POV GC . -13.89 27.95 -26.81
C36 POV GC . -12.47 27.75 -26.31
C37 POV GC . -12.16 26.26 -26.29
C38 POV GC . -10.70 26.04 -26.56
C39 POV GC . -10.51 24.63 -27.13
P POV HC . -17.10 29.09 -48.73
C1 POV HC . -15.70 28.04 -46.79
C2 POV HC . -15.37 28.60 -45.42
C210 POV HC . -4.50 27.97 -40.11
O11 POV HC . -15.83 29.11 -47.68
C211 POV HC . -3.50 27.25 -41.00
O12 POV HC . -16.88 30.23 -49.91
C212 POV HC . -2.14 27.26 -40.31
O13 POV HC . -17.29 27.76 -49.29
C213 POV HC . -2.25 26.63 -38.94
O14 POV HC . -18.36 29.28 -48.03
C214 POV HC . -1.44 25.34 -38.90
C21 POV HC . -13.66 29.98 -44.66
O21 POV HC . -14.67 29.79 -45.60
C22 POV HC . -12.21 30.10 -45.09
O22 POV HC . -13.95 30.03 -43.51
C23 POV HC . -11.32 30.13 -43.85
C24 POV HC . -9.87 30.09 -44.29
C25 POV HC . -9.04 30.83 -43.26
C26 POV HC . -8.64 29.87 -42.15
C27 POV HC . -7.16 29.58 -42.29
C28 POV HC . -6.70 28.81 -41.06
C29 POV HC . -5.22 29.10 -40.83
N POV IC . -14.60 34.23 -53.24
P POV IC . -11.22 32.73 -50.44
C1 POV IC . -9.31 30.92 -50.32
C2 POV IC . -8.35 30.45 -49.24
C3 POV IC . -7.14 31.37 -49.18
C210 POV IC . -0.92 22.77 -42.91
C11 POV IC . -12.35 33.29 -52.73
O11 POV IC . -10.44 31.47 -49.71
C211 POV IC . -0.43 21.33 -43.06
C12 POV IC . -13.86 33.06 -52.78
O12 POV IC . -11.75 32.31 -51.95
C212 POV IC . 0.20 20.86 -41.76
C13 POV IC . -14.36 35.38 -52.39
O13 POV IC . -12.32 33.20 -49.62
C14 POV IC . -16.01 33.93 -53.21
O14 POV IC . -10.37 33.92 -50.50
C15 POV IC . -14.22 34.54 -54.61
C21 POV IC . -7.88 28.31 -48.38
O21 POV IC . -7.93 29.14 -49.51
C22 POV IC . -6.70 27.37 -48.18
O22 POV IC . -8.76 28.33 -47.59
C23 POV IC . -6.66 26.93 -46.72
C24 POV IC . -5.54 25.92 -46.52
C25 POV IC . -5.98 24.86 -45.53
C26 POV IC . -4.90 23.79 -45.42
C27 POV IC . -4.27 23.82 -44.04
C28 POV IC . -3.20 22.75 -43.98
C29 POV IC . -2.42 22.86 -42.67
C31 POV IC . -6.48 33.17 -47.83
O31 POV IC . -7.48 32.59 -48.61
C32 POV IC . -5.87 32.37 -46.67
O32 POV IC . -6.10 34.26 -48.04
C33 POV IC . -4.44 32.85 -46.42
C34 POV IC . -3.54 31.66 -46.12
C35 POV IC . -3.54 30.69 -47.30
N POV JC . 11.20 11.28 -21.47
P POV JC . 11.13 16.02 -20.05
C1 POV JC . 9.39 17.75 -20.98
C2 POV JC . 8.56 17.94 -22.26
C3 POV JC . 9.39 18.72 -23.28
C11 POV JC . 11.30 13.42 -20.17
O11 POV JC . 9.78 16.41 -20.92
C12 POV JC . 10.69 12.65 -21.34
O12 POV JC . 11.79 14.64 -20.64
C13 POV JC . 12.63 11.33 -21.65
O13 POV JC . 12.09 17.12 -20.05
C14 POV JC . 10.94 10.54 -20.23
O14 POV JC . 10.83 15.91 -18.63
C15 POV JC . 10.57 10.58 -22.58
C21 POV JC . 6.26 18.19 -22.67
O21 POV JC . 7.38 18.63 -21.96
C22 POV JC . 4.88 18.80 -22.38
O22 POV JC . 6.34 17.34 -23.49
C23 POV JC . 4.10 18.89 -23.69
C24 POV JC . 2.61 18.73 -23.42
C25 POV JC . 2.12 19.87 -22.54
C26 POV JC . 0.60 19.92 -22.59
C31 POV JC . 9.64 20.87 -24.16
O31 POV JC . 8.82 19.98 -23.48
C32 POV JC . 9.03 21.99 -25.00
O32 POV JC . 10.82 20.76 -24.10
C33 POV JC . 8.03 22.78 -24.15
C34 POV JC . 6.66 22.72 -24.82
C35 POV JC . 5.57 22.78 -23.74
C36 POV JC . 4.43 23.67 -24.24
C37 POV JC . 3.54 22.88 -25.19
C38 POV JC . 2.32 23.72 -25.54
N POV KC . 16.70 10.55 -27.60
P POV KC . 12.94 9.77 -25.76
C1 POV KC . 12.11 12.25 -25.54
C2 POV KC . 11.28 13.29 -26.29
C3 POV KC . 10.44 14.11 -25.30
C310 POV KC . -0.76 15.06 -30.10
C11 POV KC . 15.25 8.76 -26.49
O11 POV KC . 12.16 11.10 -26.33
C311 POV KC . -1.55 16.36 -30.17
C12 POV KC . 16.28 9.89 -26.36
O12 POV KC . 14.00 9.23 -26.89
C312 POV KC . -1.82 16.75 -31.63
C13 POV KC . 16.70 9.68 -28.77
O13 POV KC . 13.59 10.03 -24.50
C313 POV KC . -2.64 18.04 -31.68
C14 POV KC . 15.88 11.72 -27.86
O14 POV KC . 12.00 8.74 -25.37
C314 POV KC . -2.95 18.38 -33.13
C15 POV KC . 18.06 11.02 -27.40
C315 POV KC . -4.06 19.45 -33.18
C21 POV KC . 10.30 13.33 -28.41
O21 POV KC . 10.45 12.65 -27.19
C22 POV KC . 8.96 13.32 -29.12
O22 POV KC . 11.22 13.89 -28.88
C23 POV KC . 8.79 14.60 -29.93
C24 POV KC . 7.31 14.80 -30.25
C25 POV KC . 7.17 15.40 -31.65
C26 POV KC . 5.71 15.67 -31.92
C27 POV KC . 5.53 17.12 -32.36
C31 POV KC . 8.21 13.40 -25.07
O31 POV KC . 9.53 13.30 -24.63
C32 POV KC . 7.53 14.75 -25.23
O32 POV KC . 7.61 12.43 -25.34
C33 POV KC . 6.72 14.72 -26.51
C34 POV KC . 5.25 15.07 -26.25
C35 POV KC . 4.62 15.55 -27.56
C36 POV KC . 3.21 14.98 -27.70
C37 POV KC . 2.78 15.04 -29.16
C38 POV KC . 1.47 14.26 -29.33
C39 POV KC . 0.28 15.16 -29.00
MG MG LC . 29.74 28.89 -4.42
CA CA MC . 38.50 27.57 21.22
CA CA NC . 22.32 10.27 35.94
P POV OC . 19.13 7.78 -34.50
C1 POV OC . 16.83 8.67 -35.42
C2 POV OC . 16.71 10.12 -35.87
C3 POV OC . 17.13 11.02 -34.72
C210 POV OC . 9.09 17.94 -41.21
O11 POV OC . 18.11 8.19 -35.74
C211 POV OC . 8.20 18.30 -42.40
O12 POV OC . 20.49 7.06 -35.11
O13 POV OC . 19.48 8.92 -33.68
O14 POV OC . 18.47 6.92 -33.54
C21 POV OC . 15.26 11.24 -37.36
O21 POV OC . 15.39 10.40 -36.25
C22 POV OC . 13.90 11.38 -38.06
O22 POV OC . 16.17 11.88 -37.76
C23 POV OC . 13.17 12.57 -37.46
C24 POV OC . 12.22 13.17 -38.50
C25 POV OC . 12.09 14.67 -38.24
C26 POV OC . 11.13 15.28 -39.25
C27 POV OC . 11.76 16.49 -39.92
C28 POV OC . 11.24 16.60 -41.35
C29 POV OC . 10.58 17.96 -41.54
C31 POV OC . 16.15 12.33 -33.05
O31 POV OC . 16.09 11.87 -34.37
C32 POV OC . 15.71 13.75 -32.72
O32 POV OC . 16.56 11.63 -32.19
C33 POV OC . 14.81 14.26 -33.84
C34 POV OC . 14.25 15.63 -33.48
C35 POV OC . 13.37 15.51 -32.23
C36 POV OC . 11.90 15.33 -32.64
C37 POV OC . 11.45 16.50 -33.51
C38 POV OC . 10.01 16.25 -33.97
C310 POV PC . 9.74 15.51 -46.04
C311 POV PC . 8.23 15.38 -46.11
C31 POV PC . 18.13 10.69 -42.17
O31 POV PC . 19.12 9.71 -42.07
C32 POV PC . 16.69 10.29 -42.46
O32 POV PC . 18.40 11.83 -42.03
C33 POV PC . 15.74 11.32 -41.88
C34 POV PC . 14.38 11.21 -42.55
C35 POV PC . 13.56 12.46 -42.26
C36 POV PC . 12.26 12.40 -43.06
C37 POV PC . 12.12 13.69 -43.86
C38 POV PC . 10.75 13.72 -44.55
C39 POV PC . 10.30 15.17 -44.66
N POV QC . -4.02 0.16 -20.61
P POV QC . -7.51 -0.10 -23.66
C1 POV QC . -6.65 1.64 -25.42
C2 POV QC . -7.79 1.66 -26.44
C3 POV QC . -7.80 0.38 -27.27
C210 POV QC . -17.11 8.86 -29.84
C11 POV QC . -6.32 0.56 -21.43
O11 POV QC . -7.14 1.44 -24.13
C211 POV QC . -18.40 8.10 -30.11
C12 POV QC . -5.42 -0.22 -20.48
O12 POV QC . -7.20 -0.33 -22.06
C212 POV QC . -18.94 8.51 -31.46
C13 POV QC . -3.54 -0.08 -21.96
O13 POV QC . -8.89 -0.44 -23.98
C213 POV QC . -19.95 7.48 -31.93
C14 POV QC . -3.24 -0.63 -19.68
O14 POV QC . -6.79 -1.08 -24.47
C214 POV QC . -21.12 7.41 -30.95
C15 POV QC . -3.85 1.57 -20.28
C21 POV QC . -8.75 3.60 -27.32
O21 POV QC . -7.66 2.74 -27.31
C22 POV QC . -9.48 3.89 -28.62
O22 POV QC . -9.13 4.09 -26.31
C23 POV QC . -10.97 4.06 -28.32
C24 POV QC . -11.31 5.54 -28.33
C25 POV QC . -12.20 5.79 -29.55
C26 POV QC . -13.62 6.03 -29.09
C27 POV QC . -13.77 7.50 -28.75
C28 POV QC . -15.24 7.82 -28.53
C29 POV QC . -15.90 7.94 -29.89
C31 POV QC . -5.84 0.11 -28.54
O31 POV QC . -6.50 -0.16 -27.34
C32 POV QC . -6.55 -0.04 -29.88
O32 POV QC . -4.70 0.45 -28.51
C33 POV QC . -6.64 -1.52 -30.26
C34 POV QC . -7.99 -1.79 -30.93
N POV RC . -7.94 2.97 -17.22
P POV RC . -11.42 4.35 -20.18
C1 POV RC . -10.88 5.64 -22.39
C2 POV RC . -12.18 5.40 -23.16
C3 POV RC . -11.82 4.97 -24.58
C11 POV RC . -9.41 4.52 -18.49
O11 POV RC . -11.14 5.73 -21.03
C12 POV RC . -8.86 3.10 -18.33
O12 POV RC . -10.79 4.46 -18.67
C13 POV RC . -6.79 3.84 -17.38
O13 POV RC . -12.84 4.04 -20.14
C14 POV RC . -7.44 1.60 -17.18
O14 POV RC . -10.90 3.19 -20.90
C15 POV RC . -8.62 3.26 -15.97
C21 POV RC . -14.21 6.35 -23.72
O21 POV RC . -12.92 6.57 -23.22
C22 POV RC . -14.77 7.24 -24.83
O22 POV RC . -14.87 5.47 -23.28
C23 POV RC . -15.59 8.39 -24.26
C24 POV RC . -17.02 7.91 -24.00
C25 POV RC . -17.66 7.42 -25.30
C26 POV RC . -18.38 6.10 -25.05
C27 POV RC . -19.88 6.32 -25.05
C28 POV RC . -20.38 6.47 -26.48
C21 POV SC . -14.71 -2.34 -33.40
C22 POV SC . -15.33 -1.87 -34.71
C23 POV SC . -16.64 -1.15 -34.44
C24 POV SC . -17.31 -0.81 -35.76
C25 POV SC . -18.39 0.24 -35.53
C26 POV SC . -19.42 0.13 -36.65
C27 POV SC . -20.18 1.45 -36.78
C28 POV SC . -21.50 1.20 -37.50
C310 POV TC . -31.46 3.75 -51.99
C311 POV TC . -31.53 4.14 -53.47
C312 POV TC . -32.98 4.49 -53.82
C313 POV TC . -33.04 5.04 -55.24
C31 POV TC . -25.56 -1.19 -46.17
C32 POV TC . -26.50 -0.45 -45.21
C33 POV TC . -27.25 0.65 -45.96
C34 POV TC . -27.98 0.04 -47.16
C35 POV TC . -27.82 0.86 -48.44
C36 POV TC . -29.11 0.96 -49.22
C37 POV TC . -28.94 1.94 -50.39
C38 POV TC . -29.86 3.13 -50.19
C39 POV TC . -30.02 3.87 -51.51
C1 CLR UC . 12.19 -8.36 -53.95
C2 CLR UC . 13.39 -8.92 -53.14
C3 CLR UC . 14.28 -7.79 -52.57
C4 CLR UC . 13.46 -6.82 -51.72
C5 CLR UC . 12.27 -6.19 -52.51
C6 CLR UC . 12.83 -5.06 -53.45
C7 CLR UC . 11.67 -4.29 -54.25
C8 CLR UC . 10.24 -4.94 -54.17
C9 CLR UC . 10.47 -6.58 -54.37
C10 CLR UC . 11.38 -7.22 -53.25
C11 CLR UC . 9.16 -7.29 -54.61
C12 CLR UC . 8.18 -6.53 -55.71
C13 CLR UC . 7.92 -5.07 -55.40
C14 CLR UC . 9.31 -4.30 -55.11
C15 CLR UC . 8.87 -2.76 -54.91
C16 CLR UC . 7.80 -2.50 -56.04
C17 CLR UC . 7.11 -4.06 -56.41
C18 CLR UC . 7.15 -5.09 -54.05
C19 CLR UC . 10.54 -7.88 -52.18
C20 CLR UC . 5.74 -4.06 -56.30
C21 CLR UC . 5.10 -5.21 -57.19
C22 CLR UC . 5.08 -2.67 -56.78
C23 CLR UC . 4.09 -2.09 -55.72
C24 CLR UC . 2.90 -1.35 -56.39
C25 CLR UC . 1.50 -1.86 -55.86
C26 CLR UC . 0.40 -1.36 -56.74
C27 CLR UC . 1.46 -3.45 -55.75
O1 CLR UC . 15.29 -8.35 -51.77
C1 CLR VC . -6.15 -16.43 -44.58
C2 CLR VC . -5.16 -17.25 -43.72
C3 CLR VC . -3.77 -17.34 -44.37
C4 CLR VC . -3.19 -15.93 -44.61
C5 CLR VC . -4.13 -15.06 -45.50
C6 CLR VC . -3.93 -15.50 -46.99
C7 CLR VC . -4.79 -14.62 -48.04
C8 CLR VC . -5.82 -13.66 -47.36
C9 CLR VC . -6.60 -14.56 -46.17
C10 CLR VC . -5.62 -15.05 -45.05
C11 CLR VC . -7.85 -13.90 -45.65
C12 CLR VC . -8.79 -13.19 -46.83
C13 CLR VC . -8.02 -12.33 -47.79
C14 CLR VC . -6.72 -13.06 -48.38
C15 CLR VC . -6.11 -12.09 -49.53
C16 CLR VC . -7.31 -11.22 -50.07
C17 CLR VC . -8.70 -11.76 -49.16
C18 CLR VC . -7.50 -11.09 -46.95
C19 CLR VC . -5.66 -14.13 -43.85
C20 CLR VC . -9.67 -10.83 -48.94
C21 CLR VC . -11.08 -11.52 -49.18
C22 CLR VC . -9.62 -9.58 -49.96
C23 CLR VC . -10.83 -8.60 -49.75
C24 CLR VC . -10.70 -7.32 -50.62
C25 CLR VC . -11.62 -6.13 -50.13
C26 CLR VC . -11.86 -5.16 -51.25
C27 CLR VC . -13.00 -6.65 -49.55
O1 CLR VC . -2.89 -18.05 -43.53
C1 CLR WC . -26.21 8.74 -57.83
C2 CLR WC . -27.32 9.59 -58.50
C3 CLR WC . -28.69 9.45 -57.82
C4 CLR WC . -28.57 9.71 -56.30
C5 CLR WC . -27.50 8.81 -55.61
C6 CLR WC . -28.07 7.36 -55.53
C7 CLR WC . -27.05 6.29 -54.88
C8 CLR WC . -25.63 6.84 -54.52
C9 CLR WC . -25.11 7.78 -55.81
C10 CLR WC . -26.13 8.90 -56.29
C11 CLR WC . -23.71 8.25 -55.53
C12 CLR WC . -22.70 6.97 -55.31
C13 CLR WC . -23.14 6.05 -54.20
C14 CLR WC . -24.71 5.71 -54.27
C15 CLR WC . -24.95 4.71 -53.01
C16 CLR WC . -23.72 3.73 -53.07
C17 CLR WC . -22.47 4.57 -53.95
C18 CLR WC . -22.96 6.88 -52.89
C19 CLR WC . -25.60 10.28 -56.00
C20 CLR WC . -21.26 4.56 -53.28
C21 CLR WC . -20.04 4.74 -54.30
C22 CLR WC . -21.00 3.16 -52.53
C23 CLR WC . -19.59 3.12 -51.86
C24 CLR WC . -18.77 1.87 -52.29
C25 CLR WC . -17.28 1.96 -51.75
C26 CLR WC . -17.25 1.83 -50.26
C27 CLR WC . -16.35 0.89 -52.47
O1 CLR WC . -29.58 10.39 -58.38
C1 CLR XC . -34.51 10.93 -49.75
C2 CLR XC . -35.35 11.58 -50.88
C3 CLR XC . -36.27 10.61 -51.65
C4 CLR XC . -37.03 9.68 -50.70
C5 CLR XC . -36.08 8.89 -49.75
C6 CLR XC . -35.29 7.86 -50.64
C7 CLR XC . -33.92 7.30 -49.98
C8 CLR XC . -33.87 7.47 -48.43
C9 CLR XC . -34.08 9.09 -48.08
C10 CLR XC . -35.21 9.84 -48.89
C11 CLR XC . -34.13 9.21 -46.57
C12 CLR XC . -32.82 8.52 -45.81
C13 CLR XC . -32.53 7.11 -46.24
C14 CLR XC . -32.61 6.96 -47.85
C15 CLR XC . -32.07 5.47 -48.16
C16 CLR XC . -30.80 5.33 -47.23
C17 CLR XC . -31.13 6.32 -45.84
C18 CLR XC . -33.75 6.29 -45.70
C19 CLR XC . -36.17 10.57 -47.96
C20 CLR XC . -31.15 5.62 -44.66
C21 CLR XC . -30.82 6.57 -43.42
C22 CLR XC . -30.12 4.36 -44.65
C23 CLR XC . -28.69 4.69 -44.09
C24 CLR XC . -28.00 3.42 -43.52
C25 CLR XC . -28.55 3.02 -42.10
C26 CLR XC . -28.58 4.19 -41.18
C27 CLR XC . -27.71 1.82 -41.46
O1 CLR XC . -37.19 11.36 -52.40
N POV YC . -44.26 22.85 -40.48
P POV YC . -39.80 21.18 -41.47
C1 POV YC . -38.41 19.74 -43.12
C2 POV YC . -37.51 18.51 -43.05
C3 POV YC . -36.05 18.96 -43.23
C210 POV YC . -33.93 9.24 -39.92
C310 POV YC . -29.11 13.21 -37.79
C11 POV YC . -41.83 22.36 -40.39
O11 POV YC . -39.35 19.71 -42.08
C211 POV YC . -32.50 8.73 -39.79
C311 POV YC . -28.20 12.15 -38.40
C12 POV YC . -43.20 22.19 -39.73
O12 POV YC . -41.27 21.13 -40.75
C212 POV YC . -32.56 7.20 -39.68
C312 POV YC . -27.47 11.42 -37.27
C13 POV YC . -43.96 24.26 -40.69
O13 POV YC . -38.78 21.69 -40.56
C213 POV YC . -31.26 6.70 -39.07
C313 POV YC . -26.74 10.21 -37.83
C14 POV YC . -45.52 22.75 -39.76
O14 POV YC . -39.77 22.19 -42.51
C214 POV YC . -31.60 5.85 -37.85
C314 POV YC . -26.11 9.43 -36.67
C15 POV YC . -44.42 22.19 -41.77
C215 POV YC . -30.36 5.09 -37.41
C315 POV YC . -25.16 8.39 -37.24
C216 POV YC . -30.77 3.72 -36.90
C316 POV YC . -24.53 7.61 -36.09
C217 POV YC . -29.56 2.83 -36.75
C218 POV YC . -29.42 2.39 -35.30
C21 POV YC . -38.28 16.37 -43.69
O21 POV YC . -37.83 17.64 -44.08
C22 POV YC . -38.24 15.22 -44.68
O22 POV YC . -38.70 16.21 -42.59
C23 POV YC . -38.26 13.88 -43.93
C24 POV YC . -36.83 13.47 -43.59
C25 POV YC . -36.78 11.96 -43.36
C26 POV YC . -35.32 11.54 -43.19
C27 POV YC . -35.12 10.98 -41.79
C28 POV YC . -35.69 9.57 -41.73
C29 POV YC . -34.66 8.62 -41.12
C31 POV YC . -34.31 20.13 -42.17
O31 POV YC . -35.67 19.84 -42.20
C32 POV YC . -33.26 19.04 -42.43
O32 POV YC . -33.94 21.24 -41.94
C33 POV YC . -31.91 19.46 -41.87
C34 POV YC . -31.29 18.27 -41.13
C35 POV YC . -31.10 17.10 -42.10
C36 POV YC . -29.96 16.23 -41.60
C37 POV YC . -30.53 15.05 -40.82
C38 POV YC . -29.45 14.44 -39.94
C39 POV YC . -30.13 13.66 -38.82
C21 POV ZC . -30.80 6.35 -32.10
C22 POV ZC . -29.41 5.72 -32.02
C23 POV ZC . -29.22 5.06 -30.66
C24 POV ZC . -28.09 4.04 -30.74
C25 POV ZC . -27.89 3.39 -29.38
C26 POV ZC . -26.57 2.64 -29.36
C27 POV ZC . -26.66 1.49 -28.37
C28 POV ZC . -25.29 0.86 -28.17
C31 POV AD . -39.57 4.51 -51.07
C32 POV AD . -38.78 4.44 -49.77
C33 POV AD . -37.35 4.00 -50.05
C34 POV AD . -36.93 2.94 -49.04
C35 POV AD . -35.72 2.17 -49.57
C36 POV AD . -35.79 0.73 -49.08
C37 POV AD . -34.37 0.16 -48.99
C38 POV AD . -34.40 -1.17 -48.25
C39 POV AD . -32.99 -1.57 -47.85
P POV BD . -18.04 -14.10 -24.65
C1 POV BD . -19.94 -12.52 -23.79
C2 POV BD . -21.45 -12.26 -23.86
O11 POV BD . -19.62 -13.62 -24.58
O12 POV BD . -17.34 -13.96 -23.17
O13 POV BD . -17.92 -15.46 -25.17
O14 POV BD . -17.30 -13.35 -25.65
C21 POV BD . -23.08 -10.59 -23.50
O21 POV BD . -21.74 -10.99 -23.36
C22 POV BD . -23.51 -9.20 -23.02
O22 POV BD . -23.88 -11.30 -23.99
C23 POV BD . -24.71 -8.74 -23.85
C24 POV BD . -25.80 -8.19 -22.93
C25 POV BD . -25.64 -6.67 -22.79
C26 POV BD . -27.01 -6.06 -22.46
C1 NAG CD . -65.98 12.99 -46.07
C2 NAG CD . -66.84 13.32 -47.29
C3 NAG CD . -66.37 12.69 -48.61
C4 NAG CD . -64.86 12.65 -48.72
C5 NAG CD . -64.30 11.94 -47.50
C6 NAG CD . -62.79 11.76 -47.62
C7 NAG CD . -69.18 13.79 -46.95
C8 NAG CD . -70.55 13.26 -46.69
N2 NAG CD . -68.21 12.89 -47.05
O3 NAG CD . -66.89 13.44 -49.68
O4 NAG CD . -64.50 11.95 -49.89
O5 NAG CD . -64.62 12.70 -46.34
O6 NAG CD . -62.31 10.99 -46.54
O7 NAG CD . -68.99 15.00 -47.06
C1 NAG DD . -72.85 23.45 -38.29
C2 NAG DD . -73.32 22.02 -38.59
C3 NAG DD . -74.46 21.56 -37.70
C4 NAG DD . -74.33 22.01 -36.24
C5 NAG DD . -73.96 23.48 -36.16
C6 NAG DD . -73.71 23.92 -34.74
C7 NAG DD . -72.90 21.58 -40.94
C8 NAG DD . -73.44 21.53 -42.33
N2 NAG DD . -73.75 21.94 -39.98
O3 NAG DD . -74.49 20.15 -37.73
O4 NAG DD . -75.54 21.79 -35.57
O5 NAG DD . -72.78 23.72 -36.90
O6 NAG DD . -72.51 24.66 -34.69
O7 NAG DD . -71.72 21.30 -40.71
#